data_9DQZ
#
_entry.id   9DQZ
#
_cell.length_a   1.00
_cell.length_b   1.00
_cell.length_c   1.00
_cell.angle_alpha   90.00
_cell.angle_beta   90.00
_cell.angle_gamma   90.00
#
_symmetry.space_group_name_H-M   'P 1'
#
loop_
_entity.id
_entity.type
_entity.pdbx_description
1 polymer 'Structural polyprotein'
2 polymer 'Structural polyprotein'
3 polymer 'Capsid protein'
4 polymer 'Very low-density lipoprotein receptor'
5 non-polymer 2-acetamido-2-deoxy-beta-D-glucopyranose
6 non-polymer 'CALCIUM ION'
#
loop_
_entity_poly.entity_id
_entity_poly.type
_entity_poly.pdbx_seq_one_letter_code
_entity_poly.pdbx_strand_id
1 'polypeptide(L)'
;FEHATTVPNVPGIPYKALVERAGYAPLNLEITVVSSELTPSTNKEYVTCKFHTVIPSPQVKCCGSLECKASSKADYTCRV
FGGVYPFMWGGAQCFCDSENTQLSEAYVEFAPDCTIDHAVALKVHTAALKVGLRIVYGNTTAHLDTFVNGVTPGSSRDLK
VIAGPISAAFSPFDHKVVIRKGLVYNYDFPEYGAMKPGAFGDIQASSLDATDIVARTDIRLLKPSVKNIHVPYTQAVSGY
EMWKNNSGRPLQETAPFGCKIEVEPLRASNCAYGHIPISIDIPDAAFVRSSESPTILEVSCTVADCIYSADFGGSLTLQY
KADREGHCPVHSHSTTAVLKEATTHVTATGSITLHFSTSSPQANFIVSLCGKKTTCNAECKPPADHIIGEPHKVDQEFQA
AVSKTSWNWLLALFGGASSLIVVGLIVLVCSSMLINTR
;
D,G,J,A
2 'polypeptide(L)'
;SITDDFTLTSPYLGFCPYCRHSAPCFSPIKIENVWDESDDGSIRIQVSAQFGYNQAGTADVTKFRYMSYDHDHDIKEDSM
EKIAISTSGPCRRLGHKGYFLLAQCPPGDSVTVSITSGASENSCTVEKKIRRKFVGREEYLFPPVQGKLVKCHVYDRLKE
TSAGYITMHRPGPHAYKSYLKEASGEVYIKPPSGKNVTYECKCGDYSTGIVSTQTKMNGCTKARQCIAYKLDQTKWVFNS
PDLIRHTDHSVQGKLHIPFRLTPTVCPVPLAHTPTVTKWFKGITLHLTATRPTLLTTRKLGLRADATAEWITGTTSRNFS
VGREGLEYVWGNHEPVRVWAQESAPGDPHGWPHEIIIHYYHRHPVYTVIVLCGVALAILVGTASSAACIAKARRDCLTPY
ALAPNATVP
;
E,H,K,B
3 'polypeptide(L)'
;MCMKLESDKTFPIMLNGQVNGYACVVGGRLMKPLHVEGKIDNEQLAAVKLKKASMYDLEYGDVPQNMKSDTLQYTSDKPP
GFYNWHHGAVQYENGRFTVPRGVGGKGDSGRPILDNRGRVVAIVLGGANEGTRTALSVVTWNQKGVTIKDTPEGSEPW
;
F,I,L,C
4 'polypeptide(L)' CEPSQFQCTNGRCITLLWKCDGDEDCVDGSDEKNCVKKTCAESDFVCNNGQCVPSRWKCDGDPDCEDGSDESPEQCHM M,N,O,P
#
loop_
_chem_comp.id
_chem_comp.type
_chem_comp.name
_chem_comp.formula
CA non-polymer 'CALCIUM ION' 'Ca 2'
NAG D-saccharide, beta linking 2-acetamido-2-deoxy-beta-D-glucopyranose 'C8 H15 N O6'
#
# COMPACT_ATOMS: atom_id res chain seq x y z
N PHE A 1 24.98 49.28 9.98
CA PHE A 1 24.49 49.31 8.61
C PHE A 1 23.64 48.09 8.30
N GLU A 2 22.34 48.29 8.13
CA GLU A 2 21.41 47.19 7.86
C GLU A 2 21.61 46.71 6.44
N HIS A 3 22.20 45.53 6.29
CA HIS A 3 22.38 44.89 4.99
C HIS A 3 21.49 43.67 4.90
N ALA A 4 20.68 43.61 3.84
CA ALA A 4 19.72 42.53 3.65
C ALA A 4 20.12 41.71 2.43
N THR A 5 20.16 40.40 2.60
CA THR A 5 20.47 39.49 1.50
C THR A 5 19.71 38.19 1.72
N THR A 6 20.04 37.17 0.92
CA THR A 6 19.34 35.89 0.94
C THR A 6 20.37 34.77 0.91
N VAL A 7 20.23 33.82 1.83
CA VAL A 7 21.19 32.73 1.94
C VAL A 7 20.49 31.40 1.69
N PRO A 8 21.12 30.45 0.99
CA PRO A 8 20.57 29.10 0.92
C PRO A 8 20.68 28.39 2.26
N ASN A 9 19.78 27.42 2.47
CA ASN A 9 19.72 26.67 3.71
C ASN A 9 20.63 25.45 3.71
N VAL A 10 21.49 25.31 2.71
CA VAL A 10 22.37 24.14 2.67
C VAL A 10 23.42 24.27 3.76
N PRO A 11 23.58 23.26 4.62
CA PRO A 11 24.68 23.29 5.59
C PRO A 11 26.03 23.30 4.88
N GLY A 12 26.99 24.03 5.46
CA GLY A 12 28.16 24.38 4.70
C GLY A 12 27.78 25.33 3.59
N ILE A 13 28.54 25.26 2.49
CA ILE A 13 28.32 26.03 1.27
C ILE A 13 28.25 27.53 1.60
N PRO A 14 29.38 28.17 1.87
CA PRO A 14 29.35 29.59 2.26
C PRO A 14 28.82 30.47 1.15
N TYR A 15 27.97 31.42 1.53
CA TYR A 15 27.43 32.41 0.59
C TYR A 15 28.13 33.73 0.87
N LYS A 16 28.79 34.27 -0.15
CA LYS A 16 29.62 35.45 -0.05
C LYS A 16 28.92 36.65 -0.68
N ALA A 17 29.20 37.83 -0.15
CA ALA A 17 28.61 39.05 -0.67
C ALA A 17 29.51 40.23 -0.31
N LEU A 18 29.29 41.34 -1.02
CA LEU A 18 29.96 42.61 -0.73
C LEU A 18 28.96 43.60 -0.18
N VAL A 19 29.31 44.24 0.92
CA VAL A 19 28.61 45.41 1.42
C VAL A 19 29.40 46.61 0.93
N GLU A 20 28.79 47.38 0.03
CA GLU A 20 29.47 48.49 -0.65
C GLU A 20 28.81 49.80 -0.23
N ARG A 21 29.28 50.36 0.88
CA ARG A 21 28.88 51.70 1.27
C ARG A 21 29.48 52.72 0.31
N ALA A 22 28.79 53.85 0.17
CA ALA A 22 29.25 54.88 -0.77
C ALA A 22 30.56 55.51 -0.32
N GLY A 23 30.63 55.92 0.94
CA GLY A 23 31.80 56.60 1.44
C GLY A 23 32.87 55.72 2.04
N TYR A 24 32.71 54.41 2.02
CA TYR A 24 33.66 53.50 2.64
C TYR A 24 34.15 52.47 1.62
N ALA A 25 35.17 51.72 2.02
CA ALA A 25 35.70 50.66 1.18
C ALA A 25 34.72 49.49 1.11
N PRO A 26 34.76 48.70 0.04
CA PRO A 26 33.93 47.50 -0.02
C PRO A 26 34.31 46.52 1.08
N LEU A 27 33.30 45.89 1.68
CA LEU A 27 33.50 44.94 2.77
C LEU A 27 33.00 43.57 2.36
N ASN A 28 33.84 42.56 2.53
CA ASN A 28 33.37 41.20 2.31
C ASN A 28 32.53 40.72 3.48
N LEU A 29 31.64 39.77 3.20
CA LEU A 29 30.81 39.18 4.25
C LEU A 29 30.30 37.86 3.73
N GLU A 30 30.56 36.77 4.46
CA GLU A 30 29.93 35.52 4.08
C GLU A 30 29.22 34.87 5.27
N ILE A 31 28.11 34.24 4.93
CA ILE A 31 27.28 33.47 5.85
C ILE A 31 27.47 31.99 5.55
N THR A 32 27.62 31.19 6.59
CA THR A 32 27.58 29.74 6.47
C THR A 32 26.60 29.19 7.48
N VAL A 33 25.65 28.37 7.02
CA VAL A 33 24.71 27.72 7.94
C VAL A 33 25.43 26.49 8.49
N VAL A 34 25.95 26.60 9.71
CA VAL A 34 26.68 25.48 10.30
C VAL A 34 25.72 24.36 10.66
N SER A 35 24.59 24.70 11.28
CA SER A 35 23.60 23.71 11.68
C SER A 35 22.23 24.35 11.71
N SER A 36 21.20 23.52 11.57
CA SER A 36 19.82 23.97 11.69
C SER A 36 19.07 23.00 12.58
N GLU A 37 18.02 23.49 13.21
CA GLU A 37 17.23 22.71 14.16
C GLU A 37 15.77 23.07 13.96
N LEU A 38 15.01 22.16 13.36
CA LEU A 38 13.61 22.39 13.02
C LEU A 38 12.77 21.64 14.05
N THR A 39 12.45 22.31 15.16
CA THR A 39 11.80 21.66 16.29
C THR A 39 10.31 21.97 16.28
N PRO A 40 9.44 20.98 16.09
CA PRO A 40 8.00 21.22 16.26
C PRO A 40 7.59 21.13 17.72
N SER A 41 6.45 21.75 18.01
CA SER A 41 5.86 21.68 19.34
C SER A 41 5.09 20.38 19.47
N THR A 42 5.55 19.49 20.35
CA THR A 42 5.01 18.15 20.47
C THR A 42 4.03 18.08 21.64
N ASN A 43 2.87 17.52 21.39
CA ASN A 43 1.89 17.22 22.43
C ASN A 43 1.79 15.71 22.57
N LYS A 44 1.94 15.22 23.78
CA LYS A 44 1.99 13.79 24.05
C LYS A 44 0.58 13.26 24.30
N GLU A 45 0.16 12.31 23.47
CA GLU A 45 -1.18 11.72 23.61
C GLU A 45 -1.17 10.58 24.62
N TYR A 46 -0.37 9.54 24.37
CA TYR A 46 -0.31 8.40 25.28
C TYR A 46 0.98 7.62 25.02
N VAL A 47 1.19 6.61 25.86
CA VAL A 47 2.25 5.63 25.70
C VAL A 47 1.60 4.27 25.54
N THR A 48 2.28 3.36 24.83
CA THR A 48 1.73 2.04 24.60
C THR A 48 2.87 1.04 24.49
N CYS A 49 2.55 -0.22 24.76
CA CYS A 49 3.49 -1.34 24.66
C CYS A 49 2.68 -2.63 24.66
N LYS A 50 3.37 -3.74 24.87
CA LYS A 50 2.69 -5.02 25.06
C LYS A 50 1.90 -5.01 26.37
N PHE A 51 0.94 -5.92 26.46
CA PHE A 51 0.16 -6.06 27.68
C PHE A 51 0.38 -7.44 28.29
N HIS A 52 0.29 -7.47 29.62
CA HIS A 52 0.58 -8.69 30.37
C HIS A 52 -0.61 -9.62 30.48
N THR A 53 -1.83 -9.11 30.30
CA THR A 53 -3.12 -9.82 30.44
C THR A 53 -3.14 -10.78 31.63
N VAL A 54 -2.92 -10.20 32.81
CA VAL A 54 -2.90 -11.00 34.04
C VAL A 54 -4.32 -11.43 34.40
N ILE A 55 -4.42 -12.64 34.92
CA ILE A 55 -5.68 -13.24 35.36
C ILE A 55 -5.58 -13.49 36.86
N PRO A 56 -6.46 -12.92 37.68
CA PRO A 56 -6.40 -13.20 39.12
C PRO A 56 -6.83 -14.63 39.43
N SER A 57 -6.67 -14.99 40.70
CA SER A 57 -7.10 -16.29 41.16
C SER A 57 -8.62 -16.38 41.08
N PRO A 58 -9.18 -17.45 40.52
CA PRO A 58 -10.64 -17.58 40.45
C PRO A 58 -11.26 -17.61 41.85
N GLN A 59 -12.41 -16.96 41.98
CA GLN A 59 -13.15 -16.94 43.23
C GLN A 59 -14.39 -17.80 43.06
N VAL A 60 -14.52 -18.83 43.88
CA VAL A 60 -15.66 -19.74 43.81
C VAL A 60 -16.50 -19.56 45.07
N LYS A 61 -17.79 -19.85 44.92
CA LYS A 61 -18.73 -19.83 46.03
C LYS A 61 -19.73 -20.96 45.78
N CYS A 62 -19.79 -21.91 46.69
CA CYS A 62 -20.59 -23.11 46.48
C CYS A 62 -21.80 -23.08 47.39
N CYS A 63 -22.98 -23.39 46.83
CA CYS A 63 -24.28 -23.02 47.39
C CYS A 63 -24.31 -21.52 47.69
N GLY A 64 -24.03 -20.75 46.64
CA GLY A 64 -24.06 -19.30 46.70
C GLY A 64 -23.96 -18.73 45.30
N SER A 65 -23.99 -17.40 45.23
CA SER A 65 -23.89 -16.69 43.97
C SER A 65 -22.86 -15.57 44.10
N LEU A 66 -22.26 -15.21 42.97
CA LEU A 66 -21.22 -14.17 42.94
C LEU A 66 -21.50 -13.21 41.78
N GLU A 67 -22.16 -12.10 42.07
CA GLU A 67 -22.21 -11.00 41.12
C GLU A 67 -21.02 -10.09 41.34
N CYS A 68 -20.44 -9.60 40.24
CA CYS A 68 -19.23 -8.81 40.32
C CYS A 68 -19.49 -7.39 39.80
N LYS A 69 -18.99 -6.42 40.55
CA LYS A 69 -19.16 -5.01 40.22
C LYS A 69 -18.09 -4.56 39.23
N ALA A 70 -18.18 -3.31 38.81
CA ALA A 70 -17.22 -2.75 37.88
C ALA A 70 -15.89 -2.49 38.56
N SER A 71 -14.84 -2.36 37.74
CA SER A 71 -13.50 -2.07 38.24
C SER A 71 -12.85 -1.03 37.34
N SER A 72 -11.92 -0.27 37.91
CA SER A 72 -11.19 0.75 37.17
C SER A 72 -9.99 0.19 36.44
N LYS A 73 -9.72 -1.11 36.57
CA LYS A 73 -8.60 -1.73 35.89
C LYS A 73 -8.84 -1.76 34.37
N ALA A 74 -7.76 -1.71 33.62
CA ALA A 74 -7.85 -1.56 32.18
C ALA A 74 -8.41 -2.83 31.54
N ASP A 75 -9.45 -2.65 30.72
CA ASP A 75 -10.12 -3.74 30.01
C ASP A 75 -10.61 -4.83 30.97
N TYR A 76 -11.37 -4.41 31.97
CA TYR A 76 -11.89 -5.36 32.94
C TYR A 76 -12.98 -6.22 32.30
N THR A 77 -12.86 -7.53 32.48
CA THR A 77 -13.84 -8.48 31.99
C THR A 77 -14.14 -9.48 33.09
N CYS A 78 -15.40 -9.55 33.50
CA CYS A 78 -15.84 -10.45 34.55
C CYS A 78 -16.99 -11.29 34.04
N ARG A 79 -16.95 -12.59 34.36
CA ARG A 79 -18.02 -13.50 33.98
C ARG A 79 -18.34 -14.40 35.16
N VAL A 80 -19.61 -14.80 35.23
CA VAL A 80 -20.12 -15.64 36.30
C VAL A 80 -20.58 -16.96 35.70
N PHE A 81 -20.10 -18.07 36.24
CA PHE A 81 -20.43 -19.39 35.74
C PHE A 81 -21.02 -20.23 36.86
N GLY A 82 -22.24 -20.72 36.66
CA GLY A 82 -23.01 -21.28 37.76
C GLY A 82 -23.17 -22.78 37.79
N GLY A 83 -22.30 -23.51 37.09
CA GLY A 83 -22.38 -24.96 37.10
C GLY A 83 -21.04 -25.63 37.27
N VAL A 84 -20.15 -24.99 38.01
CA VAL A 84 -18.77 -25.43 38.11
C VAL A 84 -18.63 -26.45 39.23
N TYR A 85 -17.53 -27.18 39.19
CA TYR A 85 -17.15 -28.15 40.21
C TYR A 85 -15.63 -28.31 40.17
N PRO A 86 -14.88 -27.33 40.68
CA PRO A 86 -13.44 -27.29 40.42
C PRO A 86 -12.68 -28.35 41.20
N PHE A 87 -11.50 -28.68 40.67
CA PHE A 87 -10.60 -29.65 41.26
C PHE A 87 -9.21 -29.04 41.37
N MET A 88 -8.54 -29.31 42.48
CA MET A 88 -7.13 -28.99 42.65
C MET A 88 -6.40 -30.28 43.00
N TRP A 89 -5.12 -30.17 43.32
CA TRP A 89 -4.38 -31.35 43.77
C TRP A 89 -4.83 -31.67 45.19
N GLY A 90 -5.80 -32.58 45.30
CA GLY A 90 -6.44 -32.85 46.57
C GLY A 90 -7.90 -33.21 46.39
N GLY A 91 -8.40 -33.08 45.16
CA GLY A 91 -9.74 -33.55 44.85
C GLY A 91 -10.77 -32.45 44.72
N ALA A 92 -12.00 -32.74 45.13
CA ALA A 92 -13.08 -31.77 45.03
C ALA A 92 -12.79 -30.57 45.92
N GLN A 93 -13.17 -29.38 45.43
CA GLN A 93 -12.77 -28.14 46.06
C GLN A 93 -13.88 -27.45 46.83
N CYS A 94 -15.12 -27.92 46.75
CA CYS A 94 -16.15 -27.40 47.63
C CYS A 94 -17.21 -28.48 47.85
N PHE A 95 -18.28 -28.09 48.54
CA PHE A 95 -19.19 -29.01 49.20
C PHE A 95 -20.59 -29.06 48.59
N CYS A 96 -20.79 -28.52 47.41
CA CYS A 96 -22.09 -28.55 46.75
C CYS A 96 -21.94 -29.16 45.37
N ASP A 97 -22.87 -30.05 45.01
CA ASP A 97 -22.70 -30.86 43.81
C ASP A 97 -22.83 -30.02 42.54
N SER A 98 -23.89 -29.21 42.45
CA SER A 98 -24.17 -28.45 41.23
C SER A 98 -24.38 -26.97 41.46
N GLU A 99 -24.86 -26.56 42.64
CA GLU A 99 -25.10 -25.15 42.93
C GLU A 99 -23.78 -24.52 43.39
N ASN A 100 -22.91 -24.29 42.42
CA ASN A 100 -21.66 -23.57 42.63
C ASN A 100 -21.63 -22.35 41.72
N THR A 101 -20.66 -21.48 41.94
CA THR A 101 -20.43 -20.38 41.03
C THR A 101 -18.95 -20.00 41.03
N GLN A 102 -18.47 -19.59 39.86
CA GLN A 102 -17.10 -19.17 39.63
C GLN A 102 -17.08 -17.78 39.00
N LEU A 103 -16.17 -16.94 39.48
CA LEU A 103 -16.00 -15.58 38.99
C LEU A 103 -14.73 -15.53 38.15
N SER A 104 -14.88 -15.65 36.84
CA SER A 104 -13.74 -15.52 35.94
C SER A 104 -13.43 -14.04 35.77
N GLU A 105 -12.21 -13.64 36.09
CA GLU A 105 -11.79 -12.25 36.07
C GLU A 105 -10.56 -12.12 35.19
N ALA A 106 -10.54 -11.09 34.34
CA ALA A 106 -9.38 -10.85 33.50
C ALA A 106 -9.28 -9.37 33.17
N TYR A 107 -8.11 -8.79 33.39
CA TYR A 107 -7.86 -7.41 33.04
C TYR A 107 -6.48 -7.29 32.42
N VAL A 108 -6.12 -6.06 32.05
CA VAL A 108 -4.98 -5.76 31.20
C VAL A 108 -4.07 -4.76 31.91
N GLU A 109 -2.78 -5.06 31.96
CA GLU A 109 -1.81 -4.16 32.57
C GLU A 109 -0.56 -4.11 31.67
N PHE A 110 0.32 -3.17 31.99
CA PHE A 110 1.56 -3.02 31.23
C PHE A 110 2.51 -4.17 31.50
N ALA A 111 3.27 -4.54 30.47
CA ALA A 111 4.29 -5.56 30.63
C ALA A 111 5.44 -5.02 31.46
N PRO A 112 6.19 -5.89 32.16
CA PRO A 112 7.30 -5.41 32.99
C PRO A 112 8.39 -4.68 32.22
N ASP A 113 8.64 -5.05 30.97
CA ASP A 113 9.73 -4.48 30.18
C ASP A 113 9.26 -3.33 29.30
N CYS A 114 8.20 -2.63 29.69
CA CYS A 114 7.73 -1.47 28.95
C CYS A 114 8.46 -0.19 29.31
N THR A 115 9.39 -0.23 30.27
CA THR A 115 10.21 0.94 30.54
C THR A 115 11.20 1.23 29.41
N ILE A 116 11.40 0.27 28.51
CA ILE A 116 12.29 0.43 27.37
C ILE A 116 11.51 0.29 26.08
N ASP A 117 10.89 -0.86 25.87
CA ASP A 117 10.16 -1.15 24.64
C ASP A 117 8.75 -0.59 24.76
N HIS A 118 8.64 0.72 24.52
CA HIS A 118 7.36 1.41 24.52
C HIS A 118 7.37 2.47 23.44
N ALA A 119 6.18 2.78 22.92
CA ALA A 119 6.00 3.77 21.88
C ALA A 119 5.20 4.94 22.43
N VAL A 120 5.69 6.14 22.17
CA VAL A 120 5.02 7.37 22.59
C VAL A 120 4.32 7.97 21.37
N ALA A 121 3.02 8.18 21.48
CA ALA A 121 2.25 8.81 20.42
C ALA A 121 2.23 10.31 20.63
N LEU A 122 2.63 11.05 19.60
CA LEU A 122 2.81 12.50 19.70
C LEU A 122 2.03 13.19 18.59
N LYS A 123 1.47 14.35 18.91
CA LYS A 123 0.80 15.21 17.95
C LYS A 123 1.63 16.49 17.83
N VAL A 124 2.25 16.69 16.68
CA VAL A 124 3.13 17.84 16.49
C VAL A 124 2.38 18.90 15.72
N HIS A 125 2.91 20.13 15.78
CA HIS A 125 2.36 21.31 15.15
C HIS A 125 3.42 21.90 14.23
N THR A 126 3.20 23.14 13.78
CA THR A 126 4.16 23.82 12.94
C THR A 126 5.50 23.96 13.67
N ALA A 127 6.59 23.83 12.91
CA ALA A 127 7.92 23.69 13.46
C ALA A 127 8.71 24.97 13.26
N ALA A 128 9.34 25.46 14.32
CA ALA A 128 10.16 26.65 14.27
C ALA A 128 11.60 26.26 13.94
N LEU A 129 12.15 26.90 12.93
CA LEU A 129 13.52 26.62 12.49
C LEU A 129 14.50 27.52 13.23
N LYS A 130 15.49 26.90 13.86
CA LYS A 130 16.57 27.61 14.54
C LYS A 130 17.87 27.26 13.83
N VAL A 131 18.59 28.28 13.38
CA VAL A 131 19.78 28.09 12.55
C VAL A 131 21.00 28.64 13.29
N GLY A 132 22.09 27.88 13.24
CA GLY A 132 23.38 28.34 13.69
C GLY A 132 24.19 28.83 12.50
N LEU A 133 24.79 30.00 12.65
CA LEU A 133 25.44 30.69 11.54
C LEU A 133 26.87 31.04 11.90
N ARG A 134 27.80 30.73 11.01
CA ARG A 134 29.14 31.31 11.05
C ARG A 134 29.14 32.49 10.09
N ILE A 135 29.19 33.70 10.63
CA ILE A 135 29.32 34.92 9.85
C ILE A 135 30.77 35.36 9.92
N VAL A 136 31.31 35.81 8.80
CA VAL A 136 32.56 36.56 8.85
C VAL A 136 32.36 37.84 8.05
N TYR A 137 32.90 38.93 8.58
CA TYR A 137 32.82 40.22 7.92
C TYR A 137 34.16 40.91 8.06
N GLY A 138 34.61 41.53 6.97
CA GLY A 138 35.93 42.14 6.95
C GLY A 138 37.01 41.10 7.18
N ASN A 139 37.54 41.08 8.40
CA ASN A 139 38.55 40.10 8.79
C ASN A 139 38.21 39.47 10.14
N THR A 140 36.97 39.59 10.59
CA THR A 140 36.56 39.06 11.88
C THR A 140 35.48 37.99 11.71
N THR A 141 35.43 37.10 12.70
CA THR A 141 34.56 35.93 12.72
C THR A 141 33.56 36.07 13.86
N ALA A 142 32.38 35.47 13.68
CA ALA A 142 31.39 35.44 14.75
C ALA A 142 30.43 34.29 14.52
N HIS A 143 29.79 33.86 15.61
CA HIS A 143 28.88 32.74 15.62
C HIS A 143 27.53 33.16 16.16
N LEU A 144 26.47 32.57 15.59
CA LEU A 144 25.10 32.96 15.86
C LEU A 144 24.24 31.72 16.05
N ASP A 145 23.19 31.85 16.85
CA ASP A 145 22.16 30.83 16.99
C ASP A 145 20.83 31.58 17.05
N THR A 146 20.19 31.74 15.89
CA THR A 146 19.03 32.61 15.78
C THR A 146 17.85 31.88 15.17
N PHE A 147 16.65 32.37 15.48
CA PHE A 147 15.43 31.81 14.94
C PHE A 147 15.16 32.38 13.56
N VAL A 148 14.24 31.72 12.84
CA VAL A 148 13.93 32.06 11.46
C VAL A 148 12.62 32.84 11.34
N ASN A 149 11.85 32.93 12.44
CA ASN A 149 10.53 33.56 12.44
C ASN A 149 10.56 35.01 11.96
N GLY A 150 11.68 35.71 12.14
CA GLY A 150 11.83 37.05 11.62
C GLY A 150 11.47 38.17 12.58
N VAL A 151 11.24 37.86 13.86
CA VAL A 151 10.91 38.85 14.87
C VAL A 151 11.99 38.97 15.92
N THR A 152 12.39 37.84 16.51
CA THR A 152 13.41 37.87 17.55
C THR A 152 14.78 38.11 16.93
N PRO A 153 15.66 38.85 17.61
CA PRO A 153 17.01 39.08 17.07
C PRO A 153 18.05 38.14 17.63
N GLY A 154 19.00 37.78 16.78
CA GLY A 154 20.18 37.06 17.18
C GLY A 154 21.29 38.05 17.45
N SER A 155 21.84 38.01 18.66
CA SER A 155 22.80 38.99 19.13
C SER A 155 24.14 38.33 19.40
N SER A 156 25.21 38.93 18.89
CA SER A 156 26.56 38.46 19.17
C SER A 156 27.48 39.68 19.21
N ARG A 157 27.89 40.08 20.42
CA ARG A 157 28.70 41.27 20.66
C ARG A 157 28.05 42.51 20.07
N ASP A 158 28.49 42.92 18.88
CA ASP A 158 27.95 44.08 18.20
C ASP A 158 27.37 43.64 16.85
N LEU A 159 26.62 42.54 16.87
CA LEU A 159 25.88 42.07 15.70
C LEU A 159 24.45 41.78 16.12
N LYS A 160 23.50 42.41 15.42
CA LYS A 160 22.08 42.11 15.56
C LYS A 160 21.58 41.60 14.21
N VAL A 161 21.05 40.39 14.19
CA VAL A 161 20.68 39.71 12.96
C VAL A 161 19.21 39.31 13.04
N ILE A 162 18.46 39.65 11.99
CA ILE A 162 17.07 39.21 11.84
C ILE A 162 17.04 38.25 10.67
N ALA A 163 16.81 36.97 10.96
CA ALA A 163 16.66 35.96 9.91
C ALA A 163 15.19 35.90 9.54
N GLY A 164 14.87 36.32 8.32
CA GLY A 164 13.49 36.45 7.89
C GLY A 164 12.82 35.11 7.72
N PRO A 165 11.49 35.12 7.59
CA PRO A 165 10.76 33.86 7.41
C PRO A 165 11.18 33.14 6.14
N ILE A 166 11.31 31.83 6.24
CA ILE A 166 11.89 31.05 5.16
C ILE A 166 10.85 30.88 4.05
N SER A 167 11.34 30.68 2.82
CA SER A 167 10.49 30.75 1.64
C SER A 167 9.40 29.69 1.65
N ALA A 168 9.75 28.46 2.04
CA ALA A 168 8.78 27.37 2.08
C ALA A 168 8.89 26.66 3.41
N ALA A 169 7.76 26.47 4.10
CA ALA A 169 7.72 25.68 5.32
C ALA A 169 7.68 24.20 4.95
N PHE A 170 8.63 23.43 5.47
CA PHE A 170 8.76 22.03 5.08
C PHE A 170 8.01 21.10 6.02
N SER A 171 8.41 21.07 7.31
CA SER A 171 7.81 20.23 8.35
C SER A 171 7.75 18.76 7.94
N PRO A 172 8.88 18.03 7.97
CA PRO A 172 8.86 16.62 7.55
C PRO A 172 7.97 15.73 8.39
N PHE A 173 7.68 16.12 9.63
CA PHE A 173 6.80 15.34 10.47
C PHE A 173 5.34 15.55 10.05
N ASP A 174 4.60 14.45 9.96
CA ASP A 174 3.16 14.53 9.79
C ASP A 174 2.51 14.93 11.12
N HIS A 175 1.20 15.18 11.09
CA HIS A 175 0.49 15.64 12.27
C HIS A 175 0.53 14.64 13.42
N LYS A 176 0.70 13.35 13.12
CA LYS A 176 0.75 12.31 14.13
C LYS A 176 2.02 11.50 13.94
N VAL A 177 2.86 11.42 14.98
CA VAL A 177 4.09 10.65 14.93
C VAL A 177 4.15 9.70 16.12
N VAL A 178 4.98 8.66 15.97
CA VAL A 178 5.18 7.66 17.00
C VAL A 178 6.69 7.49 17.21
N ILE A 179 7.13 7.58 18.45
CA ILE A 179 8.55 7.44 18.79
C ILE A 179 8.74 6.13 19.55
N ARG A 180 9.61 5.27 19.03
CA ARG A 180 9.96 4.02 19.69
C ARG A 180 11.47 3.83 19.61
N LYS A 181 12.13 3.83 20.77
CA LYS A 181 13.57 3.59 20.91
C LYS A 181 14.41 4.49 20.00
N GLY A 182 14.04 5.76 19.94
CA GLY A 182 14.77 6.69 19.11
C GLY A 182 14.42 6.66 17.64
N LEU A 183 13.41 5.91 17.24
CA LEU A 183 12.96 5.86 15.87
C LEU A 183 11.61 6.54 15.75
N VAL A 184 11.46 7.42 14.75
CA VAL A 184 10.26 8.22 14.56
C VAL A 184 9.53 7.69 13.33
N TYR A 185 8.23 7.49 13.46
CA TYR A 185 7.39 6.99 12.39
C TYR A 185 6.21 7.93 12.21
N ASN A 186 5.87 8.21 10.95
CA ASN A 186 4.68 8.99 10.62
C ASN A 186 3.51 8.04 10.55
N TYR A 187 2.85 7.84 11.68
CA TYR A 187 1.74 6.89 11.79
C TYR A 187 0.50 7.61 12.31
N ASP A 188 -0.65 7.33 11.68
CA ASP A 188 -1.92 7.90 12.09
C ASP A 188 -2.52 6.98 13.15
N PHE A 189 -2.03 7.15 14.39
CA PHE A 189 -2.49 6.33 15.49
C PHE A 189 -3.91 6.74 15.89
N PRO A 190 -4.67 5.84 16.49
CA PRO A 190 -5.98 6.21 17.03
C PRO A 190 -5.84 7.18 18.19
N GLU A 191 -6.90 7.95 18.40
CA GLU A 191 -6.93 8.97 19.43
C GLU A 191 -6.95 8.33 20.82
N TYR A 192 -6.79 9.16 21.84
CA TYR A 192 -6.90 8.69 23.21
C TYR A 192 -8.35 8.31 23.51
N GLY A 193 -8.58 7.05 23.80
CA GLY A 193 -9.92 6.53 24.02
C GLY A 193 -10.49 5.75 22.86
N ALA A 194 -9.90 5.89 21.67
CA ALA A 194 -10.36 5.16 20.49
C ALA A 194 -9.59 3.87 20.30
N MET A 195 -9.56 3.02 21.32
CA MET A 195 -8.84 1.76 21.24
C MET A 195 -9.56 0.81 20.30
N LYS A 196 -8.80 0.18 19.40
CA LYS A 196 -9.32 -0.85 18.52
C LYS A 196 -8.47 -2.10 18.74
N PRO A 197 -9.07 -3.23 19.12
CA PRO A 197 -8.28 -4.44 19.37
C PRO A 197 -7.59 -4.95 18.11
N GLY A 198 -6.41 -5.52 18.31
CA GLY A 198 -5.60 -5.90 17.17
C GLY A 198 -5.11 -4.74 16.35
N ALA A 199 -4.71 -3.65 17.00
CA ALA A 199 -4.19 -2.47 16.30
C ALA A 199 -3.26 -1.73 17.25
N PHE A 200 -2.44 -0.85 16.67
CA PHE A 200 -1.51 -0.05 17.47
C PHE A 200 -2.31 0.89 18.36
N GLY A 201 -2.27 0.65 19.66
CA GLY A 201 -3.06 1.43 20.58
C GLY A 201 -4.09 0.59 21.29
N ASP A 202 -3.80 -0.70 21.47
CA ASP A 202 -4.66 -1.56 22.27
C ASP A 202 -4.72 -1.06 23.71
N ILE A 203 -3.57 -0.72 24.28
CA ILE A 203 -3.45 -0.23 25.64
C ILE A 203 -2.90 1.20 25.58
N GLN A 204 -3.45 2.07 26.43
CA GLN A 204 -3.09 3.48 26.42
C GLN A 204 -3.01 3.97 27.86
N ALA A 205 -2.04 4.85 28.10
CA ALA A 205 -1.92 5.50 29.40
C ALA A 205 -1.19 6.82 29.22
N SER A 206 -1.41 7.73 30.18
CA SER A 206 -0.69 9.00 30.15
C SER A 206 0.80 8.80 30.36
N SER A 207 1.17 7.86 31.22
CA SER A 207 2.57 7.52 31.45
C SER A 207 2.65 6.05 31.82
N LEU A 208 3.88 5.55 31.90
CA LEU A 208 4.09 4.14 32.20
C LEU A 208 3.73 3.80 33.65
N ASP A 209 3.90 4.75 34.56
CA ASP A 209 3.58 4.55 35.96
C ASP A 209 2.17 4.99 36.31
N ALA A 210 1.40 5.45 35.34
CA ALA A 210 0.05 5.93 35.62
C ALA A 210 -0.89 4.77 35.91
N THR A 211 -1.79 4.98 36.86
CA THR A 211 -2.81 4.00 37.20
C THR A 211 -4.08 4.17 36.39
N ASP A 212 -4.19 5.22 35.59
CA ASP A 212 -5.37 5.45 34.75
C ASP A 212 -5.05 4.90 33.36
N ILE A 213 -5.06 3.57 33.27
CA ILE A 213 -4.76 2.86 32.04
C ILE A 213 -6.07 2.42 31.40
N VAL A 214 -6.16 2.56 30.08
CA VAL A 214 -7.35 2.15 29.34
C VAL A 214 -6.92 1.12 28.29
N ALA A 215 -7.83 0.19 27.99
CA ALA A 215 -7.54 -0.88 27.04
C ALA A 215 -8.85 -1.46 26.55
N ARG A 216 -8.88 -1.85 25.28
CA ARG A 216 -10.05 -2.48 24.68
C ARG A 216 -9.58 -3.66 23.83
N THR A 217 -8.77 -4.53 24.43
CA THR A 217 -8.42 -5.79 23.79
C THR A 217 -9.64 -6.69 23.74
N ASP A 218 -9.81 -7.40 22.63
CA ASP A 218 -10.98 -8.26 22.45
C ASP A 218 -10.74 -9.53 23.26
N ILE A 219 -10.97 -9.42 24.57
CA ILE A 219 -10.79 -10.53 25.49
C ILE A 219 -12.16 -11.09 25.87
N ARG A 220 -12.28 -12.41 25.77
CA ARG A 220 -13.53 -13.10 26.08
C ARG A 220 -13.24 -14.24 27.04
N LEU A 221 -14.10 -14.41 28.03
CA LEU A 221 -13.98 -15.49 29.01
C LEU A 221 -14.96 -16.60 28.67
N LEU A 222 -14.45 -17.81 28.57
CA LEU A 222 -15.25 -18.95 28.18
C LEU A 222 -15.70 -19.73 29.41
N LYS A 223 -16.67 -20.61 29.21
CA LYS A 223 -17.18 -21.43 30.30
C LYS A 223 -16.24 -22.60 30.57
N PRO A 224 -15.76 -22.78 31.80
CA PRO A 224 -14.86 -23.91 32.10
C PRO A 224 -15.61 -25.23 32.03
N SER A 225 -15.10 -26.14 31.22
CA SER A 225 -15.69 -27.46 31.03
C SER A 225 -14.69 -28.57 31.35
N VAL A 226 -13.72 -28.28 32.21
CA VAL A 226 -12.72 -29.26 32.63
C VAL A 226 -12.77 -29.38 34.15
N LYS A 227 -12.21 -30.49 34.63
CA LYS A 227 -12.20 -30.75 36.08
C LYS A 227 -11.33 -29.74 36.81
N ASN A 228 -10.19 -29.37 36.22
CA ASN A 228 -9.24 -28.46 36.85
C ASN A 228 -9.86 -27.08 37.00
N ILE A 229 -9.50 -26.39 38.07
CA ILE A 229 -9.84 -24.98 38.22
C ILE A 229 -9.10 -24.19 37.14
N HIS A 230 -9.84 -23.43 36.35
CA HIS A 230 -9.27 -22.88 35.14
C HIS A 230 -10.10 -21.68 34.70
N VAL A 231 -9.42 -20.63 34.25
CA VAL A 231 -10.09 -19.52 33.57
C VAL A 231 -9.76 -19.63 32.09
N PRO A 232 -10.66 -20.19 31.27
CA PRO A 232 -10.43 -20.19 29.82
C PRO A 232 -10.71 -18.82 29.24
N TYR A 233 -9.69 -18.21 28.66
CA TYR A 233 -9.81 -16.88 28.09
C TYR A 233 -9.23 -16.89 26.70
N THR A 234 -9.71 -15.98 25.87
CA THR A 234 -9.19 -15.84 24.51
C THR A 234 -9.13 -14.37 24.16
N GLN A 235 -7.97 -13.93 23.70
CA GLN A 235 -7.69 -12.51 23.53
C GLN A 235 -7.13 -12.26 22.14
N ALA A 236 -7.39 -11.06 21.63
CA ALA A 236 -6.73 -10.61 20.41
C ALA A 236 -5.25 -10.37 20.68
N VAL A 237 -4.44 -10.52 19.63
CA VAL A 237 -3.00 -10.35 19.81
C VAL A 237 -2.67 -8.88 20.03
N SER A 238 -1.46 -8.65 20.53
CA SER A 238 -1.03 -7.29 20.82
C SER A 238 -0.83 -6.50 19.53
N GLY A 239 -1.45 -5.34 19.45
CA GLY A 239 -1.26 -4.47 18.30
C GLY A 239 0.08 -3.77 18.29
N TYR A 240 0.76 -3.75 19.44
CA TYR A 240 2.15 -3.30 19.47
C TYR A 240 3.05 -4.22 18.67
N GLU A 241 2.90 -5.54 18.86
CA GLU A 241 3.62 -6.50 18.05
C GLU A 241 3.21 -6.41 16.58
N MET A 242 1.92 -6.23 16.31
CA MET A 242 1.45 -6.06 14.94
C MET A 242 2.05 -4.83 14.28
N TRP A 243 2.20 -3.73 15.02
CA TRP A 243 2.83 -2.56 14.45
C TRP A 243 4.34 -2.77 14.29
N LYS A 244 4.93 -3.62 15.14
CA LYS A 244 6.34 -3.99 14.94
C LYS A 244 6.52 -4.83 13.68
N ASN A 245 5.53 -5.66 13.34
CA ASN A 245 5.49 -6.30 12.04
C ASN A 245 5.51 -5.28 10.90
N ASN A 246 4.61 -4.31 10.95
CA ASN A 246 4.37 -3.40 9.82
C ASN A 246 4.75 -1.97 10.16
N SER A 247 5.90 -1.79 10.82
CA SER A 247 6.38 -0.45 11.11
C SER A 247 6.92 0.27 9.88
N GLY A 248 7.28 -0.47 8.84
CA GLY A 248 7.90 0.15 7.69
C GLY A 248 9.28 0.69 8.03
N ARG A 249 9.67 1.74 7.34
CA ARG A 249 10.94 2.36 7.67
C ARG A 249 10.71 3.64 8.47
N PRO A 250 11.59 3.94 9.42
CA PRO A 250 11.42 5.15 10.24
C PRO A 250 11.70 6.41 9.44
N LEU A 251 11.35 7.54 10.04
CA LEU A 251 11.56 8.84 9.42
C LEU A 251 13.03 9.21 9.29
N GLN A 252 13.91 8.52 10.02
CA GLN A 252 15.35 8.77 9.88
C GLN A 252 15.85 8.37 8.51
N GLU A 253 15.17 7.44 7.84
CA GLU A 253 15.60 6.89 6.57
C GLU A 253 14.57 7.14 5.47
N THR A 254 13.60 8.01 5.72
CA THR A 254 12.54 8.30 4.77
C THR A 254 12.28 9.79 4.59
N ALA A 255 12.68 10.64 5.53
CA ALA A 255 12.33 12.05 5.48
C ALA A 255 13.00 12.74 4.29
N PRO A 256 12.30 13.65 3.63
CA PRO A 256 12.87 14.34 2.46
C PRO A 256 13.89 15.39 2.90
N PHE A 257 14.55 15.95 1.88
CA PHE A 257 15.52 17.04 2.02
C PHE A 257 16.74 16.65 2.83
N GLY A 258 16.97 15.34 3.00
CA GLY A 258 18.22 14.81 3.49
C GLY A 258 18.68 15.26 4.86
N CYS A 259 17.79 15.21 5.85
CA CYS A 259 18.12 15.73 7.17
C CYS A 259 17.74 14.76 8.28
N LYS A 260 18.49 14.84 9.37
CA LYS A 260 18.52 13.79 10.38
C LYS A 260 17.49 14.05 11.47
N ILE A 261 16.75 13.02 11.84
CA ILE A 261 15.68 13.14 12.82
C ILE A 261 16.23 12.66 14.16
N GLU A 262 16.13 13.52 15.18
CA GLU A 262 16.55 13.20 16.53
C GLU A 262 15.37 13.37 17.48
N VAL A 263 15.46 12.69 18.62
CA VAL A 263 14.26 12.34 19.38
C VAL A 263 14.17 12.98 20.76
N GLU A 264 15.26 13.54 21.29
CA GLU A 264 15.16 13.94 22.70
C GLU A 264 14.38 15.25 22.86
N PRO A 265 14.59 16.28 22.05
CA PRO A 265 13.49 17.25 21.82
C PRO A 265 12.68 17.01 20.55
N LEU A 266 12.95 15.94 19.81
CA LEU A 266 12.31 15.64 18.52
C LEU A 266 12.52 16.78 17.52
N ARG A 267 13.77 16.95 17.12
CA ARG A 267 14.09 17.96 16.12
C ARG A 267 14.57 17.30 14.83
N ALA A 268 14.64 18.12 13.78
CA ALA A 268 15.20 17.74 12.50
C ALA A 268 16.41 18.63 12.24
N SER A 269 17.56 18.02 12.01
CA SER A 269 18.84 18.70 11.95
C SER A 269 19.38 18.69 10.53
N ASN A 270 19.87 19.86 10.08
CA ASN A 270 20.54 20.06 8.79
C ASN A 270 19.60 19.83 7.61
N CYS A 271 18.45 20.52 7.65
CA CYS A 271 17.46 20.44 6.57
C CYS A 271 17.72 21.58 5.60
N ALA A 272 17.94 21.24 4.33
CA ALA A 272 18.32 22.19 3.30
C ALA A 272 17.18 22.28 2.28
N TYR A 273 16.23 23.18 2.55
CA TYR A 273 15.06 23.28 1.68
C TYR A 273 14.83 24.66 1.10
N GLY A 274 14.81 25.71 1.91
CA GLY A 274 14.34 27.00 1.44
C GLY A 274 15.33 28.12 1.75
N HIS A 275 15.29 29.14 0.88
CA HIS A 275 16.14 30.30 1.07
C HIS A 275 15.69 31.11 2.28
N ILE A 276 16.65 31.61 3.03
CA ILE A 276 16.42 32.41 4.23
C ILE A 276 16.79 33.85 3.92
N PRO A 277 15.84 34.79 3.94
CA PRO A 277 16.22 36.21 3.92
C PRO A 277 16.81 36.61 5.26
N ILE A 278 17.86 37.42 5.22
CA ILE A 278 18.61 37.77 6.41
C ILE A 278 18.97 39.25 6.37
N SER A 279 18.89 39.91 7.52
CA SER A 279 19.27 41.31 7.67
C SER A 279 20.27 41.43 8.82
N ILE A 280 21.37 42.13 8.56
CA ILE A 280 22.53 42.15 9.44
C ILE A 280 22.81 43.60 9.81
N ASP A 281 22.97 43.87 11.11
CA ASP A 281 23.35 45.20 11.59
C ASP A 281 24.86 45.19 11.74
N ILE A 282 25.55 45.57 10.67
CA ILE A 282 27.01 45.55 10.65
C ILE A 282 27.52 46.71 11.49
N PRO A 283 28.44 46.48 12.44
CA PRO A 283 29.02 47.60 13.18
C PRO A 283 29.87 48.49 12.28
N ASP A 284 29.89 49.78 12.62
CA ASP A 284 30.63 50.75 11.80
C ASP A 284 32.13 50.59 11.91
N ALA A 285 32.62 49.95 12.99
CA ALA A 285 34.06 49.77 13.17
C ALA A 285 34.65 48.77 12.18
N ALA A 286 33.81 47.94 11.56
CA ALA A 286 34.33 46.96 10.61
C ALA A 286 34.74 47.62 9.29
N PHE A 287 34.00 48.65 8.87
CA PHE A 287 34.31 49.32 7.63
C PHE A 287 35.57 50.17 7.76
N VAL A 288 36.20 50.42 6.61
CA VAL A 288 37.30 51.37 6.50
C VAL A 288 36.98 52.31 5.35
N ARG A 289 37.51 53.53 5.43
CA ARG A 289 37.26 54.53 4.40
C ARG A 289 38.06 54.22 3.15
N SER A 290 37.64 54.84 2.03
CA SER A 290 38.27 54.60 0.75
C SER A 290 39.67 55.19 0.66
N SER A 291 40.05 56.08 1.58
CA SER A 291 41.41 56.61 1.59
C SER A 291 42.43 55.52 1.91
N GLU A 292 42.08 54.62 2.82
CA GLU A 292 42.95 53.50 3.17
C GLU A 292 42.77 52.30 2.24
N SER A 293 41.85 52.38 1.29
CA SER A 293 41.57 51.26 0.40
C SER A 293 42.45 51.37 -0.84
N PRO A 294 43.32 50.39 -1.10
CA PRO A 294 44.16 50.46 -2.31
C PRO A 294 43.39 50.21 -3.59
N THR A 295 43.13 51.26 -4.36
CA THR A 295 42.48 51.10 -5.65
C THR A 295 43.47 50.57 -6.68
N ILE A 296 42.94 50.11 -7.81
CA ILE A 296 43.74 49.57 -8.89
C ILE A 296 43.52 50.43 -10.12
N LEU A 297 44.61 50.81 -10.78
CA LEU A 297 44.49 51.55 -12.04
C LEU A 297 43.85 50.69 -13.13
N GLU A 298 44.19 49.40 -13.19
CA GLU A 298 43.69 48.55 -14.27
C GLU A 298 43.72 47.10 -13.81
N VAL A 299 42.55 46.47 -13.73
CA VAL A 299 42.44 45.04 -13.47
C VAL A 299 42.20 44.32 -14.79
N SER A 300 42.70 43.09 -14.88
CA SER A 300 42.47 42.28 -16.06
C SER A 300 42.54 40.80 -15.68
N CYS A 301 41.43 40.10 -15.76
CA CYS A 301 41.43 38.67 -15.47
C CYS A 301 41.53 37.86 -16.76
N THR A 302 41.92 36.60 -16.60
CA THR A 302 41.86 35.61 -17.67
C THR A 302 41.67 34.24 -17.02
N VAL A 303 40.81 33.44 -17.60
CA VAL A 303 40.51 32.14 -17.02
C VAL A 303 41.21 31.07 -17.84
N ALA A 304 41.65 30.01 -17.16
CA ALA A 304 42.34 28.91 -17.81
C ALA A 304 41.88 27.61 -17.19
N ASP A 305 41.59 26.62 -18.04
CA ASP A 305 41.15 25.29 -17.63
C ASP A 305 39.89 25.36 -16.76
N CYS A 306 38.93 26.20 -17.16
CA CYS A 306 37.67 26.28 -16.44
C CYS A 306 36.86 25.01 -16.63
N ILE A 307 36.12 24.64 -15.59
CA ILE A 307 35.28 23.45 -15.62
C ILE A 307 34.15 23.66 -14.63
N TYR A 308 32.93 23.28 -15.02
CA TYR A 308 31.76 23.54 -14.20
C TYR A 308 31.37 22.25 -13.47
N SER A 309 31.98 22.07 -12.30
CA SER A 309 31.70 20.95 -11.41
C SER A 309 31.30 21.50 -10.05
N ALA A 310 30.91 20.60 -9.15
CA ALA A 310 30.57 21.03 -7.80
C ALA A 310 31.80 21.50 -7.04
N ASP A 311 32.96 20.94 -7.32
CA ASP A 311 34.19 21.38 -6.69
C ASP A 311 34.64 22.71 -7.30
N PHE A 312 35.60 23.35 -6.65
CA PHE A 312 36.16 24.61 -7.12
C PHE A 312 37.10 24.32 -8.29
N GLY A 313 36.48 24.09 -9.46
CA GLY A 313 37.22 23.75 -10.66
C GLY A 313 37.31 24.94 -11.60
N GLY A 314 38.53 25.25 -12.01
CA GLY A 314 38.77 26.41 -12.85
C GLY A 314 39.46 27.52 -12.10
N SER A 315 40.57 28.02 -12.65
CA SER A 315 41.36 29.05 -12.01
C SER A 315 41.45 30.28 -12.91
N LEU A 316 41.45 31.45 -12.29
CA LEU A 316 41.57 32.71 -13.01
C LEU A 316 42.62 33.59 -12.36
N THR A 317 43.39 34.29 -13.19
CA THR A 317 44.47 35.15 -12.72
C THR A 317 44.12 36.61 -12.98
N LEU A 318 44.13 37.42 -11.93
CA LEU A 318 44.02 38.86 -12.07
C LEU A 318 45.41 39.45 -12.22
N GLN A 319 45.63 40.21 -13.28
CA GLN A 319 46.78 41.08 -13.41
C GLN A 319 46.34 42.49 -13.05
N TYR A 320 47.08 43.13 -12.14
CA TYR A 320 46.65 44.35 -11.50
C TYR A 320 47.82 45.31 -11.36
N LYS A 321 47.49 46.60 -11.31
CA LYS A 321 48.44 47.70 -11.26
C LYS A 321 48.04 48.70 -10.17
N ALA A 322 47.81 48.20 -8.96
CA ALA A 322 47.29 49.00 -7.87
C ALA A 322 48.29 50.09 -7.44
N ASP A 323 47.83 50.96 -6.55
CA ASP A 323 48.64 52.07 -6.06
C ASP A 323 49.20 51.83 -4.67
N ARG A 324 48.90 50.69 -4.04
CA ARG A 324 49.30 50.46 -2.67
C ARG A 324 49.33 48.97 -2.41
N GLU A 325 50.05 48.58 -1.35
CA GLU A 325 50.14 47.20 -0.91
C GLU A 325 49.31 47.02 0.34
N GLY A 326 48.44 46.01 0.33
CA GLY A 326 47.56 45.77 1.45
C GLY A 326 46.68 44.53 1.31
N HIS A 327 45.58 44.48 2.05
CA HIS A 327 44.62 43.39 1.98
C HIS A 327 43.33 43.90 1.38
N CYS A 328 42.71 43.09 0.51
CA CYS A 328 41.57 43.55 -0.24
C CYS A 328 40.55 42.44 -0.51
N PRO A 329 39.27 42.72 -0.38
CA PRO A 329 38.25 41.74 -0.77
C PRO A 329 38.14 41.60 -2.28
N VAL A 330 37.87 40.37 -2.72
CA VAL A 330 37.64 40.05 -4.12
C VAL A 330 36.33 39.30 -4.20
N HIS A 331 35.60 39.47 -5.30
CA HIS A 331 34.25 38.94 -5.39
C HIS A 331 33.87 38.63 -6.82
N SER A 332 32.97 37.67 -6.99
CA SER A 332 32.36 37.35 -8.28
C SER A 332 30.89 37.69 -8.18
N HIS A 333 30.46 38.70 -8.95
CA HIS A 333 29.14 39.29 -8.77
C HIS A 333 28.02 38.47 -9.37
N SER A 334 28.32 37.42 -10.13
CA SER A 334 27.28 36.57 -10.67
C SER A 334 26.82 35.56 -9.63
N THR A 335 25.59 35.09 -9.80
CA THR A 335 25.06 34.04 -8.94
C THR A 335 25.40 32.65 -9.45
N THR A 336 26.10 32.54 -10.57
CA THR A 336 26.54 31.26 -11.11
C THR A 336 27.97 30.92 -10.71
N ALA A 337 28.87 31.90 -10.76
CA ALA A 337 30.24 31.70 -10.34
C ALA A 337 30.41 32.15 -8.89
N VAL A 338 31.14 31.37 -8.10
CA VAL A 338 31.49 31.75 -6.74
C VAL A 338 32.97 31.48 -6.51
N LEU A 339 33.63 32.41 -5.82
CA LEU A 339 35.06 32.37 -5.59
C LEU A 339 35.39 31.67 -4.28
N LYS A 340 36.55 31.01 -4.25
CA LYS A 340 36.99 30.34 -3.03
C LYS A 340 37.45 31.35 -1.98
N GLU A 341 38.24 32.34 -2.39
CA GLU A 341 38.86 33.27 -1.46
C GLU A 341 38.11 34.60 -1.46
N ALA A 342 37.73 35.06 -0.28
CA ALA A 342 37.10 36.35 -0.13
C ALA A 342 38.09 37.47 0.16
N THR A 343 39.36 37.14 0.41
CA THR A 343 40.41 38.12 0.64
C THR A 343 41.60 37.80 -0.25
N THR A 344 42.41 38.81 -0.52
CA THR A 344 43.68 38.61 -1.19
C THR A 344 44.64 39.71 -0.77
N HIS A 345 45.92 39.49 -1.04
CA HIS A 345 46.95 40.48 -0.76
C HIS A 345 47.33 41.16 -2.07
N VAL A 346 47.24 42.48 -2.08
CA VAL A 346 47.44 43.29 -3.28
C VAL A 346 48.77 44.02 -3.15
N THR A 347 49.52 44.05 -4.25
CA THR A 347 50.82 44.69 -4.34
C THR A 347 50.73 45.85 -5.34
N ALA A 348 51.89 46.44 -5.66
CA ALA A 348 51.90 47.55 -6.61
C ALA A 348 51.49 47.11 -8.00
N THR A 349 52.09 46.03 -8.50
CA THR A 349 51.76 45.53 -9.84
C THR A 349 52.11 44.06 -9.88
N GLY A 350 51.13 43.22 -10.17
CA GLY A 350 51.37 41.79 -10.13
C GLY A 350 50.20 41.00 -10.65
N SER A 351 50.15 39.73 -10.25
CA SER A 351 49.10 38.82 -10.71
C SER A 351 48.80 37.83 -9.61
N ILE A 352 47.55 37.84 -9.15
CA ILE A 352 47.08 36.86 -8.18
C ILE A 352 46.27 35.80 -8.92
N THR A 353 46.17 34.62 -8.32
CA THR A 353 45.36 33.54 -8.87
C THR A 353 44.28 33.15 -7.88
N LEU A 354 43.12 32.80 -8.40
CA LEU A 354 41.96 32.44 -7.61
C LEU A 354 41.27 31.24 -8.23
N HIS A 355 40.53 30.52 -7.41
CA HIS A 355 39.75 29.37 -7.85
C HIS A 355 38.28 29.67 -7.72
N PHE A 356 37.50 29.23 -8.70
CA PHE A 356 36.08 29.53 -8.75
C PHE A 356 35.33 28.25 -9.12
N SER A 357 34.05 28.21 -8.75
CA SER A 357 33.17 27.14 -9.18
C SER A 357 31.94 27.74 -9.83
N THR A 358 31.58 27.20 -11.00
CA THR A 358 30.43 27.66 -11.78
C THR A 358 29.49 26.51 -12.05
N SER A 359 28.30 26.86 -12.53
CA SER A 359 27.35 25.89 -13.06
C SER A 359 27.06 26.11 -14.54
N SER A 360 27.58 27.18 -15.14
CA SER A 360 27.32 27.51 -16.53
C SER A 360 28.47 27.05 -17.41
N PRO A 361 28.16 26.63 -18.65
CA PRO A 361 29.22 26.28 -19.59
C PRO A 361 30.06 27.47 -20.05
N GLN A 362 29.61 28.69 -19.80
CA GLN A 362 30.39 29.89 -20.12
C GLN A 362 30.95 30.51 -18.84
N ALA A 363 32.08 31.19 -18.97
CA ALA A 363 32.76 31.85 -17.86
C ALA A 363 32.46 33.34 -17.84
N ASN A 364 31.25 33.74 -18.22
CA ASN A 364 30.87 35.14 -18.30
C ASN A 364 30.39 35.60 -16.93
N PHE A 365 31.25 36.30 -16.21
CA PHE A 365 30.87 36.86 -14.92
C PHE A 365 31.79 38.03 -14.61
N ILE A 366 31.34 38.87 -13.68
CA ILE A 366 32.02 40.12 -13.35
C ILE A 366 32.75 39.93 -12.04
N VAL A 367 34.07 40.11 -12.05
CA VAL A 367 34.90 39.94 -10.88
C VAL A 367 35.43 41.30 -10.44
N SER A 368 35.48 41.51 -9.13
CA SER A 368 35.73 42.81 -8.51
C SER A 368 36.84 42.70 -7.49
N LEU A 369 37.74 43.68 -7.50
CA LEU A 369 38.88 43.74 -6.57
C LEU A 369 39.01 45.17 -6.07
N CYS A 370 38.86 45.36 -4.75
CA CYS A 370 38.86 46.69 -4.10
C CYS A 370 37.85 47.61 -4.77
N GLY A 371 36.62 47.13 -4.90
CA GLY A 371 35.70 47.74 -5.83
C GLY A 371 36.04 47.23 -7.21
N LYS A 372 35.96 48.10 -8.23
CA LYS A 372 36.30 47.81 -9.62
C LYS A 372 35.45 46.71 -10.24
N LYS A 373 35.50 46.58 -11.55
CA LYS A 373 34.76 45.56 -12.27
C LYS A 373 35.58 45.13 -13.47
N THR A 374 35.63 43.82 -13.74
CA THR A 374 36.13 43.38 -15.03
C THR A 374 35.45 42.06 -15.40
N THR A 375 35.34 41.85 -16.71
CA THR A 375 34.64 40.69 -17.27
C THR A 375 35.56 40.03 -18.29
N CYS A 376 35.95 38.79 -18.02
CA CYS A 376 36.78 38.01 -18.92
C CYS A 376 36.12 36.67 -19.21
N ASN A 377 36.20 36.26 -20.48
CA ASN A 377 35.36 35.22 -21.05
C ASN A 377 36.23 34.15 -21.67
N ALA A 378 35.96 32.89 -21.35
CA ALA A 378 36.47 31.77 -22.12
C ALA A 378 35.55 30.57 -21.89
N GLU A 379 36.01 29.40 -22.30
CA GLU A 379 35.15 28.26 -22.55
C GLU A 379 35.36 27.24 -21.43
N CYS A 380 34.26 26.78 -20.83
CA CYS A 380 34.31 25.81 -19.75
C CYS A 380 33.78 24.46 -20.21
N LYS A 381 34.61 23.43 -20.07
CA LYS A 381 34.31 22.08 -20.48
C LYS A 381 33.45 21.37 -19.44
N PRO A 382 32.64 20.39 -19.84
CA PRO A 382 31.90 19.62 -18.84
C PRO A 382 32.83 18.74 -18.03
N PRO A 383 32.47 18.46 -16.77
CA PRO A 383 33.31 17.58 -15.95
C PRO A 383 33.31 16.15 -16.44
N ALA A 384 34.38 15.44 -16.11
CA ALA A 384 34.51 14.04 -16.47
C ALA A 384 34.00 13.10 -15.39
N ASP A 385 34.14 13.47 -14.12
CA ASP A 385 33.66 12.64 -13.04
C ASP A 385 32.14 12.77 -12.95
N HIS A 386 31.45 11.63 -12.91
CA HIS A 386 29.99 11.65 -12.99
C HIS A 386 29.36 12.12 -11.68
N ILE A 387 29.83 11.63 -10.54
CA ILE A 387 29.33 12.07 -9.25
C ILE A 387 30.48 12.67 -8.45
N ILE A 388 30.13 13.25 -7.31
CA ILE A 388 31.12 13.91 -6.45
C ILE A 388 30.56 13.90 -5.04
N GLY A 389 31.46 13.90 -4.06
CA GLY A 389 31.09 13.83 -2.66
C GLY A 389 30.74 15.14 -1.99
N GLU A 390 30.61 16.22 -2.76
CA GLU A 390 30.26 17.51 -2.19
C GLU A 390 29.09 18.12 -2.97
N PRO A 391 28.22 18.88 -2.31
CA PRO A 391 27.13 19.53 -3.03
C PRO A 391 27.63 20.70 -3.84
N HIS A 392 26.81 21.10 -4.82
CA HIS A 392 27.14 22.24 -5.65
C HIS A 392 27.02 23.53 -4.86
N LYS A 393 27.97 24.44 -5.07
CA LYS A 393 27.98 25.70 -4.35
C LYS A 393 26.96 26.69 -4.90
N VAL A 394 26.47 26.47 -6.12
CA VAL A 394 25.53 27.37 -6.77
C VAL A 394 24.39 26.54 -7.35
N ASP A 395 23.40 27.25 -7.88
CA ASP A 395 22.23 26.66 -8.51
C ASP A 395 22.18 27.04 -9.98
N GLN A 396 21.70 26.11 -10.80
CA GLN A 396 21.59 26.36 -12.23
C GLN A 396 20.57 27.45 -12.52
N GLU A 397 20.85 28.25 -13.55
CA GLU A 397 19.91 29.24 -14.05
C GLU A 397 19.74 29.02 -15.55
N PHE A 398 18.51 29.23 -16.03
CA PHE A 398 18.22 29.00 -17.44
C PHE A 398 18.97 29.97 -18.34
N GLN A 399 19.17 31.21 -17.88
CA GLN A 399 19.92 32.18 -18.66
C GLN A 399 21.41 31.87 -18.72
N ALA A 400 21.90 31.04 -17.80
CA ALA A 400 23.32 30.72 -17.71
C ALA A 400 23.66 29.31 -18.18
N ALA A 401 22.83 28.32 -17.85
CA ALA A 401 23.13 26.93 -18.21
C ALA A 401 23.11 26.68 -19.70
N VAL A 402 22.46 27.55 -20.47
CA VAL A 402 22.50 27.45 -21.92
C VAL A 402 23.78 28.10 -22.41
N SER A 403 24.57 27.35 -23.19
CA SER A 403 25.89 27.80 -23.59
C SER A 403 25.82 28.93 -24.60
N LYS A 404 26.89 29.73 -24.64
CA LYS A 404 26.91 30.95 -25.45
C LYS A 404 26.80 30.63 -26.94
N THR A 405 27.46 29.57 -27.39
CA THR A 405 27.31 29.16 -28.78
C THR A 405 25.91 28.64 -29.06
N SER A 406 25.24 28.06 -28.06
CA SER A 406 23.87 27.64 -28.26
C SER A 406 22.90 28.82 -28.25
N TRP A 407 23.17 29.85 -27.43
CA TRP A 407 22.43 31.09 -27.59
C TRP A 407 22.65 31.69 -28.97
N ASN A 408 23.88 31.59 -29.49
CA ASN A 408 24.16 32.11 -30.81
C ASN A 408 23.36 31.38 -31.88
N TRP A 409 23.29 30.05 -31.79
CA TRP A 409 22.53 29.28 -32.78
C TRP A 409 21.03 29.55 -32.66
N LEU A 410 20.48 29.52 -31.45
CA LEU A 410 19.05 29.74 -31.25
C LEU A 410 18.65 31.15 -31.67
N LEU A 411 19.46 32.15 -31.28
CA LEU A 411 19.19 33.52 -31.69
C LEU A 411 19.41 33.73 -33.17
N ALA A 412 20.29 32.95 -33.81
CA ALA A 412 20.45 33.05 -35.25
C ALA A 412 19.21 32.56 -35.97
N LEU A 413 18.67 31.41 -35.55
CA LEU A 413 17.43 30.92 -36.16
C LEU A 413 16.25 31.85 -35.87
N PHE A 414 16.15 32.35 -34.64
CA PHE A 414 15.06 33.25 -34.29
C PHE A 414 15.17 34.58 -35.02
N GLY A 415 16.39 35.10 -35.17
CA GLY A 415 16.59 36.32 -35.92
C GLY A 415 16.36 36.14 -37.40
N GLY A 416 16.64 34.95 -37.93
CA GLY A 416 16.26 34.66 -39.31
C GLY A 416 14.76 34.66 -39.50
N ALA A 417 14.03 34.02 -38.57
CA ALA A 417 12.57 34.04 -38.63
C ALA A 417 12.03 35.46 -38.53
N SER A 418 12.57 36.24 -37.60
CA SER A 418 12.14 37.63 -37.45
C SER A 418 12.51 38.48 -38.66
N SER A 419 13.64 38.18 -39.31
CA SER A 419 14.03 38.91 -40.50
C SER A 419 13.10 38.63 -41.67
N LEU A 420 12.68 37.36 -41.82
CA LEU A 420 11.68 37.07 -42.86
C LEU A 420 10.33 37.69 -42.53
N ILE A 421 9.96 37.77 -41.24
CA ILE A 421 8.73 38.49 -40.89
C ILE A 421 8.85 39.98 -41.21
N VAL A 422 10.02 40.57 -40.94
CA VAL A 422 10.26 41.97 -41.27
C VAL A 422 10.19 42.19 -42.77
N VAL A 423 10.73 41.25 -43.54
CA VAL A 423 10.66 41.33 -45.01
C VAL A 423 9.20 41.25 -45.47
N GLY A 424 8.41 40.39 -44.83
CA GLY A 424 6.99 40.30 -45.18
C GLY A 424 6.23 41.58 -44.89
N LEU A 425 6.49 42.20 -43.73
CA LEU A 425 5.86 43.48 -43.43
C LEU A 425 6.36 44.58 -44.38
N ILE A 426 7.63 44.53 -44.79
CA ILE A 426 8.16 45.52 -45.72
C ILE A 426 7.46 45.42 -47.08
N VAL A 427 7.29 44.19 -47.57
CA VAL A 427 6.64 44.05 -48.87
C VAL A 427 5.14 44.32 -48.76
N LEU A 428 4.55 44.11 -47.58
CA LEU A 428 3.16 44.52 -47.37
C LEU A 428 3.03 46.04 -47.40
N VAL A 429 4.00 46.75 -46.82
CA VAL A 429 4.01 48.20 -46.88
C VAL A 429 4.19 48.68 -48.32
N CYS A 430 5.03 47.98 -49.09
CA CYS A 430 5.20 48.31 -50.50
C CYS A 430 3.92 48.09 -51.29
N SER A 431 3.19 47.00 -50.98
CA SER A 431 1.90 46.76 -51.63
C SER A 431 0.89 47.85 -51.25
N SER A 432 0.91 48.29 -50.00
CA SER A 432 0.05 49.40 -49.59
C SER A 432 0.40 50.68 -50.33
N MET A 433 1.70 50.92 -50.55
CA MET A 433 2.14 52.07 -51.32
C MET A 433 1.64 51.98 -52.76
N LEU A 434 1.69 50.79 -53.35
CA LEU A 434 1.22 50.62 -54.73
C LEU A 434 -0.30 50.83 -54.84
N ILE A 435 -1.06 50.29 -53.87
CA ILE A 435 -2.51 50.47 -53.94
C ILE A 435 -2.93 51.88 -53.56
N ASN A 436 -2.07 52.63 -52.86
CA ASN A 436 -2.29 54.07 -52.74
C ASN A 436 -1.92 54.81 -54.01
N THR A 437 -0.93 54.29 -54.76
CA THR A 437 -0.50 54.93 -55.98
C THR A 437 -1.55 54.80 -57.08
N ARG A 438 -2.19 53.64 -57.20
CA ARG A 438 -3.20 53.43 -58.24
C ARG A 438 -4.41 54.34 -58.06
N SER B 1 7.51 -0.29 48.97
CA SER B 1 6.67 -1.22 49.70
C SER B 1 6.90 -2.65 49.23
N ILE B 2 7.88 -2.82 48.35
CA ILE B 2 8.22 -4.13 47.80
C ILE B 2 9.18 -4.82 48.76
N THR B 3 8.80 -6.01 49.22
CA THR B 3 9.59 -6.76 50.19
C THR B 3 10.45 -7.80 49.50
N ASP B 4 11.51 -8.21 50.19
CA ASP B 4 12.44 -9.23 49.72
C ASP B 4 12.74 -10.17 50.88
N ASP B 5 11.70 -10.55 51.61
CA ASP B 5 11.85 -11.39 52.79
C ASP B 5 11.79 -12.87 52.47
N PHE B 6 10.75 -13.29 51.76
CA PHE B 6 10.49 -14.64 51.24
C PHE B 6 10.19 -15.66 52.34
N THR B 7 10.27 -15.28 53.61
CA THR B 7 9.78 -16.16 54.67
C THR B 7 8.26 -16.19 54.66
N LEU B 8 7.64 -15.06 54.31
CA LEU B 8 6.19 -14.94 54.23
C LEU B 8 5.63 -15.44 52.91
N THR B 9 6.48 -15.90 51.99
CA THR B 9 6.07 -16.37 50.68
C THR B 9 6.36 -17.86 50.55
N SER B 10 5.50 -18.56 49.81
CA SER B 10 5.63 -20.00 49.62
C SER B 10 5.36 -20.35 48.17
N PRO B 11 5.92 -21.46 47.67
CA PRO B 11 5.57 -21.93 46.33
C PRO B 11 4.18 -22.55 46.28
N TYR B 12 3.76 -23.00 45.11
CA TYR B 12 2.42 -23.52 44.92
C TYR B 12 2.41 -24.51 43.77
N LEU B 13 1.34 -25.29 43.71
CA LEU B 13 1.13 -26.28 42.66
C LEU B 13 0.29 -25.65 41.56
N GLY B 14 0.91 -25.40 40.41
CA GLY B 14 0.21 -24.90 39.25
C GLY B 14 -0.15 -26.01 38.28
N PHE B 15 -1.05 -25.71 37.37
CA PHE B 15 -1.47 -26.66 36.34
C PHE B 15 -0.60 -26.47 35.11
N CYS B 16 0.31 -27.39 34.88
CA CYS B 16 1.12 -27.33 33.67
C CYS B 16 0.39 -28.03 32.54
N PRO B 17 0.26 -27.39 31.38
CA PRO B 17 -0.45 -28.02 30.26
C PRO B 17 0.29 -29.20 29.64
N TYR B 18 1.57 -29.40 29.94
CA TYR B 18 2.34 -30.45 29.28
C TYR B 18 3.49 -30.84 30.20
N CYS B 19 3.33 -31.94 30.95
CA CYS B 19 4.42 -32.52 31.72
C CYS B 19 5.14 -33.56 30.87
N ARG B 20 5.97 -34.39 31.52
CA ARG B 20 6.70 -35.43 30.80
C ARG B 20 5.75 -36.45 30.19
N HIS B 21 4.69 -36.82 30.91
CA HIS B 21 3.75 -37.81 30.42
C HIS B 21 2.79 -37.27 29.36
N SER B 22 3.00 -36.02 28.91
CA SER B 22 2.33 -35.44 27.75
C SER B 22 0.81 -35.36 27.96
N ALA B 23 0.42 -34.66 29.02
CA ALA B 23 -0.98 -34.56 29.39
C ALA B 23 -1.17 -33.33 30.26
N PRO B 24 -2.40 -32.86 30.43
CA PRO B 24 -2.69 -31.89 31.49
C PRO B 24 -2.27 -32.45 32.86
N CYS B 25 -1.77 -31.55 33.71
CA CYS B 25 -0.87 -31.98 34.77
C CYS B 25 -0.78 -30.93 35.86
N PHE B 26 -0.65 -31.39 37.10
CA PHE B 26 -0.34 -30.55 38.25
C PHE B 26 1.14 -30.71 38.60
N SER B 27 1.87 -29.61 38.64
CA SER B 27 3.31 -29.68 38.80
C SER B 27 3.79 -28.63 39.79
N PRO B 28 4.83 -28.94 40.57
CA PRO B 28 5.42 -27.91 41.43
C PRO B 28 6.06 -26.79 40.66
N ILE B 29 6.58 -27.07 39.47
CA ILE B 29 7.16 -26.08 38.59
C ILE B 29 6.20 -25.85 37.42
N LYS B 30 5.78 -24.60 37.25
CA LYS B 30 4.78 -24.25 36.25
C LYS B 30 5.11 -22.86 35.72
N ILE B 31 5.27 -22.76 34.41
CA ILE B 31 5.69 -21.52 33.77
C ILE B 31 4.46 -20.61 33.64
N GLU B 32 4.40 -19.58 34.47
CA GLU B 32 3.33 -18.59 34.35
C GLU B 32 3.56 -17.65 33.16
N ASN B 33 4.79 -17.19 32.97
CA ASN B 33 5.09 -16.26 31.89
C ASN B 33 6.53 -16.43 31.43
N VAL B 34 6.78 -16.11 30.17
CA VAL B 34 8.11 -16.04 29.59
C VAL B 34 8.26 -14.68 28.93
N TRP B 35 9.31 -13.96 29.29
CA TRP B 35 9.60 -12.65 28.71
C TRP B 35 10.83 -12.75 27.82
N ASP B 36 10.66 -12.45 26.54
CA ASP B 36 11.74 -12.42 25.57
C ASP B 36 11.82 -11.05 24.90
N GLU B 37 12.50 -10.12 25.58
CA GLU B 37 12.72 -8.79 25.06
C GLU B 37 14.18 -8.38 25.09
N SER B 38 15.06 -9.22 25.62
CA SER B 38 16.48 -8.91 25.62
C SER B 38 17.05 -9.02 24.21
N ASP B 39 18.09 -8.24 23.96
CA ASP B 39 18.73 -8.20 22.65
C ASP B 39 19.82 -9.25 22.49
N ASP B 40 20.13 -10.01 23.54
CA ASP B 40 21.12 -11.07 23.48
C ASP B 40 20.52 -12.47 23.57
N GLY B 41 19.21 -12.60 23.44
CA GLY B 41 18.57 -13.90 23.43
C GLY B 41 18.26 -14.48 24.79
N SER B 42 18.48 -13.75 25.87
CA SER B 42 18.15 -14.25 27.20
C SER B 42 16.66 -14.02 27.49
N ILE B 43 16.08 -14.96 28.24
CA ILE B 43 14.67 -14.93 28.58
C ILE B 43 14.52 -15.00 30.08
N ARG B 44 13.43 -14.41 30.58
CA ARG B 44 13.06 -14.47 31.99
C ARG B 44 11.80 -15.33 32.10
N ILE B 45 11.87 -16.36 32.94
CA ILE B 45 10.80 -17.34 33.09
C ILE B 45 10.27 -17.24 34.50
N GLN B 46 8.96 -17.10 34.64
CA GLN B 46 8.32 -17.13 35.95
C GLN B 46 7.83 -18.55 36.21
N VAL B 47 8.30 -19.14 37.31
CA VAL B 47 8.02 -20.53 37.64
C VAL B 47 7.38 -20.56 39.02
N SER B 48 6.41 -21.48 39.21
CA SER B 48 5.67 -21.56 40.47
C SER B 48 6.54 -21.96 41.66
N ALA B 49 7.73 -22.49 41.42
CA ALA B 49 8.65 -22.82 42.49
C ALA B 49 9.64 -21.67 42.71
N GLN B 50 9.97 -21.45 43.99
CA GLN B 50 10.91 -20.39 44.35
C GLN B 50 12.33 -20.92 44.31
N PHE B 51 13.23 -20.15 43.70
CA PHE B 51 14.61 -20.53 43.51
C PHE B 51 15.53 -19.63 44.32
N GLY B 52 16.61 -20.21 44.82
CA GLY B 52 17.55 -19.47 45.65
C GLY B 52 17.17 -19.35 47.10
N TYR B 53 16.20 -20.14 47.57
CA TYR B 53 15.78 -20.12 48.96
C TYR B 53 15.59 -21.54 49.44
N ASN B 54 15.81 -21.75 50.74
CA ASN B 54 15.69 -23.08 51.33
C ASN B 54 14.26 -23.32 51.78
N GLN B 55 14.05 -24.40 52.54
CA GLN B 55 12.71 -24.73 53.03
C GLN B 55 12.21 -23.68 54.02
N ALA B 56 13.08 -23.20 54.91
CA ALA B 56 12.67 -22.22 55.90
C ALA B 56 12.34 -20.87 55.27
N GLY B 57 13.03 -20.51 54.19
CA GLY B 57 12.80 -19.25 53.52
C GLY B 57 13.98 -18.30 53.52
N THR B 58 15.10 -18.68 54.12
CA THR B 58 16.27 -17.82 54.13
C THR B 58 16.94 -17.78 52.76
N ALA B 59 17.64 -16.69 52.50
CA ALA B 59 18.34 -16.52 51.23
C ALA B 59 19.53 -17.46 51.17
N ASP B 60 19.37 -18.59 50.48
CA ASP B 60 20.40 -19.61 50.39
C ASP B 60 20.51 -20.02 48.92
N VAL B 61 21.59 -19.58 48.27
CA VAL B 61 21.81 -19.89 46.86
C VAL B 61 22.08 -21.39 46.71
N THR B 62 21.84 -21.88 45.49
CA THR B 62 22.06 -23.27 45.05
C THR B 62 21.11 -24.26 45.69
N LYS B 63 20.02 -23.80 46.31
CA LYS B 63 18.94 -24.66 46.76
C LYS B 63 17.62 -23.96 46.51
N PHE B 64 16.62 -24.72 46.04
CA PHE B 64 15.30 -24.20 45.75
C PHE B 64 14.24 -24.98 46.54
N ARG B 65 13.02 -24.47 46.50
CA ARG B 65 11.91 -24.96 47.31
C ARG B 65 10.67 -25.14 46.45
N TYR B 66 9.86 -26.13 46.79
CA TYR B 66 8.68 -26.46 45.99
C TYR B 66 7.62 -27.10 46.89
N MET B 67 6.39 -27.12 46.37
CA MET B 67 5.23 -27.52 47.17
C MET B 67 5.14 -29.03 47.40
N SER B 68 5.53 -29.82 46.39
CA SER B 68 5.47 -31.28 46.38
C SER B 68 4.04 -31.82 46.45
N TYR B 69 3.89 -33.12 46.24
CA TYR B 69 2.58 -33.75 46.08
C TYR B 69 2.05 -34.40 47.35
N ASP B 70 2.74 -34.30 48.47
CA ASP B 70 2.29 -34.95 49.69
C ASP B 70 1.01 -34.32 50.23
N HIS B 71 0.17 -35.15 50.85
CA HIS B 71 -1.16 -34.71 51.27
C HIS B 71 -1.09 -33.78 52.48
N ASP B 72 -0.24 -34.12 53.45
CA ASP B 72 0.09 -33.22 54.56
C ASP B 72 1.07 -32.13 54.12
N HIS B 73 0.61 -31.32 53.17
CA HIS B 73 1.48 -30.58 52.27
C HIS B 73 2.37 -29.58 53.00
N ASP B 74 3.65 -29.61 52.65
CA ASP B 74 4.65 -28.71 53.19
C ASP B 74 5.72 -28.47 52.14
N ILE B 75 6.49 -27.42 52.34
CA ILE B 75 7.52 -27.04 51.38
C ILE B 75 8.71 -27.96 51.52
N LYS B 76 9.16 -28.52 50.41
CA LYS B 76 10.33 -29.38 50.36
C LYS B 76 11.43 -28.72 49.53
N GLU B 77 12.66 -28.91 49.96
CA GLU B 77 13.82 -28.29 49.33
C GLU B 77 14.58 -29.30 48.49
N ASP B 78 15.31 -28.79 47.49
CA ASP B 78 16.05 -29.63 46.57
C ASP B 78 17.17 -28.78 45.99
N SER B 79 18.19 -29.46 45.45
CA SER B 79 19.38 -28.75 45.01
C SER B 79 19.19 -28.18 43.61
N MET B 80 19.99 -27.14 43.31
CA MET B 80 19.77 -26.33 42.12
C MET B 80 20.21 -26.99 40.83
N GLU B 81 21.19 -27.91 40.87
CA GLU B 81 21.67 -28.49 39.62
C GLU B 81 20.67 -29.44 38.99
N LYS B 82 19.58 -29.80 39.69
CA LYS B 82 18.53 -30.58 39.09
C LYS B 82 17.66 -29.75 38.15
N ILE B 83 17.66 -28.43 38.31
CA ILE B 83 16.84 -27.56 37.48
C ILE B 83 17.50 -27.40 36.12
N ALA B 84 16.77 -27.71 35.05
CA ALA B 84 17.25 -27.57 33.70
C ALA B 84 16.22 -26.82 32.87
N ILE B 85 16.70 -26.05 31.90
CA ILE B 85 15.85 -25.24 31.03
C ILE B 85 16.20 -25.60 29.59
N SER B 86 15.18 -25.76 28.76
CA SER B 86 15.40 -26.14 27.36
C SER B 86 14.34 -25.53 26.47
N THR B 87 14.78 -24.87 25.40
CA THR B 87 13.86 -24.36 24.39
C THR B 87 13.81 -25.27 23.16
N SER B 88 14.94 -25.45 22.51
CA SER B 88 15.12 -26.49 21.50
C SER B 88 16.25 -27.45 21.85
N GLY B 89 17.35 -26.91 22.38
CA GLY B 89 18.34 -27.70 23.05
C GLY B 89 18.46 -27.22 24.49
N PRO B 90 19.51 -27.64 25.19
CA PRO B 90 19.69 -27.17 26.57
C PRO B 90 19.98 -25.68 26.64
N CYS B 91 19.54 -25.06 27.72
CA CYS B 91 19.76 -23.64 27.98
C CYS B 91 20.75 -23.46 29.11
N ARG B 92 21.59 -22.45 28.98
CA ARG B 92 22.41 -22.00 30.08
C ARG B 92 21.56 -21.22 31.07
N ARG B 93 21.85 -21.34 32.36
CA ARG B 93 21.09 -20.66 33.40
C ARG B 93 21.88 -19.44 33.87
N LEU B 94 21.40 -18.25 33.49
CA LEU B 94 22.09 -17.02 33.88
C LEU B 94 21.88 -16.71 35.36
N GLY B 95 20.65 -16.86 35.84
CA GLY B 95 20.39 -16.48 37.22
C GLY B 95 19.04 -16.97 37.70
N HIS B 96 18.80 -16.77 38.99
CA HIS B 96 17.57 -17.22 39.62
C HIS B 96 17.32 -16.41 40.87
N LYS B 97 16.06 -15.97 41.06
CA LYS B 97 15.65 -15.29 42.28
C LYS B 97 14.15 -15.48 42.45
N GLY B 98 13.75 -16.28 43.43
CA GLY B 98 12.34 -16.44 43.72
C GLY B 98 11.63 -17.20 42.61
N TYR B 99 10.50 -16.66 42.16
CA TYR B 99 9.75 -17.28 41.08
C TYR B 99 10.32 -16.88 39.72
N PHE B 100 11.62 -16.95 39.52
CA PHE B 100 12.19 -16.36 38.32
C PHE B 100 13.50 -17.06 37.95
N LEU B 101 13.67 -17.31 36.66
CA LEU B 101 14.92 -17.85 36.12
C LEU B 101 15.29 -17.04 34.88
N LEU B 102 16.52 -16.54 34.85
CA LEU B 102 17.07 -15.91 33.67
C LEU B 102 17.95 -16.93 32.96
N ALA B 103 17.66 -17.18 31.69
CA ALA B 103 18.32 -18.24 30.95
C ALA B 103 18.58 -17.84 29.51
N GLN B 104 19.73 -18.27 28.98
CA GLN B 104 20.09 -18.04 27.60
C GLN B 104 19.72 -19.28 26.79
N CYS B 105 18.87 -19.10 25.77
CA CYS B 105 18.32 -20.23 25.05
C CYS B 105 18.44 -20.08 23.54
N PRO B 106 18.56 -21.20 22.83
CA PRO B 106 18.47 -21.17 21.36
C PRO B 106 17.04 -20.90 20.92
N PRO B 107 16.83 -20.52 19.66
CA PRO B 107 15.46 -20.32 19.18
C PRO B 107 14.68 -21.62 19.12
N GLY B 108 13.37 -21.50 19.30
CA GLY B 108 12.50 -22.66 19.31
C GLY B 108 11.05 -22.23 19.45
N ASP B 109 10.19 -23.23 19.61
CA ASP B 109 8.76 -23.01 19.67
C ASP B 109 8.14 -23.33 21.02
N SER B 110 8.94 -23.68 22.01
CA SER B 110 8.42 -24.02 23.33
C SER B 110 9.52 -23.81 24.37
N VAL B 111 9.11 -23.62 25.61
CA VAL B 111 10.02 -23.42 26.73
C VAL B 111 9.72 -24.47 27.78
N THR B 112 10.75 -25.19 28.24
CA THR B 112 10.59 -26.28 29.19
C THR B 112 11.49 -26.04 30.39
N VAL B 113 10.91 -26.17 31.58
CA VAL B 113 11.65 -26.21 32.83
C VAL B 113 11.45 -27.58 33.42
N SER B 114 12.53 -28.27 33.77
CA SER B 114 12.47 -29.63 34.26
C SER B 114 13.35 -29.79 35.49
N ILE B 115 13.02 -30.78 36.31
CA ILE B 115 13.82 -31.17 37.46
C ILE B 115 14.45 -32.51 37.10
N THR B 116 15.72 -32.49 36.73
CA THR B 116 16.40 -33.71 36.33
C THR B 116 16.68 -34.58 37.55
N SER B 117 16.36 -35.88 37.42
CA SER B 117 16.51 -36.87 38.48
C SER B 117 15.77 -36.47 39.75
N GLY B 118 16.21 -37.00 40.89
CA GLY B 118 15.60 -36.65 42.16
C GLY B 118 14.26 -37.35 42.38
N ALA B 119 13.62 -36.98 43.48
CA ALA B 119 12.33 -37.58 43.82
C ALA B 119 11.22 -37.04 42.93
N SER B 120 11.20 -35.73 42.67
CA SER B 120 10.16 -35.11 41.85
C SER B 120 10.20 -35.61 40.41
N GLU B 121 11.27 -35.27 39.70
CA GLU B 121 11.52 -35.68 38.32
C GLU B 121 10.32 -35.36 37.42
N ASN B 122 10.10 -34.06 37.25
CA ASN B 122 8.94 -33.57 36.53
C ASN B 122 9.37 -32.41 35.64
N SER B 123 8.60 -32.19 34.58
CA SER B 123 8.88 -31.14 33.61
C SER B 123 7.62 -30.33 33.32
N CYS B 124 7.82 -29.17 32.73
CA CYS B 124 6.72 -28.27 32.37
C CYS B 124 7.11 -27.52 31.11
N THR B 125 6.28 -27.62 30.08
CA THR B 125 6.53 -26.98 28.79
C THR B 125 5.37 -26.08 28.43
N VAL B 126 5.68 -24.87 27.98
CA VAL B 126 4.68 -23.92 27.52
C VAL B 126 5.04 -23.48 26.10
N GLU B 127 4.01 -23.02 25.38
CA GLU B 127 4.16 -22.56 24.02
C GLU B 127 4.66 -21.12 24.02
N LYS B 128 5.87 -20.90 23.48
CA LYS B 128 6.41 -19.55 23.36
C LYS B 128 7.34 -19.52 22.16
N LYS B 129 7.04 -18.66 21.19
CA LYS B 129 7.82 -18.55 19.97
C LYS B 129 9.09 -17.75 20.26
N ILE B 130 10.17 -18.48 20.54
CA ILE B 130 11.47 -17.87 20.80
C ILE B 130 12.20 -17.78 19.46
N ARG B 131 12.50 -16.57 19.02
CA ARG B 131 13.15 -16.32 17.75
C ARG B 131 14.51 -15.71 17.96
N ARG B 132 15.41 -15.93 17.00
CA ARG B 132 16.75 -15.37 17.07
C ARG B 132 16.70 -13.89 16.73
N LYS B 133 17.04 -13.06 17.71
CA LYS B 133 17.01 -11.62 17.54
C LYS B 133 18.39 -11.08 17.18
N PHE B 134 18.41 -9.98 16.42
CA PHE B 134 19.65 -9.35 16.01
C PHE B 134 19.51 -7.85 16.18
N VAL B 135 20.59 -7.23 16.64
CA VAL B 135 20.62 -5.79 16.89
C VAL B 135 21.07 -5.10 15.61
N GLY B 136 20.42 -4.00 15.27
CA GLY B 136 20.85 -3.22 14.13
C GLY B 136 20.22 -3.66 12.83
N ARG B 137 21.01 -3.65 11.76
CA ARG B 137 20.49 -3.82 10.41
C ARG B 137 21.41 -4.72 9.57
N GLU B 138 21.96 -5.77 10.18
CA GLU B 138 22.63 -6.81 9.43
C GLU B 138 22.56 -8.10 10.24
N GLU B 139 22.25 -9.20 9.56
CA GLU B 139 21.98 -10.47 10.21
C GLU B 139 23.27 -11.12 10.72
N TYR B 140 23.19 -11.73 11.91
CA TYR B 140 24.31 -12.47 12.46
C TYR B 140 23.80 -13.54 13.40
N LEU B 141 24.45 -14.71 13.39
CA LEU B 141 24.21 -15.68 14.46
C LEU B 141 24.87 -15.27 15.76
N PHE B 142 26.12 -14.80 15.68
CA PHE B 142 26.88 -14.41 16.84
C PHE B 142 27.42 -13.01 16.65
N PRO B 143 27.58 -12.25 17.74
CA PRO B 143 28.24 -10.96 17.62
C PRO B 143 29.69 -11.13 17.21
N PRO B 144 30.23 -10.22 16.41
CA PRO B 144 31.61 -10.34 15.98
C PRO B 144 32.58 -9.96 17.08
N VAL B 145 33.86 -10.21 16.81
CA VAL B 145 34.91 -9.74 17.72
C VAL B 145 34.97 -8.22 17.69
N GLN B 146 34.90 -7.63 16.50
CA GLN B 146 34.93 -6.18 16.35
C GLN B 146 33.83 -5.73 15.40
N GLY B 147 33.01 -4.78 15.85
CA GLY B 147 31.94 -4.23 15.04
C GLY B 147 31.78 -2.74 15.18
N LYS B 148 30.56 -2.28 15.49
CA LYS B 148 30.28 -0.87 15.62
C LYS B 148 29.97 -0.43 17.05
N LEU B 149 29.60 -1.37 17.92
CA LEU B 149 29.32 -1.13 19.34
C LEU B 149 28.17 -0.14 19.53
N VAL B 150 26.99 -0.59 19.13
CA VAL B 150 25.79 0.23 19.19
C VAL B 150 24.99 -0.10 20.45
N LYS B 151 24.01 0.74 20.75
CA LYS B 151 23.18 0.60 21.94
C LYS B 151 22.19 -0.55 21.78
N CYS B 152 22.03 -1.34 22.84
CA CYS B 152 21.04 -2.41 22.87
C CYS B 152 20.71 -2.72 24.32
N HIS B 153 19.53 -3.27 24.54
CA HIS B 153 19.03 -3.50 25.88
C HIS B 153 19.00 -5.00 26.17
N VAL B 154 19.65 -5.40 27.26
CA VAL B 154 19.74 -6.80 27.65
C VAL B 154 19.27 -6.93 29.09
N TYR B 155 18.90 -8.16 29.46
CA TYR B 155 18.50 -8.43 30.84
C TYR B 155 19.73 -8.47 31.72
N ASP B 156 19.71 -7.72 32.81
CA ASP B 156 20.86 -7.68 33.71
C ASP B 156 20.94 -8.98 34.49
N ARG B 157 22.14 -9.55 34.54
CA ARG B 157 22.35 -10.83 35.21
C ARG B 157 22.25 -10.73 36.72
N LEU B 158 22.33 -9.54 37.29
CA LEU B 158 22.25 -9.37 38.73
C LEU B 158 20.81 -9.45 39.19
N LYS B 159 20.57 -10.23 40.23
CA LYS B 159 19.22 -10.39 40.78
C LYS B 159 18.80 -9.23 41.66
N GLU B 160 19.72 -8.33 42.00
CA GLU B 160 19.36 -7.20 42.85
C GLU B 160 18.52 -6.17 42.11
N THR B 161 18.66 -6.10 40.79
CA THR B 161 17.90 -5.15 40.00
C THR B 161 16.44 -5.58 39.89
N SER B 162 15.59 -4.62 39.54
CA SER B 162 14.15 -4.85 39.49
C SER B 162 13.57 -4.27 38.21
N ALA B 163 12.50 -4.90 37.73
CA ALA B 163 11.82 -4.50 36.50
C ALA B 163 10.31 -4.42 36.69
N GLY B 164 9.87 -4.21 37.91
CA GLY B 164 8.46 -4.18 38.23
C GLY B 164 8.20 -4.99 39.47
N TYR B 165 6.93 -5.36 39.67
CA TYR B 165 6.54 -6.13 40.84
C TYR B 165 5.43 -7.10 40.49
N ILE B 166 5.37 -8.18 41.27
CA ILE B 166 4.25 -9.12 41.24
C ILE B 166 3.54 -9.03 42.59
N THR B 167 2.23 -9.20 42.54
CA THR B 167 1.38 -9.04 43.72
C THR B 167 1.10 -10.40 44.34
N MET B 168 1.32 -10.51 45.64
CA MET B 168 1.14 -11.74 46.39
C MET B 168 0.00 -11.58 47.38
N HIS B 169 -0.91 -12.54 47.36
CA HIS B 169 -2.14 -12.50 48.13
C HIS B 169 -2.18 -13.66 49.12
N ARG B 170 -3.13 -13.58 50.04
CA ARG B 170 -3.32 -14.64 51.02
C ARG B 170 -3.90 -15.87 50.33
N PRO B 171 -3.33 -17.06 50.55
CA PRO B 171 -3.85 -18.26 49.88
C PRO B 171 -5.19 -18.70 50.44
N GLY B 172 -5.94 -19.40 49.60
CA GLY B 172 -7.24 -19.89 49.98
C GLY B 172 -7.20 -21.35 50.42
N PRO B 173 -8.37 -21.96 50.56
CA PRO B 173 -8.43 -23.37 50.94
C PRO B 173 -7.94 -24.27 49.82
N HIS B 174 -7.47 -25.46 50.20
CA HIS B 174 -7.01 -26.45 49.24
C HIS B 174 -7.85 -27.71 49.20
N ALA B 175 -8.52 -28.08 50.31
CA ALA B 175 -9.57 -29.09 50.35
C ALA B 175 -9.09 -30.45 49.85
N TYR B 176 -8.17 -31.03 50.60
CA TYR B 176 -7.66 -32.36 50.26
C TYR B 176 -8.69 -33.44 50.55
N LYS B 177 -8.81 -34.41 49.64
CA LYS B 177 -9.71 -35.53 49.84
C LYS B 177 -9.14 -36.58 50.78
N SER B 178 -7.83 -36.52 51.08
CA SER B 178 -7.24 -37.43 52.04
C SER B 178 -7.65 -37.12 53.47
N TYR B 179 -8.28 -35.97 53.72
CA TYR B 179 -8.76 -35.61 55.04
C TYR B 179 -10.15 -36.16 55.32
N LEU B 180 -10.72 -36.94 54.39
CA LEU B 180 -12.05 -37.49 54.55
C LEU B 180 -12.01 -39.01 54.41
N LYS B 181 -12.97 -39.67 55.05
CA LYS B 181 -13.03 -41.13 55.06
C LYS B 181 -14.50 -41.55 55.05
N GLU B 182 -14.94 -42.18 53.98
CA GLU B 182 -16.30 -42.68 53.88
C GLU B 182 -16.30 -44.18 54.18
N ALA B 183 -17.08 -44.58 55.19
CA ALA B 183 -17.14 -45.98 55.57
C ALA B 183 -18.51 -46.27 56.16
N SER B 184 -19.07 -47.42 55.80
CA SER B 184 -20.32 -47.96 56.35
C SER B 184 -21.51 -47.02 56.20
N GLY B 185 -21.44 -46.07 55.27
CA GLY B 185 -22.51 -45.12 55.07
C GLY B 185 -22.37 -43.80 55.80
N GLU B 186 -21.25 -43.56 56.48
CA GLU B 186 -21.01 -42.27 57.13
C GLU B 186 -19.60 -41.79 56.81
N VAL B 187 -19.42 -40.46 56.84
CA VAL B 187 -18.18 -39.82 56.45
C VAL B 187 -17.55 -39.13 57.65
N TYR B 188 -16.24 -39.28 57.78
CA TYR B 188 -15.44 -38.80 58.91
C TYR B 188 -14.32 -37.91 58.39
N ILE B 189 -13.83 -37.03 59.26
CA ILE B 189 -12.68 -36.19 58.98
C ILE B 189 -11.45 -36.85 59.57
N LYS B 190 -10.37 -36.92 58.78
CA LYS B 190 -9.10 -37.48 59.22
C LYS B 190 -8.03 -36.39 59.12
N PRO B 191 -7.88 -35.56 60.15
CA PRO B 191 -6.84 -34.53 60.11
C PRO B 191 -5.46 -35.16 60.15
N PRO B 192 -4.47 -34.56 59.49
CA PRO B 192 -3.13 -35.14 59.44
C PRO B 192 -2.32 -34.77 60.68
N SER B 193 -2.01 -35.78 61.50
CA SER B 193 -1.12 -35.67 62.65
C SER B 193 -1.57 -34.62 63.66
N GLY B 194 -2.87 -34.42 63.82
CA GLY B 194 -3.38 -33.52 64.83
C GLY B 194 -3.40 -32.05 64.47
N LYS B 195 -3.08 -31.69 63.24
CA LYS B 195 -3.15 -30.29 62.83
C LYS B 195 -4.61 -29.86 62.68
N ASN B 196 -4.83 -28.55 62.80
CA ASN B 196 -6.18 -27.99 62.73
C ASN B 196 -6.69 -28.06 61.31
N VAL B 197 -7.91 -28.57 61.14
CA VAL B 197 -8.54 -28.71 59.83
C VAL B 197 -9.93 -28.09 59.89
N THR B 198 -10.23 -27.18 58.97
CA THR B 198 -11.52 -26.53 58.90
C THR B 198 -12.41 -27.27 57.92
N TYR B 199 -13.58 -27.71 58.39
CA TYR B 199 -14.55 -28.39 57.55
C TYR B 199 -15.80 -27.54 57.38
N GLU B 200 -16.37 -27.63 56.18
CA GLU B 200 -17.63 -26.98 55.83
C GLU B 200 -18.50 -28.01 55.15
N CYS B 201 -19.62 -28.38 55.78
CA CYS B 201 -20.44 -29.47 55.27
C CYS B 201 -21.88 -29.03 55.05
N LYS B 202 -22.55 -29.77 54.16
CA LYS B 202 -23.92 -29.51 53.74
C LYS B 202 -24.71 -30.82 53.80
N CYS B 203 -24.66 -31.46 54.96
CA CYS B 203 -25.46 -32.65 55.23
C CYS B 203 -26.93 -32.35 55.01
N GLY B 204 -27.47 -31.43 55.81
CA GLY B 204 -28.76 -30.85 55.52
C GLY B 204 -28.68 -29.33 55.57
N ASP B 205 -27.74 -28.83 56.37
CA ASP B 205 -27.53 -27.40 56.56
C ASP B 205 -26.04 -27.10 56.50
N TYR B 206 -25.72 -25.83 56.27
CA TYR B 206 -24.34 -25.38 56.22
C TYR B 206 -23.75 -25.39 57.62
N SER B 207 -22.86 -26.34 57.89
CA SER B 207 -22.20 -26.47 59.18
C SER B 207 -20.71 -26.23 59.01
N THR B 208 -20.17 -25.26 59.73
CA THR B 208 -18.75 -24.92 59.67
C THR B 208 -18.10 -25.23 61.00
N GLY B 209 -16.92 -25.82 60.96
CA GLY B 209 -16.22 -26.11 62.21
C GLY B 209 -14.74 -26.30 61.99
N ILE B 210 -14.02 -26.33 63.11
CA ILE B 210 -12.59 -26.59 63.13
C ILE B 210 -12.35 -27.80 64.02
N VAL B 211 -11.75 -28.85 63.46
CA VAL B 211 -11.53 -30.10 64.18
C VAL B 211 -10.06 -30.46 64.10
N SER B 212 -9.65 -31.30 65.06
CA SER B 212 -8.30 -31.85 65.08
C SER B 212 -8.29 -33.36 65.28
N THR B 213 -9.47 -34.00 65.38
CA THR B 213 -9.56 -35.43 65.54
C THR B 213 -10.59 -36.02 64.59
N GLN B 214 -10.91 -37.30 64.74
CA GLN B 214 -11.83 -37.98 63.85
C GLN B 214 -13.25 -37.81 64.38
N THR B 215 -14.11 -37.15 63.60
CA THR B 215 -15.41 -36.68 64.06
C THR B 215 -16.54 -37.30 63.26
N LYS B 216 -17.65 -37.55 63.95
CA LYS B 216 -18.89 -37.98 63.30
C LYS B 216 -19.55 -36.82 62.58
N MET B 217 -20.18 -37.11 61.44
CA MET B 217 -21.02 -36.16 60.74
C MET B 217 -22.48 -36.56 60.82
N ASN B 218 -23.34 -35.56 60.93
CA ASN B 218 -24.77 -35.75 61.18
C ASN B 218 -25.53 -35.45 59.89
N GLY B 219 -25.73 -36.48 59.07
CA GLY B 219 -26.55 -36.38 57.87
C GLY B 219 -25.84 -36.63 56.57
N CYS B 220 -24.52 -36.52 56.51
CA CYS B 220 -23.78 -36.73 55.25
C CYS B 220 -23.49 -38.21 55.08
N THR B 221 -23.91 -38.76 53.94
CA THR B 221 -23.75 -40.17 53.65
C THR B 221 -22.64 -40.45 52.63
N LYS B 222 -22.27 -39.46 51.82
CA LYS B 222 -21.24 -39.63 50.82
C LYS B 222 -20.04 -38.75 51.15
N ALA B 223 -18.86 -39.19 50.71
CA ALA B 223 -17.65 -38.43 50.97
C ALA B 223 -17.64 -37.11 50.22
N ARG B 224 -18.21 -37.08 49.02
CA ARG B 224 -18.22 -35.86 48.23
C ARG B 224 -19.23 -34.84 48.73
N GLN B 225 -19.99 -35.16 49.77
CA GLN B 225 -20.97 -34.21 50.29
C GLN B 225 -20.29 -32.98 50.90
N CYS B 226 -19.03 -33.10 51.33
CA CYS B 226 -18.31 -31.92 51.78
C CYS B 226 -16.81 -32.13 51.65
N ILE B 227 -16.05 -31.17 52.19
CA ILE B 227 -14.62 -31.05 52.05
C ILE B 227 -14.02 -30.75 53.43
N ALA B 228 -12.69 -30.66 53.46
CA ALA B 228 -11.96 -30.30 54.67
C ALA B 228 -10.59 -29.78 54.28
N TYR B 229 -10.21 -28.63 54.83
CA TYR B 229 -8.92 -28.01 54.53
C TYR B 229 -8.30 -27.50 55.81
N LYS B 230 -6.97 -27.41 55.82
CA LYS B 230 -6.25 -26.93 56.98
C LYS B 230 -6.04 -25.43 56.89
N LEU B 231 -6.20 -24.75 58.03
CA LEU B 231 -6.04 -23.32 58.13
C LEU B 231 -4.68 -22.98 58.75
N ASP B 232 -4.48 -21.70 59.07
CA ASP B 232 -3.23 -21.17 59.61
C ASP B 232 -2.07 -21.44 58.65
N GLN B 233 -2.26 -21.01 57.40
CA GLN B 233 -1.30 -21.17 56.33
C GLN B 233 -1.00 -19.82 55.70
N THR B 234 -0.69 -18.84 56.56
CA THR B 234 -0.47 -17.46 56.12
C THR B 234 0.90 -17.33 55.45
N LYS B 235 0.98 -17.85 54.22
CA LYS B 235 2.15 -17.74 53.37
C LYS B 235 1.71 -17.23 52.02
N TRP B 236 2.21 -16.06 51.63
CA TRP B 236 1.72 -15.38 50.44
C TRP B 236 2.07 -16.15 49.17
N VAL B 237 1.14 -16.17 48.21
CA VAL B 237 1.32 -16.84 46.94
C VAL B 237 0.95 -15.88 45.82
N PHE B 238 1.51 -16.16 44.63
CA PHE B 238 1.21 -15.37 43.45
C PHE B 238 -0.23 -15.62 43.00
N ASN B 239 -0.83 -14.61 42.38
CA ASN B 239 -2.22 -14.69 41.93
C ASN B 239 -2.37 -15.47 40.62
N SER B 240 -1.91 -16.72 40.67
CA SER B 240 -1.99 -17.60 39.52
C SER B 240 -3.43 -18.03 39.29
N PRO B 241 -3.81 -18.28 38.03
CA PRO B 241 -5.17 -18.76 37.75
C PRO B 241 -5.43 -20.19 38.20
N ASP B 242 -4.41 -20.91 38.64
CA ASP B 242 -4.56 -22.30 39.05
C ASP B 242 -4.90 -22.46 40.52
N LEU B 243 -4.96 -21.37 41.27
CA LEU B 243 -5.30 -21.40 42.69
C LEU B 243 -6.63 -20.71 42.91
N ILE B 244 -7.43 -21.25 43.82
CA ILE B 244 -8.72 -20.63 44.14
C ILE B 244 -8.51 -19.49 45.13
N ARG B 245 -9.10 -18.34 44.82
CA ARG B 245 -8.92 -17.13 45.59
C ARG B 245 -9.55 -17.25 46.98
N HIS B 246 -8.88 -16.65 47.97
CA HIS B 246 -9.41 -16.52 49.32
C HIS B 246 -10.59 -15.54 49.33
N THR B 247 -11.27 -15.48 50.48
CA THR B 247 -12.32 -14.48 50.66
C THR B 247 -11.74 -13.07 50.57
N ASP B 248 -10.59 -12.85 51.20
CA ASP B 248 -9.88 -11.57 51.11
C ASP B 248 -8.80 -11.71 50.05
N HIS B 249 -8.85 -10.85 49.03
CA HIS B 249 -7.87 -10.85 47.95
C HIS B 249 -7.13 -9.53 47.88
N SER B 250 -6.92 -8.89 49.02
CA SER B 250 -6.09 -7.70 49.06
C SER B 250 -4.65 -8.05 48.77
N VAL B 251 -3.91 -7.10 48.21
CA VAL B 251 -2.50 -7.33 47.87
C VAL B 251 -1.71 -7.33 49.17
N GLN B 252 -1.41 -8.52 49.68
CA GLN B 252 -0.68 -8.64 50.93
C GLN B 252 0.77 -8.20 50.78
N GLY B 253 1.38 -8.45 49.63
CA GLY B 253 2.75 -8.04 49.42
C GLY B 253 3.06 -7.81 47.96
N LYS B 254 4.18 -7.14 47.72
CA LYS B 254 4.72 -6.97 46.38
C LYS B 254 6.15 -7.48 46.38
N LEU B 255 6.49 -8.29 45.39
CA LEU B 255 7.85 -8.80 45.24
C LEU B 255 8.43 -8.41 43.90
N HIS B 256 9.75 -8.25 43.87
CA HIS B 256 10.45 -7.70 42.72
C HIS B 256 10.41 -8.66 41.54
N ILE B 257 10.48 -8.10 40.34
CA ILE B 257 10.74 -8.87 39.14
C ILE B 257 12.20 -8.62 38.76
N PRO B 258 13.10 -9.55 39.03
CA PRO B 258 14.52 -9.30 38.79
C PRO B 258 14.90 -9.29 37.31
N PHE B 259 16.18 -9.06 37.03
CA PHE B 259 16.76 -9.09 35.70
C PHE B 259 16.09 -8.07 34.77
N ARG B 260 16.29 -6.81 35.11
CA ARG B 260 15.66 -5.74 34.35
C ARG B 260 16.32 -5.56 32.98
N LEU B 261 15.56 -4.98 32.06
CA LEU B 261 16.03 -4.69 30.71
C LEU B 261 16.88 -3.42 30.77
N THR B 262 18.15 -3.59 31.05
CA THR B 262 19.02 -2.43 31.15
C THR B 262 19.72 -2.17 29.82
N PRO B 263 19.96 -0.91 29.49
CA PRO B 263 20.73 -0.59 28.29
C PRO B 263 22.21 -0.85 28.48
N THR B 264 22.87 -1.16 27.36
CA THR B 264 24.29 -1.43 27.31
C THR B 264 24.74 -1.29 25.86
N VAL B 265 25.98 -1.67 25.59
CA VAL B 265 26.60 -1.52 24.29
C VAL B 265 27.00 -2.90 23.78
N CYS B 266 26.55 -3.25 22.59
CA CYS B 266 26.89 -4.52 21.98
C CYS B 266 27.38 -4.32 20.55
N PRO B 267 28.31 -5.14 20.09
CA PRO B 267 28.82 -4.99 18.72
C PRO B 267 27.86 -5.54 17.68
N VAL B 268 27.85 -4.89 16.53
CA VAL B 268 27.07 -5.34 15.38
C VAL B 268 28.00 -5.39 14.18
N PRO B 269 27.81 -6.33 13.25
CA PRO B 269 28.81 -6.50 12.19
C PRO B 269 28.78 -5.38 11.17
N LEU B 270 29.97 -4.93 10.78
CA LEU B 270 30.12 -3.98 9.69
C LEU B 270 30.26 -4.77 8.39
N ALA B 271 29.37 -4.50 7.44
CA ALA B 271 29.34 -5.28 6.21
C ALA B 271 30.50 -4.88 5.30
N HIS B 272 30.66 -5.65 4.22
CA HIS B 272 31.68 -5.37 3.22
C HIS B 272 31.38 -4.03 2.55
N THR B 273 32.42 -3.22 2.40
CA THR B 273 32.24 -1.88 1.82
C THR B 273 31.93 -2.02 0.34
N PRO B 274 30.82 -1.46 -0.14
CA PRO B 274 30.46 -1.64 -1.55
C PRO B 274 31.36 -0.82 -2.46
N THR B 275 31.62 -1.38 -3.64
CA THR B 275 32.38 -0.70 -4.67
C THR B 275 31.41 0.02 -5.59
N VAL B 276 31.51 1.34 -5.63
CA VAL B 276 30.57 2.17 -6.38
C VAL B 276 31.11 2.39 -7.78
N THR B 277 30.35 1.97 -8.79
CA THR B 277 30.66 2.29 -10.17
C THR B 277 29.71 3.39 -10.64
N LYS B 278 30.27 4.46 -11.18
CA LYS B 278 29.55 5.71 -11.39
C LYS B 278 29.22 5.88 -12.86
N TRP B 279 27.95 6.18 -13.15
CA TRP B 279 27.51 6.56 -14.48
C TRP B 279 26.73 7.86 -14.39
N PHE B 280 26.29 8.36 -15.55
CA PHE B 280 26.04 9.79 -15.77
C PHE B 280 25.11 10.40 -14.72
N LYS B 281 24.03 9.72 -14.39
CA LYS B 281 23.17 10.17 -13.29
C LYS B 281 22.82 8.99 -12.41
N GLY B 282 23.81 8.16 -12.08
CA GLY B 282 23.52 7.00 -11.26
C GLY B 282 24.75 6.36 -10.67
N ILE B 283 24.50 5.58 -9.62
CA ILE B 283 25.53 4.77 -8.98
C ILE B 283 25.10 3.32 -9.11
N THR B 284 26.09 2.42 -9.08
CA THR B 284 25.84 0.99 -9.01
C THR B 284 26.68 0.42 -7.90
N LEU B 285 26.04 -0.29 -6.98
CA LEU B 285 26.68 -0.88 -5.82
C LEU B 285 26.71 -2.39 -5.97
N HIS B 286 27.88 -3.00 -5.74
CA HIS B 286 28.00 -4.44 -5.99
C HIS B 286 27.58 -5.30 -4.81
N LEU B 287 27.75 -4.80 -3.58
CA LEU B 287 27.03 -5.29 -2.39
C LEU B 287 27.27 -6.78 -2.12
N THR B 288 28.51 -7.10 -1.78
CA THR B 288 28.84 -8.44 -1.30
C THR B 288 28.37 -8.57 0.14
N ALA B 289 27.45 -9.51 0.39
CA ALA B 289 26.92 -9.73 1.73
C ALA B 289 26.47 -11.17 1.85
N THR B 290 26.96 -11.88 2.87
CA THR B 290 26.56 -13.26 3.08
C THR B 290 25.18 -13.33 3.73
N ARG B 291 25.02 -12.67 4.86
CA ARG B 291 23.77 -12.58 5.60
C ARG B 291 22.92 -11.43 5.09
N PRO B 292 21.61 -11.45 5.35
CA PRO B 292 20.76 -10.32 4.96
C PRO B 292 21.21 -9.00 5.58
N THR B 293 21.58 -8.07 4.70
CA THR B 293 22.07 -6.75 5.08
C THR B 293 21.12 -5.70 4.53
N LEU B 294 20.75 -4.73 5.34
CA LEU B 294 19.78 -3.73 4.92
C LEU B 294 20.46 -2.61 4.15
N LEU B 295 19.84 -2.22 3.04
CA LEU B 295 20.30 -1.11 2.22
C LEU B 295 19.14 -0.14 2.07
N THR B 296 19.35 1.11 2.51
CA THR B 296 18.32 2.14 2.43
C THR B 296 18.89 3.37 1.74
N THR B 297 18.25 3.78 0.66
CA THR B 297 18.65 4.96 -0.10
C THR B 297 17.52 5.98 -0.10
N ARG B 298 17.89 7.25 -0.02
CA ARG B 298 16.92 8.32 -0.18
C ARG B 298 17.57 9.51 -0.87
N LYS B 299 16.79 10.17 -1.72
CA LYS B 299 17.25 11.39 -2.38
C LYS B 299 17.15 12.58 -1.44
N LEU B 300 18.06 13.53 -1.61
CA LEU B 300 18.11 14.72 -0.78
C LEU B 300 17.30 15.86 -1.39
N GLY B 301 16.04 15.59 -1.72
CA GLY B 301 15.18 16.58 -2.32
C GLY B 301 13.77 16.57 -1.77
N LEU B 302 12.84 17.20 -2.49
CA LEU B 302 11.45 17.23 -2.03
C LEU B 302 10.81 15.85 -2.08
N ARG B 303 11.08 15.09 -3.13
CA ARG B 303 10.54 13.74 -3.29
C ARG B 303 11.66 12.76 -3.00
N ALA B 304 11.71 12.27 -1.77
CA ALA B 304 12.71 11.30 -1.35
C ALA B 304 12.18 9.90 -1.65
N ASP B 305 12.62 9.34 -2.77
CA ASP B 305 12.22 7.98 -3.17
C ASP B 305 12.97 6.99 -2.29
N ALA B 306 12.43 6.78 -1.09
CA ALA B 306 13.09 5.94 -0.10
C ALA B 306 12.96 4.48 -0.48
N THR B 307 14.09 3.84 -0.75
CA THR B 307 14.13 2.43 -1.11
C THR B 307 14.84 1.66 -0.01
N ALA B 308 14.17 0.64 0.51
CA ALA B 308 14.72 -0.25 1.53
C ALA B 308 14.72 -1.67 1.00
N GLU B 309 15.84 -2.37 1.17
CA GLU B 309 15.92 -3.75 0.68
C GLU B 309 16.91 -4.55 1.50
N TRP B 310 16.51 -5.75 1.91
CA TRP B 310 17.41 -6.70 2.53
C TRP B 310 18.10 -7.49 1.42
N ILE B 311 19.43 -7.49 1.43
CA ILE B 311 20.23 -8.07 0.37
C ILE B 311 21.10 -9.18 0.95
N THR B 312 21.01 -10.36 0.35
CA THR B 312 21.94 -11.45 0.60
C THR B 312 22.57 -11.86 -0.73
N GLY B 313 23.82 -12.31 -0.66
CA GLY B 313 24.55 -12.65 -1.87
C GLY B 313 25.15 -11.41 -2.52
N THR B 314 25.84 -11.65 -3.64
CA THR B 314 26.51 -10.58 -4.37
C THR B 314 25.57 -10.11 -5.49
N THR B 315 24.87 -9.00 -5.23
CA THR B 315 23.93 -8.42 -6.19
C THR B 315 24.22 -6.94 -6.34
N SER B 316 24.36 -6.49 -7.58
CA SER B 316 24.58 -5.09 -7.88
C SER B 316 23.23 -4.39 -8.08
N ARG B 317 23.06 -3.25 -7.42
CA ARG B 317 21.85 -2.46 -7.52
C ARG B 317 22.16 -1.10 -8.12
N ASN B 318 21.25 -0.62 -8.96
CA ASN B 318 21.35 0.67 -9.63
C ASN B 318 20.51 1.70 -8.90
N PHE B 319 21.05 2.91 -8.73
CA PHE B 319 20.34 3.97 -8.05
C PHE B 319 20.55 5.27 -8.81
N SER B 320 19.45 5.88 -9.24
CA SER B 320 19.52 7.17 -9.93
C SER B 320 19.89 8.27 -8.95
N VAL B 321 20.88 9.08 -9.30
CA VAL B 321 21.32 10.20 -8.49
C VAL B 321 21.20 11.47 -9.32
N GLY B 322 20.75 12.54 -8.68
CA GLY B 322 20.58 13.81 -9.35
C GLY B 322 21.39 14.91 -8.72
N ARG B 323 21.18 16.15 -9.18
CA ARG B 323 21.89 17.29 -8.60
C ARG B 323 21.45 17.56 -7.17
N GLU B 324 20.23 17.15 -6.81
CA GLU B 324 19.75 17.31 -5.45
C GLU B 324 20.54 16.44 -4.49
N GLY B 325 20.84 15.21 -4.87
CA GLY B 325 21.68 14.32 -4.09
C GLY B 325 21.01 12.99 -3.81
N LEU B 326 21.81 12.10 -3.24
CA LEU B 326 21.35 10.76 -2.88
C LEU B 326 22.25 10.24 -1.77
N GLU B 327 21.65 9.84 -0.64
CA GLU B 327 22.42 9.18 0.40
C GLU B 327 21.97 7.73 0.53
N TYR B 328 22.95 6.87 0.75
CA TYR B 328 22.69 5.45 0.94
C TYR B 328 23.37 4.96 2.21
N VAL B 329 22.65 4.11 2.94
CA VAL B 329 23.16 3.43 4.11
C VAL B 329 23.20 1.95 3.78
N TRP B 330 24.38 1.35 3.91
CA TRP B 330 24.59 -0.06 3.61
C TRP B 330 24.98 -0.74 4.91
N GLY B 331 24.01 -1.42 5.54
CA GLY B 331 24.27 -2.04 6.81
C GLY B 331 24.57 -1.02 7.89
N ASN B 332 25.39 -1.42 8.84
CA ASN B 332 25.70 -0.58 9.99
C ASN B 332 26.64 0.57 9.67
N HIS B 333 27.07 0.72 8.42
CA HIS B 333 27.96 1.80 8.04
C HIS B 333 27.25 3.14 8.12
N GLU B 334 28.04 4.21 8.21
CA GLU B 334 27.51 5.55 8.21
C GLU B 334 26.94 5.90 6.83
N PRO B 335 25.95 6.79 6.77
CA PRO B 335 25.39 7.18 5.48
C PRO B 335 26.42 7.84 4.57
N VAL B 336 26.35 7.52 3.28
CA VAL B 336 27.25 8.07 2.28
C VAL B 336 26.43 8.90 1.30
N ARG B 337 26.83 10.15 1.10
CA ARG B 337 26.13 11.09 0.26
C ARG B 337 26.88 11.30 -1.04
N VAL B 338 26.19 11.13 -2.17
CA VAL B 338 26.74 11.38 -3.50
C VAL B 338 25.83 12.37 -4.22
N TRP B 339 26.45 13.26 -4.99
CA TRP B 339 25.74 14.26 -5.78
C TRP B 339 26.11 14.07 -7.24
N ALA B 340 25.11 13.91 -8.10
CA ALA B 340 25.36 13.86 -9.53
C ALA B 340 25.71 15.25 -10.03
N GLN B 341 26.64 15.32 -10.97
CA GLN B 341 27.03 16.57 -11.60
C GLN B 341 26.93 16.42 -13.11
N GLU B 342 26.70 17.56 -13.77
CA GLU B 342 26.33 17.56 -15.17
C GLU B 342 27.49 17.19 -16.08
N SER B 343 27.52 15.91 -16.48
CA SER B 343 28.62 15.31 -17.23
C SER B 343 28.07 14.53 -18.42
N ALA B 344 27.18 15.17 -19.17
CA ALA B 344 26.54 14.52 -20.31
C ALA B 344 27.56 14.28 -21.42
N PRO B 345 27.42 13.18 -22.17
CA PRO B 345 28.28 12.97 -23.33
C PRO B 345 28.01 14.01 -24.41
N GLY B 346 29.07 14.39 -25.11
CA GLY B 346 28.97 15.44 -26.10
C GLY B 346 29.80 16.65 -25.76
N ASP B 347 29.42 17.81 -26.28
CA ASP B 347 30.17 19.03 -26.08
C ASP B 347 29.22 20.21 -26.26
N PRO B 348 28.98 21.02 -25.22
CA PRO B 348 28.14 22.19 -25.37
C PRO B 348 28.83 23.37 -26.04
N HIS B 349 30.04 23.18 -26.56
CA HIS B 349 30.78 24.24 -27.26
C HIS B 349 31.41 23.58 -28.48
N GLY B 350 30.67 23.57 -29.59
CA GLY B 350 31.15 22.93 -30.79
C GLY B 350 30.09 22.81 -31.87
N TRP B 351 30.12 21.71 -32.61
CA TRP B 351 29.15 21.48 -33.66
C TRP B 351 27.76 21.27 -33.07
N PRO B 352 26.70 21.63 -33.81
CA PRO B 352 25.35 21.63 -33.21
C PRO B 352 24.88 20.27 -32.71
N HIS B 353 25.24 19.17 -33.38
CA HIS B 353 24.76 17.86 -32.95
C HIS B 353 25.33 17.48 -31.59
N GLU B 354 26.57 17.88 -31.30
CA GLU B 354 27.13 17.65 -29.98
C GLU B 354 26.37 18.42 -28.91
N ILE B 355 25.98 19.66 -29.22
CA ILE B 355 25.17 20.46 -28.30
C ILE B 355 23.83 19.79 -28.06
N ILE B 356 23.20 19.28 -29.13
CA ILE B 356 21.90 18.63 -29.01
C ILE B 356 21.99 17.39 -28.14
N ILE B 357 22.99 16.54 -28.36
CA ILE B 357 23.07 15.30 -27.60
C ILE B 357 23.43 15.58 -26.14
N HIS B 358 24.30 16.57 -25.90
CA HIS B 358 24.66 16.96 -24.53
C HIS B 358 23.44 17.46 -23.77
N TYR B 359 22.73 18.43 -24.34
CA TYR B 359 21.60 19.01 -23.62
C TYR B 359 20.42 18.07 -23.56
N TYR B 360 20.28 17.16 -24.52
CA TYR B 360 19.22 16.15 -24.46
C TYR B 360 19.49 15.14 -23.36
N HIS B 361 20.77 14.79 -23.16
CA HIS B 361 21.10 13.94 -22.03
C HIS B 361 20.94 14.68 -20.71
N ARG B 362 21.14 16.00 -20.70
CA ARG B 362 20.94 16.75 -19.47
C ARG B 362 19.45 16.86 -19.12
N HIS B 363 18.69 17.53 -19.97
CA HIS B 363 17.25 17.69 -19.78
C HIS B 363 16.55 17.32 -21.08
N PRO B 364 15.98 16.12 -21.19
CA PRO B 364 15.40 15.67 -22.47
C PRO B 364 14.23 16.51 -22.95
N VAL B 365 13.18 16.63 -22.13
CA VAL B 365 11.93 17.24 -22.59
C VAL B 365 12.10 18.73 -22.86
N TYR B 366 12.97 19.41 -22.11
CA TYR B 366 13.21 20.83 -22.35
C TYR B 366 13.85 21.04 -23.71
N THR B 367 14.84 20.22 -24.07
CA THR B 367 15.44 20.36 -25.38
C THR B 367 14.52 19.93 -26.50
N VAL B 368 13.67 18.92 -26.26
CA VAL B 368 12.69 18.54 -27.25
C VAL B 368 11.74 19.69 -27.54
N ILE B 369 11.25 20.36 -26.49
CA ILE B 369 10.30 21.44 -26.74
C ILE B 369 11.00 22.67 -27.33
N VAL B 370 12.26 22.93 -26.96
CA VAL B 370 12.97 24.08 -27.55
C VAL B 370 13.26 23.83 -29.03
N LEU B 371 13.73 22.64 -29.39
CA LEU B 371 13.98 22.36 -30.80
C LEU B 371 12.68 22.27 -31.61
N CYS B 372 11.59 21.76 -31.01
CA CYS B 372 10.30 21.77 -31.69
C CYS B 372 9.81 23.19 -31.91
N GLY B 373 10.00 24.06 -30.92
CA GLY B 373 9.66 25.46 -31.09
C GLY B 373 10.51 26.15 -32.14
N VAL B 374 11.79 25.79 -32.23
CA VAL B 374 12.66 26.36 -33.26
C VAL B 374 12.20 25.93 -34.65
N ALA B 375 11.90 24.65 -34.82
CA ALA B 375 11.42 24.16 -36.11
C ALA B 375 10.07 24.79 -36.47
N LEU B 376 9.17 24.89 -35.49
CA LEU B 376 7.88 25.52 -35.75
C LEU B 376 8.05 27.00 -36.09
N ALA B 377 8.94 27.69 -35.39
CA ALA B 377 9.17 29.11 -35.64
C ALA B 377 9.74 29.35 -37.04
N ILE B 378 10.72 28.53 -37.46
CA ILE B 378 11.27 28.74 -38.79
C ILE B 378 10.28 28.33 -39.87
N LEU B 379 9.44 27.31 -39.62
CA LEU B 379 8.41 26.94 -40.58
C LEU B 379 7.38 28.04 -40.74
N VAL B 380 6.91 28.61 -39.62
CA VAL B 380 5.92 29.69 -39.68
C VAL B 380 6.53 30.94 -40.30
N GLY B 381 7.80 31.23 -39.99
CA GLY B 381 8.44 32.39 -40.58
C GLY B 381 8.60 32.27 -42.08
N THR B 382 9.05 31.10 -42.56
CA THR B 382 9.18 30.88 -43.99
C THR B 382 7.82 30.91 -44.69
N ALA B 383 6.80 30.30 -44.08
CA ALA B 383 5.48 30.30 -44.68
C ALA B 383 4.88 31.70 -44.74
N SER B 384 5.04 32.47 -43.67
CA SER B 384 4.50 33.83 -43.65
C SER B 384 5.23 34.74 -44.64
N SER B 385 6.56 34.60 -44.73
CA SER B 385 7.32 35.39 -45.69
C SER B 385 6.94 35.02 -47.11
N ALA B 386 6.76 33.73 -47.40
CA ALA B 386 6.36 33.29 -48.73
C ALA B 386 4.97 33.81 -49.08
N ALA B 387 4.04 33.76 -48.11
CA ALA B 387 2.68 34.23 -48.35
C ALA B 387 2.67 35.74 -48.60
N CYS B 388 3.42 36.50 -47.80
CA CYS B 388 3.46 37.95 -47.99
C CYS B 388 4.13 38.32 -49.31
N ILE B 389 5.19 37.61 -49.68
CA ILE B 389 5.88 37.87 -50.94
C ILE B 389 4.96 37.54 -52.12
N ALA B 390 4.22 36.42 -52.04
CA ALA B 390 3.30 36.07 -53.11
C ALA B 390 2.15 37.07 -53.22
N LYS B 391 1.64 37.53 -52.08
CA LYS B 391 0.58 38.53 -52.10
C LYS B 391 1.06 39.84 -52.71
N ALA B 392 2.27 40.27 -52.34
CA ALA B 392 2.83 41.49 -52.93
C ALA B 392 3.10 41.33 -54.42
N ARG B 393 3.57 40.16 -54.84
CA ARG B 393 3.83 39.91 -56.24
C ARG B 393 2.54 39.93 -57.05
N ARG B 394 1.48 39.30 -56.52
CA ARG B 394 0.17 39.37 -57.18
C ARG B 394 -0.34 40.80 -57.24
N ASP B 395 -0.19 41.55 -56.14
CA ASP B 395 -0.69 42.92 -56.09
C ASP B 395 0.05 43.80 -57.09
N CYS B 396 1.34 43.53 -57.31
CA CYS B 396 2.10 44.30 -58.28
C CYS B 396 1.81 43.87 -59.72
N LEU B 397 1.56 42.59 -59.97
CA LEU B 397 1.46 42.11 -61.35
C LEU B 397 0.05 42.06 -61.91
N THR B 398 -1.00 42.05 -61.07
CA THR B 398 -2.36 42.15 -61.62
C THR B 398 -2.66 43.45 -62.39
N PRO B 399 -2.20 44.65 -62.00
CA PRO B 399 -2.45 45.81 -62.87
C PRO B 399 -1.79 45.72 -64.23
N TYR B 400 -0.71 44.96 -64.36
CA TYR B 400 -0.08 44.72 -65.64
C TYR B 400 -0.52 43.42 -66.29
N ALA B 401 -1.32 42.61 -65.59
CA ALA B 401 -1.93 41.44 -66.20
C ALA B 401 -3.28 41.76 -66.81
N LEU B 402 -3.96 42.79 -66.30
CA LEU B 402 -5.23 43.23 -66.85
C LEU B 402 -5.06 44.07 -68.10
N ALA B 403 -3.84 44.48 -68.43
CA ALA B 403 -3.53 45.26 -69.62
C ALA B 403 -2.43 44.55 -70.39
N PRO B 404 -2.76 43.48 -71.11
CA PRO B 404 -1.71 42.69 -71.78
C PRO B 404 -0.97 43.43 -72.87
N ASN B 405 -1.64 44.32 -73.62
CA ASN B 405 -1.01 44.99 -74.74
C ASN B 405 -0.11 46.15 -74.31
N ALA B 406 -0.11 46.51 -73.03
CA ALA B 406 0.76 47.57 -72.55
C ALA B 406 2.22 47.17 -72.67
N THR B 407 2.58 46.00 -72.12
CA THR B 407 3.95 45.45 -72.13
C THR B 407 4.98 46.43 -71.59
N VAL B 408 4.58 47.26 -70.62
CA VAL B 408 5.46 48.27 -70.05
C VAL B 408 5.53 48.17 -68.53
N PRO B 409 6.23 47.16 -67.98
CA PRO B 409 6.42 47.14 -66.53
C PRO B 409 7.44 48.18 -66.09
N MET C 1 -25.72 50.94 -83.31
CA MET C 1 -24.32 51.32 -83.20
C MET C 1 -23.54 50.35 -82.32
N CYS C 2 -23.29 50.76 -81.08
CA CYS C 2 -22.51 49.94 -80.16
C CYS C 2 -23.25 48.67 -79.73
N MET C 3 -24.58 48.67 -79.78
CA MET C 3 -25.35 47.49 -79.42
C MET C 3 -25.02 46.31 -80.31
N LYS C 4 -24.92 46.54 -81.61
CA LYS C 4 -24.47 45.51 -82.53
C LYS C 4 -22.97 45.28 -82.44
N LEU C 5 -22.20 46.34 -82.10
CA LEU C 5 -20.76 46.25 -82.11
C LEU C 5 -20.24 45.32 -81.02
N GLU C 6 -20.78 45.43 -79.81
CA GLU C 6 -20.32 44.59 -78.70
C GLU C 6 -21.06 43.26 -78.64
N SER C 7 -21.99 43.01 -79.55
CA SER C 7 -22.72 41.75 -79.54
C SER C 7 -21.79 40.58 -79.83
N ASP C 8 -22.14 39.42 -79.26
CA ASP C 8 -21.37 38.17 -79.34
C ASP C 8 -19.98 38.31 -78.74
N LYS C 9 -19.75 39.34 -77.93
CA LYS C 9 -18.47 39.54 -77.24
C LYS C 9 -18.74 39.86 -75.78
N THR C 10 -19.89 40.46 -75.50
CA THR C 10 -20.31 40.78 -74.15
C THR C 10 -21.21 39.65 -73.68
N PHE C 11 -20.63 38.69 -72.99
CA PHE C 11 -21.37 37.50 -72.57
C PHE C 11 -21.96 37.73 -71.18
N PRO C 12 -23.27 37.56 -71.01
CA PRO C 12 -23.90 37.88 -69.73
C PRO C 12 -23.66 36.82 -68.66
N ILE C 13 -23.76 37.26 -67.42
CA ILE C 13 -23.55 36.42 -66.25
C ILE C 13 -24.91 36.13 -65.63
N MET C 14 -25.18 34.86 -65.37
CA MET C 14 -26.47 34.43 -64.84
C MET C 14 -26.48 34.47 -63.33
N LEU C 15 -27.60 34.92 -62.76
CA LEU C 15 -27.85 34.83 -61.33
C LEU C 15 -28.56 33.54 -60.96
N ASN C 16 -28.55 32.56 -61.86
CA ASN C 16 -29.25 31.28 -61.89
C ASN C 16 -30.75 31.42 -62.20
N GLY C 17 -31.29 32.63 -62.21
CA GLY C 17 -32.63 32.82 -62.74
C GLY C 17 -32.73 33.87 -63.82
N GLN C 18 -31.83 34.85 -63.78
CA GLN C 18 -31.82 35.98 -64.70
C GLN C 18 -30.37 36.36 -64.95
N VAL C 19 -30.16 37.54 -65.55
CA VAL C 19 -28.82 38.07 -65.77
C VAL C 19 -28.54 39.12 -64.71
N ASN C 20 -27.38 39.01 -64.05
CA ASN C 20 -26.98 39.97 -63.03
C ASN C 20 -25.68 40.67 -63.36
N GLY C 21 -25.12 40.44 -64.55
CA GLY C 21 -23.90 41.12 -64.94
C GLY C 21 -23.46 40.64 -66.31
N TYR C 22 -22.45 41.33 -66.84
CA TYR C 22 -21.89 41.03 -68.14
C TYR C 22 -20.41 40.72 -68.01
N ALA C 23 -19.91 39.88 -68.92
CA ALA C 23 -18.49 39.52 -68.97
C ALA C 23 -17.94 39.89 -70.33
N CYS C 24 -16.67 40.29 -70.35
CA CYS C 24 -16.05 40.83 -71.55
C CYS C 24 -14.88 39.95 -72.00
N VAL C 25 -14.67 39.93 -73.32
CA VAL C 25 -13.51 39.25 -73.89
C VAL C 25 -12.52 40.28 -74.41
N VAL C 26 -11.56 40.67 -73.55
CA VAL C 26 -10.65 41.77 -73.85
C VAL C 26 -9.24 41.22 -73.83
N GLY C 27 -8.60 41.21 -75.00
CA GLY C 27 -7.22 40.75 -75.12
C GLY C 27 -7.02 39.30 -74.76
N GLY C 28 -8.00 38.44 -75.05
CA GLY C 28 -7.95 37.07 -74.60
C GLY C 28 -8.33 36.89 -73.15
N ARG C 29 -8.73 37.95 -72.46
CA ARG C 29 -9.01 37.93 -71.05
C ARG C 29 -10.52 37.91 -70.84
N LEU C 30 -11.00 36.95 -70.04
CA LEU C 30 -12.40 36.89 -69.64
C LEU C 30 -12.55 37.75 -68.39
N MET C 31 -12.92 39.01 -68.59
CA MET C 31 -13.03 39.95 -67.49
C MET C 31 -14.48 39.98 -66.99
N LYS C 32 -14.67 39.62 -65.73
CA LYS C 32 -15.96 39.70 -65.08
C LYS C 32 -15.78 40.26 -63.67
N PRO C 33 -16.76 41.00 -63.16
CA PRO C 33 -16.66 41.53 -61.80
C PRO C 33 -16.78 40.44 -60.75
N LEU C 34 -16.27 40.75 -59.56
CA LEU C 34 -16.34 39.84 -58.43
C LEU C 34 -17.64 39.99 -57.65
N HIS C 35 -18.16 41.22 -57.52
CA HIS C 35 -19.41 41.42 -56.82
C HIS C 35 -20.59 40.85 -57.60
N VAL C 36 -20.47 40.77 -58.93
CA VAL C 36 -21.46 40.06 -59.73
C VAL C 36 -21.29 38.57 -59.49
N GLU C 37 -22.23 37.98 -58.76
CA GLU C 37 -22.17 36.57 -58.38
C GLU C 37 -23.01 35.74 -59.32
N GLY C 38 -22.65 34.47 -59.46
CA GLY C 38 -23.39 33.54 -60.28
C GLY C 38 -22.49 32.80 -61.21
N LYS C 39 -23.08 32.27 -62.29
CA LYS C 39 -22.38 31.44 -63.26
C LYS C 39 -22.40 32.11 -64.62
N ILE C 40 -21.23 32.15 -65.26
CA ILE C 40 -21.10 32.71 -66.59
C ILE C 40 -21.69 31.72 -67.59
N ASP C 41 -22.17 32.23 -68.73
CA ASP C 41 -22.83 31.39 -69.73
C ASP C 41 -21.77 30.70 -70.59
N ASN C 42 -22.23 30.09 -71.69
CA ASN C 42 -21.44 29.23 -72.59
C ASN C 42 -20.78 28.07 -71.87
N GLU C 43 -19.90 27.35 -72.57
CA GLU C 43 -19.13 26.28 -71.96
C GLU C 43 -17.67 26.40 -72.35
N GLN C 44 -17.41 27.02 -73.52
CA GLN C 44 -16.04 27.28 -73.92
C GLN C 44 -15.38 28.29 -72.99
N LEU C 45 -16.13 29.29 -72.56
CA LEU C 45 -15.64 30.36 -71.70
C LEU C 45 -16.19 30.26 -70.28
N ALA C 46 -16.66 29.08 -69.88
CA ALA C 46 -17.18 28.86 -68.53
C ALA C 46 -16.36 27.86 -67.72
N ALA C 47 -15.66 26.94 -68.36
CA ALA C 47 -14.93 25.89 -67.65
C ALA C 47 -13.50 26.27 -67.31
N VAL C 48 -13.08 27.50 -67.60
CA VAL C 48 -11.72 27.92 -67.33
C VAL C 48 -11.58 28.29 -65.85
N LYS C 49 -10.34 28.41 -65.39
CA LYS C 49 -10.04 28.77 -64.01
C LYS C 49 -9.68 30.25 -63.97
N LEU C 50 -10.45 31.03 -63.22
CA LEU C 50 -10.24 32.46 -63.14
C LEU C 50 -9.45 32.82 -61.89
N LYS C 51 -8.73 33.94 -61.96
CA LYS C 51 -7.89 34.42 -60.87
C LYS C 51 -8.44 35.75 -60.37
N LYS C 52 -8.67 35.83 -59.07
CA LYS C 52 -9.27 37.02 -58.48
C LYS C 52 -8.29 38.18 -58.46
N ALA C 53 -8.83 39.40 -58.43
CA ALA C 53 -8.04 40.60 -58.30
C ALA C 53 -8.29 41.30 -56.97
N SER C 54 -9.54 41.62 -56.66
CA SER C 54 -10.04 42.09 -55.36
C SER C 54 -9.60 43.51 -55.02
N MET C 55 -8.71 44.08 -55.84
CA MET C 55 -8.36 45.49 -55.75
C MET C 55 -9.04 46.31 -56.82
N TYR C 56 -9.27 45.72 -57.98
CA TYR C 56 -10.01 46.34 -59.06
C TYR C 56 -11.43 45.79 -59.18
N ASP C 57 -11.78 44.80 -58.36
CA ASP C 57 -13.09 44.12 -58.38
C ASP C 57 -13.38 43.47 -59.73
N LEU C 58 -12.38 42.83 -60.31
CA LEU C 58 -12.52 42.01 -61.51
C LEU C 58 -11.95 40.62 -61.28
N GLU C 59 -12.16 39.77 -62.28
CA GLU C 59 -11.58 38.43 -62.34
C GLU C 59 -11.24 38.14 -63.79
N TYR C 60 -10.09 37.53 -64.02
CA TYR C 60 -9.58 37.35 -65.39
C TYR C 60 -9.16 35.92 -65.62
N GLY C 61 -9.00 35.59 -66.90
CA GLY C 61 -8.61 34.27 -67.31
C GLY C 61 -8.15 34.29 -68.76
N ASP C 62 -8.25 33.15 -69.42
CA ASP C 62 -7.87 33.04 -70.82
C ASP C 62 -8.88 32.17 -71.56
N VAL C 63 -8.96 32.37 -72.87
CA VAL C 63 -9.81 31.56 -73.73
C VAL C 63 -8.94 30.52 -74.44
N PRO C 64 -9.43 29.30 -74.66
CA PRO C 64 -8.57 28.26 -75.23
C PRO C 64 -8.44 28.33 -76.75
N GLN C 65 -9.52 28.69 -77.43
CA GLN C 65 -9.57 28.66 -78.89
C GLN C 65 -10.14 29.93 -79.49
N ASN C 66 -10.91 30.71 -78.75
CA ASN C 66 -11.63 31.88 -79.20
C ASN C 66 -10.74 33.07 -79.50
N MET C 67 -9.40 32.96 -79.55
CA MET C 67 -8.55 34.11 -79.85
C MET C 67 -8.87 34.72 -81.22
N LYS C 68 -9.35 33.88 -82.15
CA LYS C 68 -9.74 34.38 -83.47
C LYS C 68 -10.92 35.33 -83.37
N SER C 69 -11.78 35.15 -82.37
CA SER C 69 -12.93 36.02 -82.16
C SER C 69 -12.81 36.88 -80.90
N ASP C 70 -11.81 36.63 -80.06
CA ASP C 70 -11.59 37.44 -78.85
C ASP C 70 -10.93 38.76 -79.25
N THR C 71 -11.69 39.57 -79.98
CA THR C 71 -11.17 40.77 -80.62
C THR C 71 -11.88 41.98 -80.01
N LEU C 72 -11.33 42.47 -78.90
CA LEU C 72 -11.78 43.73 -78.29
C LEU C 72 -10.52 44.42 -77.77
N GLN C 73 -9.92 45.26 -78.61
CA GLN C 73 -8.70 45.95 -78.22
C GLN C 73 -9.01 47.02 -77.18
N TYR C 74 -8.25 47.02 -76.09
CA TYR C 74 -8.34 48.07 -75.11
C TYR C 74 -7.43 49.22 -75.52
N THR C 75 -7.86 50.45 -75.24
CA THR C 75 -7.09 51.62 -75.65
C THR C 75 -7.27 52.72 -74.62
N SER C 76 -6.15 53.26 -74.15
CA SER C 76 -6.16 54.40 -73.24
C SER C 76 -6.12 55.74 -73.94
N ASP C 77 -5.91 55.75 -75.26
CA ASP C 77 -5.97 56.99 -76.03
C ASP C 77 -7.42 57.47 -76.01
N LYS C 78 -7.67 58.58 -75.32
CA LYS C 78 -9.02 58.92 -74.89
C LYS C 78 -9.19 60.44 -74.86
N PRO C 79 -9.74 61.02 -75.92
CA PRO C 79 -10.13 62.43 -75.85
C PRO C 79 -11.28 62.62 -74.90
N PRO C 80 -11.40 63.79 -74.28
CA PRO C 80 -12.40 63.99 -73.20
C PRO C 80 -13.85 64.17 -73.67
N GLY C 81 -14.53 63.06 -73.88
CA GLY C 81 -15.97 63.06 -74.03
C GLY C 81 -16.44 62.38 -75.30
N PHE C 82 -17.77 62.25 -75.39
CA PHE C 82 -18.49 61.75 -76.57
C PHE C 82 -18.05 60.33 -76.93
N TYR C 83 -18.37 59.41 -76.02
CA TYR C 83 -18.11 57.99 -76.20
C TYR C 83 -19.42 57.21 -76.19
N ASN C 84 -19.50 56.20 -77.05
CA ASN C 84 -20.69 55.36 -77.13
C ASN C 84 -20.71 54.36 -75.99
N TRP C 85 -21.74 53.51 -75.98
CA TRP C 85 -22.10 52.78 -74.78
C TRP C 85 -23.16 51.76 -75.18
N HIS C 86 -23.42 50.79 -74.29
CA HIS C 86 -24.50 49.83 -74.52
C HIS C 86 -25.86 50.51 -74.61
N HIS C 87 -26.13 51.45 -73.72
CA HIS C 87 -27.45 52.09 -73.63
C HIS C 87 -27.52 53.42 -74.36
N GLY C 88 -26.54 54.29 -74.15
CA GLY C 88 -26.56 55.60 -74.77
C GLY C 88 -25.19 56.12 -75.15
N ALA C 89 -24.91 57.36 -74.76
CA ALA C 89 -23.61 57.98 -74.96
C ALA C 89 -23.09 58.48 -73.63
N VAL C 90 -21.83 58.19 -73.35
CA VAL C 90 -21.20 58.61 -72.10
C VAL C 90 -20.27 59.76 -72.38
N GLN C 91 -20.07 60.61 -71.36
CA GLN C 91 -19.27 61.81 -71.49
C GLN C 91 -18.13 61.78 -70.48
N TYR C 92 -16.94 62.21 -70.90
CA TYR C 92 -15.78 62.19 -70.04
C TYR C 92 -15.37 63.64 -69.77
N GLU C 93 -16.35 64.47 -69.48
CA GLU C 93 -16.07 65.85 -69.11
C GLU C 93 -15.43 65.92 -67.73
N ASN C 94 -14.46 66.82 -67.58
CA ASN C 94 -13.71 67.03 -66.34
C ASN C 94 -13.04 65.76 -65.83
N GLY C 95 -12.53 64.94 -66.75
CA GLY C 95 -11.83 63.73 -66.38
C GLY C 95 -12.65 62.65 -65.72
N ARG C 96 -13.98 62.74 -65.80
CA ARG C 96 -14.88 61.82 -65.11
C ARG C 96 -15.92 61.31 -66.09
N PHE C 97 -16.17 60.01 -66.07
CA PHE C 97 -17.21 59.44 -66.91
C PHE C 97 -18.58 59.78 -66.35
N THR C 98 -19.45 60.33 -67.20
CA THR C 98 -20.75 60.83 -66.78
C THR C 98 -21.84 60.29 -67.68
N VAL C 99 -23.02 60.10 -67.09
CA VAL C 99 -24.20 59.52 -67.74
C VAL C 99 -25.41 60.33 -67.30
N PRO C 100 -26.45 60.50 -68.14
CA PRO C 100 -27.72 61.07 -67.66
C PRO C 100 -28.40 60.25 -66.58
N ARG C 101 -29.51 60.75 -66.02
CA ARG C 101 -30.16 60.11 -64.90
C ARG C 101 -30.77 58.77 -65.30
N GLY C 102 -31.03 57.95 -64.29
CA GLY C 102 -31.88 56.77 -64.44
C GLY C 102 -31.34 55.51 -65.06
N VAL C 103 -30.70 55.63 -66.22
CA VAL C 103 -30.29 54.45 -66.97
C VAL C 103 -29.13 53.74 -66.27
N GLY C 104 -29.22 52.41 -66.20
CA GLY C 104 -28.26 51.61 -65.47
C GLY C 104 -28.88 50.93 -64.26
N GLY C 105 -29.07 49.62 -64.33
CA GLY C 105 -29.67 48.88 -63.23
C GLY C 105 -29.00 47.54 -63.00
N LYS C 106 -29.56 46.73 -62.09
CA LYS C 106 -29.04 45.39 -61.85
C LYS C 106 -29.12 44.56 -63.12
N GLY C 107 -28.08 43.75 -63.33
CA GLY C 107 -27.88 43.09 -64.61
C GLY C 107 -27.02 43.85 -65.58
N ASP C 108 -26.57 45.05 -65.21
CA ASP C 108 -25.75 45.91 -66.05
C ASP C 108 -24.54 46.40 -65.29
N SER C 109 -23.80 45.48 -64.69
CA SER C 109 -22.63 45.83 -63.89
C SER C 109 -21.33 45.35 -64.52
N GLY C 110 -21.35 44.91 -65.77
CA GLY C 110 -20.15 44.39 -66.39
C GLY C 110 -19.96 44.67 -67.87
N ARG C 111 -20.62 45.71 -68.39
CA ARG C 111 -20.51 45.77 -69.84
C ARG C 111 -19.55 46.88 -70.25
N PRO C 112 -18.83 46.72 -71.35
CA PRO C 112 -17.78 47.69 -71.71
C PRO C 112 -18.32 48.99 -72.24
N ILE C 113 -17.50 50.03 -72.11
CA ILE C 113 -17.70 51.31 -72.79
C ILE C 113 -16.77 51.32 -73.99
N LEU C 114 -17.34 51.34 -75.18
CA LEU C 114 -16.54 51.25 -76.40
C LEU C 114 -16.07 52.62 -76.86
N ASP C 115 -15.22 52.61 -77.88
CA ASP C 115 -14.68 53.82 -78.48
C ASP C 115 -15.50 54.16 -79.72
N ASN C 116 -15.04 55.19 -80.46
CA ASN C 116 -15.63 55.49 -81.75
C ASN C 116 -15.20 54.50 -82.82
N ARG C 117 -14.15 53.72 -82.57
CA ARG C 117 -13.63 52.75 -83.53
C ARG C 117 -13.73 51.33 -82.99
N GLY C 118 -14.69 51.08 -82.11
CA GLY C 118 -14.91 49.75 -81.56
C GLY C 118 -13.81 49.23 -80.68
N ARG C 119 -13.24 50.08 -79.82
CA ARG C 119 -12.18 49.70 -78.91
C ARG C 119 -12.67 49.88 -77.47
N VAL C 120 -12.43 48.87 -76.63
CA VAL C 120 -12.89 48.93 -75.26
C VAL C 120 -12.06 49.97 -74.50
N VAL C 121 -12.75 50.87 -73.80
CA VAL C 121 -12.10 51.93 -73.05
C VAL C 121 -12.31 51.77 -71.55
N ALA C 122 -13.48 51.32 -71.14
CA ALA C 122 -13.84 51.25 -69.74
C ALA C 122 -14.72 50.04 -69.49
N ILE C 123 -14.66 49.53 -68.26
CA ILE C 123 -15.51 48.41 -67.82
C ILE C 123 -16.24 48.89 -66.56
N VAL C 124 -17.55 49.13 -66.69
CA VAL C 124 -18.31 49.78 -65.62
C VAL C 124 -18.49 48.83 -64.45
N LEU C 125 -18.51 49.39 -63.25
CA LEU C 125 -18.67 48.60 -62.03
C LEU C 125 -19.76 49.12 -61.11
N GLY C 126 -19.91 50.43 -60.97
CA GLY C 126 -20.92 50.96 -60.08
C GLY C 126 -21.12 52.44 -60.36
N GLY C 127 -21.97 53.08 -59.56
CA GLY C 127 -22.24 54.48 -59.79
C GLY C 127 -22.83 55.18 -58.58
N ALA C 128 -22.85 56.51 -58.66
CA ALA C 128 -23.40 57.36 -57.61
C ALA C 128 -24.11 58.54 -58.24
N ASN C 129 -25.23 58.92 -57.65
CA ASN C 129 -26.07 60.02 -58.15
C ASN C 129 -25.88 61.22 -57.22
N GLU C 130 -25.04 62.16 -57.63
CA GLU C 130 -24.75 63.36 -56.84
C GLU C 130 -24.17 64.41 -57.77
N GLY C 131 -23.88 65.58 -57.21
CA GLY C 131 -23.28 66.67 -57.97
C GLY C 131 -24.22 67.21 -59.03
N THR C 132 -23.63 67.72 -60.11
CA THR C 132 -24.44 68.21 -61.23
C THR C 132 -25.07 67.05 -61.98
N ARG C 133 -24.31 65.98 -62.23
CA ARG C 133 -24.85 64.82 -62.92
C ARG C 133 -24.11 63.58 -62.43
N THR C 134 -24.80 62.43 -62.48
CA THR C 134 -24.32 61.22 -61.83
C THR C 134 -23.04 60.71 -62.47
N ALA C 135 -22.25 59.98 -61.68
CA ALA C 135 -20.93 59.53 -62.10
C ALA C 135 -20.77 58.05 -61.81
N LEU C 136 -19.71 57.47 -62.38
CA LEU C 136 -19.53 56.02 -62.44
C LEU C 136 -18.18 55.62 -61.84
N SER C 137 -18.21 54.61 -60.98
CA SER C 137 -17.00 53.91 -60.58
C SER C 137 -16.71 52.82 -61.60
N VAL C 138 -15.51 52.87 -62.17
CA VAL C 138 -15.20 52.18 -63.41
C VAL C 138 -13.70 51.90 -63.45
N VAL C 139 -13.34 50.78 -64.05
CA VAL C 139 -11.94 50.41 -64.22
C VAL C 139 -11.51 50.76 -65.64
N THR C 140 -10.44 51.54 -65.76
CA THR C 140 -9.96 52.08 -67.02
C THR C 140 -8.45 51.93 -67.07
N TRP C 141 -7.83 52.60 -68.03
CA TRP C 141 -6.39 52.61 -68.19
C TRP C 141 -5.91 54.06 -68.21
N ASN C 142 -4.85 54.34 -67.47
CA ASN C 142 -4.37 55.71 -67.31
C ASN C 142 -3.53 56.12 -68.52
N GLN C 143 -2.85 57.26 -68.41
CA GLN C 143 -2.01 57.73 -69.50
C GLN C 143 -0.83 56.79 -69.74
N LYS C 144 -0.22 56.29 -68.67
CA LYS C 144 0.90 55.37 -68.81
C LYS C 144 0.46 53.99 -69.29
N GLY C 145 -0.83 53.67 -69.17
CA GLY C 145 -1.34 52.40 -69.64
C GLY C 145 -1.53 51.33 -68.58
N VAL C 146 -1.39 51.67 -67.31
CA VAL C 146 -1.59 50.69 -66.24
C VAL C 146 -3.04 50.77 -65.79
N THR C 147 -3.58 49.63 -65.39
CA THR C 147 -4.98 49.53 -64.98
C THR C 147 -5.25 50.38 -63.75
N ILE C 148 -6.28 51.23 -63.81
CA ILE C 148 -6.57 52.20 -62.78
C ILE C 148 -8.08 52.14 -62.49
N LYS C 149 -8.46 52.56 -61.29
CA LYS C 149 -9.84 52.62 -60.86
C LYS C 149 -10.25 54.06 -60.62
N ASP C 150 -11.44 54.44 -61.08
CA ASP C 150 -12.00 55.76 -60.84
C ASP C 150 -13.34 55.60 -60.16
N THR C 151 -13.45 56.12 -58.93
CA THR C 151 -14.64 55.84 -58.13
C THR C 151 -15.14 57.10 -57.42
N PRO C 152 -16.41 57.46 -57.61
CA PRO C 152 -16.98 58.60 -56.89
C PRO C 152 -17.20 58.31 -55.41
N GLU C 153 -17.77 59.27 -54.69
CA GLU C 153 -18.14 59.03 -53.29
C GLU C 153 -19.50 58.37 -53.24
N GLY C 154 -19.63 57.38 -52.36
CA GLY C 154 -20.89 56.65 -52.21
C GLY C 154 -21.33 55.93 -53.46
N SER C 155 -20.38 55.34 -54.19
CA SER C 155 -20.67 54.71 -55.48
C SER C 155 -20.96 53.23 -55.26
N GLU C 156 -22.19 52.95 -54.84
CA GLU C 156 -22.64 51.57 -54.72
C GLU C 156 -22.89 50.98 -56.11
N PRO C 157 -22.65 49.69 -56.29
CA PRO C 157 -22.94 49.06 -57.58
C PRO C 157 -24.44 49.04 -57.83
N TRP C 158 -24.87 49.67 -58.92
CA TRP C 158 -26.28 49.62 -59.28
C TRP C 158 -26.69 48.21 -59.69
N PHE D 1 41.04 -52.98 -54.70
CA PHE D 1 39.96 -52.40 -55.50
C PHE D 1 39.35 -51.19 -54.81
N GLU D 2 39.45 -50.04 -55.47
CA GLU D 2 38.86 -48.81 -54.96
C GLU D 2 37.34 -48.93 -54.89
N HIS D 3 36.76 -48.52 -53.77
CA HIS D 3 35.31 -48.35 -53.70
C HIS D 3 34.99 -47.17 -52.79
N ALA D 4 34.24 -46.20 -53.31
CA ALA D 4 33.91 -45.00 -52.57
C ALA D 4 32.45 -45.08 -52.11
N THR D 5 32.24 -44.96 -50.81
CA THR D 5 30.93 -44.92 -50.19
C THR D 5 30.81 -43.66 -49.36
N THR D 6 29.59 -43.33 -48.96
CA THR D 6 29.30 -42.20 -48.08
C THR D 6 28.39 -42.73 -46.98
N VAL D 7 28.97 -43.16 -45.87
CA VAL D 7 28.20 -43.79 -44.80
C VAL D 7 27.56 -42.70 -43.94
N PRO D 8 26.46 -42.98 -43.26
CA PRO D 8 26.01 -42.08 -42.19
C PRO D 8 26.90 -42.24 -40.96
N ASN D 9 26.84 -41.25 -40.09
CA ASN D 9 27.71 -41.21 -38.92
C ASN D 9 27.05 -41.89 -37.73
N VAL D 10 25.88 -42.49 -37.91
CA VAL D 10 25.10 -42.98 -36.78
C VAL D 10 25.73 -44.29 -36.27
N PRO D 11 26.08 -44.37 -34.99
CA PRO D 11 26.53 -45.66 -34.44
C PRO D 11 25.41 -46.69 -34.49
N GLY D 12 25.79 -47.94 -34.72
CA GLY D 12 24.80 -48.95 -35.03
C GLY D 12 24.24 -48.74 -36.43
N ILE D 13 23.04 -49.27 -36.63
CA ILE D 13 22.26 -49.31 -37.89
C ILE D 13 23.18 -49.62 -39.07
N PRO D 14 23.57 -50.88 -39.25
CA PRO D 14 24.60 -51.24 -40.24
C PRO D 14 24.27 -50.77 -41.65
N TYR D 15 25.27 -50.20 -42.32
CA TYR D 15 25.12 -49.67 -43.67
C TYR D 15 25.66 -50.71 -44.65
N LYS D 16 24.87 -51.00 -45.67
CA LYS D 16 25.18 -52.09 -46.58
C LYS D 16 25.40 -51.57 -47.99
N ALA D 17 26.35 -52.20 -48.68
CA ALA D 17 26.63 -51.87 -50.08
C ALA D 17 27.05 -53.14 -50.80
N LEU D 18 26.96 -53.08 -52.12
CA LEU D 18 27.36 -54.19 -52.99
C LEU D 18 28.46 -53.68 -53.90
N VAL D 19 29.66 -54.25 -53.80
CA VAL D 19 30.73 -53.92 -54.73
C VAL D 19 30.65 -54.88 -55.91
N GLU D 20 30.69 -54.32 -57.12
CA GLU D 20 30.50 -55.09 -58.34
C GLU D 20 31.57 -54.65 -59.34
N ARG D 21 32.65 -55.42 -59.41
CA ARG D 21 33.66 -55.22 -60.42
C ARG D 21 33.45 -56.21 -61.56
N ALA D 22 33.85 -55.80 -62.76
CA ALA D 22 33.62 -56.59 -63.95
C ALA D 22 34.44 -57.88 -63.91
N GLY D 23 33.81 -58.98 -64.33
CA GLY D 23 34.46 -60.27 -64.35
C GLY D 23 34.51 -60.98 -63.02
N TYR D 24 33.91 -60.42 -61.97
CA TYR D 24 33.92 -61.02 -60.65
C TYR D 24 32.51 -61.00 -60.07
N ALA D 25 32.30 -61.81 -59.04
CA ALA D 25 31.00 -61.89 -58.41
C ALA D 25 30.72 -60.62 -57.61
N PRO D 26 29.44 -60.24 -57.47
CA PRO D 26 29.10 -59.17 -56.54
C PRO D 26 29.42 -59.57 -55.11
N LEU D 27 30.04 -58.64 -54.38
CA LEU D 27 30.53 -58.93 -53.03
C LEU D 27 29.87 -57.96 -52.06
N ASN D 28 29.37 -58.50 -50.95
CA ASN D 28 28.73 -57.67 -49.94
C ASN D 28 29.78 -56.86 -49.20
N LEU D 29 29.37 -55.70 -48.71
CA LEU D 29 30.26 -54.80 -47.98
C LEU D 29 29.43 -54.09 -46.92
N GLU D 30 29.59 -54.50 -45.67
CA GLU D 30 28.88 -53.90 -44.56
C GLU D 30 29.82 -53.05 -43.73
N ILE D 31 29.38 -51.82 -43.42
CA ILE D 31 30.12 -50.85 -42.63
C ILE D 31 29.26 -50.47 -41.42
N THR D 32 29.84 -50.52 -40.23
CA THR D 32 29.20 -50.05 -39.02
C THR D 32 30.17 -49.17 -38.26
N VAL D 33 29.73 -47.96 -37.91
CA VAL D 33 30.47 -47.09 -37.00
C VAL D 33 30.21 -47.61 -35.59
N VAL D 34 31.13 -48.41 -35.05
CA VAL D 34 30.91 -48.94 -33.72
C VAL D 34 31.18 -47.88 -32.65
N SER D 35 32.07 -46.94 -32.93
CA SER D 35 32.41 -45.90 -31.97
C SER D 35 32.97 -44.69 -32.71
N SER D 36 32.64 -43.51 -32.21
CA SER D 36 33.19 -42.26 -32.73
C SER D 36 33.72 -41.47 -31.55
N GLU D 37 34.83 -40.74 -31.77
CA GLU D 37 35.45 -39.93 -30.73
C GLU D 37 35.89 -38.62 -31.36
N LEU D 38 35.13 -37.55 -31.09
CA LEU D 38 35.47 -36.21 -31.56
C LEU D 38 36.30 -35.56 -30.46
N THR D 39 37.62 -35.47 -30.68
CA THR D 39 38.55 -35.02 -29.65
C THR D 39 39.12 -33.65 -30.02
N PRO D 40 38.86 -32.61 -29.24
CA PRO D 40 39.45 -31.30 -29.52
C PRO D 40 40.86 -31.17 -28.96
N SER D 41 41.57 -30.19 -29.50
CA SER D 41 42.88 -29.82 -28.99
C SER D 41 42.70 -28.73 -27.93
N THR D 42 43.09 -29.02 -26.70
CA THR D 42 42.82 -28.17 -25.56
C THR D 42 44.12 -27.59 -25.00
N ASN D 43 44.07 -26.33 -24.61
CA ASN D 43 45.18 -25.67 -23.95
C ASN D 43 44.77 -25.30 -22.53
N LYS D 44 45.55 -25.74 -21.56
CA LYS D 44 45.24 -25.47 -20.16
C LYS D 44 45.53 -24.02 -19.84
N GLU D 45 44.50 -23.29 -19.43
CA GLU D 45 44.64 -21.86 -19.21
C GLU D 45 45.03 -21.58 -17.75
N TYR D 46 44.23 -22.06 -16.80
CA TYR D 46 44.61 -22.07 -15.40
C TYR D 46 43.75 -23.09 -14.65
N VAL D 47 43.95 -23.15 -13.34
CA VAL D 47 43.11 -23.91 -12.43
C VAL D 47 42.61 -22.96 -11.35
N THR D 48 41.47 -23.32 -10.75
CA THR D 48 40.89 -22.49 -9.71
C THR D 48 40.10 -23.38 -8.75
N CYS D 49 39.91 -22.86 -7.55
CA CYS D 49 39.10 -23.51 -6.52
C CYS D 49 38.77 -22.48 -5.45
N LYS D 50 38.18 -22.95 -4.35
CA LYS D 50 37.96 -22.09 -3.19
C LYS D 50 39.29 -21.75 -2.55
N PHE D 51 39.44 -20.51 -2.10
CA PHE D 51 40.70 -20.07 -1.51
C PHE D 51 40.65 -20.17 0.01
N HIS D 52 41.83 -20.04 0.62
CA HIS D 52 41.98 -20.21 2.06
C HIS D 52 41.98 -18.90 2.84
N THR D 53 42.33 -17.79 2.19
CA THR D 53 42.49 -16.45 2.76
C THR D 53 43.13 -16.47 4.16
N VAL D 54 44.35 -17.01 4.20
CA VAL D 54 45.05 -17.15 5.46
C VAL D 54 45.55 -15.79 5.95
N ILE D 55 45.42 -15.57 7.25
CA ILE D 55 45.82 -14.34 7.90
C ILE D 55 47.06 -14.66 8.75
N PRO D 56 48.22 -14.12 8.42
CA PRO D 56 49.41 -14.38 9.24
C PRO D 56 49.29 -13.74 10.61
N SER D 57 50.13 -14.21 11.51
CA SER D 57 50.18 -13.65 12.86
C SER D 57 50.66 -12.21 12.77
N PRO D 58 49.90 -11.24 13.28
CA PRO D 58 50.28 -9.84 13.12
C PRO D 58 51.52 -9.46 13.92
N GLN D 59 52.24 -8.47 13.41
CA GLN D 59 53.48 -8.01 13.99
C GLN D 59 53.26 -6.61 14.55
N VAL D 60 53.59 -6.42 15.83
CA VAL D 60 53.47 -5.13 16.46
C VAL D 60 54.86 -4.61 16.82
N LYS D 61 55.06 -3.32 16.62
CA LYS D 61 56.27 -2.62 17.05
C LYS D 61 55.81 -1.42 17.86
N CYS D 62 56.10 -1.41 19.14
CA CYS D 62 55.61 -0.38 20.04
C CYS D 62 56.71 0.64 20.34
N CYS D 63 56.35 1.92 20.20
CA CYS D 63 57.31 3.01 20.00
C CYS D 63 58.29 2.67 18.87
N GLY D 64 57.72 2.54 17.68
CA GLY D 64 58.48 2.27 16.47
C GLY D 64 57.57 2.35 15.26
N SER D 65 58.17 2.18 14.09
CA SER D 65 57.46 2.18 12.82
C SER D 65 57.78 0.90 12.06
N LEU D 66 56.76 0.29 11.46
CA LEU D 66 56.88 -1.03 10.88
C LEU D 66 56.23 -1.07 9.49
N GLU D 67 56.65 -0.15 8.63
CA GLU D 67 56.19 -0.19 7.24
C GLU D 67 56.68 -1.48 6.56
N CYS D 68 55.86 -2.02 5.68
CA CYS D 68 56.09 -3.32 5.08
C CYS D 68 56.36 -3.22 3.59
N LYS D 69 57.25 -4.08 3.11
CA LYS D 69 57.57 -4.16 1.70
C LYS D 69 56.55 -5.01 0.97
N ALA D 70 56.66 -5.04 -0.36
CA ALA D 70 55.77 -5.84 -1.17
C ALA D 70 56.13 -7.31 -1.09
N SER D 71 55.20 -8.16 -1.54
CA SER D 71 55.40 -9.60 -1.54
C SER D 71 54.80 -10.19 -2.80
N SER D 72 55.26 -11.39 -3.15
CA SER D 72 54.79 -12.10 -4.33
C SER D 72 53.60 -13.01 -4.05
N LYS D 73 53.09 -13.01 -2.82
CA LYS D 73 51.95 -13.85 -2.47
C LYS D 73 50.70 -13.38 -3.20
N ALA D 74 49.78 -14.31 -3.42
CA ALA D 74 48.55 -14.01 -4.14
C ALA D 74 47.68 -13.09 -3.30
N ASP D 75 47.34 -11.92 -3.86
CA ASP D 75 46.50 -10.91 -3.22
C ASP D 75 47.09 -10.46 -1.88
N TYR D 76 48.35 -10.03 -1.93
CA TYR D 76 49.05 -9.54 -0.75
C TYR D 76 48.51 -8.17 -0.37
N THR D 77 47.75 -8.11 0.71
CA THR D 77 47.27 -6.85 1.27
C THR D 77 47.97 -6.61 2.60
N CYS D 78 48.72 -5.52 2.68
CA CYS D 78 49.49 -5.16 3.86
C CYS D 78 49.09 -3.75 4.26
N ARG D 79 48.82 -3.55 5.54
CA ARG D 79 48.41 -2.22 5.99
C ARG D 79 48.95 -1.97 7.39
N VAL D 80 49.22 -0.69 7.67
CA VAL D 80 49.92 -0.26 8.87
C VAL D 80 48.97 0.56 9.72
N PHE D 81 48.87 0.23 11.01
CA PHE D 81 48.01 0.95 11.94
C PHE D 81 48.85 1.52 13.07
N GLY D 82 48.51 2.72 13.53
CA GLY D 82 49.41 3.45 14.41
C GLY D 82 48.96 3.72 15.83
N GLY D 83 47.77 3.26 16.21
CA GLY D 83 47.28 3.56 17.55
C GLY D 83 46.82 2.34 18.32
N VAL D 84 47.54 1.25 18.18
CA VAL D 84 47.12 -0.03 18.75
C VAL D 84 47.69 -0.20 20.14
N TYR D 85 46.89 -0.82 21.02
CA TYR D 85 47.35 -1.24 22.34
C TYR D 85 46.88 -2.68 22.54
N PRO D 86 47.58 -3.64 21.93
CA PRO D 86 47.08 -5.01 21.90
C PRO D 86 47.17 -5.70 23.25
N PHE D 87 46.33 -6.71 23.43
CA PHE D 87 46.26 -7.51 24.63
C PHE D 87 46.27 -8.99 24.27
N MET D 88 46.72 -9.81 25.21
CA MET D 88 46.44 -11.23 25.19
C MET D 88 45.98 -11.70 26.57
N TRP D 89 45.93 -13.02 26.75
CA TRP D 89 45.75 -13.58 28.07
C TRP D 89 47.02 -13.36 28.86
N GLY D 90 47.08 -12.25 29.60
CA GLY D 90 48.31 -11.84 30.22
C GLY D 90 48.50 -10.33 30.20
N GLY D 91 47.54 -9.62 29.62
CA GLY D 91 47.55 -8.18 29.66
C GLY D 91 48.12 -7.51 28.43
N ALA D 92 48.67 -6.31 28.61
CA ALA D 92 49.20 -5.53 27.50
C ALA D 92 50.41 -6.21 26.88
N GLN D 93 50.63 -5.94 25.60
CA GLN D 93 51.61 -6.73 24.87
C GLN D 93 53.03 -6.16 24.95
N CYS D 94 53.21 -4.85 24.89
CA CYS D 94 54.51 -4.31 25.28
C CYS D 94 54.31 -2.92 25.89
N PHE D 95 55.40 -2.17 25.98
CA PHE D 95 55.56 -1.11 26.96
C PHE D 95 54.90 0.20 26.54
N CYS D 96 54.89 0.49 25.25
CA CYS D 96 54.73 1.86 24.78
C CYS D 96 53.24 2.18 24.70
N ASP D 97 52.87 3.35 25.23
CA ASP D 97 51.47 3.62 25.53
C ASP D 97 50.66 3.93 24.28
N SER D 98 51.02 4.99 23.55
CA SER D 98 50.18 5.50 22.47
C SER D 98 50.77 5.28 21.09
N GLU D 99 51.99 5.73 20.85
CA GLU D 99 52.55 5.71 19.50
C GLU D 99 53.08 4.31 19.25
N ASN D 100 52.23 3.47 18.69
CA ASN D 100 52.54 2.08 18.39
C ASN D 100 52.40 1.85 16.89
N THR D 101 52.62 0.62 16.45
CA THR D 101 52.23 0.25 15.10
C THR D 101 51.98 -1.25 15.03
N GLN D 102 51.01 -1.62 14.20
CA GLN D 102 50.62 -2.99 13.95
C GLN D 102 50.59 -3.21 12.44
N LEU D 103 51.07 -4.36 12.01
CA LEU D 103 51.20 -4.71 10.61
C LEU D 103 50.17 -5.77 10.26
N SER D 104 49.01 -5.34 9.76
CA SER D 104 47.99 -6.29 9.35
C SER D 104 48.33 -6.82 7.96
N GLU D 105 48.38 -8.14 7.85
CA GLU D 105 48.78 -8.82 6.63
C GLU D 105 47.70 -9.81 6.24
N ALA D 106 47.45 -9.93 4.94
CA ALA D 106 46.41 -10.83 4.45
C ALA D 106 46.76 -11.26 3.03
N TYR D 107 47.04 -12.54 2.83
CA TYR D 107 47.25 -13.06 1.49
C TYR D 107 46.39 -14.29 1.30
N VAL D 108 46.41 -14.82 0.08
CA VAL D 108 45.48 -15.84 -0.40
C VAL D 108 46.28 -17.03 -0.89
N GLU D 109 45.90 -18.23 -0.42
CA GLU D 109 46.51 -19.46 -0.87
C GLU D 109 45.41 -20.48 -1.18
N PHE D 110 45.82 -21.59 -1.80
CA PHE D 110 44.87 -22.63 -2.19
C PHE D 110 44.37 -23.38 -0.96
N ALA D 111 43.13 -23.84 -1.03
CA ALA D 111 42.57 -24.64 0.04
C ALA D 111 43.21 -26.02 0.05
N PRO D 112 43.25 -26.70 1.20
CA PRO D 112 43.84 -28.05 1.25
C PRO D 112 43.15 -29.08 0.37
N ASP D 113 41.86 -28.92 0.11
CA ASP D 113 41.08 -29.90 -0.64
C ASP D 113 40.87 -29.50 -2.10
N CYS D 114 41.82 -28.75 -2.67
CA CYS D 114 41.76 -28.40 -4.07
C CYS D 114 42.44 -29.41 -4.98
N THR D 115 43.00 -30.48 -4.41
CA THR D 115 43.49 -31.56 -5.25
C THR D 115 42.35 -32.24 -5.99
N ILE D 116 41.19 -32.33 -5.35
CA ILE D 116 40.02 -32.96 -5.94
C ILE D 116 39.04 -31.90 -6.43
N ASP D 117 38.60 -31.03 -5.52
CA ASP D 117 37.58 -30.03 -5.82
C ASP D 117 38.24 -28.80 -6.45
N HIS D 118 38.46 -28.89 -7.76
CA HIS D 118 39.04 -27.79 -8.51
C HIS D 118 38.53 -27.82 -9.94
N ALA D 119 38.64 -26.68 -10.61
CA ALA D 119 38.18 -26.51 -11.97
C ALA D 119 39.34 -26.11 -12.86
N VAL D 120 39.41 -26.73 -14.03
CA VAL D 120 40.44 -26.46 -15.03
C VAL D 120 39.80 -25.67 -16.16
N ALA D 121 40.39 -24.52 -16.49
CA ALA D 121 39.93 -23.69 -17.59
C ALA D 121 40.72 -24.04 -18.85
N LEU D 122 40.02 -24.31 -19.94
CA LEU D 122 40.63 -24.78 -21.16
C LEU D 122 40.13 -23.96 -22.35
N LYS D 123 41.04 -23.66 -23.27
CA LYS D 123 40.68 -23.12 -24.56
C LYS D 123 40.81 -24.24 -25.59
N VAL D 124 39.70 -24.58 -26.24
CA VAL D 124 39.68 -25.63 -27.22
C VAL D 124 39.76 -25.01 -28.61
N HIS D 125 40.00 -25.86 -29.61
CA HIS D 125 40.22 -25.41 -30.98
C HIS D 125 39.47 -26.37 -31.88
N THR D 126 39.82 -26.40 -33.17
CA THR D 126 39.21 -27.34 -34.09
C THR D 126 39.45 -28.77 -33.63
N ALA D 127 38.42 -29.60 -33.80
CA ALA D 127 38.37 -30.91 -33.15
C ALA D 127 38.44 -32.01 -34.20
N ALA D 128 39.42 -32.90 -34.03
CA ALA D 128 39.56 -34.04 -34.92
C ALA D 128 38.64 -35.16 -34.49
N LEU D 129 38.24 -36.00 -35.45
CA LEU D 129 37.28 -37.06 -35.20
C LEU D 129 37.89 -38.40 -35.58
N LYS D 130 37.63 -39.40 -34.75
CA LYS D 130 38.14 -40.76 -34.92
C LYS D 130 36.97 -41.74 -34.89
N VAL D 131 36.94 -42.65 -35.85
CA VAL D 131 35.83 -43.61 -35.98
C VAL D 131 36.40 -45.02 -35.91
N GLY D 132 35.79 -45.86 -35.07
CA GLY D 132 36.00 -47.29 -35.15
C GLY D 132 34.98 -47.90 -36.07
N LEU D 133 35.46 -48.72 -37.01
CA LEU D 133 34.64 -49.34 -38.03
C LEU D 133 34.68 -50.84 -37.89
N ARG D 134 33.50 -51.45 -37.85
CA ARG D 134 33.31 -52.88 -38.08
C ARG D 134 32.86 -53.03 -39.53
N ILE D 135 33.76 -53.46 -40.40
CA ILE D 135 33.42 -53.66 -41.80
C ILE D 135 33.63 -55.13 -42.15
N VAL D 136 32.61 -55.75 -42.72
CA VAL D 136 32.67 -57.15 -43.10
C VAL D 136 32.48 -57.24 -44.60
N TYR D 137 33.18 -58.20 -45.20
CA TYR D 137 33.21 -58.41 -46.63
C TYR D 137 33.44 -59.89 -46.88
N GLY D 138 32.56 -60.49 -47.68
CA GLY D 138 32.57 -61.93 -47.83
C GLY D 138 32.27 -62.59 -46.51
N ASN D 139 33.20 -63.43 -46.06
CA ASN D 139 33.13 -64.04 -44.74
C ASN D 139 34.22 -63.52 -43.82
N THR D 140 34.75 -62.32 -44.10
CA THR D 140 35.85 -61.75 -43.35
C THR D 140 35.37 -60.51 -42.60
N THR D 141 35.76 -60.42 -41.33
CA THR D 141 35.37 -59.33 -40.44
C THR D 141 36.60 -58.52 -40.07
N ALA D 142 36.51 -57.20 -40.19
CA ALA D 142 37.63 -56.33 -39.87
C ALA D 142 37.18 -55.23 -38.92
N HIS D 143 37.85 -55.12 -37.78
CA HIS D 143 37.67 -54.03 -36.84
C HIS D 143 38.87 -53.11 -36.96
N LEU D 144 38.62 -51.82 -37.16
CA LEU D 144 39.75 -50.91 -37.33
C LEU D 144 39.39 -49.50 -36.87
N ASP D 145 40.33 -48.84 -36.21
CA ASP D 145 40.16 -47.48 -35.75
C ASP D 145 40.90 -46.54 -36.71
N THR D 146 40.18 -45.60 -37.30
CA THR D 146 40.75 -44.70 -38.29
C THR D 146 40.43 -43.25 -37.91
N PHE D 147 41.21 -42.34 -38.47
CA PHE D 147 40.90 -40.92 -38.40
C PHE D 147 40.04 -40.54 -39.59
N VAL D 148 39.29 -39.45 -39.44
CA VAL D 148 38.33 -39.03 -40.45
C VAL D 148 38.89 -37.69 -40.93
N ASN D 149 40.21 -37.57 -40.90
CA ASN D 149 40.87 -36.38 -41.41
C ASN D 149 40.95 -36.37 -42.94
N GLY D 150 41.05 -37.54 -43.56
CA GLY D 150 41.03 -37.66 -45.00
C GLY D 150 42.32 -38.15 -45.63
N VAL D 151 43.40 -38.30 -44.88
CA VAL D 151 44.67 -38.72 -45.47
C VAL D 151 45.23 -39.99 -44.84
N THR D 152 44.78 -40.41 -43.66
CA THR D 152 45.51 -41.52 -43.07
C THR D 152 44.68 -42.80 -43.05
N PRO D 153 45.32 -43.96 -43.27
CA PRO D 153 44.57 -45.23 -43.28
C PRO D 153 44.51 -45.94 -41.94
N GLY D 154 43.80 -47.08 -41.93
CA GLY D 154 43.82 -47.99 -40.80
C GLY D 154 44.48 -49.31 -41.21
N SER D 155 45.09 -49.98 -40.24
CA SER D 155 45.88 -51.17 -40.52
C SER D 155 45.05 -52.32 -41.08
N SER D 156 44.16 -52.89 -40.25
CA SER D 156 43.16 -53.89 -40.66
C SER D 156 43.77 -55.06 -41.43
N ARG D 157 44.97 -55.49 -41.00
CA ARG D 157 45.74 -56.55 -41.66
C ARG D 157 45.98 -56.24 -43.13
N ASP D 158 45.20 -56.86 -44.02
CA ASP D 158 45.38 -56.73 -45.45
C ASP D 158 44.39 -55.76 -46.10
N LEU D 159 43.70 -54.96 -45.31
CA LEU D 159 42.64 -54.08 -45.78
C LEU D 159 42.95 -52.64 -45.44
N LYS D 160 42.69 -51.75 -46.38
CA LYS D 160 43.06 -50.35 -46.24
C LYS D 160 41.86 -49.48 -46.57
N VAL D 161 41.55 -48.53 -45.68
CA VAL D 161 40.45 -47.61 -45.89
C VAL D 161 40.96 -46.19 -45.69
N ILE D 162 40.23 -45.23 -46.26
CA ILE D 162 40.46 -43.81 -46.03
C ILE D 162 39.11 -43.19 -45.68
N ALA D 163 39.01 -42.62 -44.48
CA ALA D 163 37.80 -41.91 -44.07
C ALA D 163 37.99 -40.44 -44.42
N GLY D 164 37.25 -39.97 -45.43
CA GLY D 164 37.42 -38.64 -45.93
C GLY D 164 36.88 -37.61 -44.97
N PRO D 165 37.01 -36.33 -45.36
CA PRO D 165 36.55 -35.26 -44.47
C PRO D 165 35.05 -35.31 -44.25
N ILE D 166 34.64 -35.07 -43.01
CA ILE D 166 33.24 -35.18 -42.64
C ILE D 166 32.47 -34.00 -43.24
N SER D 167 31.18 -34.21 -43.50
CA SER D 167 30.40 -33.25 -44.28
C SER D 167 30.27 -31.91 -43.56
N ALA D 168 30.08 -31.92 -42.25
CA ALA D 168 29.97 -30.70 -41.47
C ALA D 168 30.84 -30.82 -40.24
N ALA D 169 31.31 -29.69 -39.73
CA ALA D 169 32.06 -29.66 -38.48
C ALA D 169 31.14 -29.20 -37.36
N PHE D 170 31.06 -30.00 -36.29
CA PHE D 170 30.09 -29.75 -35.23
C PHE D 170 30.70 -29.02 -34.04
N SER D 171 31.72 -29.61 -33.40
CA SER D 171 32.42 -29.05 -32.24
C SER D 171 31.46 -28.66 -31.12
N PRO D 172 30.94 -29.62 -30.34
CA PRO D 172 30.00 -29.28 -29.27
C PRO D 172 30.58 -28.39 -28.19
N PHE D 173 31.90 -28.35 -28.04
CA PHE D 173 32.53 -27.50 -27.05
C PHE D 173 32.72 -26.10 -27.61
N ASP D 174 32.30 -25.10 -26.83
CA ASP D 174 32.60 -23.72 -27.18
C ASP D 174 34.08 -23.44 -26.89
N HIS D 175 34.54 -22.26 -27.32
CA HIS D 175 35.97 -21.96 -27.31
C HIS D 175 36.55 -21.94 -25.90
N LYS D 176 35.72 -21.68 -24.89
CA LYS D 176 36.15 -21.73 -23.50
C LYS D 176 35.35 -22.78 -22.75
N VAL D 177 36.06 -23.69 -22.08
CA VAL D 177 35.47 -24.85 -21.41
C VAL D 177 36.01 -24.89 -19.97
N VAL D 178 35.14 -25.23 -19.03
CA VAL D 178 35.54 -25.44 -17.64
C VAL D 178 35.25 -26.88 -17.28
N ILE D 179 36.26 -27.58 -16.77
CA ILE D 179 36.13 -28.97 -16.36
C ILE D 179 36.21 -29.04 -14.85
N ARG D 180 35.18 -29.63 -14.23
CA ARG D 180 35.11 -29.82 -12.78
C ARG D 180 34.62 -31.23 -12.48
N LYS D 181 35.50 -32.07 -11.93
CA LYS D 181 35.13 -33.37 -11.37
C LYS D 181 34.44 -34.27 -12.38
N GLY D 182 34.93 -34.25 -13.62
CA GLY D 182 34.32 -35.02 -14.67
C GLY D 182 33.13 -34.38 -15.35
N LEU D 183 32.87 -33.11 -15.07
CA LEU D 183 31.78 -32.37 -15.68
C LEU D 183 32.35 -31.26 -16.57
N VAL D 184 31.68 -31.02 -17.69
CA VAL D 184 32.15 -30.09 -18.71
C VAL D 184 31.12 -28.99 -18.88
N TYR D 185 31.56 -27.74 -18.76
CA TYR D 185 30.69 -26.58 -18.86
C TYR D 185 31.21 -25.64 -19.94
N ASN D 186 30.31 -25.11 -20.75
CA ASN D 186 30.65 -24.11 -21.76
C ASN D 186 30.58 -22.73 -21.10
N TYR D 187 31.63 -22.40 -20.37
CA TYR D 187 31.69 -21.17 -19.59
C TYR D 187 32.78 -20.26 -20.11
N ASP D 188 32.46 -18.98 -20.26
CA ASP D 188 33.41 -17.97 -20.74
C ASP D 188 34.18 -17.44 -19.54
N PHE D 189 35.27 -18.14 -19.20
CA PHE D 189 36.05 -17.70 -18.05
C PHE D 189 36.91 -16.50 -18.41
N PRO D 190 37.26 -15.68 -17.43
CA PRO D 190 38.20 -14.58 -17.69
C PRO D 190 39.59 -15.11 -18.00
N GLU D 191 40.36 -14.28 -18.72
CA GLU D 191 41.70 -14.63 -19.14
C GLU D 191 42.64 -14.70 -17.94
N TYR D 192 43.85 -15.20 -18.20
CA TYR D 192 44.86 -15.27 -17.16
C TYR D 192 45.31 -13.86 -16.78
N GLY D 193 45.23 -13.54 -15.49
CA GLY D 193 45.53 -12.22 -15.00
C GLY D 193 44.33 -11.29 -14.93
N ALA D 194 43.24 -11.62 -15.61
CA ALA D 194 42.05 -10.78 -15.63
C ALA D 194 41.05 -11.23 -14.56
N MET D 195 41.54 -11.30 -13.33
CA MET D 195 40.71 -11.72 -12.21
C MET D 195 39.65 -10.67 -11.90
N LYS D 196 38.52 -11.14 -11.37
CA LYS D 196 37.46 -10.26 -10.91
C LYS D 196 36.90 -10.88 -9.63
N PRO D 197 36.88 -10.14 -8.53
CA PRO D 197 36.39 -10.70 -7.26
C PRO D 197 34.91 -11.03 -7.31
N GLY D 198 34.54 -12.10 -6.62
CA GLY D 198 33.17 -12.55 -6.59
C GLY D 198 32.72 -13.33 -7.81
N ALA D 199 33.62 -13.63 -8.74
CA ALA D 199 33.28 -14.35 -9.95
C ALA D 199 34.26 -15.49 -10.14
N PHE D 200 33.95 -16.36 -11.10
CA PHE D 200 34.79 -17.51 -11.41
C PHE D 200 36.16 -17.05 -11.86
N GLY D 201 37.18 -17.52 -11.18
CA GLY D 201 38.53 -17.11 -11.47
C GLY D 201 39.03 -16.05 -10.52
N ASP D 202 38.63 -16.14 -9.25
CA ASP D 202 39.23 -15.29 -8.22
C ASP D 202 40.71 -15.62 -8.06
N ILE D 203 41.02 -16.90 -7.88
CA ILE D 203 42.39 -17.38 -7.71
C ILE D 203 42.76 -18.19 -8.95
N GLN D 204 43.95 -17.94 -9.48
CA GLN D 204 44.43 -18.61 -10.69
C GLN D 204 45.86 -19.06 -10.49
N ALA D 205 46.19 -20.19 -11.09
CA ALA D 205 47.55 -20.73 -11.08
C ALA D 205 47.70 -21.68 -12.26
N SER D 206 48.96 -21.86 -12.68
CA SER D 206 49.24 -22.79 -13.78
C SER D 206 48.98 -24.23 -13.36
N SER D 207 49.24 -24.56 -12.10
CA SER D 207 48.96 -25.89 -11.57
C SER D 207 48.61 -25.74 -10.09
N LEU D 208 48.21 -26.86 -9.49
CA LEU D 208 47.85 -26.83 -8.07
C LEU D 208 49.09 -26.69 -7.19
N ASP D 209 50.23 -27.19 -7.64
CA ASP D 209 51.47 -27.10 -6.88
C ASP D 209 52.33 -25.91 -7.28
N ALA D 210 51.83 -25.05 -8.16
CA ALA D 210 52.61 -23.91 -8.62
C ALA D 210 52.75 -22.87 -7.52
N THR D 211 53.93 -22.27 -7.43
CA THR D 211 54.19 -21.20 -6.48
C THR D 211 53.86 -19.82 -7.01
N ASP D 212 53.53 -19.70 -8.29
CA ASP D 212 53.16 -18.43 -8.91
C ASP D 212 51.64 -18.40 -8.99
N ILE D 213 51.00 -17.98 -7.90
CA ILE D 213 49.55 -17.94 -7.78
C ILE D 213 49.12 -16.48 -7.76
N VAL D 214 48.05 -16.18 -8.49
CA VAL D 214 47.52 -14.82 -8.56
C VAL D 214 46.08 -14.81 -8.05
N ALA D 215 45.69 -13.69 -7.45
CA ALA D 215 44.34 -13.54 -6.91
C ALA D 215 44.01 -12.06 -6.79
N ARG D 216 42.75 -11.72 -7.03
CA ARG D 216 42.28 -10.34 -6.93
C ARG D 216 40.95 -10.28 -6.17
N THR D 217 40.89 -10.95 -5.04
CA THR D 217 39.75 -10.77 -4.15
C THR D 217 39.80 -9.38 -3.52
N ASP D 218 38.65 -8.94 -3.00
CA ASP D 218 38.54 -7.59 -2.45
C ASP D 218 38.82 -7.67 -0.95
N ILE D 219 40.10 -7.78 -0.62
CA ILE D 219 40.55 -7.81 0.77
C ILE D 219 40.73 -6.38 1.25
N ARG D 220 39.99 -6.01 2.29
CA ARG D 220 40.20 -4.74 2.98
C ARG D 220 40.53 -5.04 4.44
N LEU D 221 41.64 -4.46 4.91
CA LEU D 221 42.09 -4.63 6.29
C LEU D 221 41.56 -3.47 7.11
N LEU D 222 40.59 -3.75 7.98
CA LEU D 222 40.00 -2.72 8.81
C LEU D 222 40.93 -2.36 9.97
N LYS D 223 40.65 -1.23 10.57
CA LYS D 223 41.43 -0.79 11.73
C LYS D 223 40.99 -1.55 12.97
N PRO D 224 41.91 -2.16 13.71
CA PRO D 224 41.54 -2.84 14.96
C PRO D 224 41.07 -1.84 16.01
N SER D 225 39.99 -2.21 16.70
CA SER D 225 39.41 -1.34 17.72
C SER D 225 38.97 -2.12 18.95
N VAL D 226 39.64 -3.24 19.23
CA VAL D 226 39.37 -4.06 20.40
C VAL D 226 40.63 -4.15 21.25
N LYS D 227 40.46 -4.60 22.49
CA LYS D 227 41.60 -4.76 23.39
C LYS D 227 42.56 -5.82 22.87
N ASN D 228 42.03 -6.95 22.41
CA ASN D 228 42.86 -8.05 21.93
C ASN D 228 43.58 -7.65 20.64
N ILE D 229 44.72 -8.30 20.40
CA ILE D 229 45.29 -8.29 19.06
C ILE D 229 44.35 -9.02 18.11
N HIS D 230 44.12 -8.40 16.96
CA HIS D 230 43.10 -8.88 16.04
C HIS D 230 43.39 -8.26 14.67
N VAL D 231 43.10 -9.03 13.62
CA VAL D 231 43.29 -8.54 12.26
C VAL D 231 41.92 -8.49 11.61
N PRO D 232 41.19 -7.37 11.73
CA PRO D 232 39.86 -7.30 11.11
C PRO D 232 39.94 -7.14 9.60
N TYR D 233 39.50 -8.15 8.87
CA TYR D 233 39.52 -8.12 7.43
C TYR D 233 38.14 -8.45 6.89
N THR D 234 37.79 -7.82 5.77
CA THR D 234 36.59 -8.13 5.02
C THR D 234 36.99 -8.52 3.60
N GLN D 235 36.22 -9.44 3.02
CA GLN D 235 36.62 -10.06 1.77
C GLN D 235 35.38 -10.41 0.96
N ALA D 236 35.56 -10.48 -0.36
CA ALA D 236 34.48 -10.90 -1.23
C ALA D 236 34.26 -12.40 -1.11
N VAL D 237 33.04 -12.82 -1.42
CA VAL D 237 32.71 -14.24 -1.41
C VAL D 237 33.46 -14.93 -2.54
N SER D 238 33.79 -16.20 -2.34
CA SER D 238 34.56 -16.95 -3.34
C SER D 238 33.73 -17.16 -4.59
N GLY D 239 34.28 -16.76 -5.74
CA GLY D 239 33.57 -16.91 -7.00
C GLY D 239 33.51 -18.33 -7.49
N TYR D 240 34.39 -19.20 -7.00
CA TYR D 240 34.26 -20.62 -7.28
C TYR D 240 32.98 -21.17 -6.66
N GLU D 241 32.68 -20.78 -5.41
CA GLU D 241 31.43 -21.18 -4.78
C GLU D 241 30.23 -20.59 -5.47
N MET D 242 30.32 -19.31 -5.89
CA MET D 242 29.22 -18.67 -6.58
C MET D 242 28.96 -19.32 -7.94
N TRP D 243 30.03 -19.70 -8.65
CA TRP D 243 29.87 -20.41 -9.91
C TRP D 243 29.32 -21.81 -9.70
N LYS D 244 29.70 -22.47 -8.61
CA LYS D 244 29.13 -23.77 -8.27
C LYS D 244 27.64 -23.65 -8.01
N ASN D 245 27.22 -22.59 -7.33
CA ASN D 245 25.80 -22.35 -7.10
C ASN D 245 25.06 -22.05 -8.40
N ASN D 246 25.72 -21.39 -9.35
CA ASN D 246 25.06 -20.99 -10.58
C ASN D 246 25.74 -21.59 -11.80
N SER D 247 26.06 -22.88 -11.75
CA SER D 247 26.75 -23.55 -12.85
C SER D 247 25.82 -23.91 -14.01
N GLY D 248 24.52 -23.86 -13.81
CA GLY D 248 23.61 -24.32 -14.84
C GLY D 248 23.68 -25.83 -14.96
N ARG D 249 23.78 -26.32 -16.19
CA ARG D 249 23.86 -27.75 -16.42
C ARG D 249 25.11 -28.06 -17.25
N PRO D 250 25.73 -29.22 -17.03
CA PRO D 250 26.94 -29.56 -17.77
C PRO D 250 26.64 -29.90 -19.22
N LEU D 251 27.72 -30.00 -20.00
CA LEU D 251 27.59 -30.42 -21.40
C LEU D 251 27.21 -31.88 -21.54
N GLN D 252 27.30 -32.67 -20.48
CA GLN D 252 26.84 -34.06 -20.51
C GLN D 252 25.33 -34.16 -20.63
N GLU D 253 24.60 -33.07 -20.45
CA GLU D 253 23.16 -33.06 -20.49
C GLU D 253 22.60 -32.05 -21.49
N THR D 254 23.46 -31.42 -22.29
CA THR D 254 23.04 -30.30 -23.12
C THR D 254 23.57 -30.47 -24.55
N ALA D 255 24.64 -31.25 -24.71
CA ALA D 255 25.34 -31.34 -25.98
C ALA D 255 24.46 -31.93 -27.07
N PRO D 256 24.39 -31.32 -28.25
CA PRO D 256 23.49 -31.81 -29.30
C PRO D 256 23.98 -33.11 -29.91
N PHE D 257 23.07 -33.75 -30.64
CA PHE D 257 23.27 -35.00 -31.36
C PHE D 257 23.59 -36.17 -30.43
N GLY D 258 23.33 -36.03 -29.13
CA GLY D 258 23.62 -37.08 -28.18
C GLY D 258 25.10 -37.36 -27.99
N CYS D 259 25.90 -36.32 -27.85
CA CYS D 259 27.35 -36.46 -27.71
C CYS D 259 27.69 -36.73 -26.25
N LYS D 260 28.12 -37.96 -25.96
CA LYS D 260 28.53 -38.31 -24.61
C LYS D 260 29.87 -37.64 -24.31
N ILE D 261 29.85 -36.62 -23.47
CA ILE D 261 31.07 -35.88 -23.17
C ILE D 261 31.86 -36.63 -22.10
N GLU D 262 33.10 -37.00 -22.42
CA GLU D 262 33.95 -37.73 -21.49
C GLU D 262 35.24 -36.96 -21.26
N VAL D 263 35.81 -37.16 -20.06
CA VAL D 263 36.74 -36.23 -19.42
C VAL D 263 38.07 -36.92 -19.18
N GLU D 264 39.17 -36.16 -19.38
CA GLU D 264 40.59 -36.25 -19.04
C GLU D 264 41.39 -36.40 -20.34
N PRO D 265 41.07 -37.36 -21.25
CA PRO D 265 41.39 -37.13 -22.66
C PRO D 265 40.20 -36.56 -23.41
N LEU D 266 39.77 -35.35 -23.00
CA LEU D 266 38.46 -34.75 -23.27
C LEU D 266 37.96 -34.97 -24.68
N ARG D 267 36.76 -35.55 -24.81
CA ARG D 267 36.20 -35.82 -26.12
C ARG D 267 34.69 -35.95 -26.02
N ALA D 268 34.06 -36.01 -27.19
CA ALA D 268 32.63 -36.31 -27.32
C ALA D 268 32.49 -37.63 -28.07
N SER D 269 31.80 -38.59 -27.48
CA SER D 269 31.74 -39.94 -28.00
C SER D 269 30.33 -40.30 -28.44
N ASN D 270 30.25 -41.07 -29.53
CA ASN D 270 29.04 -41.74 -30.00
C ASN D 270 27.93 -40.74 -30.31
N CYS D 271 28.19 -39.88 -31.29
CA CYS D 271 27.17 -38.96 -31.77
C CYS D 271 27.34 -38.70 -33.25
N ALA D 272 26.22 -38.41 -33.89
CA ALA D 272 26.11 -38.43 -35.34
C ALA D 272 25.48 -37.14 -35.84
N TYR D 273 26.18 -36.46 -36.72
CA TYR D 273 25.66 -35.23 -37.31
C TYR D 273 25.86 -35.10 -38.80
N GLY D 274 26.54 -36.04 -39.46
CA GLY D 274 26.80 -35.91 -40.88
C GLY D 274 27.06 -37.22 -41.58
N HIS D 275 27.89 -37.17 -42.62
CA HIS D 275 28.21 -38.34 -43.41
C HIS D 275 29.72 -38.44 -43.59
N ILE D 276 30.22 -39.67 -43.59
CA ILE D 276 31.66 -39.95 -43.69
C ILE D 276 31.92 -40.60 -45.05
N PRO D 277 32.67 -39.95 -45.93
CA PRO D 277 33.11 -40.63 -47.16
C PRO D 277 34.23 -41.62 -46.83
N ILE D 278 34.01 -42.88 -47.19
CA ILE D 278 34.97 -43.95 -46.93
C ILE D 278 35.36 -44.58 -48.26
N SER D 279 36.65 -44.61 -48.55
CA SER D 279 37.18 -45.30 -49.71
C SER D 279 37.90 -46.56 -49.23
N ILE D 280 37.42 -47.71 -49.66
CA ILE D 280 37.91 -49.01 -49.20
C ILE D 280 38.68 -49.65 -50.34
N ASP D 281 39.84 -50.24 -50.00
CA ASP D 281 40.65 -51.00 -50.95
C ASP D 281 40.48 -52.48 -50.60
N ILE D 282 39.48 -53.11 -51.19
CA ILE D 282 39.16 -54.51 -50.90
C ILE D 282 40.27 -55.40 -51.50
N PRO D 283 40.79 -56.36 -50.75
CA PRO D 283 41.79 -57.27 -51.33
C PRO D 283 41.19 -58.13 -52.45
N ASP D 284 42.04 -58.47 -53.41
CA ASP D 284 41.59 -59.25 -54.56
C ASP D 284 41.28 -60.69 -54.20
N ALA D 285 41.80 -61.19 -53.08
CA ALA D 285 41.51 -62.55 -52.65
C ALA D 285 40.08 -62.71 -52.15
N ALA D 286 39.43 -61.60 -51.77
CA ALA D 286 38.05 -61.67 -51.31
C ALA D 286 37.10 -61.94 -52.47
N PHE D 287 37.36 -61.34 -53.62
CA PHE D 287 36.52 -61.55 -54.79
C PHE D 287 36.71 -62.96 -55.34
N VAL D 288 35.65 -63.47 -55.99
CA VAL D 288 35.70 -64.71 -56.72
C VAL D 288 35.20 -64.45 -58.13
N ARG D 289 35.67 -65.28 -59.07
CA ARG D 289 35.26 -65.14 -60.45
C ARG D 289 33.78 -65.47 -60.60
N SER D 290 33.17 -64.92 -61.65
CA SER D 290 31.73 -65.08 -61.85
C SER D 290 31.34 -66.50 -62.22
N SER D 291 32.31 -67.34 -62.61
CA SER D 291 32.00 -68.72 -62.96
C SER D 291 31.64 -69.54 -61.72
N GLU D 292 32.39 -69.37 -60.63
CA GLU D 292 32.12 -70.15 -59.42
C GLU D 292 30.87 -69.66 -58.71
N SER D 293 30.57 -68.37 -58.80
CA SER D 293 29.36 -67.84 -58.19
C SER D 293 28.14 -68.28 -58.99
N PRO D 294 27.05 -68.65 -58.33
CA PRO D 294 25.83 -69.00 -59.06
C PRO D 294 25.18 -67.78 -59.69
N THR D 295 24.46 -68.01 -60.77
CA THR D 295 23.71 -66.97 -61.46
C THR D 295 22.22 -67.21 -61.30
N ILE D 296 21.44 -66.17 -61.56
CA ILE D 296 19.99 -66.22 -61.52
C ILE D 296 19.46 -66.05 -62.94
N LEU D 297 18.68 -67.01 -63.41
CA LEU D 297 18.04 -66.90 -64.71
C LEU D 297 16.76 -66.08 -64.67
N GLU D 298 16.03 -66.14 -63.57
CA GLU D 298 14.78 -65.39 -63.44
C GLU D 298 14.52 -65.17 -61.95
N VAL D 299 14.21 -63.94 -61.58
CA VAL D 299 13.92 -63.58 -60.20
C VAL D 299 12.66 -62.72 -60.16
N SER D 300 11.79 -63.00 -59.19
CA SER D 300 10.54 -62.27 -59.00
C SER D 300 10.40 -61.90 -57.53
N CYS D 301 9.86 -60.72 -57.28
CA CYS D 301 9.76 -60.17 -55.93
C CYS D 301 8.29 -59.92 -55.60
N THR D 302 7.80 -60.55 -54.54
CA THR D 302 6.44 -60.32 -54.06
C THR D 302 6.49 -59.91 -52.60
N VAL D 303 5.97 -58.74 -52.29
CA VAL D 303 6.04 -58.17 -50.94
C VAL D 303 4.75 -58.48 -50.20
N ALA D 304 4.87 -59.01 -48.99
CA ALA D 304 3.72 -59.35 -48.16
C ALA D 304 3.83 -58.63 -46.82
N ASP D 305 2.80 -57.85 -46.49
CA ASP D 305 2.65 -57.18 -45.19
C ASP D 305 3.84 -56.25 -44.89
N CYS D 306 3.95 -55.22 -45.72
CA CYS D 306 4.95 -54.18 -45.51
C CYS D 306 4.42 -53.16 -44.50
N ILE D 307 5.15 -53.00 -43.40
CA ILE D 307 4.81 -52.05 -42.35
C ILE D 307 6.01 -51.10 -42.18
N TYR D 308 5.87 -49.88 -42.68
CA TYR D 308 7.03 -48.99 -42.75
C TYR D 308 7.26 -48.34 -41.39
N SER D 309 8.49 -48.47 -40.89
CA SER D 309 8.84 -48.09 -39.52
C SER D 309 10.35 -48.14 -39.39
N ALA D 310 10.83 -47.85 -38.18
CA ALA D 310 12.26 -47.95 -37.90
C ALA D 310 12.71 -49.39 -37.80
N ASP D 311 11.87 -50.26 -37.25
CA ASP D 311 12.16 -51.68 -37.15
C ASP D 311 12.11 -52.29 -38.55
N PHE D 312 12.73 -53.45 -38.72
CA PHE D 312 12.70 -54.14 -39.99
C PHE D 312 11.33 -54.73 -40.24
N GLY D 313 10.36 -53.87 -40.57
CA GLY D 313 8.99 -54.29 -40.76
C GLY D 313 8.65 -54.59 -42.21
N GLY D 314 9.32 -55.57 -42.79
CA GLY D 314 9.03 -55.97 -44.15
C GLY D 314 9.17 -57.47 -44.30
N SER D 315 8.55 -57.99 -45.35
CA SER D 315 8.62 -59.42 -45.65
C SER D 315 8.39 -59.58 -47.14
N LEU D 316 9.47 -59.79 -47.89
CA LEU D 316 9.39 -60.00 -49.32
C LEU D 316 9.89 -61.40 -49.66
N THR D 317 9.20 -62.05 -50.58
CA THR D 317 9.61 -63.35 -51.08
C THR D 317 10.19 -63.20 -52.47
N LEU D 318 11.40 -63.72 -52.64
CA LEU D 318 12.07 -63.79 -53.93
C LEU D 318 11.93 -65.20 -54.48
N GLN D 319 11.26 -65.32 -55.62
CA GLN D 319 11.20 -66.55 -56.38
C GLN D 319 12.37 -66.55 -57.35
N TYR D 320 13.24 -67.56 -57.26
CA TYR D 320 14.45 -67.59 -58.06
C TYR D 320 14.61 -68.94 -58.75
N LYS D 321 15.16 -68.90 -59.96
CA LYS D 321 15.54 -70.08 -60.72
C LYS D 321 17.02 -69.94 -61.04
N ALA D 322 17.86 -70.44 -60.14
CA ALA D 322 19.30 -70.33 -60.27
C ALA D 322 19.84 -71.49 -61.10
N ASP D 323 21.17 -71.63 -61.14
CA ASP D 323 21.81 -72.71 -61.86
C ASP D 323 22.56 -73.68 -60.97
N ARG D 324 23.07 -73.24 -59.83
CA ARG D 324 23.82 -74.08 -58.91
C ARG D 324 23.31 -73.83 -57.49
N GLU D 325 23.81 -74.62 -56.55
CA GLU D 325 23.56 -74.42 -55.14
C GLU D 325 24.75 -73.67 -54.55
N GLY D 326 24.54 -72.42 -54.19
CA GLY D 326 25.63 -71.57 -53.76
C GLY D 326 25.18 -70.49 -52.81
N HIS D 327 25.95 -69.40 -52.76
CA HIS D 327 25.82 -68.39 -51.73
C HIS D 327 25.95 -67.03 -52.39
N CYS D 328 24.86 -66.25 -52.41
CA CYS D 328 24.87 -64.95 -53.08
C CYS D 328 24.43 -63.84 -52.16
N PRO D 329 24.92 -62.62 -52.38
CA PRO D 329 24.44 -61.48 -51.60
C PRO D 329 23.16 -60.88 -52.16
N VAL D 330 22.21 -60.60 -51.27
CA VAL D 330 21.02 -59.83 -51.61
C VAL D 330 21.28 -58.38 -51.24
N HIS D 331 20.71 -57.47 -52.03
CA HIS D 331 20.94 -56.06 -51.77
C HIS D 331 19.78 -55.23 -52.28
N SER D 332 19.44 -54.18 -51.54
CA SER D 332 18.43 -53.22 -51.97
C SER D 332 19.13 -52.01 -52.57
N HIS D 333 18.82 -51.70 -53.83
CA HIS D 333 19.50 -50.64 -54.56
C HIS D 333 18.80 -49.30 -54.43
N SER D 334 18.11 -49.05 -53.33
CA SER D 334 17.44 -47.79 -53.09
C SER D 334 17.84 -47.25 -51.72
N THR D 335 17.86 -45.93 -51.61
CA THR D 335 18.15 -45.26 -50.35
C THR D 335 16.94 -45.18 -49.43
N THR D 336 15.79 -45.66 -49.89
CA THR D 336 14.55 -45.62 -49.13
C THR D 336 14.35 -46.88 -48.30
N ALA D 337 14.69 -48.05 -48.83
CA ALA D 337 14.55 -49.30 -48.11
C ALA D 337 15.89 -49.99 -47.97
N VAL D 338 16.07 -50.70 -46.86
CA VAL D 338 17.29 -51.43 -46.56
C VAL D 338 16.93 -52.84 -46.07
N LEU D 339 17.72 -53.83 -46.47
CA LEU D 339 17.43 -55.22 -46.16
C LEU D 339 18.19 -55.65 -44.90
N LYS D 340 17.53 -56.51 -44.12
CA LYS D 340 18.16 -57.03 -42.89
C LYS D 340 19.30 -57.98 -43.21
N GLU D 341 19.05 -58.94 -44.10
CA GLU D 341 20.07 -59.92 -44.47
C GLU D 341 20.89 -59.38 -45.63
N ALA D 342 22.20 -59.63 -45.57
CA ALA D 342 23.10 -59.22 -46.64
C ALA D 342 23.37 -60.34 -47.62
N THR D 343 23.53 -61.56 -47.13
CA THR D 343 23.79 -62.73 -47.95
C THR D 343 22.70 -63.77 -47.72
N THR D 344 22.65 -64.74 -48.64
CA THR D 344 21.67 -65.82 -48.56
C THR D 344 22.20 -67.02 -49.34
N HIS D 345 21.57 -68.16 -49.11
CA HIS D 345 21.90 -69.40 -49.78
C HIS D 345 20.86 -69.70 -50.84
N VAL D 346 21.31 -70.05 -52.04
CA VAL D 346 20.43 -70.32 -53.18
C VAL D 346 20.59 -71.78 -53.60
N THR D 347 19.46 -72.42 -53.89
CA THR D 347 19.43 -73.76 -54.44
C THR D 347 19.39 -73.66 -55.97
N ALA D 348 19.08 -74.77 -56.63
CA ALA D 348 18.84 -74.73 -58.07
C ALA D 348 17.63 -73.87 -58.40
N THR D 349 16.56 -74.02 -57.62
CA THR D 349 15.37 -73.18 -57.77
C THR D 349 14.65 -73.16 -56.43
N GLY D 350 13.84 -72.14 -56.24
CA GLY D 350 13.06 -72.06 -55.02
C GLY D 350 12.70 -70.63 -54.69
N SER D 351 12.59 -70.36 -53.39
CA SER D 351 12.22 -69.03 -52.93
C SER D 351 12.91 -68.75 -51.60
N ILE D 352 13.17 -67.48 -51.35
CA ILE D 352 13.72 -67.00 -50.09
C ILE D 352 12.84 -65.88 -49.56
N THR D 353 12.94 -65.63 -48.27
CA THR D 353 12.23 -64.53 -47.62
C THR D 353 13.23 -63.58 -46.98
N LEU D 354 12.97 -62.29 -47.12
CA LEU D 354 13.84 -61.25 -46.59
C LEU D 354 13.02 -60.19 -45.89
N HIS D 355 13.64 -59.53 -44.92
CA HIS D 355 13.01 -58.47 -44.15
C HIS D 355 13.68 -57.13 -44.46
N PHE D 356 12.88 -56.10 -44.66
CA PHE D 356 13.39 -54.79 -45.03
C PHE D 356 12.70 -53.72 -44.20
N SER D 357 13.42 -52.62 -44.01
CA SER D 357 12.92 -51.43 -43.34
C SER D 357 12.87 -50.29 -44.34
N THR D 358 11.75 -49.59 -44.40
CA THR D 358 11.53 -48.53 -45.36
C THR D 358 10.83 -47.36 -44.69
N SER D 359 10.99 -46.17 -45.27
CA SER D 359 10.34 -44.97 -44.78
C SER D 359 9.23 -44.48 -45.70
N SER D 360 9.13 -45.00 -46.89
CA SER D 360 8.11 -44.53 -47.83
C SER D 360 6.80 -45.25 -47.59
N PRO D 361 5.68 -44.57 -47.87
CA PRO D 361 4.39 -45.28 -47.92
C PRO D 361 4.34 -46.36 -48.97
N GLN D 362 5.05 -46.20 -50.09
CA GLN D 362 5.07 -47.19 -51.14
C GLN D 362 6.47 -47.79 -51.26
N ALA D 363 6.53 -49.12 -51.31
CA ALA D 363 7.79 -49.82 -51.53
C ALA D 363 8.02 -49.93 -53.02
N ASN D 364 8.87 -49.05 -53.56
CA ASN D 364 9.23 -49.07 -54.98
C ASN D 364 10.68 -49.48 -55.20
N PHE D 365 11.34 -49.99 -54.18
CA PHE D 365 12.76 -50.30 -54.26
C PHE D 365 13.00 -51.54 -55.13
N ILE D 366 14.22 -51.64 -55.63
CA ILE D 366 14.63 -52.78 -56.44
C ILE D 366 15.66 -53.58 -55.66
N VAL D 367 15.59 -54.90 -55.80
CA VAL D 367 16.49 -55.80 -55.10
C VAL D 367 17.36 -56.52 -56.12
N SER D 368 18.46 -57.07 -55.62
CA SER D 368 19.43 -57.78 -56.44
C SER D 368 19.84 -59.05 -55.70
N LEU D 369 19.69 -60.18 -56.39
CA LEU D 369 20.11 -61.49 -55.93
C LEU D 369 21.11 -62.06 -56.94
N CYS D 370 22.30 -62.40 -56.46
CA CYS D 370 23.44 -62.89 -57.26
C CYS D 370 23.88 -61.86 -58.30
N GLY D 371 23.50 -60.59 -58.13
CA GLY D 371 23.74 -59.58 -59.13
C GLY D 371 22.61 -59.33 -60.10
N LYS D 372 21.53 -60.10 -60.01
CA LYS D 372 20.37 -59.96 -60.89
C LYS D 372 19.32 -59.10 -60.22
N LYS D 373 18.84 -58.09 -60.94
CA LYS D 373 17.95 -57.07 -60.38
C LYS D 373 16.49 -57.34 -60.73
N THR D 374 15.61 -56.99 -59.79
CA THR D 374 14.17 -57.02 -60.04
C THR D 374 13.50 -55.97 -59.18
N THR D 375 12.25 -55.67 -59.51
CA THR D 375 11.52 -54.55 -58.92
C THR D 375 10.44 -55.08 -58.00
N CYS D 376 10.41 -54.57 -56.76
CA CYS D 376 9.35 -54.87 -55.81
C CYS D 376 8.43 -53.66 -55.70
N ASN D 377 7.14 -53.87 -55.99
CA ASN D 377 6.12 -52.84 -55.89
C ASN D 377 5.12 -53.27 -54.83
N ALA D 378 4.84 -52.38 -53.88
CA ALA D 378 4.02 -52.76 -52.74
C ALA D 378 3.26 -51.54 -52.23
N GLU D 379 2.73 -51.65 -51.02
CA GLU D 379 1.89 -50.62 -50.42
C GLU D 379 2.02 -50.76 -48.91
N CYS D 380 2.80 -49.87 -48.28
CA CYS D 380 3.15 -49.98 -46.88
C CYS D 380 2.29 -49.04 -46.05
N LYS D 381 1.57 -49.59 -45.09
CA LYS D 381 0.68 -48.87 -44.19
C LYS D 381 1.45 -48.35 -42.97
N PRO D 382 0.93 -47.31 -42.30
CA PRO D 382 1.65 -46.76 -41.15
C PRO D 382 1.62 -47.72 -39.97
N PRO D 383 2.63 -47.66 -39.10
CA PRO D 383 2.67 -48.60 -37.97
C PRO D 383 1.71 -48.20 -36.85
N ALA D 384 1.29 -49.21 -36.09
CA ALA D 384 0.44 -48.96 -34.93
C ALA D 384 1.24 -48.42 -33.76
N ASP D 385 2.46 -48.90 -33.57
CA ASP D 385 3.28 -48.45 -32.45
C ASP D 385 3.75 -47.03 -32.69
N HIS D 386 3.66 -46.21 -31.64
CA HIS D 386 3.93 -44.78 -31.76
C HIS D 386 5.41 -44.46 -31.58
N ILE D 387 6.02 -44.95 -30.51
CA ILE D 387 7.40 -44.64 -30.16
C ILE D 387 8.20 -45.94 -30.11
N ILE D 388 9.35 -45.95 -30.75
CA ILE D 388 10.18 -47.14 -30.86
C ILE D 388 11.51 -46.87 -30.17
N GLY D 389 12.21 -47.95 -29.81
CA GLY D 389 13.46 -47.88 -29.09
C GLY D 389 14.72 -48.01 -29.92
N GLU D 390 14.63 -47.97 -31.24
CA GLU D 390 15.79 -48.06 -32.11
C GLU D 390 15.72 -46.96 -33.18
N PRO D 391 16.87 -46.43 -33.61
CA PRO D 391 16.85 -45.35 -34.59
C PRO D 391 16.37 -45.80 -35.95
N HIS D 392 15.84 -44.85 -36.71
CA HIS D 392 15.40 -45.13 -38.07
C HIS D 392 16.60 -45.45 -38.94
N LYS D 393 16.49 -46.55 -39.69
CA LYS D 393 17.62 -47.08 -40.44
C LYS D 393 17.80 -46.42 -41.80
N VAL D 394 16.80 -45.66 -42.26
CA VAL D 394 16.86 -44.94 -43.52
C VAL D 394 16.42 -43.50 -43.29
N ASP D 395 16.76 -42.65 -44.24
CA ASP D 395 16.36 -41.24 -44.21
C ASP D 395 15.17 -41.03 -45.13
N GLN D 396 14.34 -40.06 -44.76
CA GLN D 396 13.13 -39.75 -45.52
C GLN D 396 13.49 -38.91 -46.75
N GLU D 397 12.99 -39.31 -47.90
CA GLU D 397 13.14 -38.54 -49.14
C GLU D 397 11.79 -37.94 -49.50
N PHE D 398 11.81 -36.68 -49.98
CA PHE D 398 10.59 -35.95 -50.25
C PHE D 398 9.76 -36.61 -51.35
N GLN D 399 10.42 -37.11 -52.39
CA GLN D 399 9.70 -37.82 -53.45
C GLN D 399 9.09 -39.11 -52.92
N ALA D 400 9.81 -39.81 -52.05
CA ALA D 400 9.29 -41.06 -51.50
C ALA D 400 8.39 -40.82 -50.30
N ALA D 401 8.37 -39.60 -49.75
CA ALA D 401 7.59 -39.35 -48.54
C ALA D 401 6.09 -39.42 -48.81
N VAL D 402 5.65 -39.05 -50.00
CA VAL D 402 4.24 -39.09 -50.35
C VAL D 402 3.98 -40.31 -51.22
N SER D 403 2.80 -40.89 -51.05
CA SER D 403 2.44 -42.14 -51.70
C SER D 403 2.09 -41.90 -53.16
N LYS D 404 1.85 -42.98 -53.89
CA LYS D 404 1.44 -42.83 -55.28
C LYS D 404 0.01 -42.30 -55.38
N THR D 405 -0.86 -42.63 -54.43
CA THR D 405 -2.22 -42.11 -54.47
C THR D 405 -2.23 -40.59 -54.33
N SER D 406 -1.41 -40.06 -53.41
CA SER D 406 -1.28 -38.62 -53.30
C SER D 406 -0.67 -38.03 -54.56
N TRP D 407 0.29 -38.74 -55.17
CA TRP D 407 0.87 -38.26 -56.42
C TRP D 407 -0.18 -38.20 -57.52
N ASN D 408 -1.01 -39.23 -57.65
CA ASN D 408 -2.06 -39.23 -58.67
C ASN D 408 -3.06 -38.13 -58.42
N TRP D 409 -3.42 -37.86 -57.17
CA TRP D 409 -4.38 -36.78 -56.92
C TRP D 409 -3.77 -35.41 -57.21
N LEU D 410 -2.52 -35.18 -56.79
CA LEU D 410 -1.88 -33.89 -57.05
C LEU D 410 -1.68 -33.65 -58.54
N LEU D 411 -1.13 -34.63 -59.25
CA LEU D 411 -0.98 -34.48 -60.70
C LEU D 411 -2.32 -34.50 -61.42
N ALA D 412 -3.36 -35.12 -60.85
CA ALA D 412 -4.67 -35.09 -61.48
C ALA D 412 -5.26 -33.68 -61.45
N LEU D 413 -5.26 -33.04 -60.28
CA LEU D 413 -5.78 -31.68 -60.22
C LEU D 413 -4.87 -30.68 -60.93
N PHE D 414 -3.54 -30.86 -60.82
CA PHE D 414 -2.62 -29.97 -61.51
C PHE D 414 -2.73 -30.12 -63.04
N GLY D 415 -2.88 -31.35 -63.53
CA GLY D 415 -3.04 -31.55 -64.95
C GLY D 415 -4.41 -31.14 -65.45
N GLY D 416 -5.43 -31.19 -64.59
CA GLY D 416 -6.72 -30.64 -64.96
C GLY D 416 -6.65 -29.13 -65.15
N ALA D 417 -5.99 -28.44 -64.21
CA ALA D 417 -5.80 -27.01 -64.35
C ALA D 417 -4.94 -26.68 -65.57
N SER D 418 -3.86 -27.42 -65.77
CA SER D 418 -2.97 -27.18 -66.90
C SER D 418 -3.67 -27.45 -68.23
N SER D 419 -4.48 -28.51 -68.30
CA SER D 419 -5.23 -28.80 -69.50
C SER D 419 -6.31 -27.74 -69.76
N LEU D 420 -6.90 -27.18 -68.69
CA LEU D 420 -7.82 -26.07 -68.88
C LEU D 420 -7.10 -24.86 -69.47
N ILE D 421 -5.88 -24.60 -69.00
CA ILE D 421 -5.07 -23.52 -69.57
C ILE D 421 -4.75 -23.80 -71.04
N VAL D 422 -4.40 -25.05 -71.36
CA VAL D 422 -4.08 -25.42 -72.74
C VAL D 422 -5.29 -25.26 -73.65
N VAL D 423 -6.47 -25.68 -73.17
CA VAL D 423 -7.69 -25.49 -73.95
C VAL D 423 -8.02 -24.02 -74.12
N GLY D 424 -7.74 -23.20 -73.09
CA GLY D 424 -7.96 -21.77 -73.22
C GLY D 424 -7.07 -21.14 -74.27
N LEU D 425 -5.78 -21.47 -74.24
CA LEU D 425 -4.88 -20.96 -75.28
C LEU D 425 -5.23 -21.51 -76.65
N ILE D 426 -5.70 -22.75 -76.73
CA ILE D 426 -6.09 -23.33 -78.02
C ILE D 426 -7.30 -22.61 -78.60
N VAL D 427 -8.30 -22.31 -77.76
CA VAL D 427 -9.48 -21.62 -78.27
C VAL D 427 -9.16 -20.17 -78.60
N LEU D 428 -8.22 -19.54 -77.87
CA LEU D 428 -7.75 -18.22 -78.29
C LEU D 428 -7.04 -18.28 -79.65
N VAL D 429 -6.23 -19.31 -79.87
CA VAL D 429 -5.52 -19.44 -81.14
C VAL D 429 -6.49 -19.65 -82.30
N CYS D 430 -7.49 -20.52 -82.12
CA CYS D 430 -8.41 -20.75 -83.24
C CYS D 430 -9.35 -19.57 -83.44
N SER D 431 -9.72 -18.87 -82.36
CA SER D 431 -10.49 -17.65 -82.52
C SER D 431 -9.69 -16.59 -83.28
N SER D 432 -8.39 -16.48 -82.99
CA SER D 432 -7.53 -15.57 -83.74
C SER D 432 -7.45 -15.97 -85.21
N MET D 433 -7.37 -17.28 -85.48
CA MET D 433 -7.33 -17.76 -86.86
C MET D 433 -8.61 -17.41 -87.62
N LEU D 434 -9.77 -17.63 -86.99
CA LEU D 434 -11.03 -17.33 -87.67
C LEU D 434 -11.25 -15.83 -87.83
N ILE D 435 -10.86 -15.02 -86.85
CA ILE D 435 -11.03 -13.57 -87.01
C ILE D 435 -10.00 -12.99 -87.98
N ASN D 436 -8.86 -13.65 -88.18
CA ASN D 436 -7.93 -13.22 -89.22
C ASN D 436 -8.42 -13.64 -90.60
N THR D 437 -9.03 -14.82 -90.71
CA THR D 437 -9.58 -15.27 -91.97
C THR D 437 -10.80 -14.44 -92.37
N ARG D 438 -11.60 -13.99 -91.39
CA ARG D 438 -12.81 -13.23 -91.64
C ARG D 438 -12.53 -11.90 -92.34
N SER E 1 60.02 -32.15 3.15
CA SER E 1 60.53 -31.22 4.16
C SER E 1 59.47 -30.95 5.23
N ILE E 2 58.80 -32.02 5.67
CA ILE E 2 57.71 -31.94 6.62
C ILE E 2 58.00 -32.90 7.76
N THR E 3 57.87 -32.43 9.00
CA THR E 3 58.13 -33.24 10.17
C THR E 3 56.86 -33.45 10.98
N ASP E 4 56.79 -34.59 11.68
CA ASP E 4 55.66 -34.94 12.54
C ASP E 4 56.14 -35.39 13.92
N ASP E 5 57.25 -34.83 14.39
CA ASP E 5 57.78 -35.24 15.69
C ASP E 5 56.92 -34.71 16.84
N PHE E 6 56.46 -33.47 16.72
CA PHE E 6 55.56 -32.75 17.64
C PHE E 6 56.19 -32.45 18.99
N THR E 7 57.42 -32.88 19.25
CA THR E 7 58.11 -32.44 20.46
C THR E 7 58.49 -30.97 20.35
N LEU E 8 58.90 -30.54 19.16
CA LEU E 8 59.25 -29.15 18.87
C LEU E 8 58.03 -28.29 18.56
N THR E 9 56.83 -28.79 18.80
CA THR E 9 55.60 -28.14 18.38
C THR E 9 54.62 -28.11 19.56
N SER E 10 53.98 -26.96 19.77
CA SER E 10 53.20 -26.74 20.98
C SER E 10 51.82 -26.17 20.64
N PRO E 11 50.83 -26.39 21.52
CA PRO E 11 49.53 -25.71 21.36
C PRO E 11 49.60 -24.25 21.75
N TYR E 12 48.46 -23.56 21.77
CA TYR E 12 48.42 -22.15 22.11
C TYR E 12 47.00 -21.76 22.51
N LEU E 13 46.87 -20.54 23.03
CA LEU E 13 45.59 -19.96 23.37
C LEU E 13 45.06 -19.17 22.19
N GLY E 14 43.77 -19.31 21.90
CA GLY E 14 43.15 -18.64 20.79
C GLY E 14 41.97 -17.80 21.23
N PHE E 15 41.51 -16.95 20.32
CA PHE E 15 40.39 -16.05 20.56
C PHE E 15 39.29 -16.36 19.54
N CYS E 16 38.21 -16.98 19.99
CA CYS E 16 37.09 -17.22 19.10
C CYS E 16 35.84 -16.53 19.64
N PRO E 17 34.97 -16.03 18.75
CA PRO E 17 33.99 -15.02 19.18
C PRO E 17 32.90 -15.52 20.10
N TYR E 18 32.67 -16.82 20.24
CA TYR E 18 31.55 -17.30 21.04
C TYR E 18 32.06 -18.39 21.97
N CYS E 19 32.38 -18.02 23.20
CA CYS E 19 32.88 -18.95 24.20
C CYS E 19 31.71 -19.70 24.85
N ARG E 20 32.00 -20.39 25.96
CA ARG E 20 30.96 -21.00 26.76
C ARG E 20 30.04 -19.95 27.37
N HIS E 21 30.58 -18.79 27.74
CA HIS E 21 29.82 -17.71 28.35
C HIS E 21 29.30 -16.70 27.33
N SER E 22 29.17 -17.12 26.06
CA SER E 22 28.53 -16.36 24.99
C SER E 22 29.17 -14.98 24.78
N ALA E 23 30.48 -14.89 24.98
CA ALA E 23 31.22 -13.66 24.79
C ALA E 23 32.59 -14.11 24.34
N PRO E 24 33.28 -13.33 23.49
CA PRO E 24 34.61 -13.76 23.02
C PRO E 24 35.63 -13.73 24.15
N CYS E 25 36.26 -14.88 24.41
CA CYS E 25 37.33 -14.94 25.39
C CYS E 25 38.50 -15.71 24.79
N PHE E 26 39.57 -15.84 25.58
CA PHE E 26 40.68 -16.70 25.21
C PHE E 26 40.40 -18.12 25.69
N SER E 27 40.64 -19.09 24.83
CA SER E 27 40.35 -20.48 25.11
C SER E 27 41.53 -21.35 24.67
N PRO E 28 41.77 -22.45 25.38
CA PRO E 28 42.80 -23.40 24.90
C PRO E 28 42.40 -24.13 23.65
N ILE E 29 41.10 -24.23 23.37
CA ILE E 29 40.59 -24.80 22.14
C ILE E 29 39.92 -23.69 21.33
N LYS E 30 40.38 -23.51 20.10
CA LYS E 30 39.92 -22.43 19.24
C LYS E 30 39.89 -22.94 17.82
N ILE E 31 38.74 -22.85 17.17
CA ILE E 31 38.60 -23.35 15.81
C ILE E 31 39.12 -22.30 14.84
N GLU E 32 40.16 -22.65 14.10
CA GLU E 32 40.68 -21.78 13.07
C GLU E 32 39.97 -21.97 11.74
N ASN E 33 39.81 -23.22 11.30
CA ASN E 33 39.14 -23.51 10.05
C ASN E 33 38.30 -24.77 10.19
N VAL E 34 37.22 -24.84 9.42
CA VAL E 34 36.41 -26.03 9.26
C VAL E 34 36.32 -26.34 7.78
N TRP E 35 36.66 -27.58 7.41
CA TRP E 35 36.59 -28.04 6.03
C TRP E 35 35.48 -29.07 5.94
N ASP E 36 34.53 -28.84 5.03
CA ASP E 36 33.32 -29.66 4.92
C ASP E 36 33.11 -30.21 3.51
N GLU E 37 34.20 -30.47 2.79
CA GLU E 37 34.13 -30.88 1.39
C GLU E 37 34.20 -32.38 1.19
N SER E 38 33.59 -33.15 2.09
CA SER E 38 33.52 -34.60 1.98
C SER E 38 32.09 -35.03 1.66
N ASP E 39 31.98 -36.04 0.80
CA ASP E 39 30.67 -36.48 0.33
C ASP E 39 29.89 -37.26 1.38
N ASP E 40 30.56 -37.82 2.38
CA ASP E 40 29.87 -38.58 3.43
C ASP E 40 29.46 -37.72 4.61
N GLY E 41 29.70 -36.40 4.55
CA GLY E 41 29.32 -35.50 5.61
C GLY E 41 30.37 -35.28 6.68
N SER E 42 31.47 -36.01 6.65
CA SER E 42 32.53 -35.81 7.63
C SER E 42 33.23 -34.48 7.39
N ILE E 43 33.50 -33.76 8.48
CA ILE E 43 34.14 -32.47 8.41
C ILE E 43 35.46 -32.52 9.17
N ARG E 44 36.39 -31.67 8.76
CA ARG E 44 37.71 -31.54 9.36
C ARG E 44 37.82 -30.18 10.02
N ILE E 45 38.15 -30.18 11.31
CA ILE E 45 38.20 -28.97 12.12
C ILE E 45 39.61 -28.79 12.64
N GLN E 46 40.15 -27.59 12.48
CA GLN E 46 41.44 -27.22 13.03
C GLN E 46 41.23 -26.51 14.36
N VAL E 47 41.88 -27.02 15.40
CA VAL E 47 41.71 -26.54 16.77
C VAL E 47 43.09 -26.18 17.31
N SER E 48 43.16 -25.10 18.10
CA SER E 48 44.43 -24.65 18.66
C SER E 48 45.06 -25.65 19.62
N ALA E 49 44.27 -26.58 20.16
CA ALA E 49 44.82 -27.64 21.01
C ALA E 49 45.30 -28.80 20.15
N GLN E 50 46.28 -29.54 20.69
CA GLN E 50 46.84 -30.70 20.02
C GLN E 50 46.21 -31.96 20.57
N PHE E 51 45.89 -32.88 19.66
CA PHE E 51 45.19 -34.11 20.00
C PHE E 51 46.05 -35.31 19.67
N GLY E 52 45.97 -36.34 20.52
CA GLY E 52 46.73 -37.55 20.32
C GLY E 52 48.15 -37.51 20.82
N TYR E 53 48.55 -36.44 21.50
CA TYR E 53 49.90 -36.33 22.04
C TYR E 53 49.82 -35.88 23.50
N ASN E 54 50.77 -36.35 24.30
CA ASN E 54 50.78 -36.05 25.73
C ASN E 54 51.48 -34.71 25.97
N GLN E 55 51.76 -34.42 27.24
CA GLN E 55 52.43 -33.16 27.59
C GLN E 55 53.84 -33.09 27.02
N ALA E 56 54.58 -34.20 27.09
CA ALA E 56 55.96 -34.20 26.62
C ALA E 56 56.06 -34.18 25.09
N GLY E 57 55.00 -34.54 24.38
CA GLY E 57 55.01 -34.57 22.93
C GLY E 57 55.03 -35.95 22.33
N THR E 58 55.16 -37.00 23.14
CA THR E 58 55.11 -38.36 22.64
C THR E 58 53.69 -38.67 22.16
N ALA E 59 53.59 -39.35 21.01
CA ALA E 59 52.30 -39.69 20.43
C ALA E 59 51.57 -40.68 21.33
N ASP E 60 50.57 -40.20 22.06
CA ASP E 60 49.78 -41.03 22.96
C ASP E 60 48.32 -40.85 22.58
N VAL E 61 47.77 -41.87 21.93
CA VAL E 61 46.37 -41.85 21.52
C VAL E 61 45.48 -41.81 22.75
N THR E 62 44.31 -41.15 22.61
CA THR E 62 43.32 -40.93 23.68
C THR E 62 43.91 -40.07 24.81
N LYS E 63 44.56 -38.98 24.41
CA LYS E 63 45.14 -38.00 25.33
C LYS E 63 45.53 -36.73 24.58
N PHE E 64 45.16 -35.56 25.09
CA PHE E 64 45.39 -34.31 24.37
C PHE E 64 46.00 -33.26 25.30
N ARG E 65 46.77 -32.37 24.69
CA ARG E 65 47.55 -31.35 25.39
C ARG E 65 47.04 -29.96 25.01
N TYR E 66 47.15 -29.02 25.95
CA TYR E 66 46.61 -27.69 25.71
C TYR E 66 47.28 -26.69 26.63
N MET E 67 47.36 -25.44 26.18
CA MET E 67 47.86 -24.36 27.03
C MET E 67 46.87 -24.06 28.16
N SER E 68 47.44 -23.71 29.31
CA SER E 68 46.68 -23.42 30.52
C SER E 68 46.45 -21.93 30.68
N TYR E 69 45.55 -21.59 31.59
CA TYR E 69 45.21 -20.20 31.88
C TYR E 69 46.14 -19.55 32.90
N ASP E 70 46.95 -20.34 33.60
CA ASP E 70 47.80 -19.78 34.64
C ASP E 70 48.95 -18.97 34.04
N HIS E 71 49.34 -17.92 34.75
CA HIS E 71 50.30 -16.95 34.21
C HIS E 71 51.73 -17.48 34.20
N ASP E 72 52.06 -18.43 35.07
CA ASP E 72 53.28 -19.22 34.92
C ASP E 72 53.05 -20.40 33.96
N HIS E 73 52.80 -20.02 32.70
CA HIS E 73 52.08 -20.88 31.77
C HIS E 73 52.88 -22.12 31.42
N ASP E 74 52.18 -23.26 31.39
CA ASP E 74 52.74 -24.52 30.95
C ASP E 74 51.75 -25.19 30.00
N ILE E 75 52.01 -26.45 29.65
CA ILE E 75 51.20 -27.16 28.68
C ILE E 75 50.59 -28.35 29.41
N LYS E 76 49.33 -28.23 29.79
CA LYS E 76 48.67 -29.27 30.55
C LYS E 76 48.16 -30.39 29.65
N GLU E 77 47.77 -31.48 30.31
CA GLU E 77 47.54 -32.78 29.71
C GLU E 77 46.21 -33.31 30.22
N ASP E 78 45.39 -33.84 29.33
CA ASP E 78 44.05 -34.24 29.73
C ASP E 78 43.57 -35.38 28.83
N SER E 79 42.44 -35.97 29.20
CA SER E 79 41.91 -37.13 28.50
C SER E 79 41.13 -36.69 27.26
N MET E 80 41.15 -37.57 26.25
CA MET E 80 40.49 -37.28 24.99
C MET E 80 38.97 -37.45 25.09
N GLU E 81 38.50 -38.28 26.02
CA GLU E 81 37.07 -38.55 26.16
C GLU E 81 36.29 -37.33 26.59
N LYS E 82 36.95 -36.29 27.10
CA LYS E 82 36.30 -35.05 27.47
C LYS E 82 36.05 -34.13 26.28
N ILE E 83 36.58 -34.45 25.10
CA ILE E 83 36.39 -33.63 23.92
C ILE E 83 35.06 -34.00 23.28
N ALA E 84 34.15 -33.02 23.18
CA ALA E 84 32.85 -33.19 22.57
C ALA E 84 32.74 -32.25 21.37
N ILE E 85 32.06 -32.71 20.34
CA ILE E 85 31.96 -32.00 19.08
C ILE E 85 30.47 -31.93 18.72
N SER E 86 29.98 -30.74 18.37
CA SER E 86 28.57 -30.67 18.00
C SER E 86 28.31 -29.54 17.03
N THR E 87 27.46 -29.82 16.03
CA THR E 87 27.00 -28.80 15.09
C THR E 87 25.59 -28.34 15.42
N SER E 88 24.63 -29.24 15.39
CA SER E 88 23.30 -29.01 15.93
C SER E 88 22.93 -30.06 16.96
N GLY E 89 23.30 -31.32 16.71
CA GLY E 89 23.32 -32.33 17.74
C GLY E 89 24.75 -32.79 17.94
N PRO E 90 24.95 -33.80 18.77
CA PRO E 90 26.31 -34.33 18.99
C PRO E 90 26.89 -34.91 17.70
N CYS E 91 28.19 -34.66 17.50
CA CYS E 91 28.92 -35.19 16.37
C CYS E 91 29.71 -36.42 16.80
N ARG E 92 29.66 -37.47 15.99
CA ARG E 92 30.51 -38.63 16.21
C ARG E 92 31.93 -38.29 15.77
N ARG E 93 32.90 -38.59 16.63
CA ARG E 93 34.29 -38.32 16.33
C ARG E 93 34.91 -39.51 15.59
N LEU E 94 35.67 -39.21 14.55
CA LEU E 94 36.27 -40.23 13.70
C LEU E 94 37.79 -40.24 13.74
N GLY E 95 38.43 -39.09 13.91
CA GLY E 95 39.88 -39.09 13.96
C GLY E 95 40.41 -37.86 14.65
N HIS E 96 41.63 -37.97 15.16
CA HIS E 96 42.29 -36.84 15.78
C HIS E 96 43.79 -36.93 15.56
N LYS E 97 44.41 -35.77 15.43
CA LYS E 97 45.87 -35.65 15.36
C LYS E 97 46.15 -34.21 15.79
N GLY E 98 47.43 -33.86 15.91
CA GLY E 98 47.82 -32.53 16.36
C GLY E 98 47.22 -31.41 15.54
N TYR E 99 46.45 -30.56 16.22
CA TYR E 99 45.68 -29.42 15.73
C TYR E 99 44.47 -29.81 14.89
N PHE E 100 44.24 -31.09 14.60
CA PHE E 100 43.24 -31.45 13.60
C PHE E 100 42.34 -32.56 14.10
N LEU E 101 41.08 -32.52 13.68
CA LEU E 101 40.15 -33.57 14.05
C LEU E 101 39.11 -33.75 12.95
N LEU E 102 38.62 -34.99 12.82
CA LEU E 102 37.64 -35.37 11.82
C LEU E 102 36.42 -35.93 12.50
N ALA E 103 35.25 -35.37 12.20
CA ALA E 103 34.01 -35.73 12.88
C ALA E 103 32.83 -35.74 11.91
N GLN E 104 31.91 -36.66 12.15
CA GLN E 104 30.67 -36.75 11.38
C GLN E 104 29.58 -35.95 12.08
N CYS E 105 28.97 -35.01 11.36
CA CYS E 105 28.04 -34.09 11.99
C CYS E 105 26.72 -34.00 11.25
N PRO E 106 25.64 -33.76 12.00
CA PRO E 106 24.36 -33.42 11.37
C PRO E 106 24.42 -32.03 10.78
N PRO E 107 23.48 -31.67 9.89
CA PRO E 107 23.44 -30.30 9.36
C PRO E 107 23.17 -29.28 10.45
N GLY E 108 23.71 -28.09 10.25
CA GLY E 108 23.53 -27.02 11.22
C GLY E 108 24.16 -25.74 10.73
N ASP E 109 24.13 -24.74 11.60
CA ASP E 109 24.61 -23.40 11.25
C ASP E 109 25.91 -23.03 11.93
N SER E 110 26.33 -23.75 12.98
CA SER E 110 27.56 -23.44 13.68
C SER E 110 28.19 -24.73 14.17
N VAL E 111 29.51 -24.73 14.30
CA VAL E 111 30.28 -25.89 14.73
C VAL E 111 31.01 -25.52 16.01
N THR E 112 30.86 -26.34 17.05
CA THR E 112 31.52 -26.08 18.31
C THR E 112 32.27 -27.31 18.80
N VAL E 113 33.38 -27.03 19.46
CA VAL E 113 34.23 -28.02 20.12
C VAL E 113 34.33 -27.63 21.58
N SER E 114 34.11 -28.58 22.48
CA SER E 114 34.08 -28.30 23.90
C SER E 114 34.89 -29.35 24.65
N ILE E 115 35.39 -28.95 25.82
CA ILE E 115 35.99 -29.86 26.77
C ILE E 115 35.00 -30.03 27.91
N THR E 116 34.24 -31.12 27.88
CA THR E 116 33.16 -31.31 28.82
C THR E 116 33.61 -32.12 30.03
N SER E 117 33.02 -31.79 31.19
CA SER E 117 33.23 -32.50 32.46
C SER E 117 34.71 -32.51 32.86
N GLY E 118 35.24 -31.31 33.07
CA GLY E 118 36.63 -31.19 33.47
C GLY E 118 36.86 -29.90 34.23
N ALA E 119 38.13 -29.70 34.62
CA ALA E 119 38.50 -28.48 35.32
C ALA E 119 38.47 -27.27 34.40
N SER E 120 38.75 -27.47 33.11
CA SER E 120 38.70 -26.37 32.16
C SER E 120 37.27 -25.96 31.86
N GLU E 121 36.49 -26.89 31.28
CA GLU E 121 35.07 -26.69 30.95
C GLU E 121 34.88 -25.47 30.05
N ASN E 122 35.46 -25.55 28.86
CA ASN E 122 35.42 -24.46 27.89
C ASN E 122 34.88 -24.96 26.57
N SER E 123 34.21 -24.06 25.84
CA SER E 123 33.65 -24.36 24.54
C SER E 123 34.01 -23.25 23.56
N CYS E 124 34.09 -23.61 22.29
CA CYS E 124 34.39 -22.66 21.23
C CYS E 124 33.52 -22.98 20.02
N THR E 125 32.79 -21.98 19.55
CA THR E 125 31.84 -22.14 18.45
C THR E 125 32.19 -21.16 17.33
N VAL E 126 32.13 -21.65 16.09
CA VAL E 126 32.35 -20.81 14.92
C VAL E 126 31.16 -20.98 13.98
N GLU E 127 30.94 -19.95 13.16
CA GLU E 127 29.86 -19.97 12.18
C GLU E 127 30.31 -20.74 10.95
N LYS E 128 29.67 -21.88 10.71
CA LYS E 128 29.98 -22.70 9.54
C LYS E 128 28.70 -23.37 9.08
N LYS E 129 28.34 -23.14 7.82
CA LYS E 129 27.10 -23.66 7.26
C LYS E 129 27.34 -25.10 6.81
N ILE E 130 26.84 -26.05 7.60
CA ILE E 130 26.92 -27.47 7.29
C ILE E 130 25.58 -27.90 6.72
N ARG E 131 25.60 -28.41 5.49
CA ARG E 131 24.39 -28.86 4.82
C ARG E 131 24.50 -30.33 4.47
N ARG E 132 23.36 -31.01 4.43
CA ARG E 132 23.31 -32.43 4.12
C ARG E 132 23.50 -32.61 2.63
N LYS E 133 24.76 -32.78 2.23
CA LYS E 133 25.09 -32.97 0.83
C LYS E 133 25.00 -34.44 0.45
N PHE E 134 24.78 -34.67 -0.83
CA PHE E 134 24.52 -36.01 -1.35
C PHE E 134 25.28 -36.20 -2.66
N VAL E 135 25.37 -37.45 -3.08
CA VAL E 135 26.09 -37.83 -4.30
C VAL E 135 25.07 -38.31 -5.32
N GLY E 136 25.25 -37.90 -6.57
CA GLY E 136 24.40 -38.35 -7.64
C GLY E 136 23.27 -37.40 -7.95
N ARG E 137 22.27 -37.93 -8.64
CA ARG E 137 21.12 -37.16 -9.09
C ARG E 137 19.83 -37.51 -8.35
N GLU E 138 19.95 -38.05 -7.14
CA GLU E 138 18.79 -38.35 -6.32
C GLU E 138 19.16 -38.14 -4.86
N GLU E 139 18.38 -37.34 -4.14
CA GLU E 139 18.68 -37.09 -2.74
C GLU E 139 18.38 -38.32 -1.90
N TYR E 140 19.06 -38.40 -0.75
CA TYR E 140 18.88 -39.51 0.17
C TYR E 140 19.30 -39.06 1.56
N LEU E 141 18.53 -39.49 2.56
CA LEU E 141 18.90 -39.21 3.94
C LEU E 141 20.07 -40.09 4.37
N PHE E 142 20.04 -41.36 4.02
CA PHE E 142 21.10 -42.33 4.24
C PHE E 142 21.38 -43.08 2.95
N PRO E 143 22.61 -43.54 2.75
CA PRO E 143 22.92 -44.35 1.57
C PRO E 143 22.15 -45.65 1.60
N PRO E 144 21.74 -46.16 0.44
CA PRO E 144 20.96 -47.39 0.39
C PRO E 144 21.83 -48.62 0.62
N VAL E 145 21.16 -49.74 0.87
CA VAL E 145 21.86 -51.02 0.94
C VAL E 145 22.42 -51.38 -0.44
N GLN E 146 21.63 -51.21 -1.49
CA GLN E 146 22.07 -51.50 -2.85
C GLN E 146 21.70 -50.34 -3.77
N GLY E 147 22.65 -49.94 -4.60
CA GLY E 147 22.46 -48.84 -5.52
C GLY E 147 23.31 -48.97 -6.75
N LYS E 148 23.91 -47.85 -7.17
CA LYS E 148 24.70 -47.81 -8.40
C LYS E 148 26.20 -47.88 -8.15
N LEU E 149 26.66 -47.50 -6.96
CA LEU E 149 28.07 -47.51 -6.56
C LEU E 149 28.91 -46.60 -7.47
N VAL E 150 28.66 -45.30 -7.33
CA VAL E 150 29.38 -44.30 -8.12
C VAL E 150 30.58 -43.79 -7.33
N LYS E 151 31.50 -43.14 -8.03
CA LYS E 151 32.69 -42.58 -7.41
C LYS E 151 32.34 -41.34 -6.60
N CYS E 152 32.86 -41.26 -5.38
CA CYS E 152 32.68 -40.10 -4.54
C CYS E 152 33.88 -39.96 -3.61
N HIS E 153 34.18 -38.74 -3.20
CA HIS E 153 35.38 -38.44 -2.44
C HIS E 153 35.04 -38.20 -0.98
N VAL E 154 35.72 -38.93 -0.08
CA VAL E 154 35.50 -38.82 1.35
C VAL E 154 36.85 -38.62 2.05
N TYR E 155 36.79 -38.03 3.23
CA TYR E 155 38.00 -37.88 4.05
C TYR E 155 38.43 -39.23 4.58
N ASP E 156 39.72 -39.54 4.46
CA ASP E 156 40.21 -40.82 4.92
C ASP E 156 40.32 -40.79 6.44
N ARG E 157 39.79 -41.82 7.09
CA ARG E 157 39.77 -41.87 8.55
C ARG E 157 41.16 -42.12 9.13
N LEU E 158 42.09 -42.65 8.32
CA LEU E 158 43.44 -42.88 8.78
C LEU E 158 44.21 -41.57 8.83
N LYS E 159 44.91 -41.34 9.94
CA LYS E 159 45.67 -40.12 10.15
C LYS E 159 47.03 -40.13 9.45
N GLU E 160 47.40 -41.24 8.82
CA GLU E 160 48.69 -41.30 8.12
C GLU E 160 48.68 -40.50 6.84
N THR E 161 47.50 -40.33 6.22
CA THR E 161 47.41 -39.59 4.97
C THR E 161 47.50 -38.09 5.22
N SER E 162 47.84 -37.36 4.17
CA SER E 162 48.06 -35.92 4.25
C SER E 162 47.38 -35.23 3.08
N ALA E 163 46.84 -34.04 3.35
CA ALA E 163 46.14 -33.24 2.36
C ALA E 163 46.70 -31.83 2.30
N GLY E 164 48.03 -31.73 2.27
CA GLY E 164 48.69 -30.45 2.30
C GLY E 164 49.49 -30.27 3.57
N TYR E 165 49.78 -29.02 3.95
CA TYR E 165 50.55 -28.76 5.15
C TYR E 165 50.19 -27.40 5.72
N ILE E 166 50.48 -27.23 7.01
CA ILE E 166 50.40 -25.95 7.69
C ILE E 166 51.81 -25.53 8.08
N THR E 167 52.09 -24.23 7.91
CA THR E 167 53.38 -23.67 8.25
C THR E 167 53.43 -23.32 9.72
N MET E 168 54.61 -23.48 10.32
CA MET E 168 54.78 -23.39 11.76
C MET E 168 55.96 -22.47 12.05
N HIS E 169 55.73 -21.51 12.94
CA HIS E 169 56.67 -20.43 13.22
C HIS E 169 57.01 -20.41 14.71
N ARG E 170 58.18 -19.85 15.01
CA ARG E 170 58.55 -19.64 16.40
C ARG E 170 57.64 -18.59 17.04
N PRO E 171 57.33 -18.73 18.32
CA PRO E 171 56.39 -17.80 18.96
C PRO E 171 57.06 -16.54 19.49
N GLY E 172 56.28 -15.47 19.50
CA GLY E 172 56.76 -14.20 19.98
C GLY E 172 56.58 -14.04 21.47
N PRO E 173 56.74 -12.81 21.97
CA PRO E 173 56.52 -12.57 23.39
C PRO E 173 55.05 -12.70 23.76
N HIS E 174 54.83 -13.03 25.04
CA HIS E 174 53.47 -13.12 25.57
C HIS E 174 53.16 -12.04 26.59
N ALA E 175 54.14 -11.63 27.39
CA ALA E 175 54.07 -10.45 28.26
C ALA E 175 52.94 -10.56 29.29
N TYR E 176 53.11 -11.52 30.19
CA TYR E 176 52.13 -11.75 31.25
C TYR E 176 52.13 -10.60 32.25
N LYS E 177 50.93 -10.27 32.73
CA LYS E 177 50.77 -9.16 33.67
C LYS E 177 51.23 -9.52 35.08
N SER E 178 51.09 -10.79 35.46
CA SER E 178 51.48 -11.22 36.80
C SER E 178 52.98 -11.19 37.02
N TYR E 179 53.77 -10.98 35.97
CA TYR E 179 55.21 -10.78 36.09
C TYR E 179 55.56 -9.34 36.44
N LEU E 180 54.56 -8.51 36.72
CA LEU E 180 54.72 -7.13 37.12
C LEU E 180 54.23 -6.95 38.56
N LYS E 181 54.78 -5.96 39.25
CA LYS E 181 54.25 -5.56 40.55
C LYS E 181 54.48 -4.07 40.75
N GLU E 182 53.41 -3.34 41.02
CA GLU E 182 53.44 -1.89 41.19
C GLU E 182 53.14 -1.58 42.65
N ALA E 183 54.18 -1.45 43.45
CA ALA E 183 54.07 -1.10 44.86
C ALA E 183 54.65 0.29 45.09
N SER E 184 53.86 1.15 45.72
CA SER E 184 54.20 2.56 46.02
C SER E 184 54.43 3.26 44.67
N GLY E 185 55.44 4.10 44.55
CA GLY E 185 55.68 4.85 43.33
C GLY E 185 56.74 4.24 42.43
N GLU E 186 57.03 2.95 42.62
CA GLU E 186 58.03 2.25 41.84
C GLU E 186 57.45 0.94 41.33
N VAL E 187 58.08 0.40 40.29
CA VAL E 187 57.60 -0.81 39.62
C VAL E 187 58.63 -1.93 39.84
N TYR E 188 58.14 -3.13 40.09
CA TYR E 188 58.95 -4.32 40.25
C TYR E 188 58.48 -5.38 39.26
N ILE E 189 59.38 -6.32 38.95
CA ILE E 189 59.04 -7.50 38.18
C ILE E 189 59.49 -8.74 38.93
N LYS E 190 58.61 -9.73 39.03
CA LYS E 190 58.91 -10.99 39.70
C LYS E 190 58.78 -12.15 38.75
N PRO E 191 59.89 -12.76 38.33
CA PRO E 191 59.82 -13.94 37.47
C PRO E 191 59.30 -15.13 38.25
N PRO E 192 58.86 -16.20 37.56
CA PRO E 192 58.42 -17.41 38.29
C PRO E 192 59.57 -18.13 38.98
N SER E 193 59.26 -19.28 39.59
CA SER E 193 60.22 -19.99 40.44
C SER E 193 61.28 -20.64 39.56
N GLY E 194 62.30 -19.86 39.24
CA GLY E 194 63.45 -20.38 38.53
C GLY E 194 63.59 -19.92 37.09
N LYS E 195 62.46 -19.76 36.41
CA LYS E 195 62.48 -19.42 34.99
C LYS E 195 62.96 -17.99 34.76
N ASN E 196 63.82 -17.83 33.76
CA ASN E 196 64.34 -16.52 33.40
C ASN E 196 63.28 -15.75 32.62
N VAL E 197 63.23 -14.44 32.83
CA VAL E 197 62.34 -13.60 32.05
C VAL E 197 63.15 -12.50 31.39
N THR E 198 62.61 -11.98 30.30
CA THR E 198 63.18 -10.85 29.59
C THR E 198 62.24 -9.68 29.73
N TYR E 199 62.78 -8.55 30.17
CA TYR E 199 62.05 -7.30 30.25
C TYR E 199 62.61 -6.34 29.22
N GLU E 200 61.73 -5.58 28.59
CA GLU E 200 62.10 -4.42 27.80
C GLU E 200 61.24 -3.27 28.31
N CYS E 201 61.88 -2.13 28.62
CA CYS E 201 61.20 -1.21 29.50
C CYS E 201 61.62 0.22 29.20
N LYS E 202 60.64 1.11 29.14
CA LYS E 202 60.79 2.47 28.65
C LYS E 202 60.28 3.45 29.70
N CYS E 203 60.83 3.34 30.92
CA CYS E 203 60.53 4.29 31.97
C CYS E 203 60.84 5.72 31.51
N GLY E 204 62.11 5.97 31.16
CA GLY E 204 62.44 7.17 30.42
C GLY E 204 63.14 6.85 29.11
N ASP E 205 63.86 5.74 29.09
CA ASP E 205 64.60 5.28 27.92
C ASP E 205 64.40 3.78 27.76
N TYR E 206 64.53 3.31 26.52
CA TYR E 206 64.36 1.90 26.21
C TYR E 206 65.56 1.12 26.71
N SER E 207 65.37 0.32 27.76
CA SER E 207 66.39 -0.54 28.32
C SER E 207 65.85 -1.95 28.42
N THR E 208 66.62 -2.93 27.95
CA THR E 208 66.19 -4.32 27.98
C THR E 208 67.18 -5.14 28.80
N GLY E 209 66.70 -6.29 29.27
CA GLY E 209 67.55 -7.17 30.05
C GLY E 209 66.85 -8.48 30.33
N ILE E 210 67.62 -9.40 30.90
CA ILE E 210 67.14 -10.72 31.29
C ILE E 210 67.42 -10.88 32.78
N VAL E 211 66.36 -11.15 33.56
CA VAL E 211 66.48 -11.25 35.01
C VAL E 211 65.81 -12.54 35.47
N SER E 212 66.15 -12.93 36.71
CA SER E 212 65.56 -14.09 37.35
C SER E 212 65.18 -13.80 38.80
N THR E 213 65.07 -12.54 39.18
CA THR E 213 64.70 -12.15 40.54
C THR E 213 64.05 -10.78 40.50
N GLN E 214 63.56 -10.34 41.66
CA GLN E 214 62.89 -9.05 41.79
C GLN E 214 63.92 -7.94 41.74
N THR E 215 63.86 -7.10 40.70
CA THR E 215 64.83 -6.04 40.48
C THR E 215 64.14 -4.70 40.31
N LYS E 216 64.77 -3.65 40.83
CA LYS E 216 64.35 -2.28 40.53
C LYS E 216 64.68 -1.91 39.09
N MET E 217 63.91 -1.00 38.53
CA MET E 217 64.12 -0.52 37.16
C MET E 217 63.87 0.98 37.12
N ASN E 218 64.95 1.76 37.04
CA ASN E 218 64.92 3.22 36.80
C ASN E 218 64.10 3.87 37.93
N GLY E 219 63.21 4.80 37.61
CA GLY E 219 62.38 5.43 38.61
C GLY E 219 60.96 5.68 38.16
N CYS E 220 60.49 4.90 37.18
CA CYS E 220 59.15 5.08 36.65
C CYS E 220 58.12 4.46 37.59
N THR E 221 56.91 5.03 37.57
CA THR E 221 55.90 4.71 38.57
C THR E 221 54.95 3.61 38.12
N LYS E 222 54.23 3.83 37.01
CA LYS E 222 53.17 2.93 36.60
C LYS E 222 53.70 1.62 36.05
N ALA E 223 52.96 0.54 36.29
CA ALA E 223 53.28 -0.77 35.74
C ALA E 223 52.84 -0.92 34.30
N ARG E 224 52.04 0.01 33.78
CA ARG E 224 51.71 0.01 32.36
C ARG E 224 52.95 0.20 31.50
N GLN E 225 53.94 0.93 32.02
CA GLN E 225 54.99 1.44 31.18
C GLN E 225 56.02 0.40 30.76
N CYS E 226 55.96 -0.83 31.29
CA CYS E 226 56.75 -1.93 30.75
C CYS E 226 56.26 -3.29 31.21
N ILE E 227 56.87 -4.32 30.63
CA ILE E 227 56.38 -5.70 30.63
C ILE E 227 57.49 -6.66 31.04
N ALA E 228 57.20 -7.96 30.98
CA ALA E 228 58.17 -9.03 31.20
C ALA E 228 57.59 -10.32 30.64
N TYR E 229 58.35 -10.99 29.78
CA TYR E 229 57.91 -12.24 29.18
C TYR E 229 59.05 -13.26 29.23
N LYS E 230 58.69 -14.53 29.41
CA LYS E 230 59.72 -15.56 29.48
C LYS E 230 60.31 -15.84 28.10
N LEU E 231 61.61 -16.12 28.07
CA LEU E 231 62.32 -16.47 26.86
C LEU E 231 62.53 -17.98 26.83
N ASP E 232 63.31 -18.45 25.85
CA ASP E 232 63.59 -19.87 25.62
C ASP E 232 62.30 -20.65 25.43
N GLN E 233 61.49 -20.19 24.48
CA GLN E 233 60.20 -20.79 24.17
C GLN E 233 60.21 -21.36 22.76
N THR E 234 61.29 -22.05 22.39
CA THR E 234 61.50 -22.47 21.01
C THR E 234 60.65 -23.69 20.63
N LYS E 235 59.33 -23.58 20.81
CA LYS E 235 58.37 -24.58 20.36
C LYS E 235 57.53 -23.96 19.26
N TRP E 236 57.46 -24.62 18.10
CA TRP E 236 56.80 -24.02 16.94
C TRP E 236 55.30 -23.92 17.14
N VAL E 237 54.75 -22.75 16.83
CA VAL E 237 53.33 -22.43 17.02
C VAL E 237 52.76 -21.99 15.69
N PHE E 238 51.51 -22.38 15.42
CA PHE E 238 50.84 -22.06 14.18
C PHE E 238 50.63 -20.56 14.04
N ASN E 239 50.66 -20.08 12.80
CA ASN E 239 50.57 -18.65 12.52
C ASN E 239 49.14 -18.08 12.59
N SER E 240 48.47 -18.39 13.70
CA SER E 240 47.12 -17.91 13.95
C SER E 240 47.14 -16.38 14.13
N PRO E 241 46.06 -15.70 13.73
CA PRO E 241 46.00 -14.25 13.88
C PRO E 241 45.89 -13.77 15.32
N ASP E 242 45.78 -14.67 16.29
CA ASP E 242 45.63 -14.30 17.69
C ASP E 242 46.96 -14.23 18.42
N LEU E 243 48.08 -14.29 17.70
CA LEU E 243 49.40 -14.29 18.30
C LEU E 243 50.26 -13.21 17.66
N ILE E 244 51.12 -12.58 18.46
CA ILE E 244 52.07 -11.60 17.93
C ILE E 244 53.21 -12.32 17.25
N ARG E 245 53.52 -11.89 16.04
CA ARG E 245 54.63 -12.45 15.26
C ARG E 245 55.96 -12.09 15.91
N HIS E 246 56.89 -13.04 15.89
CA HIS E 246 58.24 -12.81 16.35
C HIS E 246 58.97 -11.86 15.40
N THR E 247 60.19 -11.46 15.79
CA THR E 247 61.01 -10.66 14.91
C THR E 247 61.42 -11.45 13.66
N ASP E 248 61.59 -12.76 13.78
CA ASP E 248 61.92 -13.62 12.66
C ASP E 248 60.72 -14.52 12.38
N HIS E 249 60.05 -14.26 11.26
CA HIS E 249 58.88 -15.05 10.85
C HIS E 249 59.22 -16.01 9.71
N SER E 250 60.43 -16.55 9.71
CA SER E 250 60.75 -17.63 8.80
C SER E 250 59.98 -18.88 9.19
N VAL E 251 59.57 -19.64 8.17
CA VAL E 251 58.78 -20.86 8.41
C VAL E 251 59.71 -21.89 9.03
N GLN E 252 59.58 -22.10 10.34
CA GLN E 252 60.46 -23.02 11.04
C GLN E 252 60.11 -24.47 10.75
N GLY E 253 58.85 -24.77 10.46
CA GLY E 253 58.50 -26.13 10.15
C GLY E 253 57.25 -26.21 9.30
N LYS E 254 57.02 -27.39 8.76
CA LYS E 254 55.76 -27.72 8.10
C LYS E 254 55.23 -28.99 8.73
N LEU E 255 53.92 -29.03 8.96
CA LEU E 255 53.27 -30.22 9.49
C LEU E 255 52.08 -30.60 8.62
N HIS E 256 51.84 -31.89 8.48
CA HIS E 256 50.82 -32.40 7.58
C HIS E 256 49.42 -31.99 8.04
N ILE E 257 48.53 -31.80 7.06
CA ILE E 257 47.10 -31.72 7.31
C ILE E 257 46.53 -33.12 7.08
N PRO E 258 46.10 -33.83 8.13
CA PRO E 258 45.70 -35.22 7.97
C PRO E 258 44.32 -35.34 7.30
N PHE E 259 43.87 -36.58 7.15
CA PHE E 259 42.55 -36.93 6.62
C PHE E 259 42.38 -36.39 5.19
N ARG E 260 43.21 -36.94 4.31
CA ARG E 260 43.18 -36.57 2.90
C ARG E 260 41.87 -36.97 2.23
N LEU E 261 41.32 -36.08 1.41
CA LEU E 261 40.12 -36.34 0.65
C LEU E 261 40.44 -37.31 -0.48
N THR E 262 40.11 -38.58 -0.28
CA THR E 262 40.43 -39.65 -1.22
C THR E 262 39.19 -40.12 -1.96
N PRO E 263 39.34 -40.56 -3.20
CA PRO E 263 38.19 -41.11 -3.94
C PRO E 263 37.92 -42.56 -3.55
N THR E 264 36.67 -42.84 -3.19
CA THR E 264 36.17 -44.20 -2.96
C THR E 264 34.92 -44.40 -3.80
N VAL E 265 34.28 -45.54 -3.61
CA VAL E 265 33.06 -45.92 -4.32
C VAL E 265 31.94 -46.02 -3.30
N CYS E 266 30.88 -45.26 -3.50
CA CYS E 266 29.76 -45.22 -2.58
C CYS E 266 28.43 -45.37 -3.31
N PRO E 267 27.46 -46.02 -2.68
CA PRO E 267 26.19 -46.27 -3.36
C PRO E 267 25.25 -45.08 -3.31
N VAL E 268 24.47 -44.96 -4.38
CA VAL E 268 23.46 -43.91 -4.52
C VAL E 268 22.15 -44.58 -4.90
N PRO E 269 20.99 -44.00 -4.57
CA PRO E 269 19.72 -44.66 -4.86
C PRO E 269 19.45 -44.79 -6.35
N LEU E 270 18.80 -45.89 -6.71
CA LEU E 270 18.26 -46.08 -8.05
C LEU E 270 16.75 -45.90 -7.96
N ALA E 271 16.23 -44.90 -8.67
CA ALA E 271 14.83 -44.55 -8.55
C ALA E 271 13.94 -45.57 -9.25
N HIS E 272 12.64 -45.43 -9.00
CA HIS E 272 11.65 -46.27 -9.67
C HIS E 272 11.66 -46.02 -11.17
N THR E 273 11.65 -47.09 -11.94
CA THR E 273 11.67 -46.97 -13.39
C THR E 273 10.34 -46.40 -13.85
N PRO E 274 10.34 -45.29 -14.59
CA PRO E 274 9.06 -44.65 -14.93
C PRO E 274 8.26 -45.44 -15.94
N THR E 275 6.95 -45.48 -15.72
CA THR E 275 6.03 -46.13 -16.64
C THR E 275 5.73 -45.15 -17.76
N VAL E 276 6.35 -45.36 -18.91
CA VAL E 276 6.21 -44.45 -20.03
C VAL E 276 4.99 -44.84 -20.87
N THR E 277 4.23 -43.84 -21.29
CA THR E 277 3.15 -44.05 -22.25
C THR E 277 3.42 -43.17 -23.47
N LYS E 278 2.94 -43.63 -24.62
CA LYS E 278 3.37 -43.07 -25.90
C LYS E 278 2.17 -42.54 -26.67
N TRP E 279 2.32 -41.36 -27.25
CA TRP E 279 1.39 -40.88 -28.27
C TRP E 279 2.19 -40.61 -29.55
N PHE E 280 1.53 -39.97 -30.52
CA PHE E 280 2.05 -39.90 -31.88
C PHE E 280 3.42 -39.24 -31.94
N LYS E 281 3.60 -38.13 -31.22
CA LYS E 281 4.87 -37.39 -31.28
C LYS E 281 5.29 -37.00 -29.87
N GLY E 282 5.29 -37.96 -28.96
CA GLY E 282 5.77 -37.69 -27.62
C GLY E 282 5.48 -38.83 -26.67
N ILE E 283 6.04 -38.68 -25.46
CA ILE E 283 5.91 -39.66 -24.39
C ILE E 283 5.59 -38.94 -23.09
N THR E 284 4.75 -39.56 -22.28
CA THR E 284 4.52 -39.12 -20.90
C THR E 284 5.22 -40.09 -19.96
N LEU E 285 6.06 -39.54 -19.08
CA LEU E 285 6.76 -40.30 -18.05
C LEU E 285 6.04 -40.07 -16.73
N HIS E 286 5.79 -41.16 -16.00
CA HIS E 286 4.95 -41.05 -14.81
C HIS E 286 5.72 -40.58 -13.58
N LEU E 287 6.95 -41.07 -13.40
CA LEU E 287 7.95 -40.48 -12.51
C LEU E 287 7.49 -40.42 -11.05
N THR E 288 7.33 -41.61 -10.47
CA THR E 288 7.12 -41.72 -9.03
C THR E 288 8.45 -41.50 -8.30
N ALA E 289 8.43 -40.65 -7.28
CA ALA E 289 9.65 -40.37 -6.52
C ALA E 289 9.27 -39.92 -5.12
N THR E 290 10.06 -40.33 -4.13
CA THR E 290 9.86 -39.90 -2.75
C THR E 290 10.75 -38.70 -2.43
N ARG E 291 12.06 -38.89 -2.52
CA ARG E 291 13.01 -37.79 -2.43
C ARG E 291 13.10 -37.08 -3.79
N PRO E 292 13.60 -35.85 -3.81
CA PRO E 292 13.83 -35.18 -5.10
C PRO E 292 14.78 -35.96 -6.00
N THR E 293 14.42 -36.04 -7.27
CA THR E 293 15.13 -36.84 -8.24
C THR E 293 15.26 -36.05 -9.53
N LEU E 294 16.46 -36.05 -10.11
CA LEU E 294 16.71 -35.24 -11.29
C LEU E 294 16.28 -35.96 -12.56
N LEU E 295 15.44 -35.32 -13.35
CA LEU E 295 15.04 -35.79 -14.67
C LEU E 295 15.60 -34.84 -15.72
N THR E 296 16.37 -35.38 -16.65
CA THR E 296 17.05 -34.58 -17.67
C THR E 296 16.77 -35.18 -19.04
N THR E 297 16.15 -34.40 -19.92
CA THR E 297 15.81 -34.84 -21.26
C THR E 297 16.49 -33.96 -22.30
N ARG E 298 16.90 -34.58 -23.41
CA ARG E 298 17.45 -33.81 -24.51
C ARG E 298 17.19 -34.52 -25.83
N LYS E 299 16.96 -33.72 -26.87
CA LYS E 299 16.75 -34.24 -28.21
C LYS E 299 18.08 -34.57 -28.86
N LEU E 300 18.07 -35.60 -29.69
CA LEU E 300 19.28 -36.12 -30.34
C LEU E 300 19.47 -35.50 -31.72
N GLY E 301 19.44 -34.18 -31.81
CA GLY E 301 19.56 -33.49 -33.08
C GLY E 301 20.39 -32.24 -32.95
N LEU E 302 20.22 -31.32 -33.91
CA LEU E 302 20.96 -30.07 -33.88
C LEU E 302 20.53 -29.20 -32.70
N ARG E 303 19.23 -29.12 -32.44
CA ARG E 303 18.70 -28.32 -31.35
C ARG E 303 18.33 -29.26 -30.21
N ALA E 304 19.23 -29.39 -29.23
CA ALA E 304 19.00 -30.23 -28.07
C ALA E 304 18.26 -29.41 -27.02
N ASP E 305 16.94 -29.53 -27.00
CA ASP E 305 16.11 -28.82 -26.04
C ASP E 305 16.27 -29.50 -24.68
N ALA E 306 17.34 -29.14 -23.99
CA ALA E 306 17.70 -29.77 -22.73
C ALA E 306 16.80 -29.24 -21.61
N THR E 307 16.08 -30.15 -20.96
CA THR E 307 15.25 -29.80 -19.81
C THR E 307 15.75 -30.58 -18.60
N ALA E 308 16.00 -29.87 -17.51
CA ALA E 308 16.43 -30.47 -16.26
C ALA E 308 15.47 -30.04 -15.16
N GLU E 309 14.99 -31.01 -14.39
CA GLU E 309 14.01 -30.69 -13.36
C GLU E 309 14.13 -31.66 -12.19
N TRP E 310 14.16 -31.13 -10.97
CA TRP E 310 14.08 -31.95 -9.78
C TRP E 310 12.61 -32.23 -9.47
N ILE E 311 12.29 -33.50 -9.26
CA ILE E 311 10.92 -33.96 -9.12
C ILE E 311 10.75 -34.62 -7.76
N THR E 312 9.76 -34.16 -7.01
CA THR E 312 9.33 -34.78 -5.77
C THR E 312 7.86 -35.16 -5.91
N GLY E 313 7.51 -36.36 -5.48
CA GLY E 313 6.16 -36.84 -5.64
C GLY E 313 5.97 -37.57 -6.95
N THR E 314 4.70 -37.85 -7.25
CA THR E 314 4.31 -38.62 -8.43
C THR E 314 3.61 -37.68 -9.40
N THR E 315 4.39 -37.08 -10.29
CA THR E 315 3.89 -36.14 -11.29
C THR E 315 4.33 -36.60 -12.67
N SER E 316 3.38 -36.65 -13.60
CA SER E 316 3.68 -37.04 -14.97
C SER E 316 4.20 -35.84 -15.77
N ARG E 317 5.08 -36.13 -16.71
CA ARG E 317 5.70 -35.11 -17.54
C ARG E 317 5.60 -35.51 -19.01
N ASN E 318 5.18 -34.56 -19.85
CA ASN E 318 5.05 -34.77 -21.28
C ASN E 318 6.30 -34.25 -21.98
N PHE E 319 6.80 -35.03 -22.94
CA PHE E 319 7.98 -34.65 -23.69
C PHE E 319 7.77 -34.97 -25.16
N SER E 320 8.01 -33.99 -26.02
CA SER E 320 7.85 -34.14 -27.45
C SER E 320 9.10 -34.77 -28.03
N VAL E 321 8.95 -35.93 -28.67
CA VAL E 321 10.03 -36.64 -29.33
C VAL E 321 9.74 -36.68 -30.81
N GLY E 322 10.78 -36.48 -31.62
CA GLY E 322 10.68 -36.53 -33.06
C GLY E 322 11.45 -37.69 -33.66
N ARG E 323 11.61 -37.61 -34.98
CA ARG E 323 12.36 -38.64 -35.70
C ARG E 323 13.83 -38.62 -35.32
N GLU E 324 14.34 -37.47 -34.89
CA GLU E 324 15.70 -37.37 -34.41
C GLU E 324 15.89 -38.17 -33.12
N GLY E 325 14.92 -38.11 -32.22
CA GLY E 325 14.96 -38.86 -30.99
C GLY E 325 15.11 -37.96 -29.77
N LEU E 326 14.83 -38.55 -28.61
CA LEU E 326 14.99 -37.91 -27.32
C LEU E 326 15.52 -38.94 -26.34
N GLU E 327 16.51 -38.56 -25.54
CA GLU E 327 16.96 -39.39 -24.44
C GLU E 327 16.64 -38.72 -23.12
N TYR E 328 16.22 -39.53 -22.17
CA TYR E 328 15.91 -39.06 -20.82
C TYR E 328 16.70 -39.86 -19.80
N VAL E 329 17.19 -39.15 -18.78
CA VAL E 329 17.87 -39.75 -17.65
C VAL E 329 17.03 -39.43 -16.42
N TRP E 330 16.61 -40.47 -15.71
CA TRP E 330 15.76 -40.35 -14.54
C TRP E 330 16.59 -40.78 -13.34
N GLY E 331 17.14 -39.80 -12.62
CA GLY E 331 17.97 -40.11 -11.47
C GLY E 331 19.29 -40.70 -11.88
N ASN E 332 19.70 -41.75 -11.18
CA ASN E 332 20.96 -42.42 -11.43
C ASN E 332 20.85 -43.54 -12.43
N HIS E 333 19.69 -43.70 -13.06
CA HIS E 333 19.53 -44.75 -14.06
C HIS E 333 20.29 -44.38 -15.34
N GLU E 334 20.52 -45.39 -16.18
CA GLU E 334 21.17 -45.18 -17.46
C GLU E 334 20.27 -44.37 -18.39
N PRO E 335 20.85 -43.59 -19.30
CA PRO E 335 20.03 -42.85 -20.26
C PRO E 335 19.21 -43.77 -21.14
N VAL E 336 17.96 -43.38 -21.38
CA VAL E 336 17.04 -44.16 -22.21
C VAL E 336 16.72 -43.33 -23.45
N ARG E 337 16.97 -43.91 -24.62
CA ARG E 337 16.80 -43.24 -25.90
C ARG E 337 15.53 -43.76 -26.57
N VAL E 338 14.66 -42.85 -26.97
CA VAL E 338 13.44 -43.21 -27.70
C VAL E 338 13.38 -42.38 -28.96
N TRP E 339 12.82 -42.98 -30.01
CA TRP E 339 12.65 -42.33 -31.30
C TRP E 339 11.19 -42.38 -31.71
N ALA E 340 10.72 -41.29 -32.32
CA ALA E 340 9.33 -41.19 -32.74
C ALA E 340 9.21 -41.64 -34.18
N GLN E 341 8.41 -42.67 -34.42
CA GLN E 341 8.15 -43.16 -35.76
C GLN E 341 6.78 -42.66 -36.21
N GLU E 342 6.69 -42.34 -37.50
CA GLU E 342 5.53 -41.64 -38.05
C GLU E 342 4.32 -42.58 -38.06
N SER E 343 3.34 -42.27 -37.22
CA SER E 343 2.13 -43.07 -37.03
C SER E 343 0.91 -42.16 -36.95
N ALA E 344 0.82 -41.22 -37.89
CA ALA E 344 -0.25 -40.23 -37.87
C ALA E 344 -1.59 -40.91 -38.13
N PRO E 345 -2.66 -40.45 -37.45
CA PRO E 345 -3.98 -41.05 -37.68
C PRO E 345 -4.53 -40.71 -39.05
N GLY E 346 -4.57 -41.71 -39.93
CA GLY E 346 -5.02 -41.50 -41.29
C GLY E 346 -4.61 -42.68 -42.15
N ASP E 347 -4.61 -42.45 -43.45
CA ASP E 347 -4.23 -43.47 -44.41
C ASP E 347 -3.73 -42.81 -45.69
N PRO E 348 -2.45 -42.96 -46.03
CA PRO E 348 -1.94 -42.39 -47.28
C PRO E 348 -2.38 -43.16 -48.52
N HIS E 349 -3.06 -44.28 -48.36
CA HIS E 349 -3.57 -45.09 -49.46
C HIS E 349 -5.08 -45.23 -49.25
N GLY E 350 -5.84 -44.27 -49.75
CA GLY E 350 -7.27 -44.30 -49.58
C GLY E 350 -7.93 -43.04 -50.10
N TRP E 351 -9.08 -42.72 -49.50
CA TRP E 351 -9.82 -41.52 -49.89
C TRP E 351 -9.03 -40.28 -49.49
N PRO E 352 -9.22 -39.16 -50.22
CA PRO E 352 -8.35 -38.00 -50.04
C PRO E 352 -8.33 -37.41 -48.63
N HIS E 353 -9.46 -37.43 -47.92
CA HIS E 353 -9.50 -36.80 -46.60
C HIS E 353 -8.59 -37.53 -45.61
N GLU E 354 -8.50 -38.86 -45.71
CA GLU E 354 -7.57 -39.61 -44.87
C GLU E 354 -6.12 -39.24 -45.19
N ILE E 355 -5.80 -39.06 -46.47
CA ILE E 355 -4.46 -38.63 -46.87
C ILE E 355 -4.16 -37.25 -46.30
N ILE E 356 -5.13 -36.34 -46.38
CA ILE E 356 -4.93 -34.97 -45.89
C ILE E 356 -4.69 -34.97 -44.39
N ILE E 357 -5.51 -35.71 -43.63
CA ILE E 357 -5.37 -35.69 -42.17
C ILE E 357 -4.07 -36.38 -41.75
N HIS E 358 -3.68 -37.46 -42.43
CA HIS E 358 -2.42 -38.14 -42.11
C HIS E 358 -1.22 -37.24 -42.36
N TYR E 359 -1.13 -36.66 -43.56
CA TYR E 359 0.03 -35.87 -43.89
C TYR E 359 0.02 -34.53 -43.15
N TYR E 360 -1.15 -34.03 -42.75
CA TYR E 360 -1.21 -32.82 -41.95
C TYR E 360 -0.75 -33.08 -40.53
N HIS E 361 -1.08 -34.25 -39.97
CA HIS E 361 -0.54 -34.60 -38.67
C HIS E 361 0.96 -34.85 -38.74
N ARG E 362 1.44 -35.38 -39.87
CA ARG E 362 2.89 -35.54 -40.05
C ARG E 362 3.58 -34.18 -40.16
N HIS E 363 3.26 -33.41 -41.20
CA HIS E 363 3.83 -32.08 -41.41
C HIS E 363 2.69 -31.11 -41.70
N PRO E 364 2.37 -30.21 -40.77
CA PRO E 364 1.22 -29.32 -41.01
C PRO E 364 1.48 -28.24 -42.04
N VAL E 365 2.64 -27.57 -41.97
CA VAL E 365 2.90 -26.40 -42.79
C VAL E 365 3.06 -26.80 -44.25
N TYR E 366 3.79 -27.89 -44.51
CA TYR E 366 4.00 -28.33 -45.89
C TYR E 366 2.68 -28.73 -46.54
N THR E 367 1.83 -29.45 -45.82
CA THR E 367 0.58 -29.87 -46.43
C THR E 367 -0.39 -28.72 -46.59
N VAL E 368 -0.42 -27.78 -45.65
CA VAL E 368 -1.34 -26.66 -45.84
C VAL E 368 -0.88 -25.78 -46.99
N ILE E 369 0.43 -25.64 -47.20
CA ILE E 369 0.86 -24.83 -48.34
C ILE E 369 0.68 -25.57 -49.66
N VAL E 370 0.81 -26.92 -49.66
CA VAL E 370 0.51 -27.66 -50.89
C VAL E 370 -0.97 -27.58 -51.24
N LEU E 371 -1.87 -27.74 -50.26
CA LEU E 371 -3.29 -27.63 -50.56
C LEU E 371 -3.69 -26.20 -50.92
N CYS E 372 -3.06 -25.20 -50.32
CA CYS E 372 -3.29 -23.82 -50.75
C CYS E 372 -2.83 -23.60 -52.18
N GLY E 373 -1.70 -24.19 -52.55
CA GLY E 373 -1.23 -24.10 -53.92
C GLY E 373 -2.15 -24.79 -54.91
N VAL E 374 -2.69 -25.95 -54.52
CA VAL E 374 -3.64 -26.65 -55.38
C VAL E 374 -4.92 -25.84 -55.55
N ALA E 375 -5.43 -25.26 -54.46
CA ALA E 375 -6.63 -24.43 -54.56
C ALA E 375 -6.38 -23.19 -55.41
N LEU E 376 -5.23 -22.55 -55.25
CA LEU E 376 -4.88 -21.40 -56.07
C LEU E 376 -4.74 -21.80 -57.54
N ALA E 377 -4.13 -22.95 -57.80
CA ALA E 377 -3.94 -23.41 -59.17
C ALA E 377 -5.28 -23.69 -59.85
N ILE E 378 -6.19 -24.37 -59.16
CA ILE E 378 -7.47 -24.66 -59.78
C ILE E 378 -8.31 -23.39 -59.94
N LEU E 379 -8.21 -22.44 -58.99
CA LEU E 379 -8.94 -21.20 -59.12
C LEU E 379 -8.43 -20.38 -60.31
N VAL E 380 -7.10 -20.26 -60.45
CA VAL E 380 -6.53 -19.52 -61.57
C VAL E 380 -6.82 -20.22 -62.89
N GLY E 381 -6.79 -21.56 -62.90
CA GLY E 381 -7.11 -22.28 -64.12
C GLY E 381 -8.54 -22.09 -64.56
N THR E 382 -9.49 -22.18 -63.61
CA THR E 382 -10.89 -21.97 -63.94
C THR E 382 -11.14 -20.53 -64.38
N ALA E 383 -10.54 -19.56 -63.69
CA ALA E 383 -10.73 -18.15 -64.05
C ALA E 383 -10.16 -17.85 -65.44
N SER E 384 -8.97 -18.39 -65.74
CA SER E 384 -8.36 -18.15 -67.04
C SER E 384 -9.13 -18.84 -68.15
N SER E 385 -9.62 -20.06 -67.90
CA SER E 385 -10.43 -20.75 -68.90
C SER E 385 -11.72 -19.98 -69.18
N ALA E 386 -12.36 -19.47 -68.13
CA ALA E 386 -13.55 -18.65 -68.31
C ALA E 386 -13.23 -17.36 -69.05
N ALA E 387 -12.06 -16.78 -68.79
CA ALA E 387 -11.66 -15.55 -69.47
C ALA E 387 -11.45 -15.78 -70.96
N CYS E 388 -10.76 -16.86 -71.32
CA CYS E 388 -10.58 -17.16 -72.74
C CYS E 388 -11.88 -17.53 -73.42
N ILE E 389 -12.77 -18.25 -72.73
CA ILE E 389 -14.07 -18.60 -73.29
C ILE E 389 -14.90 -17.34 -73.54
N ALA E 390 -14.91 -16.42 -72.58
CA ALA E 390 -15.65 -15.17 -72.73
C ALA E 390 -15.05 -14.30 -73.83
N LYS E 391 -13.72 -14.25 -73.94
CA LYS E 391 -13.08 -13.49 -75.00
C LYS E 391 -13.40 -14.06 -76.37
N ALA E 392 -13.38 -15.39 -76.50
CA ALA E 392 -13.72 -16.03 -77.76
C ALA E 392 -15.17 -15.78 -78.15
N ARG E 393 -16.09 -15.90 -77.18
CA ARG E 393 -17.50 -15.62 -77.46
C ARG E 393 -17.71 -14.16 -77.84
N ARG E 394 -17.01 -13.25 -77.16
CA ARG E 394 -17.14 -11.83 -77.44
C ARG E 394 -16.67 -11.51 -78.86
N ASP E 395 -15.48 -12.02 -79.21
CA ASP E 395 -14.89 -11.73 -80.51
C ASP E 395 -15.47 -12.56 -81.63
N CYS E 396 -16.31 -13.56 -81.34
CA CYS E 396 -17.04 -14.24 -82.39
C CYS E 396 -18.48 -13.79 -82.54
N LEU E 397 -19.03 -13.11 -81.54
CA LEU E 397 -20.36 -12.53 -81.69
C LEU E 397 -20.34 -11.07 -82.10
N THR E 398 -19.26 -10.32 -81.84
CA THR E 398 -19.18 -8.97 -82.39
C THR E 398 -19.14 -8.90 -83.92
N PRO E 399 -18.59 -9.85 -84.68
CA PRO E 399 -18.83 -9.82 -86.13
C PRO E 399 -20.28 -9.99 -86.53
N TYR E 400 -21.11 -10.61 -85.69
CA TYR E 400 -22.50 -10.86 -86.05
C TYR E 400 -23.50 -10.04 -85.24
N ALA E 401 -23.08 -9.43 -84.12
CA ALA E 401 -23.99 -8.53 -83.41
C ALA E 401 -24.14 -7.21 -84.14
N LEU E 402 -23.11 -6.78 -84.87
CA LEU E 402 -23.16 -5.52 -85.60
C LEU E 402 -23.94 -5.63 -86.90
N ALA E 403 -24.23 -6.85 -87.35
CA ALA E 403 -24.97 -7.08 -88.59
C ALA E 403 -26.18 -7.97 -88.32
N PRO E 404 -27.35 -7.40 -88.04
CA PRO E 404 -28.51 -8.25 -87.74
C PRO E 404 -29.03 -9.02 -88.94
N ASN E 405 -29.02 -8.42 -90.13
CA ASN E 405 -29.55 -9.09 -91.31
C ASN E 405 -28.70 -10.25 -91.78
N ALA E 406 -27.47 -10.37 -91.29
CA ALA E 406 -26.61 -11.49 -91.67
C ALA E 406 -27.11 -12.78 -91.00
N THR E 407 -26.78 -13.90 -91.62
CA THR E 407 -27.19 -15.21 -91.13
C THR E 407 -26.02 -15.87 -90.40
N VAL E 408 -26.24 -16.19 -89.13
CA VAL E 408 -25.19 -16.86 -88.34
C VAL E 408 -25.07 -18.30 -88.80
N PRO E 409 -23.87 -18.77 -89.17
CA PRO E 409 -23.66 -20.15 -89.63
C PRO E 409 -23.93 -21.19 -88.56
N MET F 1 -31.43 14.79 -101.31
CA MET F 1 -31.62 13.36 -101.10
C MET F 1 -30.80 12.86 -99.93
N CYS F 2 -29.47 13.05 -100.01
CA CYS F 2 -28.59 12.60 -98.95
C CYS F 2 -28.69 13.51 -97.73
N MET F 3 -28.72 14.83 -97.95
CA MET F 3 -28.77 15.78 -96.84
C MET F 3 -30.09 15.68 -96.08
N LYS F 4 -31.20 15.47 -96.80
CA LYS F 4 -32.49 15.33 -96.13
C LYS F 4 -32.57 14.03 -95.34
N LEU F 5 -32.03 12.94 -95.89
CA LEU F 5 -32.15 11.64 -95.22
C LEU F 5 -31.19 11.54 -94.03
N GLU F 6 -30.00 12.11 -94.15
CA GLU F 6 -29.06 12.09 -93.04
C GLU F 6 -29.46 13.04 -91.91
N SER F 7 -30.40 13.95 -92.16
CA SER F 7 -30.90 14.82 -91.11
C SER F 7 -31.70 14.01 -90.10
N ASP F 8 -31.47 14.31 -88.81
CA ASP F 8 -32.09 13.64 -87.67
C ASP F 8 -31.79 12.13 -87.66
N LYS F 9 -30.69 11.75 -88.28
CA LYS F 9 -30.15 10.39 -88.24
C LYS F 9 -28.69 10.36 -87.81
N THR F 10 -27.89 11.34 -88.26
CA THR F 10 -26.51 11.48 -87.82
C THR F 10 -26.53 12.35 -86.56
N PHE F 11 -26.24 11.73 -85.42
CA PHE F 11 -26.33 12.43 -84.15
C PHE F 11 -24.95 12.84 -83.70
N PRO F 12 -24.67 14.14 -83.62
CA PRO F 12 -23.31 14.59 -83.30
C PRO F 12 -22.90 14.24 -81.88
N ILE F 13 -21.61 13.97 -81.72
CA ILE F 13 -20.98 13.76 -80.43
C ILE F 13 -20.24 15.04 -80.06
N MET F 14 -20.40 15.49 -78.83
CA MET F 14 -19.71 16.68 -78.33
C MET F 14 -18.75 16.29 -77.22
N LEU F 15 -17.51 16.75 -77.32
CA LEU F 15 -16.53 16.60 -76.24
C LEU F 15 -16.58 17.74 -75.24
N ASN F 16 -17.73 18.43 -75.15
CA ASN F 16 -18.00 19.66 -74.42
C ASN F 16 -17.22 20.86 -74.97
N GLY F 17 -16.58 20.71 -76.12
CA GLY F 17 -15.95 21.84 -76.76
C GLY F 17 -16.51 22.17 -78.12
N GLN F 18 -16.92 21.13 -78.86
CA GLN F 18 -17.31 21.24 -80.26
C GLN F 18 -17.82 19.85 -80.66
N VAL F 19 -18.48 19.78 -81.82
CA VAL F 19 -18.71 18.49 -82.44
C VAL F 19 -17.36 17.84 -82.77
N ASN F 20 -17.24 16.55 -82.42
CA ASN F 20 -16.01 15.83 -82.70
C ASN F 20 -16.26 14.43 -83.24
N GLY F 21 -17.49 14.08 -83.53
CA GLY F 21 -17.79 12.79 -84.11
C GLY F 21 -19.29 12.62 -84.28
N TYR F 22 -19.64 11.65 -85.11
CA TYR F 22 -21.04 11.31 -85.38
C TYR F 22 -21.30 9.88 -84.95
N ALA F 23 -22.44 9.66 -84.30
CA ALA F 23 -22.90 8.32 -83.96
C ALA F 23 -24.12 7.99 -84.80
N CYS F 24 -24.16 6.77 -85.32
CA CYS F 24 -25.14 6.40 -86.33
C CYS F 24 -26.05 5.29 -85.83
N VAL F 25 -27.33 5.43 -86.13
CA VAL F 25 -28.36 4.46 -85.77
C VAL F 25 -28.71 3.69 -87.04
N VAL F 26 -28.23 2.45 -87.14
CA VAL F 26 -28.52 1.59 -88.29
C VAL F 26 -28.94 0.22 -87.80
N GLY F 27 -29.89 -0.39 -88.51
CA GLY F 27 -30.31 -1.75 -88.24
C GLY F 27 -30.89 -1.98 -86.86
N GLY F 28 -31.42 -0.95 -86.22
CA GLY F 28 -31.88 -1.07 -84.86
C GLY F 28 -30.80 -1.05 -83.81
N ARG F 29 -29.60 -0.55 -84.15
CA ARG F 29 -28.53 -0.40 -83.17
C ARG F 29 -27.81 0.92 -83.36
N LEU F 30 -27.45 1.52 -82.22
CA LEU F 30 -26.53 2.64 -82.19
C LEU F 30 -25.10 2.14 -82.29
N MET F 31 -24.27 2.87 -83.03
CA MET F 31 -22.83 2.63 -83.01
C MET F 31 -22.08 3.93 -83.18
N LYS F 32 -20.99 4.07 -82.42
CA LYS F 32 -20.13 5.23 -82.43
C LYS F 32 -18.69 4.76 -82.40
N PRO F 33 -17.74 5.59 -82.85
CA PRO F 33 -16.33 5.20 -82.78
C PRO F 33 -15.82 5.11 -81.35
N LEU F 34 -14.79 4.28 -81.14
CA LEU F 34 -14.10 4.28 -79.86
C LEU F 34 -13.24 5.52 -79.69
N HIS F 35 -12.49 5.89 -80.73
CA HIS F 35 -11.47 6.92 -80.60
C HIS F 35 -12.06 8.31 -80.44
N VAL F 36 -13.34 8.51 -80.73
CA VAL F 36 -14.01 9.76 -80.39
C VAL F 36 -14.39 9.69 -78.91
N GLU F 37 -14.24 10.83 -78.23
CA GLU F 37 -14.56 10.93 -76.82
C GLU F 37 -15.46 12.12 -76.59
N GLY F 38 -16.38 11.98 -75.64
CA GLY F 38 -17.29 13.04 -75.30
C GLY F 38 -18.66 12.48 -75.01
N LYS F 39 -19.67 13.35 -75.12
CA LYS F 39 -21.05 13.00 -74.80
C LYS F 39 -21.89 13.14 -76.06
N ILE F 40 -22.56 12.05 -76.44
CA ILE F 40 -23.57 12.10 -77.49
C ILE F 40 -24.73 12.97 -77.05
N ASP F 41 -25.30 13.71 -78.01
CA ASP F 41 -26.51 14.49 -77.78
C ASP F 41 -27.72 13.56 -77.86
N ASN F 42 -28.93 14.14 -77.91
CA ASN F 42 -30.19 13.40 -77.90
C ASN F 42 -30.27 12.53 -76.65
N GLU F 43 -30.48 13.21 -75.52
CA GLU F 43 -30.32 12.64 -74.18
C GLU F 43 -31.19 11.40 -73.96
N GLN F 44 -32.27 11.24 -74.72
CA GLN F 44 -32.98 9.96 -74.76
C GLN F 44 -32.04 8.83 -75.19
N LEU F 45 -31.29 9.05 -76.26
CA LEU F 45 -30.36 8.07 -76.79
C LEU F 45 -28.99 8.15 -76.13
N ALA F 46 -28.73 9.18 -75.32
CA ALA F 46 -27.48 9.25 -74.58
C ALA F 46 -27.45 8.33 -73.37
N ALA F 47 -28.60 7.87 -72.89
CA ALA F 47 -28.67 7.11 -71.65
C ALA F 47 -28.56 5.61 -71.86
N VAL F 48 -28.45 5.15 -73.10
CA VAL F 48 -28.37 3.71 -73.36
C VAL F 48 -26.95 3.23 -73.10
N LYS F 49 -26.83 1.95 -72.75
CA LYS F 49 -25.53 1.34 -72.52
C LYS F 49 -24.93 0.89 -73.84
N LEU F 50 -23.65 1.20 -74.04
CA LEU F 50 -22.92 0.82 -75.24
C LEU F 50 -21.78 -0.11 -74.87
N LYS F 51 -21.75 -1.28 -75.51
CA LYS F 51 -20.68 -2.26 -75.29
C LYS F 51 -19.64 -2.14 -76.40
N LYS F 52 -18.40 -2.42 -76.03
CA LYS F 52 -17.26 -2.10 -76.87
C LYS F 52 -16.87 -3.28 -77.75
N ALA F 53 -16.75 -3.02 -79.05
CA ALA F 53 -16.11 -3.91 -80.01
C ALA F 53 -14.82 -3.23 -80.42
N SER F 54 -13.74 -3.56 -79.71
CA SER F 54 -12.45 -2.95 -79.97
C SER F 54 -11.84 -3.43 -81.28
N MET F 55 -12.27 -4.58 -81.78
CA MET F 55 -11.78 -5.08 -83.06
C MET F 55 -12.17 -4.14 -84.19
N TYR F 56 -13.41 -3.68 -84.19
CA TYR F 56 -13.92 -2.81 -85.24
C TYR F 56 -13.89 -1.35 -84.85
N ASP F 57 -13.28 -1.02 -83.69
CA ASP F 57 -13.18 0.34 -83.17
C ASP F 57 -14.55 0.98 -83.03
N LEU F 58 -15.42 0.32 -82.26
CA LEU F 58 -16.80 0.80 -82.13
C LEU F 58 -17.31 0.55 -80.72
N GLU F 59 -18.32 1.32 -80.35
CA GLU F 59 -19.22 1.03 -79.24
C GLU F 59 -20.62 0.92 -79.83
N TYR F 60 -21.30 -0.18 -79.58
CA TYR F 60 -22.62 -0.41 -80.13
C TYR F 60 -23.58 -0.80 -79.03
N GLY F 61 -24.85 -0.48 -79.25
CA GLY F 61 -25.88 -0.77 -78.27
C GLY F 61 -27.25 -0.80 -78.89
N ASP F 62 -28.19 -1.35 -78.12
CA ASP F 62 -29.58 -1.38 -78.55
C ASP F 62 -30.19 0.01 -78.42
N VAL F 63 -30.98 0.39 -79.42
CA VAL F 63 -31.62 1.70 -79.45
C VAL F 63 -32.84 1.67 -78.54
N PRO F 64 -33.38 2.83 -78.12
CA PRO F 64 -34.65 2.82 -77.38
C PRO F 64 -35.85 2.46 -78.26
N GLN F 65 -37.05 2.65 -77.70
CA GLN F 65 -38.32 2.19 -78.27
C GLN F 65 -38.60 2.58 -79.72
N ASN F 66 -37.83 3.51 -80.28
CA ASN F 66 -38.06 3.97 -81.65
C ASN F 66 -37.67 2.94 -82.69
N MET F 67 -38.40 1.84 -82.76
CA MET F 67 -38.17 0.82 -83.79
C MET F 67 -38.50 1.36 -85.18
N LYS F 68 -39.76 1.75 -85.39
CA LYS F 68 -40.20 2.21 -86.69
C LYS F 68 -39.63 3.59 -87.00
N SER F 69 -39.47 3.86 -88.30
CA SER F 69 -39.00 5.11 -88.90
C SER F 69 -37.56 5.45 -88.55
N ASP F 70 -36.87 4.61 -87.78
CA ASP F 70 -35.47 4.85 -87.41
C ASP F 70 -34.61 3.62 -87.69
N THR F 71 -34.99 2.82 -88.68
CA THR F 71 -34.24 1.61 -88.99
C THR F 71 -32.94 1.93 -89.69
N LEU F 72 -33.03 2.57 -90.87
CA LEU F 72 -31.89 2.90 -91.73
C LEU F 72 -31.08 1.64 -92.05
N GLN F 73 -31.75 0.76 -92.81
CA GLN F 73 -31.22 -0.58 -93.07
C GLN F 73 -29.92 -0.51 -93.88
N TYR F 74 -29.03 -1.46 -93.63
CA TYR F 74 -27.77 -1.51 -94.33
C TYR F 74 -27.84 -2.49 -95.49
N THR F 75 -26.90 -2.33 -96.42
CA THR F 75 -26.87 -3.14 -97.63
C THR F 75 -25.48 -3.75 -97.78
N SER F 76 -25.42 -5.08 -97.82
CA SER F 76 -24.17 -5.76 -98.12
C SER F 76 -23.84 -5.73 -99.62
N ASP F 77 -24.83 -5.51 -100.46
CA ASP F 77 -24.60 -5.42 -101.90
C ASP F 77 -23.90 -4.11 -102.22
N LYS F 78 -22.74 -4.19 -102.87
CA LYS F 78 -21.90 -3.03 -103.13
C LYS F 78 -21.51 -2.97 -104.61
N PRO F 79 -22.37 -2.42 -105.46
CA PRO F 79 -21.95 -2.08 -106.83
C PRO F 79 -20.83 -1.05 -106.79
N PRO F 80 -19.86 -1.15 -107.71
CA PRO F 80 -18.69 -0.27 -107.62
C PRO F 80 -18.98 1.14 -108.11
N GLY F 81 -18.62 2.12 -107.29
CA GLY F 81 -18.56 3.52 -107.71
C GLY F 81 -19.87 4.26 -107.53
N PHE F 82 -19.74 5.59 -107.49
CA PHE F 82 -20.85 6.55 -107.52
C PHE F 82 -21.81 6.36 -106.34
N TYR F 83 -21.28 6.60 -105.15
CA TYR F 83 -22.07 6.61 -103.93
C TYR F 83 -22.13 8.01 -103.35
N ASN F 84 -23.28 8.38 -102.80
CA ASN F 84 -23.44 9.69 -102.20
C ASN F 84 -22.93 9.67 -100.76
N TRP F 85 -22.79 10.87 -100.19
CA TRP F 85 -22.05 11.05 -98.95
C TRP F 85 -22.42 12.40 -98.36
N HIS F 86 -22.14 12.56 -97.06
CA HIS F 86 -22.48 13.80 -96.36
C HIS F 86 -21.70 14.99 -96.90
N HIS F 87 -20.39 14.84 -97.06
CA HIS F 87 -19.55 15.92 -97.56
C HIS F 87 -19.42 15.92 -99.07
N GLY F 88 -20.12 15.02 -99.77
CA GLY F 88 -20.00 14.96 -101.21
C GLY F 88 -20.30 13.59 -101.79
N ALA F 89 -19.37 13.05 -102.58
CA ALA F 89 -19.55 11.75 -103.20
C ALA F 89 -18.28 10.93 -103.01
N VAL F 90 -18.46 9.64 -102.73
CA VAL F 90 -17.35 8.72 -102.59
C VAL F 90 -17.38 7.76 -103.78
N GLN F 91 -16.34 6.94 -103.88
CA GLN F 91 -16.20 5.98 -104.97
C GLN F 91 -15.84 4.62 -104.40
N TYR F 92 -16.30 3.57 -105.07
CA TYR F 92 -15.99 2.20 -104.66
C TYR F 92 -15.23 1.48 -105.76
N GLU F 93 -14.20 2.12 -106.31
CA GLU F 93 -13.36 1.46 -107.30
C GLU F 93 -12.35 0.56 -106.60
N ASN F 94 -12.18 -0.65 -107.14
CA ASN F 94 -11.18 -1.63 -106.70
C ASN F 94 -11.32 -1.99 -105.22
N GLY F 95 -12.55 -2.03 -104.72
CA GLY F 95 -12.78 -2.46 -103.35
C GLY F 95 -12.35 -1.48 -102.28
N ARG F 96 -12.02 -0.25 -102.65
CA ARG F 96 -11.60 0.78 -101.71
C ARG F 96 -12.51 1.99 -101.82
N PHE F 97 -12.31 2.93 -100.91
CA PHE F 97 -13.10 4.16 -100.85
C PHE F 97 -12.21 5.34 -101.13
N THR F 98 -12.58 6.14 -102.12
CA THR F 98 -11.79 7.30 -102.52
C THR F 98 -12.66 8.55 -102.51
N VAL F 99 -12.07 9.64 -102.02
CA VAL F 99 -12.73 10.95 -101.99
C VAL F 99 -11.77 11.97 -102.58
N PRO F 100 -12.29 13.09 -103.09
CA PRO F 100 -11.39 14.20 -103.47
C PRO F 100 -10.62 14.69 -102.25
N ARG F 101 -9.38 15.10 -102.49
CA ARG F 101 -8.49 15.49 -101.40
C ARG F 101 -8.96 16.79 -100.75
N GLY F 102 -8.92 16.81 -99.42
CA GLY F 102 -9.28 17.98 -98.64
C GLY F 102 -10.57 17.86 -97.87
N VAL F 103 -11.41 16.88 -98.19
CA VAL F 103 -12.68 16.70 -97.48
C VAL F 103 -12.41 15.94 -96.20
N GLY F 104 -13.40 15.90 -95.31
CA GLY F 104 -13.22 15.19 -94.06
C GLY F 104 -12.31 15.95 -93.11
N GLY F 105 -11.71 15.21 -92.20
CA GLY F 105 -10.81 15.75 -91.21
C GLY F 105 -11.33 15.50 -89.81
N LYS F 106 -10.61 16.08 -88.85
CA LYS F 106 -10.91 15.88 -87.44
C LYS F 106 -12.30 16.43 -87.09
N GLY F 107 -13.04 15.66 -86.31
CA GLY F 107 -14.40 16.01 -85.96
C GLY F 107 -15.45 15.39 -86.86
N ASP F 108 -15.05 14.72 -87.93
CA ASP F 108 -15.96 14.08 -88.87
C ASP F 108 -15.78 12.57 -88.87
N SER F 109 -15.61 11.97 -87.70
CA SER F 109 -15.35 10.53 -87.60
C SER F 109 -16.65 9.83 -87.21
N GLY F 110 -17.33 9.26 -88.20
CA GLY F 110 -18.52 8.48 -87.92
C GLY F 110 -19.68 8.72 -88.86
N ARG F 111 -19.52 9.62 -89.83
CA ARG F 111 -20.60 9.88 -90.77
C ARG F 111 -20.78 8.67 -91.68
N PRO F 112 -22.02 8.35 -92.07
CA PRO F 112 -22.26 7.18 -92.90
C PRO F 112 -22.23 7.52 -94.39
N ILE F 113 -22.14 6.47 -95.20
CA ILE F 113 -22.20 6.56 -96.65
C ILE F 113 -23.50 5.88 -97.09
N LEU F 114 -24.26 6.56 -97.94
CA LEU F 114 -25.55 6.05 -98.39
C LEU F 114 -25.48 5.66 -99.85
N ASP F 115 -26.35 4.73 -100.24
CA ASP F 115 -26.41 4.24 -101.60
C ASP F 115 -27.32 5.16 -102.42
N ASN F 116 -27.65 4.76 -103.65
CA ASN F 116 -28.60 5.53 -104.45
C ASN F 116 -30.01 5.42 -103.89
N ARG F 117 -30.35 4.31 -103.26
CA ARG F 117 -31.64 4.14 -102.62
C ARG F 117 -31.67 4.71 -101.20
N GLY F 118 -30.57 5.27 -100.73
CA GLY F 118 -30.51 5.85 -99.41
C GLY F 118 -30.08 4.90 -98.31
N ARG F 119 -29.97 3.61 -98.60
CA ARG F 119 -29.55 2.65 -97.59
C ARG F 119 -28.07 2.84 -97.28
N VAL F 120 -27.74 2.70 -95.99
CA VAL F 120 -26.35 2.86 -95.57
C VAL F 120 -25.53 1.68 -96.04
N VAL F 121 -24.28 1.96 -96.43
CA VAL F 121 -23.39 0.93 -96.91
C VAL F 121 -22.08 0.89 -96.14
N ALA F 122 -21.71 1.96 -95.44
CA ALA F 122 -20.39 2.07 -94.84
C ALA F 122 -20.41 3.15 -93.78
N ILE F 123 -19.63 2.94 -92.72
CA ILE F 123 -19.45 3.93 -91.66
C ILE F 123 -17.96 4.10 -91.44
N VAL F 124 -17.44 5.28 -91.78
CA VAL F 124 -16.00 5.50 -91.74
C VAL F 124 -15.55 5.74 -90.30
N LEU F 125 -14.26 5.50 -90.08
CA LEU F 125 -13.61 5.76 -88.80
C LEU F 125 -12.33 6.55 -88.94
N GLY F 126 -11.71 6.56 -90.11
CA GLY F 126 -10.50 7.32 -90.32
C GLY F 126 -10.21 7.42 -91.80
N GLY F 127 -8.99 7.81 -92.12
CA GLY F 127 -8.62 7.96 -93.52
C GLY F 127 -7.13 7.89 -93.73
N ALA F 128 -6.74 7.30 -94.86
CA ALA F 128 -5.36 7.30 -95.33
C ALA F 128 -5.10 8.59 -96.09
N ASN F 129 -4.02 8.63 -96.86
CA ASN F 129 -3.72 9.82 -97.66
C ASN F 129 -2.97 9.42 -98.93
N GLU F 130 -3.67 9.41 -100.05
CA GLU F 130 -3.07 9.35 -101.37
C GLU F 130 -3.06 10.76 -101.93
N GLY F 131 -2.24 10.98 -102.96
CA GLY F 131 -1.99 12.34 -103.44
C GLY F 131 -3.24 13.05 -103.94
N THR F 132 -4.08 12.35 -104.69
CA THR F 132 -5.28 12.95 -105.27
C THR F 132 -6.55 12.42 -104.62
N ARG F 133 -6.75 11.10 -104.61
CA ARG F 133 -7.95 10.48 -104.05
C ARG F 133 -7.62 9.95 -102.67
N THR F 134 -8.07 10.68 -101.65
CA THR F 134 -7.87 10.28 -100.26
C THR F 134 -8.66 9.01 -99.96
N ALA F 135 -8.03 8.08 -99.24
CA ALA F 135 -8.67 6.82 -98.88
C ALA F 135 -9.33 6.94 -97.51
N LEU F 136 -10.22 5.99 -97.22
CA LEU F 136 -11.02 6.01 -96.00
C LEU F 136 -10.96 4.66 -95.31
N SER F 137 -10.64 4.68 -94.01
CA SER F 137 -10.69 3.48 -93.18
C SER F 137 -12.08 3.40 -92.55
N VAL F 138 -12.74 2.27 -92.75
CA VAL F 138 -14.19 2.20 -92.71
C VAL F 138 -14.63 0.83 -92.17
N VAL F 139 -15.81 0.81 -91.56
CA VAL F 139 -16.49 -0.43 -91.18
C VAL F 139 -17.58 -0.68 -92.22
N THR F 140 -17.46 -1.78 -92.96
CA THR F 140 -18.43 -2.16 -93.96
C THR F 140 -18.95 -3.56 -93.66
N TRP F 141 -19.73 -4.11 -94.59
CA TRP F 141 -20.26 -5.46 -94.45
C TRP F 141 -19.87 -6.28 -95.66
N ASN F 142 -19.45 -7.53 -95.41
CA ASN F 142 -18.90 -8.39 -96.46
C ASN F 142 -20.02 -8.90 -97.35
N GLN F 143 -19.62 -9.65 -98.40
CA GLN F 143 -20.59 -10.21 -99.32
C GLN F 143 -21.42 -11.32 -98.69
N LYS F 144 -20.96 -11.90 -97.58
CA LYS F 144 -21.77 -12.83 -96.81
C LYS F 144 -22.61 -12.12 -95.76
N GLY F 145 -22.40 -10.83 -95.54
CA GLY F 145 -23.15 -10.07 -94.57
C GLY F 145 -22.41 -9.79 -93.27
N VAL F 146 -21.34 -10.51 -93.00
CA VAL F 146 -20.58 -10.29 -91.77
C VAL F 146 -19.83 -8.96 -91.86
N THR F 147 -19.75 -8.25 -90.75
CA THR F 147 -19.11 -6.94 -90.76
C THR F 147 -17.59 -7.08 -90.83
N ILE F 148 -16.96 -6.19 -91.58
CA ILE F 148 -15.52 -6.20 -91.81
C ILE F 148 -14.99 -4.78 -91.67
N LYS F 149 -13.67 -4.70 -91.50
CA LYS F 149 -12.96 -3.44 -91.24
C LYS F 149 -11.95 -3.25 -92.37
N ASP F 150 -12.25 -2.33 -93.29
CA ASP F 150 -11.37 -2.04 -94.42
C ASP F 150 -10.53 -0.82 -94.07
N THR F 151 -9.23 -1.04 -93.84
CA THR F 151 -8.33 0.04 -93.42
C THR F 151 -7.13 0.04 -94.37
N PRO F 152 -6.86 1.15 -95.06
CA PRO F 152 -5.66 1.20 -95.91
C PRO F 152 -4.42 1.54 -95.10
N GLU F 153 -3.27 1.58 -95.76
CA GLU F 153 -2.02 1.87 -95.07
C GLU F 153 -2.00 3.33 -94.60
N GLY F 154 -1.49 3.54 -93.39
CA GLY F 154 -1.35 4.88 -92.85
C GLY F 154 -2.64 5.61 -92.62
N SER F 155 -3.65 4.93 -92.08
CA SER F 155 -4.96 5.53 -91.88
C SER F 155 -4.93 6.41 -90.63
N GLU F 156 -4.92 7.72 -90.82
CA GLU F 156 -5.02 8.62 -89.68
C GLU F 156 -6.44 8.60 -89.14
N PRO F 157 -6.64 8.29 -87.86
CA PRO F 157 -8.01 8.18 -87.35
C PRO F 157 -8.68 9.53 -87.13
N TRP F 158 -7.91 10.59 -86.94
CA TRP F 158 -8.38 11.88 -86.40
C TRP F 158 -9.43 11.78 -85.29
N PHE G 1 -61.92 -34.20 5.83
CA PHE G 1 -61.73 -33.20 4.77
C PHE G 1 -60.31 -33.22 4.25
N GLU G 2 -60.16 -33.20 2.93
CA GLU G 2 -58.85 -33.19 2.29
C GLU G 2 -58.45 -31.75 1.97
N HIS G 3 -57.18 -31.45 2.20
CA HIS G 3 -56.62 -30.13 1.92
C HIS G 3 -55.28 -30.31 1.24
N ALA G 4 -55.13 -29.77 0.04
CA ALA G 4 -53.91 -29.88 -0.74
C ALA G 4 -53.24 -28.53 -0.80
N THR G 5 -51.94 -28.50 -0.48
CA THR G 5 -51.18 -27.25 -0.47
C THR G 5 -49.74 -27.58 -0.84
N THR G 6 -48.91 -26.54 -0.89
CA THR G 6 -47.50 -26.69 -1.21
C THR G 6 -46.67 -25.97 -0.15
N VAL G 7 -45.71 -26.68 0.43
CA VAL G 7 -44.90 -26.12 1.49
C VAL G 7 -43.45 -25.97 1.01
N PRO G 8 -42.70 -25.01 1.53
CA PRO G 8 -41.25 -25.00 1.27
C PRO G 8 -40.56 -26.12 2.03
N ASN G 9 -39.41 -26.54 1.50
CA ASN G 9 -38.62 -27.61 2.09
C ASN G 9 -37.59 -27.09 3.09
N VAL G 10 -37.62 -25.80 3.40
CA VAL G 10 -36.66 -25.24 4.36
C VAL G 10 -36.95 -25.79 5.75
N PRO G 11 -35.93 -26.20 6.51
CA PRO G 11 -36.17 -26.60 7.90
C PRO G 11 -36.63 -25.42 8.74
N GLY G 12 -37.58 -25.69 9.64
CA GLY G 12 -38.26 -24.59 10.29
C GLY G 12 -39.18 -23.90 9.30
N ILE G 13 -39.44 -22.61 9.56
CA ILE G 13 -40.32 -21.74 8.77
C ILE G 13 -41.69 -22.40 8.63
N PRO G 14 -42.53 -22.33 9.67
CA PRO G 14 -43.87 -22.91 9.57
C PRO G 14 -44.68 -22.31 8.43
N TYR G 15 -45.37 -23.18 7.70
CA TYR G 15 -46.28 -22.77 6.63
C TYR G 15 -47.70 -22.83 7.18
N LYS G 16 -48.40 -21.70 7.17
CA LYS G 16 -49.70 -21.57 7.80
C LYS G 16 -50.79 -21.45 6.73
N ALA G 17 -51.88 -22.19 6.93
CA ALA G 17 -53.01 -22.19 6.02
C ALA G 17 -54.29 -22.25 6.84
N LEU G 18 -55.37 -21.80 6.22
CA LEU G 18 -56.69 -21.75 6.85
C LEU G 18 -57.62 -22.67 6.06
N VAL G 19 -57.89 -23.84 6.62
CA VAL G 19 -58.83 -24.77 6.01
C VAL G 19 -60.24 -24.25 6.22
N GLU G 20 -60.92 -23.92 5.13
CA GLU G 20 -62.29 -23.45 5.16
C GLU G 20 -63.19 -24.53 4.59
N ARG G 21 -64.12 -25.02 5.41
CA ARG G 21 -65.00 -26.14 5.06
C ARG G 21 -66.44 -25.72 5.27
N ALA G 22 -67.03 -25.08 4.25
CA ALA G 22 -68.47 -24.80 4.18
C ALA G 22 -69.01 -24.10 5.42
N GLY G 23 -69.58 -24.89 6.34
CA GLY G 23 -70.06 -24.37 7.60
C GLY G 23 -69.44 -25.08 8.79
N TYR G 24 -68.15 -25.44 8.67
CA TYR G 24 -67.41 -26.13 9.73
C TYR G 24 -66.29 -25.27 10.30
N ALA G 25 -66.42 -23.93 10.23
CA ALA G 25 -65.52 -22.91 10.78
C ALA G 25 -64.14 -22.93 10.14
N PRO G 26 -63.40 -21.83 10.20
CA PRO G 26 -62.00 -21.88 9.73
C PRO G 26 -61.13 -22.64 10.72
N LEU G 27 -60.28 -23.51 10.19
CA LEU G 27 -59.36 -24.30 10.99
C LEU G 27 -57.94 -23.91 10.65
N ASN G 28 -57.15 -23.56 11.67
CA ASN G 28 -55.75 -23.27 11.44
C ASN G 28 -54.98 -24.56 11.18
N LEU G 29 -53.97 -24.47 10.31
CA LEU G 29 -53.17 -25.63 9.94
C LEU G 29 -51.77 -25.15 9.63
N GLU G 30 -50.78 -25.45 10.45
CA GLU G 30 -49.43 -25.15 10.02
C GLU G 30 -48.57 -26.40 9.98
N ILE G 31 -47.69 -26.41 8.99
CA ILE G 31 -46.80 -27.52 8.67
C ILE G 31 -45.38 -27.02 8.83
N THR G 32 -44.58 -27.73 9.62
CA THR G 32 -43.18 -27.39 9.80
C THR G 32 -42.34 -28.60 9.42
N VAL G 33 -41.38 -28.40 8.51
CA VAL G 33 -40.42 -29.45 8.16
C VAL G 33 -39.31 -29.40 9.21
N VAL G 34 -39.42 -30.24 10.24
CA VAL G 34 -38.43 -30.20 11.31
C VAL G 34 -37.16 -30.96 10.95
N SER G 35 -37.20 -31.82 9.93
CA SER G 35 -36.03 -32.59 9.53
C SER G 35 -36.21 -33.05 8.11
N SER G 36 -35.10 -33.39 7.48
CA SER G 36 -35.10 -33.92 6.12
C SER G 36 -33.94 -34.89 5.98
N GLU G 37 -34.15 -35.97 5.23
CA GLU G 37 -33.13 -37.00 5.03
C GLU G 37 -33.20 -37.45 3.58
N LEU G 38 -32.23 -37.00 2.78
CA LEU G 38 -32.04 -37.50 1.42
C LEU G 38 -31.10 -38.71 1.53
N THR G 39 -31.68 -39.90 1.44
CA THR G 39 -30.93 -41.15 1.64
C THR G 39 -30.87 -41.92 0.34
N PRO G 40 -29.74 -41.92 -0.36
CA PRO G 40 -29.62 -42.73 -1.57
C PRO G 40 -29.30 -44.18 -1.24
N SER G 41 -29.61 -45.05 -2.21
CA SER G 41 -29.28 -46.46 -2.08
C SER G 41 -27.83 -46.66 -2.52
N THR G 42 -27.01 -47.21 -1.62
CA THR G 42 -25.58 -47.32 -1.83
C THR G 42 -25.19 -48.78 -1.95
N ASN G 43 -24.34 -49.08 -2.93
CA ASN G 43 -23.77 -50.41 -3.12
C ASN G 43 -22.28 -50.36 -2.85
N LYS G 44 -21.83 -51.20 -1.92
CA LYS G 44 -20.43 -51.22 -1.52
C LYS G 44 -19.60 -51.86 -2.62
N GLU G 45 -18.62 -51.11 -3.14
CA GLU G 45 -17.84 -51.61 -4.28
C GLU G 45 -16.56 -52.29 -3.78
N TYR G 46 -15.76 -51.59 -2.97
CA TYR G 46 -14.62 -52.20 -2.30
C TYR G 46 -14.19 -51.32 -1.13
N VAL G 47 -13.14 -51.75 -0.44
CA VAL G 47 -12.45 -50.99 0.59
C VAL G 47 -10.98 -50.90 0.23
N THR G 48 -10.32 -49.87 0.73
CA THR G 48 -8.90 -49.68 0.44
C THR G 48 -8.22 -48.93 1.57
N CYS G 49 -6.91 -49.10 1.67
CA CYS G 49 -6.07 -48.37 2.61
C CYS G 49 -4.63 -48.45 2.11
N LYS G 50 -3.68 -48.13 2.98
CA LYS G 50 -2.28 -48.42 2.70
C LYS G 50 -2.07 -49.93 2.62
N PHE G 51 -1.16 -50.32 1.73
CA PHE G 51 -0.71 -51.70 1.66
C PHE G 51 0.54 -51.88 2.50
N HIS G 52 0.78 -53.12 2.92
CA HIS G 52 1.92 -53.40 3.79
C HIS G 52 3.17 -53.81 3.04
N THR G 53 3.03 -54.30 1.80
CA THR G 53 4.10 -54.79 0.92
C THR G 53 5.14 -55.63 1.67
N VAL G 54 4.66 -56.74 2.23
CA VAL G 54 5.54 -57.65 2.95
C VAL G 54 6.38 -58.45 1.96
N ILE G 55 7.68 -58.51 2.23
CA ILE G 55 8.62 -59.33 1.45
C ILE G 55 8.96 -60.54 2.29
N PRO G 56 8.64 -61.76 1.85
CA PRO G 56 9.00 -62.95 2.62
C PRO G 56 10.50 -63.18 2.62
N SER G 57 10.92 -64.11 3.46
CA SER G 57 12.33 -64.48 3.53
C SER G 57 12.74 -65.15 2.21
N PRO G 58 13.85 -64.73 1.60
CA PRO G 58 14.24 -65.29 0.31
C PRO G 58 14.66 -66.75 0.43
N GLN G 59 14.36 -67.51 -0.62
CA GLN G 59 14.74 -68.90 -0.72
C GLN G 59 15.92 -69.02 -1.67
N VAL G 60 16.94 -69.77 -1.26
CA VAL G 60 18.14 -69.97 -2.07
C VAL G 60 18.34 -71.47 -2.26
N LYS G 61 18.61 -71.86 -3.50
CA LYS G 61 18.97 -73.23 -3.84
C LYS G 61 20.23 -73.19 -4.67
N CYS G 62 21.24 -73.96 -4.28
CA CYS G 62 22.58 -73.84 -4.84
C CYS G 62 22.98 -75.11 -5.58
N CYS G 63 23.57 -74.91 -6.76
CA CYS G 63 23.69 -75.94 -7.80
C CYS G 63 22.33 -76.60 -8.04
N GLY G 64 21.32 -75.77 -8.21
CA GLY G 64 19.96 -76.22 -8.49
C GLY G 64 19.12 -75.10 -9.06
N SER G 65 17.94 -75.47 -9.53
CA SER G 65 17.00 -74.54 -10.12
C SER G 65 15.77 -74.39 -9.21
N LEU G 66 15.27 -73.17 -9.11
CA LEU G 66 14.25 -72.82 -8.12
C LEU G 66 13.15 -71.96 -8.76
N GLU G 67 12.59 -72.45 -9.86
CA GLU G 67 11.44 -71.77 -10.47
C GLU G 67 10.25 -71.76 -9.51
N CYS G 68 9.41 -70.73 -9.65
CA CYS G 68 8.30 -70.51 -8.72
C CYS G 68 6.97 -70.53 -9.43
N LYS G 69 5.95 -71.00 -8.71
CA LYS G 69 4.59 -71.10 -9.22
C LYS G 69 3.79 -69.85 -8.88
N ALA G 70 2.58 -69.78 -9.41
CA ALA G 70 1.70 -68.65 -9.16
C ALA G 70 1.11 -68.74 -7.76
N SER G 71 0.73 -67.58 -7.23
CA SER G 71 0.12 -67.49 -5.91
C SER G 71 -1.09 -66.56 -5.98
N SER G 72 -2.00 -66.75 -5.03
CA SER G 72 -3.23 -65.98 -4.96
C SER G 72 -3.09 -64.72 -4.11
N LYS G 73 -1.88 -64.40 -3.66
CA LYS G 73 -1.67 -63.22 -2.83
C LYS G 73 -1.86 -61.95 -3.66
N ALA G 74 -2.12 -60.85 -2.97
CA ALA G 74 -2.42 -59.57 -3.62
C ALA G 74 -1.15 -59.02 -4.25
N ASP G 75 -1.15 -58.94 -5.58
CA ASP G 75 -0.03 -58.46 -6.40
C ASP G 75 1.24 -59.24 -6.08
N TYR G 76 1.16 -60.54 -6.37
CA TYR G 76 2.27 -61.45 -6.10
C TYR G 76 3.28 -61.34 -7.24
N THR G 77 4.45 -60.80 -6.92
CA THR G 77 5.54 -60.69 -7.88
C THR G 77 6.66 -61.62 -7.44
N CYS G 78 7.02 -62.56 -8.30
CA CYS G 78 8.08 -63.52 -8.03
C CYS G 78 9.10 -63.46 -9.15
N ARG G 79 10.38 -63.51 -8.79
CA ARG G 79 11.42 -63.44 -9.80
C ARG G 79 12.61 -64.28 -9.38
N VAL G 80 13.23 -64.92 -10.36
CA VAL G 80 14.29 -65.90 -10.17
C VAL G 80 15.61 -65.25 -10.56
N PHE G 81 16.62 -65.38 -9.69
CA PHE G 81 17.95 -64.85 -9.96
C PHE G 81 18.97 -65.97 -9.89
N GLY G 82 19.84 -66.05 -10.90
CA GLY G 82 20.74 -67.17 -11.05
C GLY G 82 22.20 -66.95 -10.78
N GLY G 83 22.60 -65.78 -10.27
CA GLY G 83 24.00 -65.52 -10.04
C GLY G 83 24.32 -64.98 -8.66
N VAL G 84 23.63 -65.46 -7.64
CA VAL G 84 23.71 -64.90 -6.32
C VAL G 84 24.73 -65.65 -5.48
N TYR G 85 25.11 -65.06 -4.35
CA TYR G 85 26.00 -65.65 -3.35
C TYR G 85 25.75 -64.95 -2.03
N PRO G 86 24.70 -65.31 -1.30
CA PRO G 86 24.28 -64.52 -0.14
C PRO G 86 25.24 -64.66 1.03
N PHE G 87 25.19 -63.66 1.91
CA PHE G 87 26.06 -63.60 3.08
C PHE G 87 25.23 -63.16 4.27
N MET G 88 25.09 -64.04 5.26
CA MET G 88 24.50 -63.68 6.54
C MET G 88 25.61 -63.23 7.49
N TRP G 89 25.29 -63.09 8.77
CA TRP G 89 26.32 -62.90 9.78
C TRP G 89 26.92 -64.28 10.07
N GLY G 90 28.06 -64.56 9.46
CA GLY G 90 28.64 -65.88 9.57
C GLY G 90 29.22 -66.37 8.26
N GLY G 91 29.22 -65.51 7.24
CA GLY G 91 29.87 -65.82 5.99
C GLY G 91 28.91 -66.28 4.91
N ALA G 92 29.47 -67.02 3.96
CA ALA G 92 28.71 -67.49 2.82
C ALA G 92 27.65 -68.49 3.25
N GLN G 93 26.51 -68.45 2.58
CA GLN G 93 25.35 -69.23 2.99
C GLN G 93 25.16 -70.55 2.25
N CYS G 94 25.88 -70.78 1.16
CA CYS G 94 25.86 -72.10 0.55
C CYS G 94 27.12 -72.34 -0.25
N PHE G 95 27.32 -73.62 -0.58
CA PHE G 95 28.57 -74.18 -1.08
C PHE G 95 28.84 -73.86 -2.54
N CYS G 96 27.81 -73.78 -3.36
CA CYS G 96 27.97 -73.78 -4.80
C CYS G 96 28.44 -72.39 -5.24
N ASP G 97 29.53 -72.35 -6.02
CA ASP G 97 30.29 -71.11 -6.18
C ASP G 97 29.52 -70.07 -6.97
N SER G 98 28.96 -70.44 -8.12
CA SER G 98 28.28 -69.48 -8.98
C SER G 98 26.90 -69.91 -9.43
N GLU G 99 26.56 -71.20 -9.37
CA GLU G 99 25.25 -71.67 -9.79
C GLU G 99 24.31 -71.72 -8.58
N ASN G 100 23.99 -70.54 -8.08
CA ASN G 100 23.00 -70.39 -7.03
C ASN G 100 21.75 -69.74 -7.60
N THR G 101 20.65 -69.88 -6.88
CA THR G 101 19.37 -69.38 -7.36
C THR G 101 18.60 -68.81 -6.18
N GLN G 102 18.20 -67.55 -6.30
CA GLN G 102 17.41 -66.86 -5.29
C GLN G 102 16.02 -66.55 -5.81
N LEU G 103 15.03 -66.82 -4.97
CA LEU G 103 13.62 -66.54 -5.25
C LEU G 103 13.23 -65.27 -4.51
N SER G 104 12.95 -64.21 -5.25
CA SER G 104 12.47 -62.98 -4.66
C SER G 104 10.96 -62.92 -4.81
N GLU G 105 10.26 -62.76 -3.69
CA GLU G 105 8.82 -62.69 -3.66
C GLU G 105 8.39 -61.38 -3.01
N ALA G 106 7.31 -60.81 -3.51
CA ALA G 106 6.80 -59.55 -2.99
C ALA G 106 5.31 -59.47 -3.26
N TYR G 107 4.52 -59.48 -2.20
CA TYR G 107 3.07 -59.29 -2.31
C TYR G 107 2.62 -58.30 -1.24
N VAL G 108 1.52 -57.63 -1.50
CA VAL G 108 1.00 -56.62 -0.59
C VAL G 108 -0.16 -57.20 0.19
N GLU G 109 -0.45 -56.58 1.33
CA GLU G 109 -1.57 -56.95 2.16
C GLU G 109 -2.02 -55.72 2.91
N PHE G 110 -3.16 -55.84 3.59
CA PHE G 110 -3.71 -54.70 4.31
C PHE G 110 -2.82 -54.33 5.50
N ALA G 111 -2.67 -53.03 5.72
CA ALA G 111 -1.89 -52.56 6.86
C ALA G 111 -2.62 -52.89 8.16
N PRO G 112 -1.88 -53.05 9.27
CA PRO G 112 -2.54 -53.36 10.54
C PRO G 112 -3.49 -52.27 11.04
N ASP G 113 -3.35 -51.04 10.57
CA ASP G 113 -4.17 -49.93 11.01
C ASP G 113 -5.30 -49.61 10.05
N CYS G 114 -5.66 -50.55 9.17
CA CYS G 114 -6.75 -50.35 8.23
C CYS G 114 -8.13 -50.55 8.83
N THR G 115 -8.21 -50.97 10.09
CA THR G 115 -9.52 -51.09 10.74
C THR G 115 -10.17 -49.72 10.95
N ILE G 116 -9.38 -48.64 10.94
CA ILE G 116 -9.89 -47.28 11.00
C ILE G 116 -9.51 -46.48 9.76
N ASP G 117 -8.21 -46.39 9.48
CA ASP G 117 -7.71 -45.58 8.37
C ASP G 117 -7.91 -46.33 7.05
N HIS G 118 -9.18 -46.41 6.64
CA HIS G 118 -9.54 -47.03 5.38
C HIS G 118 -10.67 -46.23 4.74
N ALA G 119 -10.82 -46.44 3.43
CA ALA G 119 -11.84 -45.77 2.64
C ALA G 119 -12.74 -46.81 2.00
N VAL G 120 -14.02 -46.49 1.91
CA VAL G 120 -15.04 -47.36 1.34
C VAL G 120 -15.57 -46.70 0.08
N ALA G 121 -15.58 -47.45 -1.03
CA ALA G 121 -16.09 -46.97 -2.30
C ALA G 121 -17.53 -47.43 -2.47
N LEU G 122 -18.41 -46.50 -2.84
CA LEU G 122 -19.83 -46.75 -2.95
C LEU G 122 -20.34 -46.23 -4.28
N LYS G 123 -21.23 -46.99 -4.90
CA LYS G 123 -22.00 -46.50 -6.04
C LYS G 123 -23.35 -46.00 -5.51
N VAL G 124 -23.69 -44.76 -5.85
CA VAL G 124 -24.84 -44.08 -5.29
C VAL G 124 -25.89 -43.92 -6.39
N HIS G 125 -27.07 -44.47 -6.15
CA HIS G 125 -28.19 -44.40 -7.08
C HIS G 125 -29.04 -43.17 -6.73
N THR G 126 -30.25 -43.12 -7.28
CA THR G 126 -31.16 -42.01 -6.98
C THR G 126 -31.55 -42.02 -5.51
N ALA G 127 -31.82 -40.84 -4.98
CA ALA G 127 -32.04 -40.64 -3.56
C ALA G 127 -33.51 -40.34 -3.27
N ALA G 128 -33.97 -40.81 -2.12
CA ALA G 128 -35.34 -40.63 -1.68
C ALA G 128 -35.36 -39.71 -0.46
N LEU G 129 -36.29 -38.75 -0.46
CA LEU G 129 -36.38 -37.78 0.62
C LEU G 129 -37.40 -38.25 1.66
N LYS G 130 -37.01 -38.16 2.93
CA LYS G 130 -37.89 -38.46 4.05
C LYS G 130 -37.87 -37.24 4.97
N VAL G 131 -39.05 -36.68 5.23
CA VAL G 131 -39.16 -35.44 6.00
C VAL G 131 -39.94 -35.71 7.28
N GLY G 132 -39.48 -35.11 8.37
CA GLY G 132 -40.23 -35.08 9.60
C GLY G 132 -41.09 -33.83 9.62
N LEU G 133 -42.38 -34.03 9.87
CA LEU G 133 -43.36 -32.95 9.79
C LEU G 133 -44.02 -32.76 11.14
N ARG G 134 -43.96 -31.54 11.66
CA ARG G 134 -44.78 -31.12 12.79
C ARG G 134 -45.98 -30.38 12.22
N ILE G 135 -47.13 -31.02 12.25
CA ILE G 135 -48.37 -30.48 11.71
C ILE G 135 -49.28 -30.21 12.89
N VAL G 136 -49.71 -28.97 13.07
CA VAL G 136 -50.71 -28.68 14.09
C VAL G 136 -51.98 -28.22 13.38
N TYR G 137 -53.10 -28.75 13.84
CA TYR G 137 -54.42 -28.44 13.31
C TYR G 137 -55.37 -28.25 14.49
N GLY G 138 -56.10 -27.14 14.46
CA GLY G 138 -56.92 -26.76 15.59
C GLY G 138 -56.09 -26.53 16.83
N ASN G 139 -56.20 -27.42 17.80
CA ASN G 139 -55.38 -27.39 19.00
C ASN G 139 -54.58 -28.68 19.18
N THR G 140 -54.39 -29.45 18.12
CA THR G 140 -53.74 -30.75 18.20
C THR G 140 -52.43 -30.74 17.41
N THR G 141 -51.40 -31.32 18.02
CA THR G 141 -50.08 -31.47 17.42
C THR G 141 -49.95 -32.86 16.83
N ALA G 142 -49.13 -32.99 15.80
CA ALA G 142 -48.84 -34.31 15.22
C ALA G 142 -47.44 -34.30 14.65
N HIS G 143 -46.69 -35.36 14.95
CA HIS G 143 -45.34 -35.54 14.42
C HIS G 143 -45.33 -36.76 13.51
N LEU G 144 -44.96 -36.55 12.26
CA LEU G 144 -44.99 -37.60 11.26
C LEU G 144 -43.62 -37.72 10.59
N ASP G 145 -43.33 -38.89 10.06
CA ASP G 145 -42.13 -39.14 9.28
C ASP G 145 -42.60 -39.67 7.92
N THR G 146 -42.62 -38.80 6.93
CA THR G 146 -43.25 -39.10 5.65
C THR G 146 -42.22 -39.16 4.53
N PHE G 147 -42.31 -40.19 3.71
CA PHE G 147 -41.58 -40.19 2.44
C PHE G 147 -42.24 -39.21 1.48
N VAL G 148 -41.43 -38.67 0.58
CA VAL G 148 -41.85 -37.55 -0.26
C VAL G 148 -41.96 -38.10 -1.68
N ASN G 149 -42.30 -39.39 -1.77
CA ASN G 149 -42.44 -40.01 -3.09
C ASN G 149 -43.71 -39.57 -3.80
N GLY G 150 -44.82 -39.47 -3.07
CA GLY G 150 -46.09 -39.07 -3.64
C GLY G 150 -47.23 -40.03 -3.41
N VAL G 151 -46.97 -41.26 -2.93
CA VAL G 151 -48.04 -42.22 -2.68
C VAL G 151 -48.03 -42.76 -1.27
N THR G 152 -46.94 -42.69 -0.52
CA THR G 152 -46.88 -43.29 0.80
C THR G 152 -47.51 -42.38 1.84
N PRO G 153 -48.46 -42.87 2.64
CA PRO G 153 -49.04 -42.04 3.69
C PRO G 153 -48.09 -41.79 4.84
N GLY G 154 -48.54 -41.03 5.83
CA GLY G 154 -47.70 -40.67 6.94
C GLY G 154 -47.57 -41.77 7.99
N SER G 155 -46.69 -41.51 8.97
CA SER G 155 -46.49 -42.45 10.05
C SER G 155 -47.68 -42.47 10.99
N SER G 156 -48.31 -41.33 11.21
CA SER G 156 -49.45 -41.24 12.10
C SER G 156 -50.68 -41.90 11.47
N ARG G 157 -51.46 -42.58 12.29
CA ARG G 157 -52.66 -43.28 11.81
C ARG G 157 -53.92 -42.45 11.92
N ASP G 158 -53.96 -41.47 12.84
CA ASP G 158 -55.17 -40.69 13.03
C ASP G 158 -55.40 -39.65 11.94
N LEU G 159 -54.34 -39.10 11.35
CA LEU G 159 -54.49 -38.27 10.15
C LEU G 159 -53.58 -38.81 9.05
N LYS G 160 -54.04 -38.69 7.82
CA LYS G 160 -53.31 -39.17 6.66
C LYS G 160 -52.66 -37.99 5.95
N VAL G 161 -51.35 -38.07 5.75
CA VAL G 161 -50.58 -37.03 5.08
C VAL G 161 -49.80 -37.67 3.95
N ILE G 162 -50.00 -37.17 2.73
CA ILE G 162 -49.30 -37.67 1.55
C ILE G 162 -48.50 -36.51 0.97
N ALA G 163 -47.18 -36.68 0.90
CA ALA G 163 -46.28 -35.66 0.40
C ALA G 163 -45.89 -36.00 -1.03
N GLY G 164 -46.27 -35.14 -1.97
CA GLY G 164 -46.01 -35.37 -3.36
C GLY G 164 -44.55 -35.14 -3.71
N PRO G 165 -44.20 -35.40 -4.97
CA PRO G 165 -42.79 -35.37 -5.37
C PRO G 165 -42.21 -33.95 -5.34
N ILE G 166 -40.91 -33.89 -5.11
CA ILE G 166 -40.17 -32.62 -5.14
C ILE G 166 -40.23 -32.04 -6.54
N SER G 167 -40.30 -30.71 -6.62
CA SER G 167 -40.31 -30.04 -7.92
C SER G 167 -39.00 -30.29 -8.67
N ALA G 168 -37.88 -30.29 -7.98
CA ALA G 168 -36.57 -30.49 -8.60
C ALA G 168 -35.74 -31.45 -7.76
N ALA G 169 -35.45 -32.63 -8.30
CA ALA G 169 -34.62 -33.59 -7.59
C ALA G 169 -33.18 -33.10 -7.53
N PHE G 170 -32.58 -33.12 -6.34
CA PHE G 170 -31.28 -32.51 -6.10
C PHE G 170 -30.13 -33.51 -6.19
N SER G 171 -30.10 -34.52 -5.30
CA SER G 171 -29.08 -35.57 -5.25
C SER G 171 -27.66 -35.01 -5.21
N PRO G 172 -27.20 -34.49 -4.07
CA PRO G 172 -25.84 -33.91 -4.02
C PRO G 172 -24.72 -34.91 -4.30
N PHE G 173 -24.96 -36.19 -4.05
CA PHE G 173 -23.95 -37.20 -4.31
C PHE G 173 -23.87 -37.54 -5.80
N ASP G 174 -22.65 -37.68 -6.30
CA ASP G 174 -22.42 -38.16 -7.65
C ASP G 174 -22.55 -39.69 -7.61
N HIS G 175 -22.42 -40.34 -8.76
CA HIS G 175 -22.60 -41.78 -8.85
C HIS G 175 -21.54 -42.55 -8.07
N LYS G 176 -20.37 -41.96 -7.83
CA LYS G 176 -19.30 -42.64 -7.09
C LYS G 176 -18.89 -41.80 -5.89
N VAL G 177 -18.90 -42.42 -4.71
CA VAL G 177 -18.65 -41.74 -3.45
C VAL G 177 -17.63 -42.52 -2.64
N VAL G 178 -16.69 -41.82 -2.02
CA VAL G 178 -15.69 -42.42 -1.15
C VAL G 178 -15.91 -41.90 0.26
N ILE G 179 -16.09 -42.80 1.23
CA ILE G 179 -16.21 -42.43 2.64
C ILE G 179 -14.94 -42.82 3.35
N ARG G 180 -14.32 -41.85 4.03
CA ARG G 180 -13.09 -42.06 4.77
C ARG G 180 -13.26 -41.39 6.14
N LYS G 181 -13.39 -42.22 7.18
CA LYS G 181 -13.47 -41.77 8.58
C LYS G 181 -14.58 -40.75 8.79
N GLY G 182 -15.74 -41.00 8.19
CA GLY G 182 -16.86 -40.10 8.33
C GLY G 182 -16.86 -38.91 7.39
N LEU G 183 -15.87 -38.80 6.51
CA LEU G 183 -15.80 -37.72 5.55
C LEU G 183 -16.16 -38.25 4.17
N VAL G 184 -17.01 -37.52 3.46
CA VAL G 184 -17.62 -37.98 2.22
C VAL G 184 -17.04 -37.18 1.06
N TYR G 185 -16.53 -37.89 0.05
CA TYR G 185 -15.90 -37.27 -1.10
C TYR G 185 -16.57 -37.79 -2.37
N ASN G 186 -16.68 -36.92 -3.37
CA ASN G 186 -17.22 -37.31 -4.68
C ASN G 186 -16.04 -37.60 -5.60
N TYR G 187 -15.51 -38.82 -5.48
CA TYR G 187 -14.35 -39.23 -6.26
C TYR G 187 -14.75 -40.32 -7.25
N ASP G 188 -14.20 -40.22 -8.47
CA ASP G 188 -14.45 -41.21 -9.51
C ASP G 188 -13.41 -42.32 -9.36
N PHE G 189 -13.72 -43.28 -8.50
CA PHE G 189 -12.78 -44.35 -8.25
C PHE G 189 -12.81 -45.39 -9.37
N PRO G 190 -11.74 -46.17 -9.53
CA PRO G 190 -11.76 -47.28 -10.48
C PRO G 190 -12.75 -48.36 -10.07
N GLU G 191 -13.18 -49.13 -11.06
CA GLU G 191 -14.04 -50.28 -10.81
C GLU G 191 -13.24 -51.40 -10.13
N TYR G 192 -13.96 -52.46 -9.74
CA TYR G 192 -13.32 -53.59 -9.08
C TYR G 192 -12.48 -54.36 -10.08
N GLY G 193 -11.16 -54.25 -9.98
CA GLY G 193 -10.24 -54.90 -10.87
C GLY G 193 -9.69 -54.03 -11.97
N ALA G 194 -10.35 -52.92 -12.28
CA ALA G 194 -9.87 -51.97 -13.28
C ALA G 194 -9.00 -50.90 -12.64
N MET G 195 -8.00 -51.35 -11.90
CA MET G 195 -7.20 -50.51 -11.04
C MET G 195 -5.87 -50.14 -11.70
N LYS G 196 -5.29 -49.03 -11.24
CA LYS G 196 -4.03 -48.53 -11.78
C LYS G 196 -3.09 -48.22 -10.64
N PRO G 197 -1.79 -48.50 -10.80
CA PRO G 197 -0.82 -48.20 -9.73
C PRO G 197 -0.67 -46.71 -9.49
N GLY G 198 -0.46 -46.36 -8.22
CA GLY G 198 -0.25 -45.00 -7.81
C GLY G 198 -1.51 -44.20 -7.54
N ALA G 199 -2.60 -44.53 -8.22
CA ALA G 199 -3.87 -43.84 -8.03
C ALA G 199 -4.67 -44.50 -6.90
N PHE G 200 -5.75 -43.82 -6.51
CA PHE G 200 -6.61 -44.33 -5.45
C PHE G 200 -7.28 -45.62 -5.90
N GLY G 201 -7.12 -46.68 -5.11
CA GLY G 201 -7.63 -47.97 -5.50
C GLY G 201 -6.54 -48.92 -5.95
N ASP G 202 -5.32 -48.72 -5.42
CA ASP G 202 -4.24 -49.68 -5.68
C ASP G 202 -4.59 -51.05 -5.14
N ILE G 203 -5.05 -51.11 -3.90
CA ILE G 203 -5.43 -52.36 -3.25
C ILE G 203 -6.94 -52.36 -3.04
N GLN G 204 -7.58 -53.50 -3.30
CA GLN G 204 -9.02 -53.60 -3.24
C GLN G 204 -9.41 -54.93 -2.61
N ALA G 205 -10.48 -54.90 -1.83
CA ALA G 205 -11.07 -56.10 -1.25
C ALA G 205 -12.53 -55.82 -0.95
N SER G 206 -13.30 -56.90 -0.80
CA SER G 206 -14.71 -56.76 -0.44
C SER G 206 -14.88 -56.29 0.99
N SER G 207 -13.99 -56.71 1.88
CA SER G 207 -14.03 -56.30 3.27
C SER G 207 -12.61 -56.25 3.81
N LEU G 208 -12.47 -55.72 5.02
CA LEU G 208 -11.14 -55.58 5.61
C LEU G 208 -10.57 -56.94 6.02
N ASP G 209 -11.43 -57.86 6.42
CA ASP G 209 -11.01 -59.20 6.81
C ASP G 209 -11.07 -60.21 5.67
N ALA G 210 -11.36 -59.76 4.46
CA ALA G 210 -11.50 -60.67 3.34
C ALA G 210 -10.14 -61.20 2.90
N THR G 211 -10.11 -62.47 2.50
CA THR G 211 -8.90 -63.10 1.99
C THR G 211 -8.74 -62.94 0.49
N ASP G 212 -9.76 -62.45 -0.21
CA ASP G 212 -9.69 -62.23 -1.65
C ASP G 212 -9.34 -60.76 -1.79
N ILE G 213 -8.04 -60.47 -1.83
CA ILE G 213 -7.52 -59.12 -1.96
C ILE G 213 -6.78 -59.03 -3.28
N VAL G 214 -7.11 -58.03 -4.09
CA VAL G 214 -6.51 -57.86 -5.40
C VAL G 214 -5.84 -56.48 -5.47
N ALA G 215 -4.62 -56.46 -6.01
CA ALA G 215 -3.88 -55.21 -6.09
C ALA G 215 -3.00 -55.23 -7.32
N ARG G 216 -2.68 -54.05 -7.82
CA ARG G 216 -1.74 -53.87 -8.92
C ARG G 216 -0.78 -52.73 -8.58
N THR G 217 -0.19 -52.82 -7.39
CA THR G 217 0.93 -51.94 -7.05
C THR G 217 2.14 -52.38 -7.86
N ASP G 218 2.80 -51.42 -8.50
CA ASP G 218 3.80 -51.76 -9.52
C ASP G 218 5.11 -52.11 -8.80
N ILE G 219 5.29 -53.39 -8.51
CA ILE G 219 6.50 -53.89 -7.84
C ILE G 219 7.47 -54.39 -8.88
N ARG G 220 8.70 -53.87 -8.85
CA ARG G 220 9.81 -54.40 -9.63
C ARG G 220 10.84 -54.97 -8.66
N LEU G 221 11.19 -56.23 -8.85
CA LEU G 221 12.19 -56.89 -8.02
C LEU G 221 13.53 -56.83 -8.73
N LEU G 222 14.44 -56.02 -8.20
CA LEU G 222 15.74 -55.83 -8.81
C LEU G 222 16.66 -56.99 -8.49
N LYS G 223 17.78 -57.06 -9.22
CA LYS G 223 18.77 -58.10 -9.00
C LYS G 223 19.63 -57.76 -7.79
N PRO G 224 19.82 -58.71 -6.86
CA PRO G 224 20.69 -58.44 -5.71
C PRO G 224 22.16 -58.37 -6.10
N SER G 225 22.77 -57.19 -5.95
CA SER G 225 24.15 -56.96 -6.35
C SER G 225 25.06 -56.69 -5.16
N VAL G 226 24.62 -57.02 -3.94
CA VAL G 226 25.41 -56.77 -2.75
C VAL G 226 25.79 -58.11 -2.10
N LYS G 227 26.69 -58.01 -1.12
CA LYS G 227 27.19 -59.20 -0.43
C LYS G 227 26.09 -59.88 0.38
N ASN G 228 25.38 -59.11 1.19
CA ASN G 228 24.40 -59.62 2.12
C ASN G 228 23.17 -60.15 1.38
N ILE G 229 22.39 -60.95 2.09
CA ILE G 229 21.13 -61.46 1.54
C ILE G 229 20.11 -60.33 1.54
N HIS G 230 19.54 -60.05 0.38
CA HIS G 230 18.75 -58.86 0.19
C HIS G 230 17.71 -59.09 -0.90
N VAL G 231 16.55 -58.47 -0.74
CA VAL G 231 15.54 -58.44 -1.80
C VAL G 231 15.39 -56.99 -2.24
N PRO G 232 16.12 -56.55 -3.26
CA PRO G 232 15.96 -55.18 -3.75
C PRO G 232 14.65 -55.03 -4.51
N TYR G 233 13.75 -54.23 -3.97
CA TYR G 233 12.44 -54.02 -4.55
C TYR G 233 12.18 -52.53 -4.68
N THR G 234 11.47 -52.16 -5.75
CA THR G 234 10.99 -50.79 -5.92
C THR G 234 9.51 -50.83 -6.26
N GLN G 235 8.81 -49.78 -5.86
CA GLN G 235 7.35 -49.82 -5.84
C GLN G 235 6.79 -48.43 -6.04
N ALA G 236 5.56 -48.38 -6.54
CA ALA G 236 4.81 -47.14 -6.58
C ALA G 236 4.33 -46.78 -5.18
N VAL G 237 3.98 -45.50 -5.00
CA VAL G 237 3.52 -45.03 -3.71
C VAL G 237 2.10 -45.53 -3.49
N SER G 238 1.62 -45.42 -2.25
CA SER G 238 0.24 -45.80 -1.96
C SER G 238 -0.71 -44.78 -2.55
N GLY G 239 -1.67 -45.26 -3.36
CA GLY G 239 -2.69 -44.37 -3.87
C GLY G 239 -3.63 -43.84 -2.81
N TYR G 240 -3.75 -44.56 -1.70
CA TYR G 240 -4.49 -44.04 -0.56
C TYR G 240 -3.82 -42.79 0.01
N GLU G 241 -2.50 -42.82 0.17
CA GLU G 241 -1.77 -41.65 0.67
C GLU G 241 -1.76 -40.52 -0.34
N MET G 242 -1.58 -40.84 -1.63
CA MET G 242 -1.64 -39.81 -2.66
C MET G 242 -3.01 -39.15 -2.72
N TRP G 243 -4.07 -39.95 -2.61
CA TRP G 243 -5.42 -39.39 -2.58
C TRP G 243 -5.67 -38.58 -1.32
N LYS G 244 -5.13 -39.03 -0.19
CA LYS G 244 -5.28 -38.29 1.06
C LYS G 244 -4.57 -36.95 1.02
N ASN G 245 -3.44 -36.87 0.32
CA ASN G 245 -2.72 -35.61 0.24
C ASN G 245 -3.46 -34.57 -0.59
N ASN G 246 -4.25 -35.00 -1.58
CA ASN G 246 -4.97 -34.08 -2.45
C ASN G 246 -6.41 -34.52 -2.61
N SER G 247 -7.08 -34.79 -1.49
CA SER G 247 -8.50 -35.15 -1.51
C SER G 247 -9.41 -33.95 -1.71
N GLY G 248 -8.89 -32.73 -1.55
CA GLY G 248 -9.75 -31.57 -1.64
C GLY G 248 -10.62 -31.44 -0.39
N ARG G 249 -11.74 -30.79 -0.55
CA ARG G 249 -12.63 -30.66 0.58
C ARG G 249 -13.77 -31.68 0.49
N PRO G 250 -14.26 -32.18 1.61
CA PRO G 250 -15.34 -33.17 1.58
C PRO G 250 -16.67 -32.52 1.25
N LEU G 251 -17.69 -33.36 1.07
CA LEU G 251 -19.03 -32.85 0.82
C LEU G 251 -19.69 -32.28 2.08
N GLN G 252 -19.09 -32.46 3.25
CA GLN G 252 -19.58 -31.74 4.44
C GLN G 252 -19.32 -30.25 4.35
N GLU G 253 -18.49 -29.80 3.41
CA GLU G 253 -18.17 -28.40 3.23
C GLU G 253 -18.54 -27.85 1.87
N THR G 254 -18.76 -28.70 0.87
CA THR G 254 -19.02 -28.26 -0.50
C THR G 254 -20.40 -28.65 -1.02
N ALA G 255 -21.25 -29.22 -0.17
CA ALA G 255 -22.58 -29.60 -0.63
C ALA G 255 -23.44 -28.36 -0.84
N PRO G 256 -24.23 -28.31 -1.91
CA PRO G 256 -25.15 -27.19 -2.11
C PRO G 256 -26.37 -27.31 -1.20
N PHE G 257 -27.14 -26.22 -1.18
CA PHE G 257 -28.43 -26.10 -0.48
C PHE G 257 -28.31 -26.29 1.03
N GLY G 258 -27.12 -26.10 1.58
CA GLY G 258 -26.93 -26.22 3.01
C GLY G 258 -27.15 -27.61 3.57
N CYS G 259 -26.79 -28.64 2.79
CA CYS G 259 -26.94 -30.00 3.26
C CYS G 259 -25.90 -30.31 4.34
N LYS G 260 -26.19 -31.34 5.13
CA LYS G 260 -25.39 -31.66 6.32
C LYS G 260 -25.25 -33.18 6.34
N ILE G 261 -24.08 -33.67 5.91
CA ILE G 261 -23.90 -35.05 5.47
C ILE G 261 -23.42 -35.91 6.63
N GLU G 262 -24.11 -37.04 6.83
CA GLU G 262 -23.69 -38.11 7.73
C GLU G 262 -23.40 -39.37 6.92
N VAL G 263 -22.91 -40.40 7.61
CA VAL G 263 -22.28 -41.53 6.93
C VAL G 263 -22.87 -42.88 7.32
N GLU G 264 -23.59 -42.94 8.46
CA GLU G 264 -24.01 -44.25 8.95
C GLU G 264 -25.03 -44.93 8.04
N PRO G 265 -26.11 -44.28 7.59
CA PRO G 265 -26.74 -44.71 6.33
C PRO G 265 -26.37 -43.86 5.11
N LEU G 266 -25.45 -42.90 5.26
CA LEU G 266 -25.07 -41.94 4.23
C LEU G 266 -26.30 -41.15 3.75
N ARG G 267 -26.80 -40.30 4.65
CA ARG G 267 -27.90 -39.42 4.29
C ARG G 267 -27.45 -37.96 4.33
N ALA G 268 -28.10 -37.15 3.50
CA ALA G 268 -27.94 -35.70 3.53
C ALA G 268 -29.08 -35.11 4.35
N SER G 269 -28.74 -34.36 5.40
CA SER G 269 -29.71 -33.90 6.37
C SER G 269 -29.96 -32.41 6.22
N ASN G 270 -31.24 -32.03 6.28
CA ASN G 270 -31.70 -30.64 6.29
C ASN G 270 -31.25 -29.89 5.04
N CYS G 271 -31.73 -30.36 3.90
CA CYS G 271 -31.44 -29.75 2.60
C CYS G 271 -32.64 -28.89 2.20
N ALA G 272 -32.43 -27.59 2.07
CA ALA G 272 -33.49 -26.63 1.76
C ALA G 272 -33.52 -26.42 0.26
N TYR G 273 -34.41 -27.13 -0.43
CA TYR G 273 -34.50 -27.04 -1.88
C TYR G 273 -35.91 -27.41 -2.32
N GLY G 274 -36.44 -26.64 -3.26
CA GLY G 274 -37.69 -27.01 -3.90
C GLY G 274 -38.91 -26.86 -3.01
N HIS G 275 -40.00 -27.47 -3.45
CA HIS G 275 -41.29 -27.39 -2.79
C HIS G 275 -41.90 -28.78 -2.67
N ILE G 276 -42.62 -29.01 -1.58
CA ILE G 276 -43.26 -30.28 -1.29
C ILE G 276 -44.77 -30.08 -1.44
N PRO G 277 -45.40 -30.66 -2.47
CA PRO G 277 -46.87 -30.73 -2.47
C PRO G 277 -47.35 -31.74 -1.45
N ILE G 278 -48.25 -31.31 -0.57
CA ILE G 278 -48.67 -32.09 0.58
C ILE G 278 -50.19 -32.05 0.69
N SER G 279 -50.80 -33.21 0.88
CA SER G 279 -52.25 -33.34 1.03
C SER G 279 -52.54 -33.99 2.38
N ILE G 280 -53.43 -33.36 3.14
CA ILE G 280 -53.77 -33.80 4.48
C ILE G 280 -55.26 -34.11 4.53
N ASP G 281 -55.59 -35.31 5.01
CA ASP G 281 -56.98 -35.70 5.25
C ASP G 281 -57.26 -35.44 6.72
N ILE G 282 -57.65 -34.21 7.03
CA ILE G 282 -57.93 -33.81 8.42
C ILE G 282 -59.17 -34.55 8.90
N PRO G 283 -59.15 -35.15 10.09
CA PRO G 283 -60.34 -35.82 10.61
C PRO G 283 -61.48 -34.84 10.85
N ASP G 284 -62.71 -35.35 10.72
CA ASP G 284 -63.89 -34.52 10.88
C ASP G 284 -64.09 -34.07 12.32
N ALA G 285 -63.49 -34.78 13.29
CA ALA G 285 -63.64 -34.39 14.69
C ALA G 285 -62.87 -33.13 15.04
N ALA G 286 -61.88 -32.76 14.23
CA ALA G 286 -61.12 -31.53 14.50
C ALA G 286 -61.96 -30.29 14.25
N PHE G 287 -62.82 -30.34 13.23
CA PHE G 287 -63.67 -29.20 12.92
C PHE G 287 -64.79 -29.05 13.94
N VAL G 288 -65.16 -27.81 14.20
CA VAL G 288 -66.34 -27.47 14.98
C VAL G 288 -67.25 -26.63 14.10
N ARG G 289 -68.55 -26.72 14.34
CA ARG G 289 -69.50 -25.99 13.50
C ARG G 289 -69.35 -24.48 13.71
N SER G 290 -69.82 -23.72 12.71
CA SER G 290 -69.68 -22.28 12.75
C SER G 290 -70.55 -21.63 13.82
N SER G 291 -71.53 -22.36 14.36
CA SER G 291 -72.33 -21.83 15.47
C SER G 291 -71.50 -21.70 16.74
N GLU G 292 -70.57 -22.62 16.98
CA GLU G 292 -69.72 -22.55 18.16
C GLU G 292 -68.50 -21.64 17.96
N SER G 293 -68.26 -21.16 16.75
CA SER G 293 -67.17 -20.20 16.67
C SER G 293 -67.71 -18.78 16.86
N PRO G 294 -66.98 -17.94 17.59
CA PRO G 294 -67.43 -16.56 17.78
C PRO G 294 -67.45 -15.79 16.46
N THR G 295 -68.44 -14.91 16.33
CA THR G 295 -68.62 -14.15 15.11
C THR G 295 -68.12 -12.72 15.33
N ILE G 296 -67.20 -12.29 14.48
CA ILE G 296 -66.65 -10.94 14.55
C ILE G 296 -67.64 -10.00 13.88
N LEU G 297 -68.28 -9.13 14.65
CA LEU G 297 -69.24 -8.20 14.08
C LEU G 297 -68.56 -7.16 13.21
N GLU G 298 -67.46 -6.58 13.68
CA GLU G 298 -66.66 -5.70 12.85
C GLU G 298 -65.21 -5.80 13.30
N VAL G 299 -64.30 -5.67 12.34
CA VAL G 299 -62.87 -5.73 12.63
C VAL G 299 -62.18 -4.64 11.82
N SER G 300 -61.18 -4.01 12.44
CA SER G 300 -60.37 -2.98 11.78
C SER G 300 -58.91 -3.26 12.03
N CYS G 301 -58.11 -3.28 10.97
CA CYS G 301 -56.68 -3.53 11.05
C CYS G 301 -55.93 -2.21 10.97
N THR G 302 -55.16 -1.90 12.00
CA THR G 302 -54.24 -0.76 11.97
C THR G 302 -52.83 -1.27 12.23
N VAL G 303 -51.92 -0.94 11.33
CA VAL G 303 -50.56 -1.48 11.38
C VAL G 303 -49.57 -0.33 11.40
N ALA G 304 -48.60 -0.39 12.31
CA ALA G 304 -47.62 0.66 12.48
C ALA G 304 -46.24 0.04 12.65
N ASP G 305 -45.24 0.75 12.14
CA ASP G 305 -43.83 0.35 12.17
C ASP G 305 -43.63 -1.02 11.54
N CYS G 306 -43.95 -1.09 10.25
CA CYS G 306 -43.71 -2.29 9.45
C CYS G 306 -42.31 -2.27 8.87
N ILE G 307 -41.62 -3.39 8.96
CA ILE G 307 -40.29 -3.57 8.40
C ILE G 307 -40.28 -4.90 7.67
N TYR G 308 -40.04 -4.88 6.36
CA TYR G 308 -39.98 -6.13 5.62
C TYR G 308 -38.61 -6.76 5.83
N SER G 309 -38.60 -7.92 6.46
CA SER G 309 -37.37 -8.52 6.99
C SER G 309 -37.60 -10.01 7.16
N ALA G 310 -36.50 -10.73 7.40
CA ALA G 310 -36.61 -12.15 7.71
C ALA G 310 -37.32 -12.37 9.03
N ASP G 311 -37.00 -11.58 10.04
CA ASP G 311 -37.68 -11.67 11.33
C ASP G 311 -39.08 -11.08 11.20
N PHE G 312 -39.92 -11.38 12.20
CA PHE G 312 -41.24 -10.76 12.26
C PHE G 312 -41.09 -9.29 12.60
N GLY G 313 -40.99 -8.45 11.57
CA GLY G 313 -40.69 -7.06 11.77
C GLY G 313 -41.89 -6.14 11.78
N GLY G 314 -43.07 -6.68 11.47
CA GLY G 314 -44.29 -5.90 11.42
C GLY G 314 -45.22 -6.28 12.55
N SER G 315 -46.03 -5.32 12.99
CA SER G 315 -47.02 -5.55 14.04
C SER G 315 -48.31 -4.82 13.68
N LEU G 316 -49.42 -5.56 13.68
CA LEU G 316 -50.72 -5.01 13.36
C LEU G 316 -51.69 -5.29 14.49
N THR G 317 -52.56 -4.33 14.78
CA THR G 317 -53.56 -4.47 15.81
C THR G 317 -54.93 -4.54 15.17
N LEU G 318 -55.69 -5.57 15.54
CA LEU G 318 -57.08 -5.75 15.10
C LEU G 318 -57.99 -5.29 16.23
N GLN G 319 -58.87 -4.35 15.92
CA GLN G 319 -59.92 -3.92 16.83
C GLN G 319 -61.21 -4.61 16.44
N TYR G 320 -61.88 -5.21 17.42
CA TYR G 320 -63.00 -6.10 17.18
C TYR G 320 -64.08 -5.94 18.24
N LYS G 321 -65.32 -6.23 17.84
CA LYS G 321 -66.52 -6.11 18.66
C LYS G 321 -67.40 -7.36 18.52
N ALA G 322 -66.81 -8.53 18.74
CA ALA G 322 -67.51 -9.79 18.57
C ALA G 322 -68.65 -9.95 19.58
N ASP G 323 -69.38 -11.07 19.49
CA ASP G 323 -70.54 -11.30 20.33
C ASP G 323 -70.32 -12.32 21.43
N ARG G 324 -69.24 -13.09 21.40
CA ARG G 324 -69.03 -14.14 22.39
C ARG G 324 -67.53 -14.38 22.55
N GLU G 325 -67.12 -14.65 23.78
CA GLU G 325 -65.72 -14.91 24.07
C GLU G 325 -65.33 -16.30 23.57
N GLY G 326 -64.24 -16.38 22.83
CA GLY G 326 -63.80 -17.65 22.29
C GLY G 326 -62.55 -17.47 21.46
N HIS G 327 -62.07 -18.56 20.88
CA HIS G 327 -60.81 -18.56 20.16
C HIS G 327 -61.04 -18.52 18.65
N CYS G 328 -60.38 -17.57 17.97
CA CYS G 328 -60.38 -17.47 16.52
C CYS G 328 -59.03 -17.83 15.93
N PRO G 329 -59.01 -18.51 14.79
CA PRO G 329 -57.79 -18.55 13.98
C PRO G 329 -57.58 -17.23 13.25
N VAL G 330 -56.38 -16.67 13.40
CA VAL G 330 -55.99 -15.46 12.68
C VAL G 330 -55.11 -15.89 11.51
N HIS G 331 -55.36 -15.32 10.34
CA HIS G 331 -54.64 -15.73 9.15
C HIS G 331 -54.33 -14.53 8.27
N SER G 332 -53.23 -14.61 7.54
CA SER G 332 -52.87 -13.63 6.52
C SER G 332 -53.03 -14.29 5.17
N HIS G 333 -53.88 -13.70 4.31
CA HIS G 333 -54.28 -14.32 3.06
C HIS G 333 -53.37 -13.94 1.89
N SER G 334 -52.11 -13.62 2.17
CA SER G 334 -51.13 -13.32 1.14
C SER G 334 -49.98 -14.30 1.24
N THR G 335 -49.35 -14.56 0.09
CA THR G 335 -48.14 -15.36 0.06
C THR G 335 -46.90 -14.56 0.38
N THR G 336 -47.04 -13.26 0.62
CA THR G 336 -45.91 -12.38 0.88
C THR G 336 -45.75 -12.04 2.35
N ALA G 337 -46.84 -12.02 3.12
CA ALA G 337 -46.78 -11.75 4.55
C ALA G 337 -47.35 -12.93 5.33
N VAL G 338 -46.66 -13.32 6.38
CA VAL G 338 -47.05 -14.46 7.21
C VAL G 338 -47.19 -14.00 8.66
N LEU G 339 -48.25 -14.47 9.32
CA LEU G 339 -48.50 -14.15 10.71
C LEU G 339 -47.71 -15.07 11.63
N LYS G 340 -47.23 -14.51 12.74
CA LYS G 340 -46.58 -15.34 13.75
C LYS G 340 -47.58 -16.17 14.53
N GLU G 341 -48.69 -15.56 14.92
CA GLU G 341 -49.71 -16.26 15.68
C GLU G 341 -50.76 -16.87 14.76
N ALA G 342 -51.24 -18.05 15.16
CA ALA G 342 -52.24 -18.77 14.38
C ALA G 342 -53.59 -18.84 15.06
N THR G 343 -53.67 -18.62 16.37
CA THR G 343 -54.93 -18.69 17.10
C THR G 343 -54.87 -17.70 18.26
N THR G 344 -55.88 -16.84 18.36
CA THR G 344 -55.95 -15.81 19.38
C THR G 344 -57.27 -15.91 20.14
N HIS G 345 -57.29 -15.27 21.30
CA HIS G 345 -58.47 -15.19 22.16
C HIS G 345 -59.27 -13.93 21.83
N VAL G 346 -60.59 -14.03 21.97
CA VAL G 346 -61.53 -13.01 21.54
C VAL G 346 -62.50 -12.73 22.68
N THR G 347 -62.50 -11.49 23.14
CA THR G 347 -63.42 -10.99 24.15
C THR G 347 -64.59 -10.35 23.38
N ALA G 348 -65.63 -9.89 24.09
CA ALA G 348 -66.76 -9.24 23.43
C ALA G 348 -66.31 -7.99 22.68
N THR G 349 -65.34 -7.26 23.21
CA THR G 349 -64.74 -6.16 22.47
C THR G 349 -63.29 -6.03 22.89
N GLY G 350 -62.50 -5.40 22.03
CA GLY G 350 -61.13 -5.12 22.38
C GLY G 350 -60.24 -5.10 21.15
N SER G 351 -58.96 -5.35 21.39
CA SER G 351 -57.96 -5.30 20.34
C SER G 351 -56.88 -6.34 20.64
N ILE G 352 -56.41 -6.99 19.58
CA ILE G 352 -55.34 -7.98 19.67
C ILE G 352 -54.20 -7.55 18.75
N THR G 353 -52.98 -7.77 19.21
CA THR G 353 -51.80 -7.47 18.41
C THR G 353 -51.24 -8.74 17.80
N LEU G 354 -50.70 -8.61 16.59
CA LEU G 354 -50.25 -9.75 15.81
C LEU G 354 -48.97 -9.35 15.09
N HIS G 355 -47.96 -10.20 15.19
CA HIS G 355 -46.68 -9.95 14.54
C HIS G 355 -46.63 -10.70 13.22
N PHE G 356 -46.17 -10.02 12.18
CA PHE G 356 -46.07 -10.61 10.85
C PHE G 356 -44.73 -10.29 10.24
N SER G 357 -44.29 -11.17 9.34
CA SER G 357 -43.08 -11.01 8.57
C SER G 357 -43.43 -10.97 7.09
N THR G 358 -42.89 -9.99 6.37
CA THR G 358 -43.20 -9.80 4.96
C THR G 358 -41.93 -9.49 4.20
N SER G 359 -42.02 -9.58 2.87
CA SER G 359 -40.95 -9.18 1.99
C SER G 359 -41.31 -8.01 1.09
N SER G 360 -42.59 -7.68 0.97
CA SER G 360 -43.02 -6.55 0.16
C SER G 360 -42.78 -5.23 0.90
N PRO G 361 -42.46 -4.17 0.17
CA PRO G 361 -42.42 -2.83 0.78
C PRO G 361 -43.78 -2.32 1.23
N GLN G 362 -44.88 -2.93 0.78
CA GLN G 362 -46.21 -2.50 1.13
C GLN G 362 -46.95 -3.61 1.86
N ALA G 363 -47.66 -3.23 2.92
CA ALA G 363 -48.48 -4.18 3.69
C ALA G 363 -49.95 -4.02 3.31
N ASN G 364 -50.29 -4.58 2.16
CA ASN G 364 -51.64 -4.47 1.61
C ASN G 364 -52.30 -5.85 1.52
N PHE G 365 -52.15 -6.66 2.56
CA PHE G 365 -52.68 -8.02 2.57
C PHE G 365 -54.02 -8.05 3.30
N ILE G 366 -54.62 -9.23 3.36
CA ILE G 366 -55.93 -9.44 3.93
C ILE G 366 -55.79 -10.36 5.14
N VAL G 367 -56.30 -9.93 6.29
CA VAL G 367 -56.19 -10.66 7.54
C VAL G 367 -57.59 -11.13 7.94
N SER G 368 -57.71 -12.42 8.24
CA SER G 368 -58.97 -13.04 8.62
C SER G 368 -58.96 -13.41 10.09
N LEU G 369 -60.10 -13.16 10.75
CA LEU G 369 -60.31 -13.40 12.17
C LEU G 369 -61.67 -14.06 12.31
N CYS G 370 -61.69 -15.35 12.68
CA CYS G 370 -62.83 -16.26 12.45
C CYS G 370 -63.50 -16.02 11.11
N GLY G 371 -62.68 -16.00 10.05
CA GLY G 371 -63.19 -15.84 8.71
C GLY G 371 -63.63 -14.45 8.33
N LYS G 372 -63.60 -13.49 9.26
CA LYS G 372 -63.95 -12.12 8.96
C LYS G 372 -62.71 -11.44 8.40
N LYS G 373 -62.81 -10.91 7.19
CA LYS G 373 -61.66 -10.40 6.46
C LYS G 373 -61.58 -8.89 6.56
N THR G 374 -60.36 -8.39 6.79
CA THR G 374 -60.08 -6.97 6.80
C THR G 374 -58.81 -6.72 5.99
N THR G 375 -58.66 -5.51 5.49
CA THR G 375 -57.54 -5.14 4.64
C THR G 375 -56.66 -4.13 5.38
N CYS G 376 -55.39 -4.48 5.55
CA CYS G 376 -54.42 -3.58 6.15
C CYS G 376 -53.73 -2.78 5.06
N ASN G 377 -53.28 -1.56 5.42
CA ASN G 377 -52.62 -0.69 4.46
C ASN G 377 -51.55 0.11 5.18
N ALA G 378 -50.30 -0.07 4.79
CA ALA G 378 -49.19 0.76 5.28
C ALA G 378 -48.03 0.66 4.31
N GLU G 379 -46.95 1.35 4.66
CA GLU G 379 -45.70 1.35 3.92
C GLU G 379 -44.62 0.77 4.82
N CYS G 380 -44.00 -0.33 4.39
CA CYS G 380 -43.04 -1.04 5.22
C CYS G 380 -41.64 -0.54 4.89
N LYS G 381 -40.94 -0.05 5.90
CA LYS G 381 -39.60 0.49 5.71
C LYS G 381 -38.60 -0.63 5.48
N PRO G 382 -37.55 -0.38 4.69
CA PRO G 382 -36.48 -1.36 4.58
C PRO G 382 -35.74 -1.49 5.90
N PRO G 383 -35.25 -2.68 6.23
CA PRO G 383 -34.55 -2.86 7.50
C PRO G 383 -33.22 -2.12 7.54
N ALA G 384 -32.80 -1.78 8.75
CA ALA G 384 -31.53 -1.10 8.92
C ALA G 384 -30.38 -2.08 9.07
N ASP G 385 -30.56 -3.14 9.84
CA ASP G 385 -29.55 -4.19 9.90
C ASP G 385 -29.50 -4.97 8.59
N HIS G 386 -28.28 -5.32 8.19
CA HIS G 386 -28.09 -5.94 6.88
C HIS G 386 -28.09 -7.46 6.94
N ILE G 387 -27.66 -8.04 8.06
CA ILE G 387 -27.40 -9.47 8.14
C ILE G 387 -28.17 -10.01 9.34
N ILE G 388 -28.88 -11.12 9.15
CA ILE G 388 -29.70 -11.72 10.18
C ILE G 388 -29.35 -13.20 10.30
N GLY G 389 -29.57 -13.75 11.49
CA GLY G 389 -29.22 -15.13 11.79
C GLY G 389 -30.29 -16.16 11.54
N GLU G 390 -31.43 -15.77 10.97
CA GLU G 390 -32.49 -16.71 10.67
C GLU G 390 -32.96 -16.52 9.23
N PRO G 391 -33.36 -17.60 8.56
CA PRO G 391 -33.78 -17.49 7.16
C PRO G 391 -35.12 -16.78 7.01
N HIS G 392 -35.40 -16.36 5.78
CA HIS G 392 -36.61 -15.63 5.48
C HIS G 392 -37.83 -16.54 5.57
N LYS G 393 -38.90 -16.04 6.19
CA LYS G 393 -40.13 -16.82 6.29
C LYS G 393 -40.96 -16.79 5.02
N VAL G 394 -40.73 -15.83 4.13
CA VAL G 394 -41.52 -15.67 2.92
C VAL G 394 -40.59 -15.55 1.72
N ASP G 395 -41.14 -15.84 0.54
CA ASP G 395 -40.43 -15.67 -0.71
C ASP G 395 -40.75 -14.30 -1.31
N GLN G 396 -39.93 -13.89 -2.27
CA GLN G 396 -40.02 -12.58 -2.88
C GLN G 396 -40.76 -12.69 -4.21
N GLU G 397 -41.83 -11.93 -4.36
CA GLU G 397 -42.61 -11.89 -5.60
C GLU G 397 -42.09 -10.75 -6.47
N PHE G 398 -42.84 -10.42 -7.53
CA PHE G 398 -42.54 -9.29 -8.40
C PHE G 398 -43.54 -8.17 -8.23
N GLN G 399 -44.84 -8.49 -8.21
CA GLN G 399 -45.86 -7.48 -7.97
C GLN G 399 -45.75 -6.91 -6.57
N ALA G 400 -45.45 -7.76 -5.58
CA ALA G 400 -45.36 -7.30 -4.21
C ALA G 400 -44.06 -6.52 -3.96
N ALA G 401 -42.96 -6.93 -4.58
CA ALA G 401 -41.65 -6.34 -4.29
C ALA G 401 -41.50 -4.91 -4.79
N VAL G 402 -42.39 -4.44 -5.66
CA VAL G 402 -42.35 -3.08 -6.16
C VAL G 402 -43.36 -2.26 -5.35
N SER G 403 -42.90 -1.14 -4.79
CA SER G 403 -43.71 -0.34 -3.90
C SER G 403 -44.84 0.35 -4.67
N LYS G 404 -45.82 0.83 -3.90
CA LYS G 404 -46.97 1.50 -4.50
C LYS G 404 -46.58 2.85 -5.10
N THR G 405 -45.60 3.53 -4.51
CA THR G 405 -45.11 4.78 -5.10
C THR G 405 -44.41 4.52 -6.43
N SER G 406 -43.55 3.48 -6.47
CA SER G 406 -42.89 3.13 -7.71
C SER G 406 -43.89 2.62 -8.74
N TRP G 407 -44.88 1.84 -8.30
CA TRP G 407 -45.93 1.40 -9.22
C TRP G 407 -46.70 2.59 -9.78
N ASN G 408 -46.96 3.59 -8.93
CA ASN G 408 -47.62 4.80 -9.39
C ASN G 408 -46.79 5.54 -10.42
N TRP G 409 -45.48 5.64 -10.20
CA TRP G 409 -44.61 6.35 -11.14
C TRP G 409 -44.52 5.64 -12.49
N LEU G 410 -44.25 4.33 -12.48
CA LEU G 410 -44.19 3.58 -13.73
C LEU G 410 -45.53 3.54 -14.45
N LEU G 411 -46.63 3.36 -13.72
CA LEU G 411 -47.94 3.36 -14.36
C LEU G 411 -48.29 4.75 -14.90
N ALA G 412 -47.89 5.81 -14.21
CA ALA G 412 -48.14 7.16 -14.72
C ALA G 412 -47.37 7.42 -16.00
N LEU G 413 -46.10 7.01 -16.05
CA LEU G 413 -45.32 7.23 -17.27
C LEU G 413 -45.82 6.37 -18.43
N PHE G 414 -46.15 5.10 -18.17
CA PHE G 414 -46.67 4.23 -19.21
C PHE G 414 -48.03 4.70 -19.69
N GLY G 415 -48.90 5.14 -18.77
CA GLY G 415 -50.18 5.70 -19.14
C GLY G 415 -50.07 7.01 -19.89
N GLY G 416 -49.04 7.80 -19.59
CA GLY G 416 -48.79 9.00 -20.38
C GLY G 416 -48.39 8.68 -21.80
N ALA G 417 -47.49 7.70 -21.97
CA ALA G 417 -47.12 7.28 -23.32
C ALA G 417 -48.32 6.73 -24.08
N SER G 418 -49.12 5.88 -23.41
CA SER G 418 -50.32 5.33 -24.05
C SER G 418 -51.36 6.42 -24.33
N SER G 419 -51.43 7.45 -23.49
CA SER G 419 -52.38 8.52 -23.71
C SER G 419 -51.98 9.37 -24.91
N LEU G 420 -50.69 9.67 -25.05
CA LEU G 420 -50.23 10.37 -26.26
C LEU G 420 -50.46 9.53 -27.50
N ILE G 421 -50.28 8.20 -27.41
CA ILE G 421 -50.57 7.32 -28.54
C ILE G 421 -52.06 7.38 -28.89
N VAL G 422 -52.92 7.33 -27.89
CA VAL G 422 -54.37 7.34 -28.10
C VAL G 422 -54.81 8.67 -28.70
N VAL G 423 -54.26 9.79 -28.20
CA VAL G 423 -54.58 11.10 -28.76
C VAL G 423 -54.11 11.20 -30.20
N GLY G 424 -52.93 10.67 -30.52
CA GLY G 424 -52.45 10.71 -31.89
C GLY G 424 -53.35 9.93 -32.84
N LEU G 425 -53.73 8.71 -32.46
CA LEU G 425 -54.64 7.94 -33.30
C LEU G 425 -56.01 8.59 -33.41
N ILE G 426 -56.50 9.23 -32.34
CA ILE G 426 -57.79 9.91 -32.39
C ILE G 426 -57.72 11.11 -33.34
N VAL G 427 -56.61 11.84 -33.32
CA VAL G 427 -56.48 13.00 -34.21
C VAL G 427 -56.37 12.54 -35.66
N LEU G 428 -55.68 11.44 -35.93
CA LEU G 428 -55.69 10.88 -37.29
C LEU G 428 -57.08 10.42 -37.71
N VAL G 429 -57.84 9.81 -36.79
CA VAL G 429 -59.19 9.38 -37.14
C VAL G 429 -60.05 10.58 -37.51
N CYS G 430 -60.00 11.63 -36.69
CA CYS G 430 -60.79 12.83 -36.94
C CYS G 430 -60.36 13.52 -38.22
N SER G 431 -59.05 13.64 -38.45
CA SER G 431 -58.56 14.30 -39.66
C SER G 431 -58.90 13.50 -40.91
N SER G 432 -58.81 12.18 -40.84
CA SER G 432 -59.16 11.33 -41.97
C SER G 432 -60.64 11.44 -42.29
N MET G 433 -61.49 11.44 -41.26
CA MET G 433 -62.93 11.62 -41.51
C MET G 433 -63.23 12.98 -42.12
N LEU G 434 -62.56 14.03 -41.62
CA LEU G 434 -62.80 15.37 -42.15
C LEU G 434 -62.34 15.48 -43.61
N ILE G 435 -61.19 14.89 -43.95
CA ILE G 435 -60.70 15.02 -45.31
C ILE G 435 -61.41 14.09 -46.30
N ASN G 436 -61.98 12.97 -45.85
CA ASN G 436 -62.80 12.21 -46.78
C ASN G 436 -64.22 12.75 -46.89
N THR G 437 -64.69 13.47 -45.87
CA THR G 437 -65.93 14.22 -46.04
C THR G 437 -65.73 15.41 -46.97
N ARG G 438 -64.54 16.02 -46.92
CA ARG G 438 -64.22 17.14 -47.79
C ARG G 438 -63.33 16.70 -48.95
N SER H 1 -5.63 -69.43 16.73
CA SER H 1 -4.48 -69.66 15.86
C SER H 1 -3.34 -68.71 16.20
N ILE H 2 -3.53 -67.92 17.25
CA ILE H 2 -2.54 -66.93 17.68
C ILE H 2 -2.10 -67.27 19.09
N THR H 3 -0.79 -67.39 19.28
CA THR H 3 -0.21 -67.65 20.60
C THR H 3 0.41 -66.37 21.16
N ASP H 4 0.53 -66.35 22.49
CA ASP H 4 1.15 -65.23 23.17
C ASP H 4 2.03 -65.64 24.34
N ASP H 5 2.21 -66.94 24.60
CA ASP H 5 3.05 -67.40 25.69
C ASP H 5 4.54 -67.36 25.36
N PHE H 6 4.88 -67.19 24.09
CA PHE H 6 6.26 -67.14 23.56
C PHE H 6 6.94 -68.46 23.91
N THR H 7 8.22 -68.45 24.28
CA THR H 7 9.08 -69.63 24.48
C THR H 7 9.19 -70.52 23.24
N LEU H 8 8.69 -70.03 22.10
CA LEU H 8 8.80 -70.71 20.82
C LEU H 8 9.27 -69.76 19.74
N THR H 9 9.48 -68.49 20.08
CA THR H 9 9.97 -67.47 19.17
C THR H 9 11.28 -66.92 19.68
N SER H 10 12.16 -66.53 18.76
CA SER H 10 13.47 -66.03 19.11
C SER H 10 13.78 -64.77 18.32
N PRO H 11 14.57 -63.86 18.87
CA PRO H 11 15.08 -62.74 18.08
C PRO H 11 16.12 -63.20 17.08
N TYR H 12 16.41 -62.33 16.11
CA TYR H 12 17.27 -62.67 14.99
C TYR H 12 18.14 -61.47 14.65
N LEU H 13 18.99 -61.64 13.65
CA LEU H 13 19.86 -60.58 13.16
C LEU H 13 19.32 -60.08 11.82
N GLY H 14 19.15 -58.77 11.72
CA GLY H 14 18.72 -58.17 10.48
C GLY H 14 19.74 -57.20 9.93
N PHE H 15 19.74 -56.97 8.62
CA PHE H 15 20.74 -56.10 8.01
C PHE H 15 20.27 -54.66 8.10
N CYS H 16 20.64 -54.01 9.20
CA CYS H 16 20.29 -52.61 9.42
C CYS H 16 21.06 -51.73 8.45
N PRO H 17 20.41 -50.78 7.77
CA PRO H 17 21.13 -49.94 6.80
C PRO H 17 21.98 -48.84 7.41
N TYR H 18 21.88 -48.57 8.72
CA TYR H 18 22.62 -47.44 9.29
C TYR H 18 22.83 -47.72 10.78
N CYS H 19 24.03 -48.17 11.14
CA CYS H 19 24.43 -48.32 12.53
C CYS H 19 25.11 -47.06 13.04
N ARG H 20 25.77 -47.18 14.20
CA ARG H 20 26.51 -46.07 14.78
C ARG H 20 27.68 -45.65 13.89
N HIS H 21 28.32 -46.62 13.23
CA HIS H 21 29.45 -46.31 12.36
C HIS H 21 29.02 -45.83 10.98
N SER H 22 27.73 -45.56 10.79
CA SER H 22 27.19 -44.94 9.58
C SER H 22 27.47 -45.79 8.33
N ALA H 23 27.15 -47.07 8.43
CA ALA H 23 27.41 -48.01 7.36
C ALA H 23 26.34 -49.10 7.37
N PRO H 24 26.18 -49.82 6.25
CA PRO H 24 25.38 -51.05 6.28
C PRO H 24 25.94 -52.04 7.28
N CYS H 25 25.06 -52.84 7.88
CA CYS H 25 25.31 -53.36 9.21
C CYS H 25 24.41 -54.55 9.50
N PHE H 26 24.98 -55.59 10.11
CA PHE H 26 24.19 -56.64 10.75
C PHE H 26 24.01 -56.28 12.22
N SER H 27 22.77 -56.20 12.67
CA SER H 27 22.50 -55.69 14.00
C SER H 27 21.54 -56.62 14.75
N PRO H 28 21.72 -56.76 16.08
CA PRO H 28 20.74 -57.54 16.85
C PRO H 28 19.39 -56.87 16.94
N ILE H 29 19.34 -55.55 16.80
CA ILE H 29 18.10 -54.80 16.74
C ILE H 29 17.97 -54.17 15.36
N LYS H 30 16.87 -54.45 14.69
CA LYS H 30 16.58 -53.87 13.38
C LYS H 30 15.14 -53.43 13.32
N ILE H 31 14.94 -52.18 12.92
CA ILE H 31 13.60 -51.66 12.68
C ILE H 31 13.09 -52.23 11.36
N GLU H 32 12.05 -53.06 11.44
CA GLU H 32 11.45 -53.64 10.24
C GLU H 32 10.28 -52.82 9.73
N ASN H 33 9.55 -52.15 10.63
CA ASN H 33 8.40 -51.35 10.23
C ASN H 33 8.17 -50.26 11.26
N VAL H 34 7.81 -49.08 10.80
CA VAL H 34 7.36 -47.99 11.65
C VAL H 34 5.95 -47.61 11.21
N TRP H 35 5.03 -47.58 12.16
CA TRP H 35 3.64 -47.21 11.90
C TRP H 35 3.33 -45.91 12.63
N ASP H 36 2.87 -44.91 11.88
CA ASP H 36 2.51 -43.61 12.45
C ASP H 36 1.10 -43.27 11.96
N GLU H 37 0.09 -43.79 12.65
CA GLU H 37 -1.29 -43.49 12.33
C GLU H 37 -2.08 -43.02 13.55
N SER H 38 -1.43 -42.91 14.70
CA SER H 38 -2.08 -42.40 15.90
C SER H 38 -2.07 -40.88 15.85
N ASP H 39 -3.13 -40.29 16.39
CA ASP H 39 -3.31 -38.85 16.37
C ASP H 39 -2.67 -38.13 17.55
N ASP H 40 -2.11 -38.88 18.51
CA ASP H 40 -1.42 -38.28 19.65
C ASP H 40 0.08 -38.17 19.43
N GLY H 41 0.58 -38.59 18.28
CA GLY H 41 2.00 -38.55 18.00
C GLY H 41 2.78 -39.80 18.36
N SER H 42 2.10 -40.88 18.73
CA SER H 42 2.77 -42.12 19.11
C SER H 42 2.98 -43.00 17.88
N ILE H 43 4.11 -43.70 17.86
CA ILE H 43 4.47 -44.59 16.76
C ILE H 43 4.75 -45.98 17.31
N ARG H 44 4.47 -46.99 16.48
CA ARG H 44 4.71 -48.38 16.82
C ARG H 44 5.83 -48.91 15.93
N ILE H 45 6.94 -49.29 16.54
CA ILE H 45 8.13 -49.71 15.83
C ILE H 45 8.34 -51.20 16.08
N GLN H 46 8.53 -51.95 15.00
CA GLN H 46 8.84 -53.37 15.08
C GLN H 46 10.34 -53.57 15.03
N VAL H 47 10.88 -54.30 16.00
CA VAL H 47 12.31 -54.50 16.16
C VAL H 47 12.59 -56.00 16.17
N SER H 48 13.72 -56.40 15.57
CA SER H 48 14.07 -57.82 15.50
C SER H 48 14.38 -58.41 16.87
N ALA H 49 14.57 -57.59 17.90
CA ALA H 49 14.73 -58.10 19.25
C ALA H 49 13.37 -58.28 19.92
N GLN H 50 13.35 -59.10 20.96
CA GLN H 50 12.13 -59.40 21.70
C GLN H 50 12.17 -58.65 23.03
N PHE H 51 11.08 -57.94 23.33
CA PHE H 51 11.02 -57.04 24.47
C PHE H 51 10.03 -57.60 25.50
N GLY H 52 10.38 -57.45 26.78
CA GLY H 52 9.53 -57.95 27.84
C GLY H 52 9.65 -59.43 28.10
N TYR H 53 10.71 -60.07 27.64
CA TYR H 53 10.92 -61.49 27.86
C TYR H 53 12.38 -61.75 28.22
N ASN H 54 12.61 -62.74 29.07
CA ASN H 54 13.95 -63.11 29.47
C ASN H 54 14.50 -64.17 28.52
N GLN H 55 15.74 -64.62 28.79
CA GLN H 55 16.43 -65.53 27.89
C GLN H 55 15.69 -66.85 27.72
N ALA H 56 15.00 -67.32 28.77
CA ALA H 56 14.23 -68.55 28.67
C ALA H 56 12.97 -68.38 27.82
N GLY H 57 12.53 -67.15 27.59
CA GLY H 57 11.36 -66.88 26.79
C GLY H 57 10.11 -66.56 27.59
N THR H 58 10.16 -66.68 28.92
CA THR H 58 9.02 -66.36 29.75
C THR H 58 8.84 -64.85 29.86
N ALA H 59 7.66 -64.44 30.33
CA ALA H 59 7.36 -63.02 30.43
C ALA H 59 8.15 -62.40 31.58
N ASP H 60 9.02 -61.45 31.24
CA ASP H 60 9.84 -60.76 32.24
C ASP H 60 9.90 -59.29 31.84
N VAL H 61 9.08 -58.46 32.49
CA VAL H 61 9.08 -57.03 32.25
C VAL H 61 10.43 -56.45 32.67
N THR H 62 10.86 -55.40 31.95
CA THR H 62 12.14 -54.71 32.11
C THR H 62 13.35 -55.58 31.78
N LYS H 63 13.16 -56.63 30.98
CA LYS H 63 14.24 -57.42 30.43
C LYS H 63 13.89 -57.79 29.00
N PHE H 64 14.88 -57.72 28.11
CA PHE H 64 14.64 -57.96 26.69
C PHE H 64 15.66 -58.93 26.12
N ARG H 65 15.19 -59.71 25.14
CA ARG H 65 15.99 -60.69 24.44
C ARG H 65 16.65 -60.05 23.24
N TYR H 66 17.81 -60.57 22.85
CA TYR H 66 18.43 -60.17 21.60
C TYR H 66 19.34 -61.29 21.11
N MET H 67 19.73 -61.16 19.85
CA MET H 67 20.50 -62.19 19.15
C MET H 67 21.98 -61.86 19.24
N SER H 68 22.77 -62.81 19.75
CA SER H 68 24.17 -62.56 19.98
C SER H 68 24.96 -62.60 18.67
N TYR H 69 26.13 -61.95 18.70
CA TYR H 69 27.05 -61.97 17.58
C TYR H 69 27.97 -63.18 17.58
N ASP H 70 27.99 -63.97 18.64
CA ASP H 70 28.94 -65.06 18.76
C ASP H 70 28.60 -66.20 17.79
N HIS H 71 29.64 -66.95 17.41
CA HIS H 71 29.49 -67.99 16.41
C HIS H 71 28.76 -69.21 16.95
N ASP H 72 28.95 -69.52 18.23
CA ASP H 72 28.10 -70.50 18.93
C ASP H 72 26.81 -69.81 19.38
N HIS H 73 26.00 -69.47 18.39
CA HIS H 73 24.97 -68.45 18.55
C HIS H 73 23.87 -68.87 19.52
N ASP H 74 23.45 -67.91 20.34
CA ASP H 74 22.41 -68.12 21.33
C ASP H 74 21.76 -66.78 21.63
N ILE H 75 20.72 -66.82 22.46
CA ILE H 75 19.94 -65.65 22.79
C ILE H 75 20.49 -65.06 24.08
N LYS H 76 20.75 -63.76 24.10
CA LYS H 76 21.20 -63.08 25.31
C LYS H 76 20.12 -62.15 25.83
N GLU H 77 20.04 -62.06 27.15
CA GLU H 77 19.08 -61.20 27.84
C GLU H 77 19.78 -59.97 28.40
N ASP H 78 19.05 -58.86 28.45
CA ASP H 78 19.65 -57.62 28.94
C ASP H 78 18.56 -56.74 29.53
N SER H 79 19.00 -55.71 30.25
CA SER H 79 18.08 -54.81 30.94
C SER H 79 17.42 -53.84 29.95
N MET H 80 16.20 -53.43 30.28
CA MET H 80 15.43 -52.56 29.41
C MET H 80 15.85 -51.09 29.52
N GLU H 81 16.61 -50.71 30.54
CA GLU H 81 17.06 -49.33 30.64
C GLU H 81 18.06 -48.95 29.57
N LYS H 82 18.60 -49.93 28.84
CA LYS H 82 19.53 -49.68 27.75
C LYS H 82 18.85 -49.33 26.44
N ILE H 83 17.53 -49.54 26.33
CA ILE H 83 16.83 -49.29 25.09
C ILE H 83 16.48 -47.81 25.02
N ALA H 84 16.94 -47.15 23.96
CA ALA H 84 16.70 -45.74 23.72
C ALA H 84 16.09 -45.55 22.34
N ILE H 85 15.24 -44.54 22.22
CA ILE H 85 14.45 -44.31 21.02
C ILE H 85 14.62 -42.84 20.65
N SER H 86 14.93 -42.56 19.39
CA SER H 86 15.18 -41.18 19.00
C SER H 86 14.72 -40.93 17.57
N THR H 87 13.91 -39.89 17.37
CA THR H 87 13.54 -39.46 16.04
C THR H 87 14.34 -38.23 15.60
N SER H 88 14.21 -37.14 16.33
CA SER H 88 15.12 -36.00 16.21
C SER H 88 15.81 -35.71 17.53
N GLY H 89 15.08 -35.78 18.63
CA GLY H 89 15.66 -35.84 19.95
C GLY H 89 15.27 -37.15 20.61
N PRO H 90 15.41 -37.23 21.92
CA PRO H 90 14.99 -38.46 22.62
C PRO H 90 13.48 -38.61 22.62
N CYS H 91 13.05 -39.87 22.59
CA CYS H 91 11.64 -40.22 22.64
C CYS H 91 11.28 -40.76 24.03
N ARG H 92 9.99 -40.96 24.24
CA ARG H 92 9.52 -41.70 25.39
C ARG H 92 9.32 -43.16 24.99
N ARG H 93 8.98 -43.98 25.98
CA ARG H 93 8.68 -45.39 25.75
C ARG H 93 7.33 -45.70 26.40
N LEU H 94 6.27 -45.62 25.59
CA LEU H 94 4.92 -45.84 26.12
C LEU H 94 4.70 -47.30 26.49
N GLY H 95 5.23 -48.22 25.69
CA GLY H 95 5.02 -49.63 25.98
C GLY H 95 5.91 -50.51 25.13
N HIS H 96 5.89 -51.80 25.47
CA HIS H 96 6.72 -52.76 24.74
C HIS H 96 6.13 -54.15 24.90
N LYS H 97 6.37 -54.98 23.88
CA LYS H 97 5.99 -56.39 23.88
C LYS H 97 6.94 -57.05 22.89
N GLY H 98 6.86 -58.38 22.78
CA GLY H 98 7.69 -59.14 21.85
C GLY H 98 7.66 -58.63 20.43
N TYR H 99 8.84 -58.18 19.97
CA TYR H 99 9.15 -57.58 18.66
C TYR H 99 8.58 -56.18 18.46
N PHE H 100 7.81 -55.64 19.40
CA PHE H 100 7.11 -54.38 19.14
C PHE H 100 7.30 -53.40 20.28
N LEU H 101 7.33 -52.12 19.96
CA LEU H 101 7.44 -51.10 20.98
C LEU H 101 6.67 -49.86 20.55
N LEU H 102 6.02 -49.22 21.52
CA LEU H 102 5.20 -48.04 21.28
C LEU H 102 5.86 -46.85 21.98
N ALA H 103 6.14 -45.81 21.20
CA ALA H 103 6.95 -44.69 21.64
C ALA H 103 6.28 -43.37 21.28
N GLN H 104 6.57 -42.34 22.08
CA GLN H 104 6.12 -40.99 21.80
C GLN H 104 7.31 -40.16 21.33
N CYS H 105 7.25 -39.65 20.11
CA CYS H 105 8.40 -39.03 19.49
C CYS H 105 8.09 -37.67 18.88
N PRO H 106 9.09 -36.78 18.85
CA PRO H 106 8.94 -35.51 18.15
C PRO H 106 9.01 -35.72 16.64
N PRO H 107 8.62 -34.73 15.85
CA PRO H 107 8.76 -34.85 14.40
C PRO H 107 10.22 -34.93 13.98
N GLY H 108 10.46 -35.64 12.88
CA GLY H 108 11.81 -35.80 12.38
C GLY H 108 11.81 -36.56 11.07
N ASP H 109 13.02 -36.87 10.60
CA ASP H 109 13.21 -37.50 9.31
C ASP H 109 13.55 -38.98 9.40
N SER H 110 13.91 -39.49 10.59
CA SER H 110 14.35 -40.87 10.72
C SER H 110 14.02 -41.36 12.12
N VAL H 111 14.00 -42.68 12.27
CA VAL H 111 13.69 -43.32 13.55
C VAL H 111 14.83 -44.23 13.94
N THR H 112 15.33 -44.09 15.16
CA THR H 112 16.48 -44.83 15.66
C THR H 112 16.11 -45.56 16.94
N VAL H 113 16.41 -46.86 16.96
CA VAL H 113 16.32 -47.68 18.17
C VAL H 113 17.74 -48.12 18.51
N SER H 114 18.15 -47.91 19.76
CA SER H 114 19.54 -48.13 20.14
C SER H 114 19.63 -48.83 21.49
N ILE H 115 20.70 -49.59 21.66
CA ILE H 115 21.13 -50.14 22.94
C ILE H 115 22.35 -49.36 23.37
N THR H 116 22.25 -48.67 24.51
CA THR H 116 23.27 -47.76 25.00
C THR H 116 23.80 -48.24 26.34
N SER H 117 25.08 -47.94 26.58
CA SER H 117 25.77 -48.20 27.85
C SER H 117 25.73 -49.69 28.21
N GLY H 118 26.16 -50.50 27.26
CA GLY H 118 26.19 -51.94 27.47
C GLY H 118 27.25 -52.59 26.62
N ALA H 119 27.24 -53.93 26.64
CA ALA H 119 28.17 -54.69 25.81
C ALA H 119 27.77 -54.61 24.34
N SER H 120 26.49 -54.38 24.05
CA SER H 120 26.05 -54.28 22.66
C SER H 120 26.45 -52.93 22.06
N GLU H 121 25.90 -51.84 22.61
CA GLU H 121 26.21 -50.46 22.20
C GLU H 121 25.98 -50.28 20.70
N ASN H 122 24.73 -50.46 20.27
CA ASN H 122 24.44 -50.55 18.84
C ASN H 122 23.13 -49.85 18.52
N SER H 123 23.11 -49.10 17.43
CA SER H 123 21.93 -48.37 17.01
C SER H 123 21.48 -48.84 15.63
N CYS H 124 20.20 -48.65 15.35
CA CYS H 124 19.63 -48.92 14.03
C CYS H 124 18.67 -47.80 13.68
N THR H 125 18.86 -47.22 12.50
CA THR H 125 18.07 -46.07 12.06
C THR H 125 17.46 -46.37 10.70
N VAL H 126 16.15 -46.13 10.58
CA VAL H 126 15.42 -46.31 9.34
C VAL H 126 14.75 -44.99 8.98
N GLU H 127 14.85 -44.60 7.72
CA GLU H 127 14.24 -43.38 7.24
C GLU H 127 12.72 -43.48 7.30
N LYS H 128 12.11 -42.60 8.09
CA LYS H 128 10.66 -42.53 8.22
C LYS H 128 10.28 -41.10 8.54
N LYS H 129 9.41 -40.52 7.71
CA LYS H 129 9.03 -39.12 7.84
C LYS H 129 7.92 -39.00 8.87
N ILE H 130 8.27 -38.57 10.08
CA ILE H 130 7.32 -38.37 11.16
C ILE H 130 6.87 -36.91 11.12
N ARG H 131 5.58 -36.70 10.83
CA ARG H 131 5.00 -35.37 10.83
C ARG H 131 4.35 -35.09 12.17
N ARG H 132 4.15 -33.80 12.46
CA ARG H 132 3.38 -33.40 13.62
C ARG H 132 1.91 -33.47 13.26
N LYS H 133 1.20 -34.44 13.85
CA LYS H 133 -0.18 -34.70 13.50
C LYS H 133 -1.10 -33.93 14.44
N PHE H 134 -2.04 -33.18 13.85
CA PHE H 134 -3.02 -32.42 14.60
C PHE H 134 -4.43 -32.86 14.21
N VAL H 135 -5.32 -32.82 15.18
CA VAL H 135 -6.71 -33.22 15.00
C VAL H 135 -7.55 -31.96 14.84
N GLY H 136 -8.43 -31.96 13.85
CA GLY H 136 -9.38 -30.87 13.68
C GLY H 136 -8.91 -29.82 12.69
N ARG H 137 -9.45 -28.62 12.87
CA ARG H 137 -9.24 -27.52 11.94
C ARG H 137 -8.34 -26.44 12.50
N GLU H 138 -7.59 -26.73 13.56
CA GLU H 138 -6.52 -25.86 14.04
C GLU H 138 -5.26 -26.68 14.30
N GLU H 139 -4.13 -26.03 14.10
CA GLU H 139 -2.83 -26.65 14.31
C GLU H 139 -2.30 -26.25 15.68
N TYR H 140 -1.62 -27.18 16.35
CA TYR H 140 -1.17 -26.97 17.71
C TYR H 140 0.03 -27.87 17.99
N LEU H 141 0.97 -27.36 18.78
CA LEU H 141 2.04 -28.22 19.29
C LEU H 141 1.54 -29.12 20.41
N PHE H 142 0.75 -28.58 21.33
CA PHE H 142 0.28 -29.32 22.48
C PHE H 142 -1.25 -29.25 22.54
N PRO H 143 -1.89 -30.31 23.02
CA PRO H 143 -3.33 -30.26 23.25
C PRO H 143 -3.67 -29.24 24.31
N PRO H 144 -4.71 -28.44 24.12
CA PRO H 144 -5.09 -27.44 25.13
C PRO H 144 -5.64 -28.10 26.37
N VAL H 145 -5.70 -27.31 27.44
CA VAL H 145 -6.36 -27.74 28.65
C VAL H 145 -7.85 -27.93 28.40
N GLN H 146 -8.46 -27.00 27.67
CA GLN H 146 -9.88 -27.07 27.33
C GLN H 146 -10.07 -26.85 25.84
N GLY H 147 -10.95 -27.64 25.24
CA GLY H 147 -11.27 -27.49 23.83
C GLY H 147 -12.66 -28.00 23.48
N LYS H 148 -12.78 -28.69 22.34
CA LYS H 148 -14.06 -29.21 21.90
C LYS H 148 -14.24 -30.69 22.24
N LEU H 149 -13.15 -31.42 22.46
CA LEU H 149 -13.14 -32.84 22.80
C LEU H 149 -13.80 -33.68 21.70
N VAL H 150 -13.12 -33.72 20.57
CA VAL H 150 -13.59 -34.44 19.40
C VAL H 150 -12.96 -35.83 19.36
N LYS H 151 -13.49 -36.68 18.48
CA LYS H 151 -13.04 -38.07 18.39
C LYS H 151 -11.74 -38.16 17.60
N CYS H 152 -10.78 -38.90 18.15
CA CYS H 152 -9.53 -39.17 17.45
C CYS H 152 -9.06 -40.57 17.84
N HIS H 153 -8.26 -41.19 16.97
CA HIS H 153 -7.83 -42.56 17.17
C HIS H 153 -6.37 -42.58 17.58
N VAL H 154 -6.09 -43.18 18.73
CA VAL H 154 -4.76 -43.20 19.32
C VAL H 154 -4.34 -44.65 19.56
N TYR H 155 -3.02 -44.86 19.65
CA TYR H 155 -2.50 -46.18 19.95
C TYR H 155 -2.75 -46.51 21.42
N ASP H 156 -3.31 -47.68 21.67
CA ASP H 156 -3.61 -48.10 23.03
C ASP H 156 -2.31 -48.49 23.74
N ARG H 157 -2.12 -47.98 24.95
CA ARG H 157 -0.86 -48.20 25.66
C ARG H 157 -0.77 -49.62 26.21
N LEU H 158 -1.90 -50.24 26.51
CA LEU H 158 -1.87 -51.60 27.06
C LEU H 158 -1.50 -52.60 25.96
N LYS H 159 -0.55 -53.49 26.27
CA LYS H 159 -0.05 -54.46 25.32
C LYS H 159 -0.98 -55.65 25.14
N GLU H 160 -2.05 -55.74 25.93
CA GLU H 160 -2.98 -56.86 25.77
C GLU H 160 -3.82 -56.73 24.51
N THR H 161 -4.03 -55.50 24.02
CA THR H 161 -4.77 -55.29 22.80
C THR H 161 -3.96 -55.73 21.59
N SER H 162 -4.66 -55.95 20.48
CA SER H 162 -4.03 -56.46 19.27
C SER H 162 -4.67 -55.80 18.05
N ALA H 163 -3.83 -55.48 17.06
CA ALA H 163 -4.27 -54.84 15.83
C ALA H 163 -3.83 -55.62 14.60
N GLY H 164 -3.89 -56.94 14.68
CA GLY H 164 -3.48 -57.81 13.59
C GLY H 164 -2.54 -58.86 14.10
N TYR H 165 -1.85 -59.51 13.16
CA TYR H 165 -0.91 -60.57 13.52
C TYR H 165 0.22 -60.63 12.51
N ILE H 166 1.38 -61.07 12.99
CA ILE H 166 2.54 -61.32 12.16
C ILE H 166 2.77 -62.83 12.10
N THR H 167 3.26 -63.29 10.96
CA THR H 167 3.47 -64.71 10.70
C THR H 167 4.87 -65.12 11.10
N MET H 168 4.98 -66.22 11.82
CA MET H 168 6.24 -66.73 12.34
C MET H 168 6.50 -68.11 11.76
N HIS H 169 7.68 -68.27 11.16
CA HIS H 169 8.06 -69.48 10.45
C HIS H 169 9.28 -70.11 11.12
N ARG H 170 9.54 -71.36 10.76
CA ARG H 170 10.76 -72.02 11.22
C ARG H 170 11.98 -71.39 10.55
N PRO H 171 13.07 -71.18 11.30
CA PRO H 171 14.26 -70.59 10.69
C PRO H 171 15.03 -71.59 9.86
N GLY H 172 15.68 -71.06 8.82
CA GLY H 172 16.46 -71.87 7.92
C GLY H 172 17.89 -71.99 8.39
N PRO H 173 18.76 -72.50 7.52
CA PRO H 173 20.18 -72.56 7.86
C PRO H 173 20.80 -71.17 7.95
N HIS H 174 21.83 -71.05 8.78
CA HIS H 174 22.53 -69.79 8.92
C HIS H 174 24.00 -69.86 8.52
N ALA H 175 24.63 -71.03 8.60
CA ALA H 175 25.89 -71.35 7.93
C ALA H 175 27.04 -70.44 8.37
N TYR H 176 27.41 -70.58 9.64
CA TYR H 176 28.58 -69.87 10.15
C TYR H 176 29.85 -70.38 9.49
N LYS H 177 30.78 -69.45 9.22
CA LYS H 177 32.08 -69.80 8.65
C LYS H 177 33.09 -70.21 9.71
N SER H 178 32.76 -70.07 10.99
CA SER H 178 33.66 -70.47 12.06
C SER H 178 33.56 -71.96 12.37
N TYR H 179 32.70 -72.69 11.66
CA TYR H 179 32.61 -74.14 11.79
C TYR H 179 33.56 -74.86 10.86
N LEU H 180 34.38 -74.12 10.11
CA LEU H 180 35.28 -74.68 9.12
C LEU H 180 36.71 -74.31 9.45
N LYS H 181 37.63 -75.24 9.21
CA LYS H 181 39.06 -74.99 9.31
C LYS H 181 39.72 -75.39 8.01
N GLU H 182 40.55 -74.49 7.47
CA GLU H 182 41.20 -74.70 6.19
C GLU H 182 42.65 -75.07 6.45
N ALA H 183 42.99 -76.34 6.22
CA ALA H 183 44.34 -76.85 6.46
C ALA H 183 45.24 -76.52 5.29
N SER H 184 46.40 -77.18 5.22
CA SER H 184 47.35 -76.93 4.13
C SER H 184 46.76 -77.31 2.78
N GLY H 185 46.04 -78.42 2.70
CA GLY H 185 45.44 -78.83 1.44
C GLY H 185 44.08 -79.48 1.58
N GLU H 186 43.52 -79.46 2.78
CA GLU H 186 42.22 -80.08 3.05
C GLU H 186 41.44 -79.19 3.99
N VAL H 187 40.20 -79.59 4.28
CA VAL H 187 39.33 -78.85 5.18
C VAL H 187 38.80 -79.78 6.25
N TYR H 188 38.42 -79.18 7.37
CA TYR H 188 37.82 -79.89 8.50
C TYR H 188 36.60 -79.11 8.96
N ILE H 189 35.64 -79.82 9.54
CA ILE H 189 34.41 -79.23 10.03
C ILE H 189 34.28 -79.58 11.50
N LYS H 190 34.27 -78.56 12.36
CA LYS H 190 34.22 -78.77 13.79
C LYS H 190 33.03 -78.02 14.40
N PRO H 191 32.24 -78.67 15.24
CA PRO H 191 31.11 -78.00 15.87
C PRO H 191 31.53 -77.32 17.16
N PRO H 192 30.75 -76.34 17.65
CA PRO H 192 31.06 -75.75 18.96
C PRO H 192 30.49 -76.61 20.07
N SER H 193 31.35 -77.01 21.01
CA SER H 193 31.03 -77.86 22.17
C SER H 193 30.48 -79.18 21.62
N GLY H 194 29.41 -79.73 22.18
CA GLY H 194 28.87 -81.00 21.76
C GLY H 194 27.66 -80.94 20.85
N LYS H 195 27.35 -79.79 20.26
CA LYS H 195 26.21 -79.67 19.38
C LYS H 195 26.50 -80.37 18.05
N ASN H 196 25.42 -80.75 17.36
CA ASN H 196 25.50 -81.39 16.06
C ASN H 196 25.27 -80.36 14.96
N VAL H 197 26.09 -80.43 13.92
CA VAL H 197 26.00 -79.50 12.79
C VAL H 197 25.77 -80.31 11.52
N THR H 198 24.84 -79.83 10.68
CA THR H 198 24.62 -80.39 9.37
C THR H 198 25.57 -79.73 8.39
N TYR H 199 26.37 -80.54 7.70
CA TYR H 199 27.28 -80.04 6.70
C TYR H 199 26.78 -80.44 5.33
N GLU H 200 27.01 -79.56 4.36
CA GLU H 200 26.78 -79.86 2.96
C GLU H 200 28.02 -79.47 2.17
N CYS H 201 28.55 -80.42 1.40
CA CYS H 201 29.66 -80.18 0.49
C CYS H 201 29.42 -80.81 -0.87
N LYS H 202 29.57 -80.01 -1.93
CA LYS H 202 29.46 -80.47 -3.30
C LYS H 202 30.70 -80.02 -4.08
N CYS H 203 31.87 -80.26 -3.48
CA CYS H 203 33.11 -79.94 -4.18
C CYS H 203 33.41 -80.97 -5.27
N GLY H 204 33.23 -82.25 -4.98
CA GLY H 204 33.29 -83.26 -6.02
C GLY H 204 31.93 -83.86 -6.30
N ASP H 205 31.14 -84.06 -5.25
CA ASP H 205 29.78 -84.57 -5.36
C ASP H 205 29.03 -84.11 -4.13
N TYR H 206 27.72 -84.03 -4.25
CA TYR H 206 26.89 -83.49 -3.17
C TYR H 206 26.76 -84.53 -2.06
N SER H 207 27.41 -84.26 -0.94
CA SER H 207 27.29 -85.04 0.27
C SER H 207 26.82 -84.14 1.40
N THR H 208 26.04 -84.72 2.31
CA THR H 208 25.55 -83.99 3.47
C THR H 208 25.54 -84.94 4.66
N GLY H 209 25.57 -84.37 5.85
CA GLY H 209 25.57 -85.22 7.03
C GLY H 209 25.60 -84.43 8.32
N ILE H 210 25.73 -85.19 9.42
CA ILE H 210 25.66 -84.66 10.77
C ILE H 210 27.00 -84.90 11.45
N VAL H 211 27.52 -83.86 12.10
CA VAL H 211 28.86 -83.85 12.68
C VAL H 211 28.78 -83.43 14.14
N SER H 212 29.44 -84.19 15.02
CA SER H 212 29.62 -83.82 16.41
C SER H 212 31.08 -83.61 16.81
N THR H 213 32.04 -84.12 16.03
CA THR H 213 33.46 -83.92 16.29
C THR H 213 34.17 -83.75 14.96
N GLN H 214 35.38 -83.18 15.02
CA GLN H 214 36.12 -82.75 13.84
C GLN H 214 36.30 -83.89 12.83
N THR H 215 35.87 -83.64 11.60
CA THR H 215 35.80 -84.66 10.57
C THR H 215 36.52 -84.17 9.30
N LYS H 216 37.49 -84.96 8.84
CA LYS H 216 38.14 -84.68 7.58
C LYS H 216 37.19 -84.97 6.42
N MET H 217 37.10 -84.06 5.47
CA MET H 217 36.18 -84.18 4.34
C MET H 217 36.94 -84.53 3.08
N ASN H 218 36.44 -85.54 2.36
CA ASN H 218 37.10 -86.01 1.14
C ASN H 218 37.01 -84.94 0.05
N GLY H 219 38.13 -84.72 -0.64
CA GLY H 219 38.19 -83.62 -1.58
C GLY H 219 38.09 -82.30 -0.85
N CYS H 220 37.46 -81.32 -1.50
CA CYS H 220 37.12 -80.02 -0.91
C CYS H 220 38.38 -79.29 -0.41
N THR H 221 39.21 -78.90 -1.38
CA THR H 221 40.50 -78.29 -1.07
C THR H 221 40.36 -76.95 -0.37
N LYS H 222 39.30 -76.20 -0.64
CA LYS H 222 39.11 -74.87 -0.07
C LYS H 222 37.93 -74.86 0.89
N ALA H 223 38.06 -74.06 1.94
CA ALA H 223 36.99 -73.91 2.92
C ALA H 223 35.79 -73.16 2.36
N ARG H 224 35.99 -72.36 1.31
CA ARG H 224 34.87 -71.72 0.64
C ARG H 224 33.95 -72.75 0.00
N GLN H 225 34.49 -73.90 -0.40
CA GLN H 225 33.75 -74.82 -1.24
C GLN H 225 32.61 -75.54 -0.54
N CYS H 226 32.51 -75.48 0.79
CA CYS H 226 31.32 -76.05 1.40
C CYS H 226 31.01 -75.44 2.76
N ILE H 227 29.83 -75.79 3.29
CA ILE H 227 29.26 -75.10 4.46
C ILE H 227 28.81 -76.10 5.52
N ALA H 228 28.58 -75.56 6.71
CA ALA H 228 28.01 -76.31 7.83
C ALA H 228 27.23 -75.34 8.71
N TYR H 229 26.10 -75.81 9.24
CA TYR H 229 25.24 -75.01 10.09
C TYR H 229 24.62 -75.90 11.15
N LYS H 230 24.44 -75.37 12.36
CA LYS H 230 23.95 -76.22 13.44
C LYS H 230 22.44 -76.39 13.37
N LEU H 231 21.99 -77.56 13.83
CA LEU H 231 20.60 -77.96 13.80
C LEU H 231 19.90 -77.54 15.08
N ASP H 232 18.69 -78.07 15.31
CA ASP H 232 17.86 -77.81 16.49
C ASP H 232 17.50 -76.34 16.61
N GLN H 233 17.27 -75.69 15.48
CA GLN H 233 16.75 -74.32 15.47
C GLN H 233 15.24 -74.40 15.22
N THR H 234 14.51 -74.76 16.29
CA THR H 234 13.07 -74.93 16.23
C THR H 234 12.30 -73.72 16.74
N LYS H 235 12.99 -72.66 17.14
CA LYS H 235 12.32 -71.46 17.63
C LYS H 235 11.84 -70.62 16.44
N TRP H 236 10.55 -70.29 16.43
CA TRP H 236 9.97 -69.59 15.30
C TRP H 236 10.56 -68.18 15.15
N VAL H 237 10.57 -67.69 13.92
CA VAL H 237 11.21 -66.42 13.61
C VAL H 237 10.32 -65.66 12.62
N PHE H 238 10.37 -64.33 12.70
CA PHE H 238 9.62 -63.48 11.79
C PHE H 238 10.14 -63.65 10.36
N ASN H 239 9.24 -63.51 9.39
CA ASN H 239 9.59 -63.67 7.98
C ASN H 239 10.25 -62.43 7.37
N SER H 240 11.27 -61.92 8.07
CA SER H 240 12.01 -60.77 7.62
C SER H 240 12.77 -61.07 6.33
N PRO H 241 12.92 -60.08 5.45
CA PRO H 241 13.65 -60.32 4.18
C PRO H 241 15.15 -60.48 4.36
N ASP H 242 15.70 -60.27 5.55
CA ASP H 242 17.12 -60.41 5.80
C ASP H 242 17.52 -61.81 6.22
N LEU H 243 16.57 -62.75 6.27
CA LEU H 243 16.85 -64.11 6.65
C LEU H 243 16.96 -64.98 5.40
N ILE H 244 17.06 -66.29 5.61
CA ILE H 244 17.08 -67.26 4.54
C ILE H 244 15.97 -68.27 4.80
N ARG H 245 15.12 -68.47 3.79
CA ARG H 245 13.93 -69.28 3.95
C ARG H 245 14.29 -70.76 4.14
N HIS H 246 13.56 -71.42 5.03
CA HIS H 246 13.66 -72.85 5.19
C HIS H 246 13.04 -73.55 3.98
N THR H 247 13.28 -74.86 3.88
CA THR H 247 12.64 -75.65 2.83
C THR H 247 11.13 -75.63 2.98
N ASP H 248 10.64 -75.79 4.21
CA ASP H 248 9.22 -75.68 4.51
C ASP H 248 8.95 -74.29 5.08
N HIS H 249 8.25 -73.45 4.30
CA HIS H 249 7.89 -72.11 4.73
C HIS H 249 6.40 -71.98 4.99
N SER H 250 5.77 -73.06 5.45
CA SER H 250 4.42 -72.95 5.97
C SER H 250 4.43 -72.13 7.25
N VAL H 251 3.35 -71.40 7.49
CA VAL H 251 3.25 -70.58 8.69
C VAL H 251 3.18 -71.50 9.91
N GLN H 252 3.99 -71.19 10.92
CA GLN H 252 4.06 -71.99 12.12
C GLN H 252 3.35 -71.35 13.31
N GLY H 253 3.30 -70.02 13.34
CA GLY H 253 2.56 -69.34 14.38
C GLY H 253 2.16 -67.96 13.92
N LYS H 254 1.27 -67.36 14.70
CA LYS H 254 0.90 -65.96 14.52
C LYS H 254 1.05 -65.26 15.86
N LEU H 255 1.69 -64.10 15.86
CA LEU H 255 1.81 -63.29 17.06
C LEU H 255 1.03 -62.00 16.90
N HIS H 256 0.39 -61.57 17.98
CA HIS H 256 -0.41 -60.37 17.96
C HIS H 256 0.46 -59.13 17.74
N ILE H 257 -0.04 -58.20 16.94
CA ILE H 257 0.56 -56.88 16.83
C ILE H 257 -0.09 -56.00 17.89
N PRO H 258 0.62 -55.65 18.96
CA PRO H 258 -0.02 -54.95 20.07
C PRO H 258 -0.24 -53.47 19.75
N PHE H 259 -0.75 -52.76 20.76
CA PHE H 259 -1.02 -51.32 20.70
C PHE H 259 -2.00 -50.99 19.57
N ARG H 260 -3.21 -51.50 19.75
CA ARG H 260 -4.28 -51.30 18.77
C ARG H 260 -4.69 -49.83 18.69
N LEU H 261 -4.92 -49.36 17.48
CA LEU H 261 -5.53 -48.04 17.27
C LEU H 261 -6.97 -48.08 17.75
N THR H 262 -7.27 -47.31 18.79
CA THR H 262 -8.59 -47.26 19.39
C THR H 262 -9.14 -45.85 19.35
N PRO H 263 -10.44 -45.68 19.16
CA PRO H 263 -11.04 -44.33 19.16
C PRO H 263 -11.25 -43.83 20.58
N THR H 264 -10.60 -42.72 20.91
CA THR H 264 -10.79 -42.00 22.16
C THR H 264 -11.20 -40.57 21.85
N VAL H 265 -11.27 -39.75 22.88
CA VAL H 265 -11.69 -38.35 22.78
C VAL H 265 -10.52 -37.47 23.18
N CYS H 266 -10.20 -36.50 22.34
CA CYS H 266 -9.09 -35.60 22.62
C CYS H 266 -9.54 -34.16 22.49
N PRO H 267 -8.93 -33.26 23.27
CA PRO H 267 -9.26 -31.83 23.14
C PRO H 267 -8.55 -31.21 21.94
N VAL H 268 -9.28 -30.35 21.23
CA VAL H 268 -8.74 -29.62 20.09
C VAL H 268 -9.00 -28.14 20.34
N PRO H 269 -8.12 -27.24 19.89
CA PRO H 269 -8.26 -25.83 20.27
C PRO H 269 -9.51 -25.19 19.69
N LEU H 270 -10.02 -24.20 20.40
CA LEU H 270 -11.09 -23.35 19.92
C LEU H 270 -10.51 -21.97 19.63
N ALA H 271 -10.70 -21.50 18.40
CA ALA H 271 -10.13 -20.23 17.97
C ALA H 271 -10.90 -19.06 18.59
N HIS H 272 -10.36 -17.87 18.40
CA HIS H 272 -11.05 -16.66 18.85
C HIS H 272 -12.28 -16.44 18.00
N THR H 273 -13.38 -16.08 18.64
CA THR H 273 -14.62 -15.85 17.92
C THR H 273 -14.49 -14.59 17.08
N PRO H 274 -14.68 -14.66 15.76
CA PRO H 274 -14.43 -13.50 14.92
C PRO H 274 -15.51 -12.44 15.06
N THR H 275 -15.08 -11.18 15.15
CA THR H 275 -16.01 -10.07 15.07
C THR H 275 -16.51 -9.90 13.65
N VAL H 276 -17.81 -9.74 13.49
CA VAL H 276 -18.45 -9.67 12.18
C VAL H 276 -18.93 -8.25 11.96
N THR H 277 -18.38 -7.58 10.96
CA THR H 277 -18.89 -6.29 10.52
C THR H 277 -19.79 -6.53 9.31
N LYS H 278 -20.99 -5.97 9.36
CA LYS H 278 -22.11 -6.41 8.55
C LYS H 278 -22.48 -5.31 7.55
N TRP H 279 -22.25 -5.57 6.26
CA TRP H 279 -22.61 -4.63 5.22
C TRP H 279 -23.66 -5.27 4.30
N PHE H 280 -24.11 -4.48 3.31
CA PHE H 280 -25.46 -4.62 2.76
C PHE H 280 -25.72 -6.01 2.18
N LYS H 281 -24.77 -6.57 1.43
CA LYS H 281 -24.86 -7.95 1.00
C LYS H 281 -23.60 -8.72 1.37
N GLY H 282 -23.12 -8.51 2.59
CA GLY H 282 -21.90 -9.22 2.94
C GLY H 282 -21.53 -9.10 4.39
N ILE H 283 -20.59 -9.96 4.79
CA ILE H 283 -20.01 -9.91 6.11
C ILE H 283 -18.50 -9.78 5.96
N THR H 284 -17.86 -9.22 6.98
CA THR H 284 -16.41 -9.17 7.04
C THR H 284 -15.99 -9.73 8.39
N LEU H 285 -15.20 -10.78 8.35
CA LEU H 285 -14.64 -11.44 9.51
C LEU H 285 -13.25 -10.90 9.78
N HIS H 286 -12.87 -10.86 11.05
CA HIS H 286 -11.58 -10.26 11.41
C HIS H 286 -10.48 -11.28 11.69
N LEU H 287 -10.82 -12.40 12.33
CA LEU H 287 -10.05 -13.66 12.27
C LEU H 287 -8.61 -13.50 12.77
N THR H 288 -8.48 -13.25 14.07
CA THR H 288 -7.18 -13.37 14.70
C THR H 288 -6.90 -14.84 14.99
N ALA H 289 -5.67 -15.27 14.74
CA ALA H 289 -5.26 -16.67 14.91
C ALA H 289 -3.76 -16.74 14.99
N THR H 290 -3.23 -17.21 16.13
CA THR H 290 -1.79 -17.38 16.25
C THR H 290 -1.27 -18.51 15.38
N ARG H 291 -2.05 -19.58 15.26
CA ARG H 291 -1.71 -20.76 14.48
C ARG H 291 -2.63 -20.88 13.27
N PRO H 292 -2.25 -21.68 12.27
CA PRO H 292 -3.14 -21.89 11.12
C PRO H 292 -4.50 -22.42 11.53
N THR H 293 -5.55 -21.82 10.95
CA THR H 293 -6.92 -22.16 11.30
C THR H 293 -7.73 -22.21 10.01
N LEU H 294 -8.54 -23.26 9.86
CA LEU H 294 -9.28 -23.46 8.62
C LEU H 294 -10.59 -22.69 8.67
N LEU H 295 -10.79 -21.82 7.70
CA LEU H 295 -12.05 -21.11 7.50
C LEU H 295 -12.68 -21.61 6.21
N THR H 296 -13.89 -22.14 6.32
CA THR H 296 -14.60 -22.73 5.19
C THR H 296 -15.96 -22.07 5.07
N THR H 297 -16.24 -21.50 3.91
CA THR H 297 -17.51 -20.82 3.65
C THR H 297 -18.24 -21.49 2.51
N ARG H 298 -19.57 -21.55 2.65
CA ARG H 298 -20.44 -22.17 1.68
C ARG H 298 -21.71 -21.33 1.55
N LYS H 299 -22.29 -21.34 0.37
CA LYS H 299 -23.57 -20.65 0.14
C LYS H 299 -24.70 -21.65 0.21
N LEU H 300 -25.76 -21.29 0.92
CA LEU H 300 -26.91 -22.18 1.12
C LEU H 300 -27.88 -22.02 -0.05
N GLY H 301 -27.43 -22.49 -1.21
CA GLY H 301 -28.20 -22.39 -2.41
C GLY H 301 -27.81 -23.43 -3.44
N LEU H 302 -28.18 -23.16 -4.69
CA LEU H 302 -27.89 -24.08 -5.78
C LEU H 302 -26.39 -24.21 -6.02
N ARG H 303 -25.66 -23.11 -6.00
CA ARG H 303 -24.22 -23.10 -6.21
C ARG H 303 -23.56 -22.76 -4.88
N ALA H 304 -22.91 -23.77 -4.29
CA ALA H 304 -22.19 -23.58 -3.03
C ALA H 304 -20.77 -23.17 -3.39
N ASP H 305 -20.50 -21.87 -3.40
CA ASP H 305 -19.17 -21.35 -3.68
C ASP H 305 -18.30 -21.59 -2.46
N ALA H 306 -17.84 -22.84 -2.32
CA ALA H 306 -17.13 -23.28 -1.14
C ALA H 306 -15.69 -22.78 -1.20
N THR H 307 -15.33 -21.93 -0.24
CA THR H 307 -13.98 -21.41 -0.12
C THR H 307 -13.35 -21.96 1.16
N ALA H 308 -12.22 -22.64 1.03
CA ALA H 308 -11.47 -23.16 2.16
C ALA H 308 -10.12 -22.50 2.20
N GLU H 309 -9.77 -21.92 3.35
CA GLU H 309 -8.51 -21.20 3.49
C GLU H 309 -7.91 -21.44 4.86
N TRP H 310 -6.61 -21.73 4.90
CA TRP H 310 -5.85 -21.81 6.13
C TRP H 310 -5.32 -20.42 6.44
N ILE H 311 -5.79 -19.83 7.54
CA ILE H 311 -5.50 -18.45 7.89
C ILE H 311 -4.57 -18.45 9.08
N THR H 312 -3.46 -17.72 8.96
CA THR H 312 -2.51 -17.47 10.04
C THR H 312 -2.36 -15.98 10.23
N GLY H 313 -2.53 -15.52 11.46
CA GLY H 313 -2.43 -14.11 11.76
C GLY H 313 -3.78 -13.45 11.92
N THR H 314 -3.79 -12.14 11.68
CA THR H 314 -4.97 -11.31 11.81
C THR H 314 -5.31 -10.75 10.43
N THR H 315 -6.14 -11.47 9.69
CA THR H 315 -6.53 -11.08 8.35
C THR H 315 -8.05 -11.01 8.28
N SER H 316 -8.57 -9.87 7.85
CA SER H 316 -10.00 -9.71 7.62
C SER H 316 -10.37 -10.30 6.27
N ARG H 317 -11.46 -11.05 6.24
CA ARG H 317 -11.95 -11.69 5.03
C ARG H 317 -13.36 -11.24 4.74
N ASN H 318 -13.63 -10.89 3.49
CA ASN H 318 -14.95 -10.45 3.06
C ASN H 318 -15.68 -11.60 2.39
N PHE H 319 -16.96 -11.76 2.71
CA PHE H 319 -17.77 -12.81 2.09
C PHE H 319 -19.12 -12.23 1.72
N SER H 320 -19.45 -12.30 0.44
CA SER H 320 -20.74 -11.85 -0.05
C SER H 320 -21.80 -12.88 0.28
N VAL H 321 -22.89 -12.43 0.90
CA VAL H 321 -24.02 -13.27 1.25
C VAL H 321 -25.27 -12.67 0.64
N GLY H 322 -26.15 -13.55 0.15
CA GLY H 322 -27.41 -13.16 -0.43
C GLY H 322 -28.60 -13.59 0.40
N ARG H 323 -29.76 -13.55 -0.24
CA ARG H 323 -30.99 -14.00 0.42
C ARG H 323 -30.97 -15.50 0.70
N GLU H 324 -30.16 -16.26 -0.05
CA GLU H 324 -30.04 -17.69 0.19
C GLU H 324 -29.33 -17.97 1.51
N GLY H 325 -28.27 -17.24 1.79
CA GLY H 325 -27.53 -17.39 3.03
C GLY H 325 -26.11 -17.91 2.80
N LEU H 326 -25.30 -17.76 3.84
CA LEU H 326 -23.93 -18.25 3.84
C LEU H 326 -23.63 -18.87 5.20
N GLU H 327 -23.00 -20.04 5.17
CA GLU H 327 -22.56 -20.74 6.38
C GLU H 327 -21.04 -20.75 6.39
N TYR H 328 -20.45 -20.28 7.49
CA TYR H 328 -19.01 -20.29 7.65
C TYR H 328 -18.62 -21.07 8.90
N VAL H 329 -17.57 -21.87 8.76
CA VAL H 329 -16.98 -22.63 9.85
C VAL H 329 -15.58 -22.11 10.06
N TRP H 330 -15.27 -21.75 11.30
CA TRP H 330 -13.99 -21.13 11.67
C TRP H 330 -13.33 -22.01 12.73
N GLY H 331 -12.36 -22.83 12.30
CA GLY H 331 -11.70 -23.74 13.19
C GLY H 331 -12.62 -24.84 13.67
N ASN H 332 -12.45 -25.23 14.93
CA ASN H 332 -13.29 -26.24 15.55
C ASN H 332 -14.58 -25.67 16.10
N HIS H 333 -15.02 -24.51 15.63
CA HIS H 333 -16.29 -23.96 16.06
C HIS H 333 -17.44 -24.58 15.26
N GLU H 334 -18.63 -24.50 15.83
CA GLU H 334 -19.82 -24.93 15.12
C GLU H 334 -20.09 -23.97 13.95
N PRO H 335 -20.70 -24.46 12.88
CA PRO H 335 -20.98 -23.59 11.73
C PRO H 335 -21.94 -22.47 12.10
N VAL H 336 -21.69 -21.30 11.53
CA VAL H 336 -22.52 -20.11 11.75
C VAL H 336 -23.17 -19.75 10.43
N ARG H 337 -24.50 -19.68 10.43
CA ARG H 337 -25.27 -19.38 9.24
C ARG H 337 -25.84 -17.97 9.34
N VAL H 338 -25.65 -17.19 8.28
CA VAL H 338 -26.13 -15.82 8.21
C VAL H 338 -26.93 -15.64 6.94
N TRP H 339 -27.86 -14.69 6.97
CA TRP H 339 -28.70 -14.38 5.82
C TRP H 339 -28.70 -12.87 5.60
N ALA H 340 -28.67 -12.47 4.34
CA ALA H 340 -28.60 -11.05 3.98
C ALA H 340 -30.01 -10.49 3.86
N GLN H 341 -30.26 -9.40 4.57
CA GLN H 341 -31.53 -8.70 4.44
C GLN H 341 -31.46 -7.69 3.31
N GLU H 342 -32.63 -7.23 2.88
CA GLU H 342 -32.75 -6.29 1.77
C GLU H 342 -32.73 -4.88 2.34
N SER H 343 -31.52 -4.44 2.70
CA SER H 343 -31.32 -3.22 3.46
C SER H 343 -30.58 -2.17 2.62
N ALA H 344 -31.03 -1.98 1.38
CA ALA H 344 -30.34 -1.09 0.47
C ALA H 344 -30.50 0.37 0.90
N PRO H 345 -29.53 1.23 0.59
CA PRO H 345 -29.70 2.66 0.83
C PRO H 345 -30.81 3.25 -0.02
N GLY H 346 -31.44 4.28 0.51
CA GLY H 346 -32.63 4.86 -0.11
C GLY H 346 -33.90 4.31 0.51
N ASP H 347 -35.02 4.79 -0.01
CA ASP H 347 -36.31 4.37 0.50
C ASP H 347 -37.28 4.21 -0.66
N PRO H 348 -38.00 3.09 -0.74
CA PRO H 348 -38.93 2.89 -1.87
C PRO H 348 -40.18 3.73 -1.79
N HIS H 349 -40.45 4.42 -0.69
CA HIS H 349 -41.61 5.29 -0.56
C HIS H 349 -41.12 6.73 -0.42
N GLY H 350 -40.87 7.37 -1.56
CA GLY H 350 -40.41 8.73 -1.55
C GLY H 350 -40.18 9.30 -2.94
N TRP H 351 -39.16 10.14 -3.07
CA TRP H 351 -38.83 10.70 -4.36
C TRP H 351 -38.26 9.61 -5.26
N PRO H 352 -38.41 9.75 -6.59
CA PRO H 352 -38.01 8.66 -7.50
C PRO H 352 -36.55 8.26 -7.43
N HIS H 353 -35.62 9.20 -7.19
CA HIS H 353 -34.21 8.85 -7.20
C HIS H 353 -33.83 7.93 -6.05
N GLU H 354 -34.47 8.10 -4.89
CA GLU H 354 -34.25 7.17 -3.79
C GLU H 354 -34.76 5.77 -4.14
N ILE H 355 -35.90 5.70 -4.82
CA ILE H 355 -36.44 4.43 -5.29
C ILE H 355 -35.46 3.75 -6.26
N ILE H 356 -34.91 4.54 -7.19
CA ILE H 356 -33.99 4.00 -8.18
C ILE H 356 -32.71 3.49 -7.52
N ILE H 357 -32.15 4.25 -6.57
CA ILE H 357 -30.91 3.78 -5.96
C ILE H 357 -31.16 2.57 -5.06
N HIS H 358 -32.32 2.50 -4.40
CA HIS H 358 -32.67 1.34 -3.61
C HIS H 358 -32.78 0.08 -4.46
N TYR H 359 -33.56 0.16 -5.54
CA TYR H 359 -33.73 -1.01 -6.40
C TYR H 359 -32.50 -1.29 -7.24
N TYR H 360 -31.59 -0.32 -7.40
CA TYR H 360 -30.34 -0.58 -8.08
C TYR H 360 -29.37 -1.33 -7.17
N HIS H 361 -29.36 -1.00 -5.89
CA HIS H 361 -28.55 -1.77 -4.95
C HIS H 361 -29.11 -3.17 -4.76
N ARG H 362 -30.44 -3.31 -4.79
CA ARG H 362 -31.03 -4.64 -4.66
C ARG H 362 -30.84 -5.47 -5.93
N HIS H 363 -31.41 -5.03 -7.05
CA HIS H 363 -31.32 -5.76 -8.32
C HIS H 363 -30.91 -4.80 -9.42
N PRO H 364 -29.62 -4.75 -9.77
CA PRO H 364 -29.14 -3.76 -10.75
C PRO H 364 -29.66 -4.00 -12.16
N VAL H 365 -29.54 -5.25 -12.64
CA VAL H 365 -29.91 -5.56 -14.01
C VAL H 365 -31.40 -5.33 -14.24
N TYR H 366 -32.23 -5.72 -13.26
CA TYR H 366 -33.67 -5.56 -13.37
C TYR H 366 -34.06 -4.09 -13.45
N THR H 367 -33.49 -3.25 -12.58
CA THR H 367 -33.88 -1.85 -12.62
C THR H 367 -33.31 -1.14 -13.84
N VAL H 368 -32.15 -1.57 -14.35
CA VAL H 368 -31.65 -0.97 -15.59
C VAL H 368 -32.56 -1.33 -16.76
N ILE H 369 -33.01 -2.59 -16.85
CA ILE H 369 -33.87 -2.94 -17.98
C ILE H 369 -35.25 -2.31 -17.83
N VAL H 370 -35.76 -2.15 -16.60
CA VAL H 370 -37.04 -1.48 -16.41
C VAL H 370 -36.93 0.01 -16.76
N LEU H 371 -35.87 0.69 -16.33
CA LEU H 371 -35.70 2.09 -16.66
C LEU H 371 -35.47 2.30 -18.16
N CYS H 372 -34.73 1.37 -18.80
CA CYS H 372 -34.57 1.43 -20.24
C CYS H 372 -35.90 1.22 -20.95
N GLY H 373 -36.74 0.33 -20.44
CA GLY H 373 -38.06 0.14 -21.01
C GLY H 373 -38.95 1.37 -20.86
N VAL H 374 -38.88 2.02 -19.69
CA VAL H 374 -39.66 3.24 -19.48
C VAL H 374 -39.17 4.37 -20.40
N ALA H 375 -37.84 4.52 -20.52
CA ALA H 375 -37.29 5.55 -21.39
C ALA H 375 -37.63 5.29 -22.85
N LEU H 376 -37.53 4.03 -23.29
CA LEU H 376 -37.92 3.68 -24.66
C LEU H 376 -39.40 3.90 -24.88
N ALA H 377 -40.23 3.58 -23.89
CA ALA H 377 -41.67 3.75 -24.02
C ALA H 377 -42.04 5.22 -24.15
N ILE H 378 -41.45 6.08 -23.32
CA ILE H 378 -41.77 7.49 -23.41
C ILE H 378 -41.20 8.10 -24.68
N LEU H 379 -40.02 7.66 -25.12
CA LEU H 379 -39.44 8.17 -26.35
C LEU H 379 -40.29 7.81 -27.57
N VAL H 380 -40.69 6.53 -27.66
CA VAL H 380 -41.53 6.10 -28.77
C VAL H 380 -42.91 6.77 -28.69
N GLY H 381 -43.45 6.94 -27.48
CA GLY H 381 -44.75 7.57 -27.36
C GLY H 381 -44.74 9.02 -27.80
N THR H 382 -43.74 9.80 -27.34
CA THR H 382 -43.66 11.19 -27.74
C THR H 382 -43.34 11.33 -29.22
N ALA H 383 -42.42 10.50 -29.74
CA ALA H 383 -42.07 10.58 -31.15
C ALA H 383 -43.24 10.21 -32.04
N SER H 384 -43.98 9.15 -31.69
CA SER H 384 -45.11 8.73 -32.49
C SER H 384 -46.26 9.73 -32.39
N SER H 385 -46.50 10.30 -31.21
CA SER H 385 -47.54 11.31 -31.08
C SER H 385 -47.20 12.56 -31.87
N ALA H 386 -45.92 12.98 -31.85
CA ALA H 386 -45.51 14.13 -32.64
C ALA H 386 -45.62 13.85 -34.13
N ALA H 387 -45.24 12.65 -34.57
CA ALA H 387 -45.36 12.30 -35.98
C ALA H 387 -46.82 12.25 -36.41
N CYS H 388 -47.69 11.70 -35.57
CA CYS H 388 -49.11 11.66 -35.87
C CYS H 388 -49.72 13.06 -35.93
N ILE H 389 -49.36 13.92 -34.98
CA ILE H 389 -49.88 15.28 -34.98
C ILE H 389 -49.39 16.05 -36.20
N ALA H 390 -48.12 15.86 -36.58
CA ALA H 390 -47.58 16.49 -37.78
C ALA H 390 -48.26 15.99 -39.04
N LYS H 391 -48.54 14.68 -39.11
CA LYS H 391 -49.24 14.14 -40.26
C LYS H 391 -50.65 14.70 -40.38
N ALA H 392 -51.37 14.79 -39.25
CA ALA H 392 -52.70 15.37 -39.29
C ALA H 392 -52.67 16.85 -39.65
N ARG H 393 -51.67 17.58 -39.14
CA ARG H 393 -51.56 19.00 -39.45
C ARG H 393 -51.25 19.22 -40.93
N ARG H 394 -50.35 18.41 -41.50
CA ARG H 394 -50.04 18.59 -42.91
C ARG H 394 -51.20 18.15 -43.79
N ASP H 395 -51.98 17.14 -43.37
CA ASP H 395 -53.16 16.75 -44.13
C ASP H 395 -54.26 17.80 -44.06
N CYS H 396 -54.40 18.49 -42.93
CA CYS H 396 -55.38 19.56 -42.83
C CYS H 396 -54.90 20.86 -43.46
N LEU H 397 -53.59 21.02 -43.65
CA LEU H 397 -53.05 22.25 -44.22
C LEU H 397 -52.87 22.14 -45.74
N THR H 398 -52.68 20.93 -46.27
CA THR H 398 -52.47 20.79 -47.70
C THR H 398 -53.66 21.13 -48.62
N PRO H 399 -54.94 21.11 -48.20
CA PRO H 399 -55.96 21.65 -49.11
C PRO H 399 -55.97 23.17 -49.19
N TYR H 400 -55.20 23.86 -48.35
CA TYR H 400 -55.06 25.29 -48.43
C TYR H 400 -53.70 25.75 -48.92
N ALA H 401 -52.69 24.88 -48.90
CA ALA H 401 -51.42 25.20 -49.53
C ALA H 401 -51.54 25.21 -51.04
N LEU H 402 -52.35 24.34 -51.61
CA LEU H 402 -52.58 24.31 -53.05
C LEU H 402 -53.63 25.31 -53.51
N ALA H 403 -54.24 26.05 -52.58
CA ALA H 403 -55.20 27.10 -52.90
C ALA H 403 -54.70 28.40 -52.30
N PRO H 404 -53.95 29.21 -53.06
CA PRO H 404 -53.37 30.43 -52.47
C PRO H 404 -54.39 31.46 -52.02
N ASN H 405 -55.34 31.83 -52.87
CA ASN H 405 -56.32 32.86 -52.51
C ASN H 405 -57.58 32.27 -51.88
N ALA H 406 -57.38 31.41 -50.88
CA ALA H 406 -58.47 30.82 -50.13
C ALA H 406 -58.35 31.25 -48.67
N THR H 407 -59.48 31.64 -48.08
CA THR H 407 -59.49 32.10 -46.70
C THR H 407 -59.44 30.90 -45.76
N VAL H 408 -58.35 30.78 -45.02
CA VAL H 408 -58.19 29.69 -44.05
C VAL H 408 -59.09 29.98 -42.86
N PRO H 409 -60.02 29.07 -42.50
CA PRO H 409 -60.97 29.27 -41.41
C PRO H 409 -60.30 29.36 -40.05
N MET I 1 -55.90 29.64 -79.18
CA MET I 1 -56.64 30.22 -78.06
C MET I 1 -56.04 29.75 -76.73
N CYS I 2 -56.43 28.54 -76.32
CA CYS I 2 -55.90 27.98 -75.07
C CYS I 2 -54.44 27.59 -75.20
N MET I 3 -54.02 27.16 -76.39
CA MET I 3 -52.63 26.79 -76.61
C MET I 3 -51.71 28.01 -76.51
N LYS I 4 -52.17 29.17 -76.98
CA LYS I 4 -51.39 30.39 -76.88
C LYS I 4 -51.20 30.81 -75.43
N LEU I 5 -52.25 30.70 -74.63
CA LEU I 5 -52.15 31.09 -73.22
C LEU I 5 -51.31 30.10 -72.42
N GLU I 6 -51.47 28.80 -72.71
CA GLU I 6 -50.73 27.78 -71.98
C GLU I 6 -49.27 27.69 -72.40
N SER I 7 -48.90 28.30 -73.52
CA SER I 7 -47.50 28.29 -73.96
C SER I 7 -46.65 29.12 -73.00
N ASP I 8 -45.44 28.64 -72.73
CA ASP I 8 -44.46 29.25 -71.83
C ASP I 8 -44.97 29.38 -70.40
N LYS I 9 -46.00 28.61 -70.05
CA LYS I 9 -46.50 28.54 -68.68
C LYS I 9 -46.57 27.09 -68.24
N THR I 10 -46.88 26.21 -69.19
CA THR I 10 -46.98 24.77 -68.94
C THR I 10 -45.69 24.11 -69.39
N PHE I 11 -44.96 23.53 -68.44
CA PHE I 11 -43.60 23.04 -68.69
C PHE I 11 -43.58 21.53 -68.62
N PRO I 12 -43.25 20.84 -69.72
CA PRO I 12 -43.31 19.37 -69.73
C PRO I 12 -42.19 18.73 -68.94
N ILE I 13 -42.44 17.51 -68.50
CA ILE I 13 -41.48 16.70 -67.76
C ILE I 13 -41.12 15.50 -68.61
N MET I 14 -39.82 15.26 -68.77
CA MET I 14 -39.32 14.11 -69.50
C MET I 14 -38.73 13.09 -68.52
N LEU I 15 -38.93 11.81 -68.81
CA LEU I 15 -38.39 10.70 -68.04
C LEU I 15 -36.96 10.35 -68.41
N ASN I 16 -36.27 11.30 -69.05
CA ASN I 16 -34.96 11.22 -69.71
C ASN I 16 -35.05 10.44 -71.02
N GLY I 17 -36.20 9.86 -71.33
CA GLY I 17 -36.44 9.34 -72.66
C GLY I 17 -37.41 10.19 -73.48
N GLN I 18 -38.54 10.56 -72.89
CA GLN I 18 -39.54 11.34 -73.59
C GLN I 18 -40.45 11.97 -72.55
N VAL I 19 -41.37 12.82 -73.02
CA VAL I 19 -42.31 13.48 -72.13
C VAL I 19 -43.27 12.45 -71.53
N ASN I 20 -43.52 12.59 -70.23
CA ASN I 20 -44.47 11.71 -69.54
C ASN I 20 -45.48 12.47 -68.69
N GLY I 21 -45.68 13.76 -68.96
CA GLY I 21 -46.66 14.53 -68.21
C GLY I 21 -46.20 15.95 -67.95
N TYR I 22 -47.07 16.93 -68.23
CA TYR I 22 -46.72 18.32 -68.01
C TYR I 22 -46.71 18.65 -66.53
N ALA I 23 -46.18 19.82 -66.20
CA ALA I 23 -46.25 20.39 -64.86
C ALA I 23 -46.73 21.83 -64.96
N CYS I 24 -47.65 22.20 -64.09
CA CYS I 24 -48.30 23.50 -64.18
C CYS I 24 -47.71 24.44 -63.14
N VAL I 25 -47.85 25.73 -63.38
CA VAL I 25 -47.49 26.75 -62.41
C VAL I 25 -48.72 27.65 -62.25
N VAL I 26 -49.34 27.60 -61.08
CA VAL I 26 -50.57 28.34 -60.82
C VAL I 26 -50.46 29.06 -59.48
N GLY I 27 -50.86 30.33 -59.46
CA GLY I 27 -50.87 31.11 -58.24
C GLY I 27 -49.50 31.30 -57.63
N GLY I 28 -48.45 31.35 -58.44
CA GLY I 28 -47.11 31.41 -57.91
C GLY I 28 -46.62 30.11 -57.31
N ARG I 29 -47.23 28.97 -57.67
CA ARG I 29 -46.83 27.68 -57.15
C ARG I 29 -46.71 26.67 -58.29
N LEU I 30 -45.53 26.08 -58.41
CA LEU I 30 -45.34 24.90 -59.24
C LEU I 30 -46.10 23.72 -58.63
N MET I 31 -46.72 22.92 -59.49
CA MET I 31 -47.24 21.63 -59.07
C MET I 31 -47.26 20.66 -60.24
N LYS I 32 -46.84 19.44 -59.95
CA LYS I 32 -46.75 18.36 -60.92
C LYS I 32 -47.42 17.13 -60.33
N PRO I 33 -47.85 16.18 -61.17
CA PRO I 33 -48.44 14.95 -60.64
C PRO I 33 -47.44 14.08 -59.90
N LEU I 34 -47.96 13.35 -58.91
CA LEU I 34 -47.15 12.39 -58.16
C LEU I 34 -46.66 11.25 -59.05
N HIS I 35 -47.53 10.71 -59.89
CA HIS I 35 -47.20 9.53 -60.68
C HIS I 35 -46.29 9.86 -61.86
N VAL I 36 -46.14 11.12 -62.22
CA VAL I 36 -45.23 11.52 -63.28
C VAL I 36 -43.81 11.56 -62.71
N GLU I 37 -42.90 10.82 -63.32
CA GLU I 37 -41.53 10.75 -62.88
C GLU I 37 -40.61 11.44 -63.87
N GLY I 38 -39.45 11.87 -63.38
CA GLY I 38 -38.46 12.55 -64.19
C GLY I 38 -38.31 14.01 -63.81
N LYS I 39 -37.30 14.62 -64.40
CA LYS I 39 -36.99 16.02 -64.18
C LYS I 39 -37.66 16.90 -65.23
N ILE I 40 -37.83 18.17 -64.89
CA ILE I 40 -38.52 19.10 -65.77
C ILE I 40 -37.52 19.81 -66.66
N ASP I 41 -38.01 20.38 -67.76
CA ASP I 41 -37.12 20.94 -68.78
C ASP I 41 -36.52 22.28 -68.32
N ASN I 42 -37.32 23.13 -67.68
CA ASN I 42 -36.87 24.47 -67.32
C ASN I 42 -36.03 24.29 -66.06
N GLU I 43 -34.73 24.55 -66.17
CA GLU I 43 -33.79 24.25 -65.10
C GLU I 43 -33.88 25.22 -63.92
N GLN I 44 -34.48 26.40 -64.12
CA GLN I 44 -34.62 27.34 -63.01
C GLN I 44 -35.54 26.79 -61.92
N LEU I 45 -36.66 26.19 -62.31
CA LEU I 45 -37.59 25.60 -61.37
C LEU I 45 -37.46 24.08 -61.27
N ALA I 46 -36.40 23.51 -61.84
CA ALA I 46 -36.11 22.10 -61.67
C ALA I 46 -35.40 21.79 -60.36
N ALA I 47 -34.90 22.81 -59.67
CA ALA I 47 -34.15 22.62 -58.44
C ALA I 47 -34.92 23.07 -57.20
N VAL I 48 -36.19 23.43 -57.35
CA VAL I 48 -36.99 23.86 -56.21
C VAL I 48 -37.42 22.63 -55.42
N LYS I 49 -37.42 22.75 -54.10
CA LYS I 49 -37.86 21.66 -53.24
C LYS I 49 -39.37 21.50 -53.35
N LEU I 50 -39.82 20.27 -53.57
CA LEU I 50 -41.22 19.99 -53.83
C LEU I 50 -41.80 19.16 -52.70
N LYS I 51 -42.92 19.62 -52.15
CA LYS I 51 -43.59 18.95 -51.05
C LYS I 51 -44.70 18.06 -51.60
N LYS I 52 -44.79 16.86 -51.03
CA LYS I 52 -45.78 15.89 -51.47
C LYS I 52 -47.16 16.25 -50.93
N ALA I 53 -48.18 15.96 -51.74
CA ALA I 53 -49.58 16.11 -51.39
C ALA I 53 -50.33 14.87 -51.83
N SER I 54 -49.87 13.70 -51.38
CA SER I 54 -50.23 12.40 -51.96
C SER I 54 -51.72 12.11 -51.88
N MET I 55 -52.47 12.81 -51.03
CA MET I 55 -53.92 12.72 -51.12
C MET I 55 -54.43 13.31 -52.43
N TYR I 56 -53.79 14.36 -52.94
CA TYR I 56 -54.16 14.99 -54.19
C TYR I 56 -53.28 14.57 -55.36
N ASP I 57 -52.28 13.71 -55.12
CA ASP I 57 -51.35 13.23 -56.14
C ASP I 57 -50.61 14.36 -56.83
N LEU I 58 -50.08 15.30 -56.05
CA LEU I 58 -49.35 16.44 -56.59
C LEU I 58 -48.17 16.80 -55.69
N GLU I 59 -47.03 17.05 -56.30
CA GLU I 59 -45.94 17.78 -55.66
C GLU I 59 -46.13 19.25 -55.92
N TYR I 60 -45.99 20.06 -54.88
CA TYR I 60 -46.18 21.50 -54.99
C TYR I 60 -45.01 22.24 -54.36
N GLY I 61 -44.72 23.42 -54.89
CA GLY I 61 -43.63 24.24 -54.40
C GLY I 61 -43.82 25.67 -54.86
N ASP I 62 -42.99 26.55 -54.34
CA ASP I 62 -43.08 27.98 -54.63
C ASP I 62 -42.06 28.36 -55.68
N VAL I 63 -42.50 29.08 -56.71
CA VAL I 63 -41.57 29.55 -57.74
C VAL I 63 -40.68 30.65 -57.18
N PRO I 64 -39.42 30.76 -57.61
CA PRO I 64 -38.52 31.75 -57.02
C PRO I 64 -38.86 33.20 -57.35
N GLN I 65 -38.94 33.53 -58.64
CA GLN I 65 -39.18 34.91 -59.04
C GLN I 65 -40.14 35.04 -60.22
N ASN I 66 -40.88 33.99 -60.56
CA ASN I 66 -41.72 33.95 -61.75
C ASN I 66 -43.16 34.32 -61.43
N MET I 67 -43.37 35.27 -60.52
CA MET I 67 -44.73 35.59 -60.06
C MET I 67 -45.58 36.18 -61.18
N LYS I 68 -45.00 36.94 -62.09
CA LYS I 68 -45.68 37.40 -63.28
C LYS I 68 -45.06 36.68 -64.48
N SER I 69 -45.87 36.53 -65.54
CA SER I 69 -45.62 35.77 -66.77
C SER I 69 -45.65 34.27 -66.53
N ASP I 70 -45.80 33.84 -65.28
CA ASP I 70 -46.17 32.48 -64.94
C ASP I 70 -47.27 32.47 -63.88
N THR I 71 -48.05 33.56 -63.78
CA THR I 71 -49.09 33.62 -62.77
C THR I 71 -50.17 32.57 -63.04
N LEU I 72 -50.84 32.69 -64.19
CA LEU I 72 -51.88 31.76 -64.64
C LEU I 72 -52.95 31.61 -63.57
N GLN I 73 -53.67 32.71 -63.36
CA GLN I 73 -54.58 32.85 -62.24
C GLN I 73 -55.69 31.81 -62.30
N TYR I 74 -56.03 31.27 -61.13
CA TYR I 74 -57.09 30.29 -61.00
C TYR I 74 -58.26 30.90 -60.24
N THR I 75 -59.47 30.53 -60.64
CA THR I 75 -60.68 30.86 -59.90
C THR I 75 -61.55 29.62 -59.76
N SER I 76 -62.26 29.56 -58.65
CA SER I 76 -63.16 28.45 -58.35
C SER I 76 -64.54 28.63 -58.98
N ASP I 77 -64.82 29.81 -59.53
CA ASP I 77 -66.10 30.07 -60.17
C ASP I 77 -66.16 29.30 -61.48
N LYS I 78 -66.97 28.23 -61.51
CA LYS I 78 -67.09 27.35 -62.66
C LYS I 78 -68.55 27.27 -63.08
N PRO I 79 -69.05 28.23 -63.85
CA PRO I 79 -70.40 28.09 -64.39
C PRO I 79 -70.48 26.92 -65.36
N PRO I 80 -71.63 26.25 -65.44
CA PRO I 80 -71.78 25.19 -66.44
C PRO I 80 -71.72 25.74 -67.85
N GLY I 81 -71.17 24.93 -68.75
CA GLY I 81 -70.99 25.35 -70.11
C GLY I 81 -69.78 24.65 -70.72
N PHE I 82 -69.14 25.35 -71.65
CA PHE I 82 -67.99 24.83 -72.38
C PHE I 82 -66.73 25.57 -71.96
N TYR I 83 -65.63 24.84 -71.86
CA TYR I 83 -64.34 25.41 -71.49
C TYR I 83 -63.30 25.01 -72.51
N ASN I 84 -62.39 25.93 -72.81
CA ASN I 84 -61.31 25.62 -73.74
C ASN I 84 -60.27 24.71 -73.07
N TRP I 85 -59.40 24.14 -73.91
CA TRP I 85 -58.59 23.01 -73.51
C TRP I 85 -57.40 22.92 -74.46
N HIS I 86 -56.36 22.21 -74.02
CA HIS I 86 -55.15 22.04 -74.84
C HIS I 86 -55.45 21.30 -76.14
N HIS I 87 -56.23 20.24 -76.07
CA HIS I 87 -56.54 19.46 -77.27
C HIS I 87 -57.79 19.98 -77.98
N GLY I 88 -58.91 20.01 -77.28
CA GLY I 88 -60.18 20.39 -77.87
C GLY I 88 -61.01 21.27 -76.96
N ALA I 89 -62.25 20.85 -76.72
CA ALA I 89 -63.18 21.56 -75.85
C ALA I 89 -63.71 20.61 -74.79
N VAL I 90 -63.89 21.13 -73.58
CA VAL I 90 -64.40 20.35 -72.46
C VAL I 90 -65.66 21.04 -71.95
N GLN I 91 -66.47 20.27 -71.21
CA GLN I 91 -67.74 20.78 -70.71
C GLN I 91 -67.90 20.43 -69.24
N TYR I 92 -68.68 21.26 -68.54
CA TYR I 92 -68.88 21.11 -67.11
C TYR I 92 -70.36 20.86 -66.87
N GLU I 93 -70.93 19.95 -67.65
CA GLU I 93 -72.31 19.54 -67.44
C GLU I 93 -72.40 18.58 -66.26
N ASN I 94 -73.39 18.82 -65.39
CA ASN I 94 -73.69 17.98 -64.24
C ASN I 94 -72.48 17.81 -63.30
N GLY I 95 -71.77 18.90 -63.08
CA GLY I 95 -70.68 18.92 -62.12
C GLY I 95 -69.53 17.98 -62.40
N ARG I 96 -69.20 17.79 -63.67
CA ARG I 96 -68.10 16.90 -64.05
C ARG I 96 -67.50 17.37 -65.37
N PHE I 97 -66.26 16.99 -65.59
CA PHE I 97 -65.52 17.35 -66.80
C PHE I 97 -65.45 16.14 -67.71
N THR I 98 -65.95 16.30 -68.94
CA THR I 98 -65.93 15.23 -69.93
C THR I 98 -65.25 15.71 -71.21
N VAL I 99 -64.39 14.86 -71.76
CA VAL I 99 -63.70 15.12 -73.02
C VAL I 99 -64.29 14.18 -74.05
N PRO I 100 -64.08 14.44 -75.34
CA PRO I 100 -64.43 13.45 -76.37
C PRO I 100 -63.71 12.12 -76.18
N ARG I 101 -64.11 11.14 -76.99
CA ARG I 101 -63.75 9.74 -76.77
C ARG I 101 -62.24 9.52 -76.88
N GLY I 102 -61.67 9.73 -78.07
CA GLY I 102 -60.31 9.28 -78.31
C GLY I 102 -59.23 10.16 -77.73
N VAL I 103 -59.55 11.41 -77.40
CA VAL I 103 -58.53 12.36 -76.95
C VAL I 103 -58.09 12.02 -75.54
N GLY I 104 -56.83 12.32 -75.23
CA GLY I 104 -56.25 11.99 -73.95
C GLY I 104 -55.48 10.69 -73.98
N GLY I 105 -54.29 10.67 -73.38
CA GLY I 105 -53.47 9.48 -73.41
C GLY I 105 -52.26 9.64 -72.53
N LYS I 106 -51.49 8.55 -72.44
CA LYS I 106 -50.36 8.46 -71.53
C LYS I 106 -49.32 9.53 -71.82
N GLY I 107 -48.79 10.13 -70.75
CA GLY I 107 -47.82 11.18 -70.87
C GLY I 107 -48.38 12.58 -71.00
N ASP I 108 -49.70 12.74 -70.83
CA ASP I 108 -50.38 13.99 -71.12
C ASP I 108 -51.29 14.25 -69.91
N SER I 109 -50.72 14.17 -68.71
CA SER I 109 -51.51 14.14 -67.49
C SER I 109 -51.13 15.25 -66.53
N GLY I 110 -50.86 16.44 -67.04
CA GLY I 110 -50.62 17.57 -66.17
C GLY I 110 -51.25 18.81 -66.76
N ARG I 111 -52.04 18.59 -67.81
CA ARG I 111 -52.56 19.69 -68.60
C ARG I 111 -53.62 20.47 -67.83
N PRO I 112 -53.49 21.79 -67.74
CA PRO I 112 -54.54 22.61 -67.15
C PRO I 112 -55.74 22.75 -68.06
N ILE I 113 -56.88 23.03 -67.45
CA ILE I 113 -58.11 23.35 -68.18
C ILE I 113 -58.45 24.79 -67.88
N LEU I 114 -58.51 25.62 -68.93
CA LEU I 114 -58.65 27.05 -68.78
C LEU I 114 -60.11 27.46 -68.97
N ASP I 115 -60.38 28.73 -68.70
CA ASP I 115 -61.71 29.31 -68.84
C ASP I 115 -61.80 30.04 -70.18
N ASN I 116 -62.93 30.72 -70.40
CA ASN I 116 -63.06 31.55 -71.60
C ASN I 116 -62.10 32.73 -71.56
N ARG I 117 -61.92 33.33 -70.40
CA ARG I 117 -61.02 34.46 -70.25
C ARG I 117 -59.62 34.07 -69.81
N GLY I 118 -59.31 32.77 -69.78
CA GLY I 118 -57.96 32.33 -69.53
C GLY I 118 -57.63 32.12 -68.06
N ARG I 119 -58.55 31.55 -67.31
CA ARG I 119 -58.34 31.22 -65.91
C ARG I 119 -58.41 29.71 -65.75
N VAL I 120 -57.38 29.12 -65.15
CA VAL I 120 -57.36 27.68 -64.96
C VAL I 120 -58.36 27.31 -63.87
N VAL I 121 -59.17 26.28 -64.14
CA VAL I 121 -60.19 25.82 -63.21
C VAL I 121 -60.00 24.35 -62.86
N ALA I 122 -58.94 23.71 -63.34
CA ALA I 122 -58.85 22.26 -63.32
C ALA I 122 -57.44 21.84 -63.69
N ILE I 123 -56.98 20.73 -63.10
CA ILE I 123 -55.68 20.16 -63.41
C ILE I 123 -55.86 18.66 -63.64
N VAL I 124 -55.52 18.20 -64.83
CA VAL I 124 -55.87 16.85 -65.28
C VAL I 124 -54.87 15.86 -64.71
N LEU I 125 -55.38 14.75 -64.17
CA LEU I 125 -54.55 13.65 -63.68
C LEU I 125 -54.79 12.36 -64.46
N GLY I 126 -56.03 11.96 -64.64
CA GLY I 126 -56.34 10.75 -65.39
C GLY I 126 -57.75 10.81 -65.92
N GLY I 127 -58.31 9.64 -66.20
CA GLY I 127 -59.67 9.60 -66.71
C GLY I 127 -60.15 8.19 -66.97
N ALA I 128 -61.47 8.08 -67.13
CA ALA I 128 -62.14 6.82 -67.38
C ALA I 128 -63.02 6.95 -68.62
N ASN I 129 -63.32 5.82 -69.25
CA ASN I 129 -64.07 5.79 -70.50
C ASN I 129 -65.54 5.51 -70.20
N GLU I 130 -66.32 6.59 -70.09
CA GLU I 130 -67.77 6.48 -69.89
C GLU I 130 -68.43 6.60 -71.26
N GLY I 131 -68.29 5.54 -72.06
CA GLY I 131 -68.86 5.50 -73.39
C GLY I 131 -68.31 6.59 -74.28
N THR I 132 -69.18 7.20 -75.07
CA THR I 132 -68.83 8.43 -75.73
C THR I 132 -68.79 9.57 -74.72
N ARG I 133 -67.98 10.59 -75.02
CA ARG I 133 -67.76 11.75 -74.15
C ARG I 133 -67.23 11.31 -72.78
N THR I 134 -66.01 10.77 -72.80
CA THR I 134 -65.40 10.22 -71.60
C THR I 134 -65.08 11.31 -70.59
N ALA I 135 -65.37 11.03 -69.31
CA ALA I 135 -65.04 11.93 -68.22
C ALA I 135 -63.58 11.70 -67.80
N LEU I 136 -63.07 12.64 -66.99
CA LEU I 136 -61.66 12.56 -66.63
C LEU I 136 -61.44 13.05 -65.20
N SER I 137 -60.62 12.33 -64.46
CA SER I 137 -60.31 12.71 -63.08
C SER I 137 -59.45 13.96 -63.07
N VAL I 138 -59.70 14.84 -62.11
CA VAL I 138 -59.16 16.19 -62.19
C VAL I 138 -59.13 16.80 -60.79
N VAL I 139 -58.14 17.66 -60.55
CA VAL I 139 -58.03 18.39 -59.29
C VAL I 139 -58.62 19.77 -59.50
N THR I 140 -59.69 20.08 -58.78
CA THR I 140 -60.39 21.35 -58.93
C THR I 140 -60.54 22.05 -57.60
N TRP I 141 -61.33 23.13 -57.58
CA TRP I 141 -61.65 23.87 -56.38
C TRP I 141 -63.16 23.98 -56.21
N ASN I 142 -63.63 23.80 -54.98
CA ASN I 142 -65.06 23.85 -54.70
C ASN I 142 -65.51 25.30 -54.55
N GLN I 143 -66.73 25.50 -54.04
CA GLN I 143 -67.29 26.83 -53.91
C GLN I 143 -66.51 27.68 -52.92
N LYS I 144 -66.05 27.09 -51.82
CA LYS I 144 -65.31 27.82 -50.81
C LYS I 144 -63.86 28.09 -51.21
N GLY I 145 -63.39 27.51 -52.30
CA GLY I 145 -62.02 27.69 -52.72
C GLY I 145 -61.04 26.69 -52.16
N VAL I 146 -61.51 25.54 -51.69
CA VAL I 146 -60.65 24.51 -51.12
C VAL I 146 -60.44 23.44 -52.17
N THR I 147 -59.19 23.00 -52.32
CA THR I 147 -58.84 22.03 -53.36
C THR I 147 -59.51 20.69 -53.10
N ILE I 148 -60.11 20.12 -54.14
CA ILE I 148 -60.73 18.81 -54.08
C ILE I 148 -60.33 18.02 -55.32
N LYS I 149 -60.55 16.72 -55.25
CA LYS I 149 -60.34 15.82 -56.37
C LYS I 149 -61.68 15.38 -56.94
N ASP I 150 -61.65 14.95 -58.20
CA ASP I 150 -62.81 14.38 -58.87
C ASP I 150 -62.31 13.16 -59.62
N THR I 151 -62.48 11.98 -59.04
CA THR I 151 -61.96 10.72 -59.57
C THR I 151 -63.16 9.82 -59.85
N PRO I 152 -63.71 9.86 -61.05
CA PRO I 152 -64.91 9.06 -61.33
C PRO I 152 -64.56 7.65 -61.81
N GLU I 153 -65.15 6.65 -61.17
CA GLU I 153 -65.09 5.23 -61.55
C GLU I 153 -63.63 4.77 -61.51
N GLY I 154 -63.30 3.75 -62.31
CA GLY I 154 -61.94 3.26 -62.40
C GLY I 154 -61.12 4.04 -63.40
N SER I 155 -60.84 5.29 -63.08
CA SER I 155 -60.08 6.16 -63.98
C SER I 155 -58.62 5.72 -63.97
N GLU I 156 -58.16 5.20 -65.10
CA GLU I 156 -56.76 4.81 -65.21
C GLU I 156 -55.92 6.07 -65.27
N PRO I 157 -55.00 6.27 -64.33
CA PRO I 157 -54.21 7.50 -64.32
C PRO I 157 -53.10 7.43 -65.36
N TRP I 158 -53.27 8.16 -66.44
CA TRP I 158 -52.20 8.28 -67.42
C TRP I 158 -51.19 9.34 -67.00
N CYS J 1 -26.20 -41.08 26.30
CA CYS J 1 -25.90 -39.72 25.86
C CYS J 1 -25.26 -39.76 24.48
N GLU J 2 -24.29 -38.87 24.25
CA GLU J 2 -23.53 -38.88 23.01
C GLU J 2 -22.61 -40.10 22.97
N PRO J 3 -22.24 -40.55 21.76
CA PRO J 3 -21.26 -41.65 21.67
C PRO J 3 -19.90 -41.32 22.25
N SER J 4 -19.52 -40.04 22.32
CA SER J 4 -18.30 -39.61 22.97
C SER J 4 -18.51 -39.24 24.43
N GLN J 5 -19.68 -39.53 24.98
CA GLN J 5 -20.00 -39.21 26.36
C GLN J 5 -20.47 -40.45 27.10
N PHE J 6 -20.26 -40.46 28.42
CA PHE J 6 -20.67 -41.54 29.30
C PHE J 6 -21.83 -41.04 30.15
N GLN J 7 -22.88 -41.86 30.25
CA GLN J 7 -24.09 -41.50 30.96
C GLN J 7 -24.05 -42.11 32.37
N CYS J 8 -24.17 -41.26 33.38
CA CYS J 8 -24.22 -41.72 34.76
C CYS J 8 -25.64 -42.21 35.08
N THR J 9 -25.80 -42.76 36.30
CA THR J 9 -27.10 -43.22 36.74
C THR J 9 -28.05 -42.08 37.08
N ASN J 10 -27.54 -40.86 37.22
CA ASN J 10 -28.36 -39.70 37.51
C ASN J 10 -28.82 -38.95 36.25
N GLY J 11 -28.50 -39.47 35.07
CA GLY J 11 -28.89 -38.83 33.83
C GLY J 11 -27.96 -37.73 33.36
N ARG J 12 -26.81 -37.55 34.01
CA ARG J 12 -25.85 -36.52 33.64
C ARG J 12 -24.78 -37.13 32.74
N CYS J 13 -24.44 -36.42 31.66
CA CYS J 13 -23.44 -36.89 30.72
C CYS J 13 -22.08 -36.29 31.06
N ILE J 14 -21.06 -37.15 31.15
CA ILE J 14 -19.69 -36.72 31.36
C ILE J 14 -18.87 -37.25 30.19
N THR J 15 -17.57 -37.00 30.19
CA THR J 15 -16.73 -37.48 29.11
C THR J 15 -16.12 -38.83 29.48
N LEU J 16 -15.73 -39.59 28.44
CA LEU J 16 -15.04 -40.85 28.66
C LEU J 16 -13.67 -40.67 29.29
N LEU J 17 -13.07 -39.47 29.17
CA LEU J 17 -11.82 -39.19 29.85
C LEU J 17 -11.98 -39.16 31.36
N TRP J 18 -13.20 -38.96 31.86
CA TRP J 18 -13.49 -38.96 33.28
C TRP J 18 -13.95 -40.33 33.78
N LYS J 19 -13.95 -41.35 32.93
CA LYS J 19 -14.34 -42.69 33.33
C LYS J 19 -13.10 -43.47 33.75
N CYS J 20 -13.10 -43.93 35.01
CA CYS J 20 -11.98 -44.66 35.61
C CYS J 20 -10.69 -43.84 35.56
N ASP J 21 -10.73 -42.68 36.24
CA ASP J 21 -9.57 -41.80 36.29
C ASP J 21 -9.22 -41.40 37.73
N GLY J 22 -9.78 -42.07 38.74
CA GLY J 22 -9.41 -41.80 40.11
C GLY J 22 -10.44 -41.00 40.88
N ASP J 23 -11.02 -39.99 40.23
CA ASP J 23 -12.00 -39.12 40.86
C ASP J 23 -13.41 -39.53 40.44
N GLU J 24 -14.34 -39.44 41.38
CA GLU J 24 -15.73 -39.80 41.13
C GLU J 24 -16.51 -38.55 40.77
N ASP J 25 -17.22 -38.60 39.63
CA ASP J 25 -17.94 -37.45 39.12
C ASP J 25 -19.40 -37.75 38.79
N CYS J 26 -19.86 -38.99 38.93
CA CYS J 26 -21.21 -39.39 38.53
C CYS J 26 -22.17 -39.41 39.70
N VAL J 27 -21.91 -38.61 40.74
CA VAL J 27 -22.75 -38.44 41.93
C VAL J 27 -22.91 -39.76 42.67
N ASP J 28 -23.67 -40.69 42.09
CA ASP J 28 -23.86 -41.99 42.72
C ASP J 28 -22.57 -42.81 42.70
N GLY J 29 -21.81 -42.73 41.62
CA GLY J 29 -20.58 -43.49 41.50
C GLY J 29 -20.60 -44.49 40.38
N SER J 30 -21.33 -44.18 39.30
CA SER J 30 -21.33 -45.05 38.13
C SER J 30 -19.95 -45.10 37.48
N ASP J 31 -19.26 -43.97 37.43
CA ASP J 31 -17.86 -43.96 37.05
C ASP J 31 -17.01 -44.54 38.19
N GLU J 32 -15.74 -44.80 37.87
CA GLU J 32 -14.74 -45.43 38.73
C GLU J 32 -15.11 -46.86 39.13
N LYS J 33 -16.13 -47.43 38.51
CA LYS J 33 -16.50 -48.83 38.69
C LYS J 33 -16.06 -49.64 37.47
N ASN J 34 -16.00 -50.95 37.66
CA ASN J 34 -15.53 -51.92 36.65
C ASN J 34 -14.09 -51.54 36.30
N CYS J 35 -13.71 -51.52 35.03
CA CYS J 35 -12.37 -51.18 34.52
C CYS J 35 -11.37 -52.17 35.13
N VAL J 36 -10.15 -51.73 35.38
CA VAL J 36 -9.12 -52.56 35.98
C VAL J 36 -8.82 -52.04 37.39
N LYS J 37 -8.07 -52.83 38.14
CA LYS J 37 -7.67 -52.42 39.48
C LYS J 37 -6.69 -51.26 39.42
N LYS J 38 -6.81 -50.33 40.36
CA LYS J 38 -5.96 -49.16 40.41
C LYS J 38 -4.60 -49.44 41.06
N THR J 39 -4.40 -50.65 41.59
CA THR J 39 -3.23 -51.17 42.31
C THR J 39 -2.59 -50.14 43.24
N CYS J 40 -3.43 -49.34 43.92
CA CYS J 40 -3.03 -48.32 44.88
C CYS J 40 -2.00 -47.35 44.31
N ALA J 41 -1.04 -46.94 45.13
CA ALA J 41 -0.02 -46.00 44.71
C ALA J 41 1.24 -46.23 45.54
N GLU J 42 2.33 -45.60 45.12
CA GLU J 42 3.59 -45.71 45.84
C GLU J 42 3.55 -45.03 47.20
N SER J 43 2.66 -44.06 47.39
CA SER J 43 2.51 -43.36 48.66
C SER J 43 1.23 -43.75 49.39
N ASP J 44 0.68 -44.93 49.09
CA ASP J 44 -0.55 -45.41 49.69
C ASP J 44 -0.32 -46.75 50.36
N PHE J 45 -0.90 -46.93 51.54
CA PHE J 45 -0.81 -48.19 52.25
C PHE J 45 -1.82 -49.19 51.68
N VAL J 46 -1.40 -50.45 51.63
CA VAL J 46 -2.20 -51.53 51.06
C VAL J 46 -2.74 -52.38 52.19
N CYS J 47 -4.06 -52.49 52.28
CA CYS J 47 -4.67 -53.36 53.26
C CYS J 47 -4.50 -54.82 52.83
N ASN J 48 -4.77 -55.75 53.76
CA ASN J 48 -4.54 -57.16 53.46
C ASN J 48 -5.52 -57.70 52.43
N ASN J 49 -6.75 -57.19 52.41
CA ASN J 49 -7.73 -57.64 51.43
C ASN J 49 -7.56 -56.98 50.07
N GLY J 50 -6.68 -55.99 49.95
CA GLY J 50 -6.46 -55.29 48.70
C GLY J 50 -6.93 -53.85 48.68
N GLN J 51 -7.53 -53.37 49.76
CA GLN J 51 -7.98 -51.98 49.80
C GLN J 51 -6.80 -51.03 49.94
N CYS J 52 -6.87 -49.90 49.26
CA CYS J 52 -5.82 -48.89 49.28
C CYS J 52 -6.27 -47.72 50.13
N VAL J 53 -5.44 -47.32 51.09
CA VAL J 53 -5.74 -46.18 51.95
C VAL J 53 -4.56 -45.23 51.92
N PRO J 54 -4.76 -43.97 52.30
CA PRO J 54 -3.61 -43.07 52.47
C PRO J 54 -2.63 -43.60 53.51
N SER J 55 -1.33 -43.35 53.27
CA SER J 55 -0.28 -43.88 54.13
C SER J 55 -0.26 -43.24 55.50
N ARG J 56 -0.85 -42.03 55.65
CA ARG J 56 -0.93 -41.41 56.95
C ARG J 56 -1.94 -42.07 57.87
N TRP J 57 -2.79 -42.95 57.35
CA TRP J 57 -3.75 -43.68 58.15
C TRP J 57 -3.18 -44.95 58.77
N LYS J 58 -1.94 -45.29 58.46
CA LYS J 58 -1.33 -46.52 58.95
C LYS J 58 -0.89 -46.32 60.39
N CYS J 59 -1.49 -47.07 61.31
CA CYS J 59 -1.19 -47.05 62.75
C CYS J 59 -1.35 -45.64 63.33
N ASP J 60 -2.52 -45.04 63.07
CA ASP J 60 -2.88 -43.76 63.65
C ASP J 60 -3.74 -43.92 64.90
N GLY J 61 -4.00 -45.15 65.34
CA GLY J 61 -4.81 -45.41 66.50
C GLY J 61 -6.25 -45.80 66.20
N ASP J 62 -6.70 -45.64 64.96
CA ASP J 62 -8.08 -45.92 64.61
C ASP J 62 -8.14 -46.79 63.36
N PRO J 63 -9.05 -47.76 63.31
CA PRO J 63 -9.10 -48.69 62.18
C PRO J 63 -9.71 -48.05 60.93
N ASP J 64 -9.08 -48.31 59.79
CA ASP J 64 -9.54 -47.75 58.52
C ASP J 64 -9.70 -48.83 57.45
N CYS J 65 -8.92 -49.91 57.53
CA CYS J 65 -9.13 -51.03 56.62
C CYS J 65 -10.46 -51.71 56.94
N GLU J 66 -11.02 -52.38 55.92
CA GLU J 66 -12.23 -53.16 56.13
C GLU J 66 -11.99 -54.31 57.09
N ASP J 67 -10.84 -54.96 56.99
CA ASP J 67 -10.46 -56.04 57.90
C ASP J 67 -9.63 -55.57 59.08
N GLY J 68 -9.38 -54.26 59.21
CA GLY J 68 -8.67 -53.74 60.36
C GLY J 68 -7.18 -54.00 60.37
N SER J 69 -6.58 -54.22 59.20
CA SER J 69 -5.14 -54.50 59.15
C SER J 69 -4.27 -53.29 59.42
N ASP J 70 -4.83 -52.07 59.32
CA ASP J 70 -4.04 -50.87 59.49
C ASP J 70 -3.62 -50.64 60.94
N GLU J 71 -4.29 -51.26 61.90
CA GLU J 71 -3.95 -51.14 63.31
C GLU J 71 -3.28 -52.40 63.87
N SER J 72 -3.00 -53.37 63.02
CA SER J 72 -2.37 -54.60 63.48
C SER J 72 -0.90 -54.36 63.84
N PRO J 73 -0.39 -55.03 64.87
CA PRO J 73 1.02 -54.87 65.24
C PRO J 73 2.00 -55.59 64.33
N GLU J 74 1.52 -56.35 63.34
CA GLU J 74 2.42 -57.07 62.45
C GLU J 74 3.19 -56.13 61.54
N GLN J 75 2.59 -55.00 61.18
CA GLN J 75 3.23 -54.03 60.30
C GLN J 75 3.96 -52.92 61.05
N CYS J 76 3.40 -52.43 62.15
CA CYS J 76 4.07 -51.47 63.01
C CYS J 76 4.26 -52.12 64.39
N HIS J 77 5.52 -52.26 64.80
CA HIS J 77 5.86 -52.96 66.03
C HIS J 77 6.04 -51.93 67.15
N MET J 78 5.11 -51.93 68.11
CA MET J 78 5.17 -50.99 69.22
C MET J 78 6.06 -51.52 70.34
N CYS K 1 31.92 12.82 27.54
CA CYS K 1 32.24 12.38 26.19
C CYS K 1 30.98 11.85 25.52
N GLU K 2 31.10 10.74 24.79
CA GLU K 2 29.94 10.14 24.15
C GLU K 2 29.05 9.48 25.20
N PRO K 3 27.73 9.39 24.95
CA PRO K 3 26.85 8.69 25.90
C PRO K 3 27.17 7.21 26.06
N SER K 4 27.68 6.57 25.01
CA SER K 4 28.06 5.16 25.08
C SER K 4 29.50 4.96 25.47
N GLN K 5 30.22 6.04 25.80
CA GLN K 5 31.64 5.97 26.11
C GLN K 5 31.90 6.59 27.48
N PHE K 6 33.03 6.22 28.06
CA PHE K 6 33.49 6.75 29.35
C PHE K 6 34.76 7.56 29.13
N GLN K 7 34.82 8.74 29.71
CA GLN K 7 35.97 9.62 29.59
C GLN K 7 36.90 9.42 30.78
N CYS K 8 38.17 9.16 30.49
CA CYS K 8 39.15 8.97 31.54
C CYS K 8 39.58 10.32 32.11
N THR K 9 40.42 10.29 33.14
CA THR K 9 40.96 11.54 33.69
C THR K 9 42.01 12.17 32.79
N ASN K 10 42.48 11.46 31.76
CA ASN K 10 43.45 11.98 30.81
C ASN K 10 42.82 12.47 29.53
N GLY K 11 41.50 12.70 29.54
CA GLY K 11 40.79 13.16 28.36
C GLY K 11 40.74 12.15 27.24
N ARG K 12 40.50 10.88 27.55
CA ARG K 12 40.45 9.80 26.56
C ARG K 12 39.11 9.10 26.66
N CYS K 13 38.46 8.92 25.51
CA CYS K 13 37.17 8.24 25.44
C CYS K 13 37.39 6.76 25.17
N ILE K 14 36.93 5.91 26.08
CA ILE K 14 37.00 4.47 25.94
C ILE K 14 35.58 3.93 25.90
N THR K 15 35.44 2.69 25.43
CA THR K 15 34.14 2.05 25.39
C THR K 15 33.66 1.77 26.81
N LEU K 16 32.34 1.89 27.01
CA LEU K 16 31.75 1.63 28.32
C LEU K 16 31.87 0.17 28.74
N LEU K 17 32.16 -0.74 27.80
CA LEU K 17 32.42 -2.13 28.13
C LEU K 17 33.75 -2.32 28.83
N TRP K 18 34.63 -1.31 28.83
CA TRP K 18 35.93 -1.38 29.47
C TRP K 18 35.92 -0.86 30.89
N LYS K 19 34.76 -0.53 31.44
CA LYS K 19 34.65 -0.05 32.80
C LYS K 19 34.44 -1.22 33.76
N CYS K 20 35.28 -1.26 34.81
CA CYS K 20 35.23 -2.30 35.85
C CYS K 20 35.37 -3.69 35.27
N ASP K 21 36.23 -3.83 34.27
CA ASP K 21 36.47 -5.11 33.60
C ASP K 21 37.68 -5.85 34.17
N GLY K 22 38.33 -5.31 35.21
CA GLY K 22 39.50 -5.92 35.78
C GLY K 22 40.81 -5.56 35.12
N ASP K 23 40.76 -4.84 33.99
CA ASP K 23 41.96 -4.37 33.31
C ASP K 23 41.92 -2.85 33.24
N GLU K 24 43.06 -2.23 33.52
CA GLU K 24 43.14 -0.78 33.68
C GLU K 24 43.54 -0.14 32.35
N ASP K 25 42.74 0.82 31.89
CA ASP K 25 42.97 1.48 30.61
C ASP K 25 42.92 2.99 30.67
N CYS K 26 42.69 3.59 31.83
CA CYS K 26 42.56 5.03 31.97
C CYS K 26 43.84 5.70 32.46
N VAL K 27 44.99 5.05 32.29
CA VAL K 27 46.32 5.53 32.69
C VAL K 27 46.37 5.75 34.20
N ASP K 28 45.64 6.75 34.68
CA ASP K 28 45.54 6.97 36.13
C ASP K 28 44.83 5.81 36.82
N GLY K 29 43.76 5.30 36.20
CA GLY K 29 43.03 4.18 36.78
C GLY K 29 41.63 4.51 37.21
N SER K 30 40.98 5.46 36.51
CA SER K 30 39.61 5.83 36.87
C SER K 30 38.60 4.75 36.47
N ASP K 31 38.94 3.90 35.50
CA ASP K 31 38.03 2.83 35.11
C ASP K 31 37.91 1.78 36.20
N GLU K 32 38.99 1.51 36.93
CA GLU K 32 38.97 0.56 38.04
C GLU K 32 38.63 1.21 39.37
N LYS K 33 38.51 2.54 39.42
CA LYS K 33 38.13 3.21 40.65
C LYS K 33 36.66 2.97 40.95
N ASN K 34 36.30 3.13 42.23
CA ASN K 34 34.97 2.85 42.78
C ASN K 34 34.55 1.41 42.47
N CYS K 35 33.78 1.25 41.40
CA CYS K 35 33.26 -0.05 40.91
C CYS K 35 32.42 -0.67 42.05
N VAL K 36 32.45 -1.99 42.21
CA VAL K 36 31.72 -2.66 43.27
C VAL K 36 32.68 -3.60 44.00
N LYS K 37 32.30 -3.97 45.22
CA LYS K 37 33.08 -4.90 46.03
C LYS K 37 32.90 -6.29 45.45
N LYS K 38 33.83 -6.70 44.59
CA LYS K 38 33.77 -8.01 43.98
C LYS K 38 34.10 -9.10 45.01
N THR K 39 33.73 -10.33 44.68
CA THR K 39 34.00 -11.46 45.56
C THR K 39 35.39 -12.02 45.32
N CYS K 40 36.40 -11.16 45.31
CA CYS K 40 37.83 -11.46 45.18
C CYS K 40 38.03 -12.24 43.88
N ALA K 41 38.87 -13.28 43.87
CA ALA K 41 39.08 -14.09 42.68
C ALA K 41 39.56 -15.47 43.10
N GLU K 42 39.44 -16.42 42.18
CA GLU K 42 39.88 -17.78 42.44
C GLU K 42 41.40 -17.87 42.46
N SER K 43 41.91 -18.85 43.20
CA SER K 43 43.35 -19.08 43.40
C SER K 43 44.04 -17.83 43.95
N ASP K 44 43.39 -17.16 44.90
CA ASP K 44 43.91 -15.95 45.50
C ASP K 44 43.76 -16.02 47.01
N PHE K 45 44.68 -15.38 47.71
CA PHE K 45 44.67 -15.31 49.17
C PHE K 45 44.16 -13.96 49.63
N VAL K 46 43.27 -13.99 50.62
CA VAL K 46 42.67 -12.79 51.18
C VAL K 46 43.29 -12.56 52.56
N CYS K 47 43.87 -11.38 52.76
CA CYS K 47 44.45 -11.03 54.04
C CYS K 47 43.37 -10.55 54.99
N ASN K 48 43.79 -10.11 56.19
CA ASN K 48 42.85 -9.65 57.20
C ASN K 48 42.23 -8.30 56.87
N ASN K 49 42.84 -7.53 55.98
CA ASN K 49 42.33 -6.22 55.58
C ASN K 49 41.46 -6.28 54.33
N GLY K 50 41.23 -7.47 53.78
CA GLY K 50 40.40 -7.63 52.61
C GLY K 50 41.13 -7.54 51.29
N GLN K 51 42.45 -7.35 51.29
CA GLN K 51 43.21 -7.26 50.05
C GLN K 51 43.54 -8.65 49.53
N CYS K 52 43.28 -8.87 48.23
CA CYS K 52 43.55 -10.15 47.60
C CYS K 52 44.87 -10.12 46.86
N VAL K 53 45.66 -11.18 47.06
CA VAL K 53 46.97 -11.31 46.42
C VAL K 53 47.03 -12.68 45.75
N PRO K 54 47.90 -12.86 44.76
CA PRO K 54 48.12 -14.20 44.20
C PRO K 54 48.64 -15.16 45.26
N SER K 55 48.29 -16.44 45.10
CA SER K 55 48.62 -17.45 46.11
C SER K 55 50.11 -17.71 46.22
N ARG K 56 50.90 -17.33 45.21
CA ARG K 56 52.35 -17.45 45.29
C ARG K 56 52.97 -16.40 46.22
N TRP K 57 52.20 -15.41 46.65
CA TRP K 57 52.70 -14.32 47.49
C TRP K 57 52.51 -14.59 48.97
N LYS K 58 51.97 -15.76 49.34
CA LYS K 58 51.67 -16.07 50.73
C LYS K 58 52.84 -16.80 51.37
N CYS K 59 53.41 -16.19 52.42
CA CYS K 59 54.49 -16.77 53.23
C CYS K 59 55.70 -17.14 52.38
N ASP K 60 56.04 -16.28 51.41
CA ASP K 60 57.20 -16.48 50.55
C ASP K 60 58.39 -15.63 50.97
N GLY K 61 58.33 -15.01 52.15
CA GLY K 61 59.42 -14.20 52.65
C GLY K 61 59.38 -12.75 52.22
N ASP K 62 58.36 -12.32 51.48
CA ASP K 62 58.24 -10.94 51.02
C ASP K 62 56.93 -10.35 51.52
N PRO K 63 56.95 -9.27 52.30
CA PRO K 63 55.69 -8.68 52.78
C PRO K 63 54.97 -7.95 51.66
N ASP K 64 53.71 -8.32 51.45
CA ASP K 64 52.89 -7.74 50.39
C ASP K 64 51.64 -7.06 50.93
N CYS K 65 50.93 -7.70 51.85
CA CYS K 65 49.74 -7.10 52.43
C CYS K 65 50.11 -5.95 53.37
N GLU K 66 49.22 -4.96 53.45
CA GLU K 66 49.45 -3.81 54.31
C GLU K 66 49.45 -4.20 55.79
N ASP K 67 48.53 -5.09 56.18
CA ASP K 67 48.45 -5.53 57.56
C ASP K 67 49.58 -6.50 57.91
N GLY K 68 50.13 -7.20 56.93
CA GLY K 68 51.17 -8.19 57.19
C GLY K 68 50.68 -9.60 57.38
N SER K 69 49.43 -9.89 57.04
CA SER K 69 48.87 -11.23 57.20
C SER K 69 49.41 -12.23 56.18
N ASP K 70 50.09 -11.75 55.13
CA ASP K 70 50.62 -12.67 54.13
C ASP K 70 51.80 -13.48 54.66
N GLU K 71 52.51 -12.95 55.66
CA GLU K 71 53.64 -13.64 56.27
C GLU K 71 53.39 -13.96 57.74
N SER K 72 52.16 -13.87 58.21
CA SER K 72 51.87 -14.12 59.61
C SER K 72 52.01 -15.60 59.92
N PRO K 73 52.48 -15.96 61.12
CA PRO K 73 52.58 -17.39 61.49
C PRO K 73 51.24 -18.07 61.67
N GLU K 74 50.15 -17.31 61.82
CA GLU K 74 48.83 -17.92 61.94
C GLU K 74 48.38 -18.53 60.62
N GLN K 75 48.70 -17.88 59.50
CA GLN K 75 48.26 -18.36 58.19
C GLN K 75 49.04 -19.60 57.76
N CYS K 76 50.36 -19.59 57.93
CA CYS K 76 51.21 -20.71 57.56
C CYS K 76 51.90 -21.25 58.81
N HIS K 77 51.68 -22.53 59.08
CA HIS K 77 52.26 -23.18 60.26
C HIS K 77 53.61 -23.76 59.86
N MET K 78 54.68 -23.07 60.24
CA MET K 78 56.04 -23.51 59.91
C MET K 78 56.51 -24.59 60.86
N CYS L 1 38.80 -54.45 -15.14
CA CYS L 1 37.63 -53.84 -15.75
C CYS L 1 37.64 -52.33 -15.56
N GLU L 2 36.59 -51.83 -14.92
CA GLU L 2 36.48 -50.41 -14.63
C GLU L 2 37.50 -50.01 -13.56
N PRO L 3 37.91 -48.74 -13.52
CA PRO L 3 38.80 -48.28 -12.44
C PRO L 3 38.18 -48.35 -11.06
N SER L 4 36.85 -48.41 -10.96
CA SER L 4 36.16 -48.57 -9.68
C SER L 4 36.01 -50.03 -9.27
N GLN L 5 36.59 -50.96 -10.04
CA GLN L 5 36.48 -52.39 -9.77
C GLN L 5 37.86 -53.01 -9.64
N PHE L 6 37.91 -54.14 -8.95
CA PHE L 6 39.12 -54.93 -8.80
C PHE L 6 38.98 -56.22 -9.57
N GLN L 7 39.98 -56.54 -10.40
CA GLN L 7 39.98 -57.74 -11.21
C GLN L 7 40.85 -58.80 -10.56
N CYS L 8 40.31 -60.00 -10.42
CA CYS L 8 41.01 -61.12 -9.82
C CYS L 8 41.61 -62.00 -10.92
N THR L 9 42.16 -63.14 -10.52
CA THR L 9 42.79 -64.06 -11.46
C THR L 9 41.79 -64.90 -12.24
N ASN L 10 40.52 -64.92 -11.83
CA ASN L 10 39.50 -65.70 -12.51
C ASN L 10 38.80 -64.93 -13.61
N GLY L 11 39.21 -63.70 -13.89
CA GLY L 11 38.55 -62.88 -14.88
C GLY L 11 37.28 -62.21 -14.38
N ARG L 12 36.94 -62.36 -13.11
CA ARG L 12 35.75 -61.76 -12.53
C ARG L 12 36.13 -60.45 -11.84
N CYS L 13 35.39 -59.39 -12.13
CA CYS L 13 35.64 -58.08 -11.57
C CYS L 13 34.65 -57.80 -10.46
N ILE L 14 35.15 -57.58 -9.25
CA ILE L 14 34.32 -57.29 -8.09
C ILE L 14 34.47 -55.81 -7.75
N THR L 15 33.64 -55.35 -6.82
CA THR L 15 33.69 -53.96 -6.40
C THR L 15 34.91 -53.71 -5.51
N LEU L 16 35.37 -52.46 -5.50
CA LEU L 16 36.53 -52.10 -4.69
C LEU L 16 36.21 -52.09 -3.19
N LEU L 17 34.93 -51.98 -2.83
CA LEU L 17 34.56 -52.08 -1.42
C LEU L 17 34.75 -53.49 -0.87
N TRP L 18 34.80 -54.50 -1.74
CA TRP L 18 35.03 -55.88 -1.35
C TRP L 18 36.51 -56.21 -1.24
N LYS L 19 37.39 -55.26 -1.52
CA LYS L 19 38.83 -55.48 -1.38
C LYS L 19 39.25 -55.21 0.06
N CYS L 20 39.95 -56.20 0.65
CA CYS L 20 40.43 -56.14 2.04
C CYS L 20 39.28 -55.90 3.02
N ASP L 21 38.15 -56.58 2.78
CA ASP L 21 36.98 -56.46 3.63
C ASP L 21 36.86 -57.56 4.66
N GLY L 22 37.84 -58.46 4.74
CA GLY L 22 37.81 -59.55 5.69
C GLY L 22 37.13 -60.81 5.22
N ASP L 23 36.56 -60.81 4.02
CA ASP L 23 35.91 -61.98 3.46
C ASP L 23 36.45 -62.25 2.06
N GLU L 24 36.58 -63.52 1.72
CA GLU L 24 37.14 -63.93 0.43
C GLU L 24 36.02 -64.03 -0.59
N ASP L 25 36.05 -63.18 -1.60
CA ASP L 25 35.04 -63.15 -2.65
C ASP L 25 35.51 -63.75 -3.96
N CYS L 26 36.81 -63.68 -4.26
CA CYS L 26 37.34 -64.31 -5.44
C CYS L 26 37.78 -65.73 -5.11
N VAL L 27 37.77 -66.58 -6.15
CA VAL L 27 38.01 -68.02 -5.95
C VAL L 27 39.43 -68.31 -5.50
N ASP L 28 40.38 -67.41 -5.77
CA ASP L 28 41.76 -67.57 -5.34
C ASP L 28 42.11 -66.73 -4.12
N GLY L 29 41.16 -65.96 -3.59
CA GLY L 29 41.44 -65.14 -2.44
C GLY L 29 42.33 -63.94 -2.70
N SER L 30 42.38 -63.46 -3.95
CA SER L 30 43.25 -62.35 -4.29
C SER L 30 42.76 -61.03 -3.72
N ASP L 31 41.46 -60.93 -3.39
CA ASP L 31 40.95 -59.71 -2.77
C ASP L 31 41.48 -59.55 -1.35
N GLU L 32 41.77 -60.66 -0.67
CA GLU L 32 42.36 -60.62 0.66
C GLU L 32 43.88 -60.74 0.63
N LYS L 33 44.48 -60.84 -0.55
CA LYS L 33 45.94 -60.86 -0.65
C LYS L 33 46.50 -59.48 -0.35
N ASN L 34 47.77 -59.47 0.07
CA ASN L 34 48.48 -58.28 0.54
C ASN L 34 47.72 -57.60 1.68
N CYS L 35 46.99 -56.54 1.35
CA CYS L 35 46.19 -55.74 2.28
C CYS L 35 47.11 -55.20 3.38
N VAL L 36 46.59 -55.12 4.61
CA VAL L 36 47.36 -54.69 5.77
C VAL L 36 47.15 -55.71 6.88
N LYS L 37 47.91 -55.53 7.96
CA LYS L 37 47.78 -56.42 9.12
C LYS L 37 46.47 -56.15 9.83
N LYS L 38 45.75 -57.21 10.15
CA LYS L 38 44.46 -57.13 10.82
C LYS L 38 44.65 -57.32 12.31
N THR L 39 44.11 -56.38 13.11
CA THR L 39 44.20 -56.49 14.55
C THR L 39 43.31 -57.61 15.06
N CYS L 40 43.85 -58.45 15.94
CA CYS L 40 43.12 -59.57 16.49
C CYS L 40 43.20 -59.58 18.02
N SER L 43 39.09 -60.60 20.77
CA SER L 43 37.97 -61.45 20.38
C SER L 43 38.47 -62.69 19.65
N ASP L 44 39.71 -62.64 19.17
CA ASP L 44 40.33 -63.75 18.46
C ASP L 44 41.69 -64.04 19.07
N PHE L 45 42.06 -65.31 19.08
CA PHE L 45 43.36 -65.71 19.61
C PHE L 45 44.45 -65.48 18.57
N VAL L 46 45.60 -65.01 19.03
CA VAL L 46 46.73 -64.69 18.17
C VAL L 46 47.78 -65.78 18.34
N CYS L 47 48.15 -66.43 17.24
CA CYS L 47 49.19 -67.45 17.28
C CYS L 47 50.55 -66.77 17.39
N ASN L 48 51.58 -67.57 17.65
CA ASN L 48 52.91 -67.00 17.86
C ASN L 48 53.52 -66.46 16.58
N ASN L 49 53.11 -66.97 15.42
CA ASN L 49 53.61 -66.49 14.15
C ASN L 49 52.75 -65.38 13.56
N GLY L 50 51.74 -64.91 14.28
CA GLY L 50 50.87 -63.86 13.81
C GLY L 50 49.53 -64.31 13.26
N GLN L 51 49.27 -65.61 13.21
CA GLN L 51 48.01 -66.10 12.71
C GLN L 51 46.89 -65.85 13.71
N CYS L 52 45.70 -65.56 13.19
CA CYS L 52 44.52 -65.26 14.00
C CYS L 52 43.52 -66.40 13.86
N VAL L 53 43.05 -66.91 15.01
CA VAL L 53 42.09 -68.01 15.04
C VAL L 53 40.91 -67.61 15.90
N PRO L 54 39.75 -68.22 15.68
CA PRO L 54 38.60 -67.95 16.55
C PRO L 54 38.86 -68.34 18.00
N SER L 55 38.18 -67.65 18.91
CA SER L 55 38.43 -67.82 20.34
C SER L 55 37.99 -69.19 20.84
N ARG L 56 37.05 -69.85 20.16
CA ARG L 56 36.64 -71.18 20.55
C ARG L 56 37.62 -72.25 20.08
N TRP L 57 38.58 -71.90 19.22
CA TRP L 57 39.62 -72.82 18.79
C TRP L 57 40.75 -72.94 19.81
N LYS L 58 40.82 -72.06 20.79
CA LYS L 58 41.88 -72.10 21.78
C LYS L 58 41.60 -73.19 22.81
N CYS L 59 42.62 -74.01 23.08
CA CYS L 59 42.54 -75.13 24.02
C CYS L 59 41.41 -76.09 23.66
N ASP L 60 41.27 -76.37 22.37
CA ASP L 60 40.25 -77.28 21.86
C ASP L 60 40.75 -78.72 21.76
N GLY L 61 42.02 -78.98 22.04
CA GLY L 61 42.58 -80.30 21.91
C GLY L 61 43.07 -80.66 20.52
N ASP L 62 43.05 -79.73 19.58
CA ASP L 62 43.51 -79.99 18.23
C ASP L 62 44.46 -78.88 17.78
N PRO L 63 45.52 -79.22 17.05
CA PRO L 63 46.49 -78.19 16.61
C PRO L 63 45.93 -77.36 15.47
N ASP L 64 45.84 -76.05 15.68
CA ASP L 64 45.29 -75.14 14.69
C ASP L 64 46.29 -74.12 14.17
N CYS L 65 47.18 -73.62 15.01
CA CYS L 65 48.24 -72.74 14.53
C CYS L 65 49.26 -73.54 13.72
N GLU L 66 49.97 -72.84 12.83
CA GLU L 66 51.10 -73.45 12.14
C GLU L 66 52.21 -73.77 13.13
N ASP L 67 52.45 -72.90 14.10
CA ASP L 67 53.43 -73.16 15.15
C ASP L 67 52.87 -74.09 16.23
N GLY L 68 51.55 -74.27 16.28
CA GLY L 68 50.95 -75.05 17.34
C GLY L 68 50.82 -74.32 18.65
N SER L 69 50.62 -73.00 18.61
CA SER L 69 50.62 -72.18 19.82
C SER L 69 49.36 -72.38 20.65
N ASP L 70 48.29 -72.91 20.06
CA ASP L 70 47.03 -73.06 20.78
C ASP L 70 47.11 -74.13 21.87
N GLU L 71 47.87 -75.20 21.65
CA GLU L 71 48.00 -76.29 22.60
C GLU L 71 49.29 -76.23 23.39
N SER L 72 50.02 -75.11 23.34
CA SER L 72 51.26 -74.99 24.09
C SER L 72 50.96 -74.90 25.58
N PRO L 73 51.77 -75.55 26.43
CA PRO L 73 51.52 -75.46 27.89
C PRO L 73 51.81 -74.08 28.47
N GLU L 74 52.59 -73.25 27.79
CA GLU L 74 52.88 -71.91 28.31
C GLU L 74 51.64 -71.03 28.28
N GLN L 75 50.82 -71.13 27.23
CA GLN L 75 49.62 -70.32 27.12
C GLN L 75 48.38 -71.05 27.67
N CYS L 76 48.23 -72.33 27.31
CA CYS L 76 47.12 -73.13 27.80
C CYS L 76 47.53 -73.83 29.10
N HIS L 77 46.83 -73.53 30.18
CA HIS L 77 47.15 -74.07 31.49
C HIS L 77 46.15 -75.16 31.85
N MET L 78 46.65 -76.31 32.29
CA MET L 78 45.81 -77.43 32.66
C MET L 78 45.10 -77.18 33.98
N PHE M 1 -25.57 2.25 16.87
CA PHE M 1 -26.10 3.06 15.78
C PHE M 1 -25.42 4.41 15.73
N GLU M 2 -24.74 4.70 14.62
CA GLU M 2 -24.07 5.99 14.45
C GLU M 2 -25.09 7.05 14.07
N HIS M 3 -25.30 8.01 14.95
CA HIS M 3 -26.24 9.10 14.73
C HIS M 3 -25.49 10.42 14.80
N ALA M 4 -25.64 11.24 13.76
CA ALA M 4 -24.95 12.52 13.67
C ALA M 4 -25.96 13.64 13.69
N THR M 5 -25.73 14.64 14.54
CA THR M 5 -26.59 15.81 14.63
C THR M 5 -25.73 17.00 15.03
N THR M 6 -26.39 18.14 15.24
CA THR M 6 -25.70 19.37 15.62
C THR M 6 -26.38 19.96 16.84
N VAL M 7 -25.60 20.21 17.89
CA VAL M 7 -26.14 20.80 19.11
C VAL M 7 -25.62 22.23 19.23
N PRO M 8 -26.36 23.13 19.87
CA PRO M 8 -25.81 24.45 20.19
C PRO M 8 -24.82 24.36 21.34
N ASN M 9 -23.94 25.35 21.41
CA ASN M 9 -22.92 25.43 22.45
C ASN M 9 -23.42 26.12 23.71
N VAL M 10 -24.72 26.34 23.82
CA VAL M 10 -25.26 27.01 25.02
C VAL M 10 -25.22 26.06 26.21
N PRO M 11 -24.66 26.47 27.35
CA PRO M 11 -24.78 25.66 28.56
C PRO M 11 -26.22 25.55 29.01
N GLY M 12 -26.59 24.37 29.50
CA GLY M 12 -28.00 24.08 29.64
C GLY M 12 -28.64 23.88 28.28
N ILE M 13 -29.95 24.12 28.21
CA ILE M 13 -30.77 24.00 27.00
C ILE M 13 -30.60 22.60 26.41
N PRO M 14 -31.26 21.59 26.97
CA PRO M 14 -31.15 20.23 26.42
C PRO M 14 -31.61 20.18 24.97
N TYR M 15 -30.80 19.55 24.13
CA TYR M 15 -31.12 19.34 22.72
C TYR M 15 -31.67 17.93 22.57
N LYS M 16 -32.92 17.83 22.13
CA LYS M 16 -33.64 16.56 22.07
C LYS M 16 -33.74 16.08 20.63
N ALA M 17 -33.67 14.76 20.45
CA ALA M 17 -33.80 14.14 19.14
C ALA M 17 -34.25 12.70 19.33
N LEU M 18 -34.73 12.11 18.24
CA LEU M 18 -35.00 10.69 18.18
C LEU M 18 -33.98 10.02 17.27
N VAL M 19 -33.41 8.92 17.72
CA VAL M 19 -32.73 8.01 16.83
C VAL M 19 -33.74 6.95 16.41
N GLU M 20 -33.95 6.84 15.10
CA GLU M 20 -34.97 5.96 14.54
C GLU M 20 -34.27 4.92 13.66
N ARG M 21 -33.79 3.86 14.30
CA ARG M 21 -33.37 2.71 13.55
C ARG M 21 -34.62 2.02 13.01
N ALA M 22 -34.51 1.43 11.81
CA ALA M 22 -35.68 1.00 11.07
C ALA M 22 -36.44 -0.12 11.80
N GLY M 23 -35.76 -1.21 12.10
CA GLY M 23 -36.42 -2.36 12.69
C GLY M 23 -36.78 -2.24 14.15
N TYR M 24 -36.34 -1.18 14.82
CA TYR M 24 -36.51 -1.01 16.25
C TYR M 24 -37.36 0.23 16.55
N ALA M 25 -37.80 0.32 17.79
CA ALA M 25 -38.63 1.42 18.23
C ALA M 25 -37.83 2.72 18.22
N PRO M 26 -38.50 3.87 18.02
CA PRO M 26 -37.80 5.14 18.14
C PRO M 26 -37.26 5.33 19.55
N LEU M 27 -36.05 5.88 19.63
CA LEU M 27 -35.36 6.00 20.92
C LEU M 27 -35.04 7.45 21.17
N ASN M 28 -35.38 7.93 22.37
CA ASN M 28 -35.09 9.31 22.73
C ASN M 28 -33.60 9.50 22.97
N LEU M 29 -33.14 10.73 22.75
CA LEU M 29 -31.73 11.06 22.92
C LEU M 29 -31.64 12.56 23.14
N GLU M 30 -31.27 12.99 24.34
CA GLU M 30 -30.99 14.42 24.48
C GLU M 30 -29.59 14.63 25.03
N ILE M 31 -28.95 15.64 24.48
CA ILE M 31 -27.59 16.05 24.81
C ILE M 31 -27.65 17.43 25.43
N THR M 32 -27.06 17.59 26.61
CA THR M 32 -26.97 18.86 27.29
C THR M 32 -25.51 19.20 27.51
N VAL M 33 -25.11 20.41 27.10
CA VAL M 33 -23.76 20.88 27.38
C VAL M 33 -23.77 21.44 28.80
N VAL M 34 -23.26 20.66 29.75
CA VAL M 34 -23.24 21.10 31.14
C VAL M 34 -22.21 22.22 31.33
N SER M 35 -21.04 22.07 30.72
CA SER M 35 -19.98 23.06 30.88
C SER M 35 -19.13 23.10 29.62
N SER M 36 -18.38 24.19 29.47
CA SER M 36 -17.46 24.38 28.36
C SER M 36 -16.15 24.92 28.89
N GLU M 37 -15.07 24.68 28.14
CA GLU M 37 -13.73 24.97 28.63
C GLU M 37 -12.85 25.35 27.44
N LEU M 38 -12.70 26.66 27.21
CA LEU M 38 -11.68 27.16 26.28
C LEU M 38 -10.36 27.31 27.04
N THR M 39 -9.46 26.36 26.85
CA THR M 39 -8.15 26.38 27.51
C THR M 39 -7.07 26.57 26.47
N PRO M 40 -6.57 27.79 26.28
CA PRO M 40 -5.47 28.01 25.34
C PRO M 40 -4.14 27.53 25.90
N SER M 41 -3.22 27.23 24.99
CA SER M 41 -1.87 26.86 25.38
C SER M 41 -1.09 28.14 25.68
N THR M 42 -0.61 28.27 26.91
CA THR M 42 -0.01 29.51 27.40
C THR M 42 1.49 29.31 27.61
N ASN M 43 2.27 30.27 27.15
CA ASN M 43 3.71 30.29 27.36
C ASN M 43 4.05 31.47 28.26
N LYS M 44 4.74 31.19 29.36
CA LYS M 44 5.08 32.22 30.34
C LYS M 44 6.31 33.01 29.86
N GLU M 45 6.17 34.34 29.84
CA GLU M 45 7.28 35.20 29.45
C GLU M 45 8.06 35.70 30.67
N TYR M 46 7.40 36.44 31.56
CA TYR M 46 8.06 36.97 32.74
C TYR M 46 7.03 37.35 33.79
N VAL M 47 7.53 37.80 34.94
CA VAL M 47 6.76 38.31 36.05
C VAL M 47 7.26 39.70 36.37
N THR M 48 6.34 40.66 36.54
CA THR M 48 6.70 42.02 36.90
C THR M 48 5.94 42.43 38.16
N CYS M 49 6.49 43.43 38.85
CA CYS M 49 5.83 44.06 39.97
C CYS M 49 6.48 45.41 40.21
N LYS M 50 6.21 46.01 41.36
CA LYS M 50 6.85 47.26 41.74
C LYS M 50 8.28 46.98 42.18
N PHE M 51 9.23 47.75 41.67
CA PHE M 51 10.62 47.56 42.03
C PHE M 51 10.91 48.18 43.38
N HIS M 52 12.09 47.86 43.92
CA HIS M 52 12.46 48.35 45.25
C HIS M 52 13.46 49.50 45.23
N THR M 53 14.20 49.65 44.12
CA THR M 53 15.26 50.65 43.92
C THR M 53 16.15 50.84 45.16
N VAL M 54 16.78 49.72 45.55
CA VAL M 54 17.65 49.73 46.72
C VAL M 54 18.98 50.41 46.38
N ILE M 55 19.41 51.30 47.26
CA ILE M 55 20.65 52.06 47.10
C ILE M 55 21.60 51.65 48.21
N PRO M 56 22.76 51.07 47.90
CA PRO M 56 23.68 50.66 48.96
C PRO M 56 24.37 51.85 49.61
N SER M 57 25.18 51.57 50.62
CA SER M 57 25.91 52.62 51.31
C SER M 57 26.90 53.29 50.37
N PRO M 58 27.04 54.61 50.42
CA PRO M 58 28.01 55.29 49.56
C PRO M 58 29.43 54.90 49.91
N GLN M 59 30.21 54.55 48.89
CA GLN M 59 31.61 54.19 49.06
C GLN M 59 32.46 55.39 48.67
N VAL M 60 33.21 55.91 49.64
CA VAL M 60 34.09 57.05 49.39
C VAL M 60 35.53 56.61 49.58
N LYS M 61 36.39 57.04 48.65
CA LYS M 61 37.83 56.99 48.82
C LYS M 61 38.35 58.39 48.59
N CYS M 62 39.09 58.91 49.55
CA CYS M 62 39.56 60.28 49.48
C CYS M 62 41.07 60.32 49.42
N CYS M 63 41.59 61.28 48.66
CA CYS M 63 42.92 61.22 48.07
C CYS M 63 43.12 59.90 47.33
N GLY M 64 42.12 59.56 46.53
CA GLY M 64 42.13 58.38 45.71
C GLY M 64 41.06 58.46 44.65
N SER M 65 40.84 57.34 43.95
CA SER M 65 39.84 57.29 42.90
C SER M 65 39.30 55.87 42.79
N LEU M 66 38.10 55.75 42.24
CA LEU M 66 37.46 54.45 42.10
C LEU M 66 36.83 54.31 40.73
N GLU M 67 36.59 53.06 40.35
CA GLU M 67 35.80 52.73 39.17
C GLU M 67 35.19 51.34 39.41
N CYS M 68 33.97 51.15 38.92
CA CYS M 68 33.27 49.89 39.14
C CYS M 68 33.28 49.06 37.87
N LYS M 69 33.23 47.74 38.05
CA LYS M 69 33.04 46.83 36.93
C LYS M 69 31.54 46.58 36.74
N ALA M 70 31.21 45.97 35.60
CA ALA M 70 29.83 45.65 35.30
C ALA M 70 29.29 44.60 36.27
N SER M 71 28.01 44.71 36.59
CA SER M 71 27.36 43.82 37.53
C SER M 71 26.10 43.23 36.91
N SER M 72 25.71 42.07 37.41
CA SER M 72 24.51 41.38 36.97
C SER M 72 23.25 41.87 37.68
N LYS M 73 23.38 42.84 38.58
CA LYS M 73 22.22 43.38 39.27
C LYS M 73 21.32 44.13 38.29
N ALA M 74 20.02 44.11 38.58
CA ALA M 74 19.05 44.69 37.67
C ALA M 74 19.15 46.21 37.66
N ASP M 75 19.26 46.78 36.47
CA ASP M 75 19.38 48.22 36.24
C ASP M 75 20.57 48.79 37.04
N TYR M 76 21.75 48.27 36.69
CA TYR M 76 23.00 48.73 37.29
C TYR M 76 23.27 50.18 36.95
N THR M 77 23.66 50.97 37.95
CA THR M 77 24.00 52.37 37.72
C THR M 77 25.08 52.78 38.70
N CYS M 78 26.30 52.98 38.19
CA CYS M 78 27.39 53.60 38.93
C CYS M 78 27.52 55.07 38.51
N ARG M 79 28.15 55.84 39.39
CA ARG M 79 28.61 57.17 39.02
C ARG M 79 29.71 57.58 39.99
N VAL M 80 30.74 58.26 39.49
CA VAL M 80 31.86 58.69 40.30
C VAL M 80 31.85 60.21 40.38
N PHE M 81 31.89 60.75 41.60
CA PHE M 81 32.00 62.18 41.82
C PHE M 81 33.33 62.48 42.48
N GLY M 82 34.04 63.50 41.98
CA GLY M 82 35.39 63.76 42.41
C GLY M 82 35.61 65.03 43.20
N GLY M 83 34.55 65.58 43.79
CA GLY M 83 34.68 66.81 44.56
C GLY M 83 33.84 66.84 45.80
N VAL M 84 33.54 65.67 46.36
CA VAL M 84 32.64 65.55 47.50
C VAL M 84 33.39 65.89 48.79
N TYR M 85 32.64 66.01 49.88
CA TYR M 85 33.20 66.20 51.22
C TYR M 85 32.14 65.76 52.22
N PRO M 86 31.99 64.46 52.46
CA PRO M 86 30.88 63.98 53.27
C PRO M 86 30.95 64.42 54.72
N PHE M 87 29.77 64.61 55.32
CA PHE M 87 29.63 65.11 56.68
C PHE M 87 28.55 64.26 57.36
N MET M 88 28.98 63.18 58.02
CA MET M 88 28.06 62.40 58.85
C MET M 88 27.97 63.05 60.22
N TRP M 89 27.38 62.34 61.18
CA TRP M 89 27.24 62.88 62.53
C TRP M 89 28.60 62.87 63.21
N GLY M 90 29.20 64.04 63.37
CA GLY M 90 30.51 64.13 63.97
C GLY M 90 31.56 64.73 63.04
N GLY M 91 31.13 65.60 62.14
CA GLY M 91 32.06 66.30 61.27
C GLY M 91 32.36 65.53 60.00
N ALA M 92 33.47 65.92 59.37
CA ALA M 92 33.88 65.34 58.10
C ALA M 92 34.25 63.87 58.27
N GLN M 93 34.08 63.11 57.19
CA GLN M 93 34.28 61.67 57.24
C GLN M 93 35.70 61.23 56.90
N CYS M 94 36.45 62.03 56.16
CA CYS M 94 37.87 61.71 56.04
C CYS M 94 38.64 63.01 55.83
N PHE M 95 39.86 62.88 55.30
CA PHE M 95 41.00 63.74 55.62
C PHE M 95 41.56 64.50 54.43
N CYS M 96 40.83 64.66 53.34
CA CYS M 96 41.34 65.37 52.17
C CYS M 96 40.39 66.52 51.85
N ASP M 97 40.97 67.66 51.46
CA ASP M 97 40.20 68.90 51.36
C ASP M 97 39.22 68.84 50.20
N SER M 98 39.72 68.68 48.98
CA SER M 98 38.87 68.82 47.80
C SER M 98 38.75 67.56 46.97
N GLU M 99 39.85 66.88 46.67
CA GLU M 99 39.82 65.75 45.74
C GLU M 99 39.36 64.54 46.52
N ASN M 100 38.10 64.15 46.32
CA ASN M 100 37.46 63.11 47.13
C ASN M 100 36.51 62.38 46.19
N THR M 101 36.64 61.06 46.06
CA THR M 101 35.81 60.31 45.12
C THR M 101 34.73 59.54 45.86
N GLN M 102 33.49 59.72 45.40
CA GLN M 102 32.33 59.02 45.94
C GLN M 102 31.66 58.23 44.81
N LEU M 103 31.37 56.96 45.09
CA LEU M 103 30.72 56.06 44.14
C LEU M 103 29.22 56.01 44.47
N SER M 104 28.43 56.80 43.73
CA SER M 104 26.99 56.67 43.82
C SER M 104 26.56 55.38 43.11
N GLU M 105 25.72 54.61 43.78
CA GLU M 105 25.42 53.23 43.42
C GLU M 105 23.91 53.04 43.44
N ALA M 106 23.36 52.44 42.39
CA ALA M 106 21.91 52.24 42.34
C ALA M 106 21.56 51.03 41.50
N TYR M 107 20.61 50.23 42.00
CA TYR M 107 20.06 49.10 41.26
C TYR M 107 18.71 48.76 41.86
N VAL M 108 17.90 48.04 41.08
CA VAL M 108 16.54 47.72 41.47
C VAL M 108 16.41 46.22 41.71
N GLU M 109 15.43 45.85 42.52
CA GLU M 109 15.10 44.46 42.79
C GLU M 109 13.61 44.37 43.06
N PHE M 110 13.13 43.14 43.24
CA PHE M 110 11.72 42.93 43.52
C PHE M 110 11.37 43.45 44.92
N ALA M 111 10.16 44.00 45.05
CA ALA M 111 9.69 44.44 46.35
C ALA M 111 9.40 43.24 47.24
N PRO M 112 9.42 43.41 48.56
CA PRO M 112 9.11 42.28 49.46
C PRO M 112 7.70 41.73 49.29
N ASP M 113 6.77 42.52 48.76
CA ASP M 113 5.38 42.11 48.64
C ASP M 113 5.01 41.68 47.23
N CYS M 114 5.99 41.32 46.41
CA CYS M 114 5.72 40.86 45.05
C CYS M 114 5.32 39.40 44.98
N THR M 115 5.36 38.66 46.09
CA THR M 115 4.89 37.29 46.09
C THR M 115 3.38 37.21 45.91
N ILE M 116 2.66 38.31 46.13
CA ILE M 116 1.22 38.39 45.92
C ILE M 116 0.88 39.38 44.81
N ASP M 117 1.37 40.61 44.92
CA ASP M 117 1.02 41.69 43.99
C ASP M 117 2.01 41.66 42.82
N HIS M 118 1.86 40.66 41.96
CA HIS M 118 2.70 40.56 40.77
C HIS M 118 1.82 40.23 39.57
N ALA M 119 2.35 40.54 38.39
CA ALA M 119 1.65 40.30 37.13
C ALA M 119 2.48 39.34 36.29
N VAL M 120 1.82 38.35 35.71
CA VAL M 120 2.46 37.33 34.88
C VAL M 120 2.09 37.61 33.43
N ALA M 121 3.10 37.74 32.58
CA ALA M 121 2.87 37.94 31.15
C ALA M 121 2.84 36.59 30.44
N LEU M 122 1.80 36.36 29.66
CA LEU M 122 1.60 35.09 28.98
C LEU M 122 1.33 35.32 27.51
N LYS M 123 1.86 34.43 26.68
CA LYS M 123 1.54 34.36 25.26
C LYS M 123 0.68 33.12 25.02
N VAL M 124 -0.45 33.30 24.36
CA VAL M 124 -1.41 32.22 24.14
C VAL M 124 -1.39 31.83 22.66
N HIS M 125 -2.05 30.72 22.38
CA HIS M 125 -2.20 30.22 21.01
C HIS M 125 -3.66 29.82 20.86
N THR M 126 -3.95 29.04 19.82
CA THR M 126 -5.32 28.58 19.58
C THR M 126 -5.82 27.74 20.75
N ALA M 127 -7.10 27.94 21.09
CA ALA M 127 -7.70 27.34 22.27
C ALA M 127 -8.53 26.13 21.86
N ALA M 128 -8.50 25.10 22.71
CA ALA M 128 -9.25 23.88 22.48
C ALA M 128 -10.46 23.85 23.40
N LEU M 129 -11.64 23.65 22.82
CA LEU M 129 -12.87 23.58 23.60
C LEU M 129 -13.08 22.18 24.14
N LYS M 130 -13.27 22.08 25.45
CA LYS M 130 -13.62 20.84 26.12
C LYS M 130 -14.99 21.03 26.75
N VAL M 131 -15.94 20.17 26.39
CA VAL M 131 -17.32 20.31 26.84
C VAL M 131 -17.72 19.09 27.64
N GLY M 132 -18.40 19.34 28.77
CA GLY M 132 -19.03 18.29 29.53
C GLY M 132 -20.41 18.04 28.96
N LEU M 133 -20.73 16.77 28.72
CA LEU M 133 -21.94 16.37 28.03
C LEU M 133 -22.76 15.46 28.94
N ARG M 134 -24.02 15.85 29.16
CA ARG M 134 -25.00 14.97 29.79
C ARG M 134 -25.87 14.42 28.68
N ILE M 135 -25.69 13.15 28.36
CA ILE M 135 -26.41 12.49 27.27
C ILE M 135 -27.30 11.43 27.88
N VAL M 136 -28.61 11.55 27.69
CA VAL M 136 -29.51 10.49 28.12
C VAL M 136 -30.15 9.87 26.88
N TYR M 137 -30.22 8.55 26.90
CA TYR M 137 -30.79 7.74 25.83
C TYR M 137 -31.57 6.61 26.47
N GLY M 138 -32.82 6.45 26.05
CA GLY M 138 -33.71 5.51 26.72
C GLY M 138 -33.92 5.93 28.16
N ASN M 139 -33.64 5.00 29.06
CA ASN M 139 -33.68 5.26 30.49
C ASN M 139 -32.28 5.38 31.09
N THR M 140 -31.26 5.52 30.27
CA THR M 140 -29.88 5.55 30.72
C THR M 140 -29.27 6.94 30.56
N THR M 141 -28.42 7.30 31.51
CA THR M 141 -27.73 8.58 31.51
C THR M 141 -26.23 8.35 31.35
N ALA M 142 -25.54 9.38 30.88
CA ALA M 142 -24.10 9.31 30.72
C ALA M 142 -23.52 10.72 30.83
N HIS M 143 -22.42 10.84 31.57
CA HIS M 143 -21.71 12.09 31.75
C HIS M 143 -20.33 11.96 31.14
N LEU M 144 -20.00 12.83 30.20
CA LEU M 144 -18.77 12.75 29.43
C LEU M 144 -18.04 14.08 29.50
N ASP M 145 -16.73 14.03 29.22
CA ASP M 145 -15.90 15.22 29.08
C ASP M 145 -15.17 15.08 27.75
N THR M 146 -15.76 15.63 26.69
CA THR M 146 -15.27 15.44 25.34
C THR M 146 -14.49 16.65 24.87
N PHE M 147 -13.66 16.43 23.86
CA PHE M 147 -12.97 17.49 23.15
C PHE M 147 -13.66 17.76 21.82
N VAL M 148 -13.70 19.04 21.43
CA VAL M 148 -14.44 19.47 20.26
C VAL M 148 -13.56 19.42 19.00
N ASN M 149 -12.36 18.86 19.11
CA ASN M 149 -11.43 18.85 17.97
C ASN M 149 -11.93 18.02 16.79
N GLY M 150 -12.84 17.08 17.03
CA GLY M 150 -13.47 16.33 15.96
C GLY M 150 -12.96 14.91 15.79
N VAL M 151 -11.94 14.49 16.54
CA VAL M 151 -11.44 13.13 16.44
C VAL M 151 -11.34 12.41 17.78
N THR M 152 -11.24 13.12 18.89
CA THR M 152 -11.04 12.49 20.20
C THR M 152 -12.38 12.05 20.79
N PRO M 153 -12.53 10.79 21.16
CA PRO M 153 -13.79 10.34 21.76
C PRO M 153 -13.94 10.80 23.20
N GLY M 154 -15.13 10.54 23.74
CA GLY M 154 -15.42 10.90 25.11
C GLY M 154 -14.83 9.93 26.11
N SER M 155 -14.78 10.37 27.36
CA SER M 155 -14.20 9.58 28.44
C SER M 155 -15.29 8.79 29.18
N SER M 156 -15.99 7.94 28.43
CA SER M 156 -17.01 7.09 29.01
C SER M 156 -17.04 5.67 28.45
N ARG M 157 -16.12 5.30 27.57
CA ARG M 157 -16.02 3.97 26.95
C ARG M 157 -17.32 3.69 26.16
N ASP M 158 -18.21 2.88 26.76
CA ASP M 158 -19.36 2.25 26.12
C ASP M 158 -20.16 3.12 25.16
N LEU M 159 -20.41 4.38 25.50
CA LEU M 159 -21.04 5.32 24.58
C LEU M 159 -19.96 6.14 23.91
N LYS M 160 -19.73 5.88 22.63
CA LYS M 160 -18.69 6.58 21.88
C LYS M 160 -19.25 7.85 21.28
N VAL M 161 -18.73 9.00 21.70
CA VAL M 161 -19.20 10.31 21.25
C VAL M 161 -18.02 11.06 20.64
N ILE M 162 -18.17 11.45 19.38
CA ILE M 162 -17.20 12.30 18.70
C ILE M 162 -17.83 13.67 18.55
N ALA M 163 -17.27 14.67 19.22
CA ALA M 163 -17.74 16.04 19.12
C ALA M 163 -16.96 16.74 18.03
N GLY M 164 -17.62 17.04 16.92
CA GLY M 164 -16.97 17.55 15.74
C GLY M 164 -16.46 18.96 15.91
N PRO M 165 -15.73 19.46 14.91
CA PRO M 165 -15.14 20.80 15.02
C PRO M 165 -16.22 21.88 15.02
N ILE M 166 -16.07 22.84 15.91
CA ILE M 166 -17.08 23.86 16.10
C ILE M 166 -17.00 24.85 14.95
N SER M 167 -18.15 25.44 14.61
CA SER M 167 -18.29 26.19 13.37
C SER M 167 -17.40 27.44 13.34
N ALA M 168 -17.32 28.15 14.45
CA ALA M 168 -16.53 29.38 14.53
C ALA M 168 -15.55 29.29 15.68
N ALA M 169 -14.33 29.78 15.46
CA ALA M 169 -13.33 29.88 16.50
C ALA M 169 -13.47 31.23 17.20
N PHE M 170 -13.61 31.19 18.53
CA PHE M 170 -13.88 32.40 19.29
C PHE M 170 -12.61 33.06 19.81
N SER M 171 -11.86 32.35 20.68
CA SER M 171 -10.61 32.80 21.27
C SER M 171 -10.73 34.18 21.92
N PRO M 172 -11.35 34.29 23.10
CA PRO M 172 -11.52 35.61 23.73
C PRO M 172 -10.21 36.29 24.10
N PHE M 173 -9.14 35.54 24.25
CA PHE M 173 -7.85 36.13 24.60
C PHE M 173 -7.11 36.58 23.34
N ASP M 174 -6.53 37.77 23.40
CA ASP M 174 -5.59 38.20 22.38
C ASP M 174 -4.26 37.46 22.58
N HIS M 175 -3.33 37.65 21.64
CA HIS M 175 -2.08 36.90 21.62
C HIS M 175 -1.24 37.11 22.87
N LYS M 176 -1.41 38.24 23.56
CA LYS M 176 -0.67 38.52 24.79
C LYS M 176 -1.66 38.86 25.89
N VAL M 177 -1.54 38.18 27.03
CA VAL M 177 -2.41 38.42 28.18
C VAL M 177 -1.55 38.65 29.42
N VAL M 178 -2.16 39.32 30.40
CA VAL M 178 -1.51 39.63 31.67
C VAL M 178 -2.44 39.18 32.79
N ILE M 179 -1.90 38.38 33.72
CA ILE M 179 -2.67 37.86 34.84
C ILE M 179 -2.17 38.54 36.11
N ARG M 180 -3.08 39.18 36.84
CA ARG M 180 -2.77 39.77 38.13
C ARG M 180 -3.90 39.44 39.10
N LYS M 181 -3.57 38.64 40.14
CA LYS M 181 -4.46 38.37 41.27
C LYS M 181 -5.81 37.80 40.82
N GLY M 182 -5.77 36.89 39.85
CA GLY M 182 -6.98 36.27 39.34
C GLY M 182 -7.69 37.06 38.27
N LEU M 183 -7.18 38.22 37.88
CA LEU M 183 -7.80 39.06 36.86
C LEU M 183 -6.94 39.01 35.59
N VAL M 184 -7.59 38.86 34.45
CA VAL M 184 -6.93 38.66 33.17
C VAL M 184 -7.21 39.84 32.27
N TYR M 185 -6.15 40.41 31.68
CA TYR M 185 -6.25 41.56 30.81
C TYR M 185 -5.59 41.24 29.49
N ASN M 186 -6.13 41.81 28.41
CA ASN M 186 -5.49 41.72 27.10
C ASN M 186 -4.57 42.93 26.95
N TYR M 187 -3.31 42.76 27.31
CA TYR M 187 -2.33 43.83 27.24
C TYR M 187 -1.16 43.41 26.36
N ASP M 188 -0.75 44.32 25.47
CA ASP M 188 0.40 44.10 24.60
C ASP M 188 1.65 44.52 25.35
N PHE M 189 2.16 43.59 26.17
CA PHE M 189 3.32 43.88 26.98
C PHE M 189 4.60 43.88 26.13
N PRO M 190 5.65 44.57 26.58
CA PRO M 190 6.93 44.46 25.90
C PRO M 190 7.51 43.05 26.01
N GLU M 191 8.30 42.68 25.01
CA GLU M 191 8.91 41.36 24.98
C GLU M 191 10.03 41.28 26.02
N TYR M 192 10.52 40.06 26.24
CA TYR M 192 11.61 39.86 27.18
C TYR M 192 12.89 40.49 26.66
N GLY M 193 13.55 41.27 27.50
CA GLY M 193 14.73 42.00 27.08
C GLY M 193 14.44 43.21 26.23
N ALA M 194 13.19 43.62 26.12
CA ALA M 194 12.77 44.74 25.28
C ALA M 194 11.99 45.74 26.12
N MET M 195 12.54 46.06 27.29
CA MET M 195 11.86 46.88 28.27
C MET M 195 11.77 48.33 27.79
N LYS M 196 10.84 49.08 28.41
CA LYS M 196 10.72 50.51 28.17
C LYS M 196 10.46 51.13 29.54
N PRO M 197 11.23 52.15 29.94
CA PRO M 197 11.05 52.74 31.27
C PRO M 197 9.73 53.50 31.38
N GLY M 198 9.09 53.36 32.54
CA GLY M 198 7.85 54.04 32.82
C GLY M 198 6.59 53.34 32.37
N ALA M 199 6.70 52.34 31.51
CA ALA M 199 5.58 51.56 31.04
C ALA M 199 5.56 50.21 31.74
N PHE M 200 4.54 49.41 31.43
CA PHE M 200 4.38 48.09 32.03
C PHE M 200 5.56 47.21 31.63
N GLY M 201 6.11 46.51 32.61
CA GLY M 201 7.26 45.67 32.34
C GLY M 201 8.58 46.41 32.45
N ASP M 202 8.68 47.33 33.41
CA ASP M 202 9.97 47.93 33.71
C ASP M 202 10.96 46.87 34.21
N ILE M 203 10.52 46.03 35.14
CA ILE M 203 11.34 44.99 35.73
C ILE M 203 10.79 43.64 35.29
N GLN M 204 11.67 42.74 34.90
CA GLN M 204 11.27 41.45 34.34
C GLN M 204 12.15 40.35 34.88
N ALA M 205 11.52 39.21 35.21
CA ALA M 205 12.25 38.02 35.61
C ALA M 205 11.38 36.81 35.33
N SER M 206 12.03 35.67 35.16
CA SER M 206 11.31 34.44 34.87
C SER M 206 10.59 33.88 36.10
N SER M 207 10.97 34.33 37.30
CA SER M 207 10.32 33.89 38.52
C SER M 207 10.55 34.95 39.58
N LEU M 208 9.84 34.81 40.70
CA LEU M 208 10.01 35.76 41.80
C LEU M 208 11.36 35.55 42.49
N ASP M 209 11.78 34.30 42.64
CA ASP M 209 13.04 33.98 43.30
C ASP M 209 14.21 33.89 42.33
N ALA M 210 13.99 34.17 41.05
CA ALA M 210 15.06 34.11 40.08
C ALA M 210 16.03 35.27 40.27
N THR M 211 17.32 34.99 40.08
CA THR M 211 18.36 36.01 40.18
C THR M 211 18.66 36.69 38.86
N ASP M 212 18.09 36.19 37.75
CA ASP M 212 18.28 36.81 36.44
C ASP M 212 17.22 37.86 36.17
N ILE M 213 17.29 38.92 36.97
CA ILE M 213 16.32 40.02 36.92
C ILE M 213 16.88 41.12 36.03
N VAL M 214 16.08 41.61 35.08
CA VAL M 214 16.48 42.65 34.15
C VAL M 214 15.55 43.84 34.31
N ALA M 215 16.08 45.04 34.09
CA ALA M 215 15.31 46.26 34.16
C ALA M 215 16.08 47.39 33.49
N ARG M 216 15.33 48.37 32.98
CA ARG M 216 15.94 49.60 32.47
C ARG M 216 15.14 50.82 32.90
N THR M 217 14.74 50.84 34.17
CA THR M 217 14.13 52.03 34.76
C THR M 217 15.09 53.20 34.67
N ASP M 218 14.58 54.35 34.21
CA ASP M 218 15.43 55.49 33.93
C ASP M 218 15.85 56.17 35.23
N ILE M 219 16.93 55.70 35.84
CA ILE M 219 17.46 56.30 37.06
C ILE M 219 18.70 57.10 36.70
N ARG M 220 18.81 58.29 37.29
CA ARG M 220 19.94 59.18 37.06
C ARG M 220 20.45 59.64 38.41
N LEU M 221 21.74 59.44 38.65
CA LEU M 221 22.37 59.79 39.92
C LEU M 221 22.90 61.21 39.84
N LEU M 222 22.33 62.10 40.64
CA LEU M 222 22.71 63.51 40.63
C LEU M 222 23.93 63.75 41.51
N LYS M 223 24.55 64.91 41.30
CA LYS M 223 25.75 65.27 42.04
C LYS M 223 25.38 65.71 43.46
N PRO M 224 26.02 65.14 44.49
CA PRO M 224 25.73 65.58 45.86
C PRO M 224 26.25 66.97 46.14
N SER M 225 25.34 67.93 46.34
CA SER M 225 25.70 69.32 46.62
C SER M 225 25.37 69.72 48.06
N VAL M 226 25.17 68.75 48.93
CA VAL M 226 24.85 69.01 50.33
C VAL M 226 26.02 68.48 51.18
N LYS M 227 26.16 69.04 52.38
CA LYS M 227 27.22 68.61 53.30
C LYS M 227 27.08 67.15 53.66
N ASN M 228 25.87 66.72 53.97
CA ASN M 228 25.65 65.39 54.52
C ASN M 228 25.76 64.35 53.42
N ILE M 229 26.06 63.11 53.82
CA ILE M 229 26.28 62.05 52.84
C ILE M 229 24.94 61.69 52.20
N HIS M 230 24.94 61.61 50.87
CA HIS M 230 23.68 61.46 50.16
C HIS M 230 23.94 60.84 48.79
N VAL M 231 22.94 60.12 48.30
CA VAL M 231 22.93 59.65 46.92
C VAL M 231 21.65 60.19 46.27
N PRO M 232 21.65 61.42 45.77
CA PRO M 232 20.46 61.93 45.09
C PRO M 232 20.22 61.17 43.79
N TYR M 233 18.95 60.88 43.54
CA TYR M 233 18.59 60.03 42.41
C TYR M 233 17.24 60.48 41.87
N THR M 234 17.09 60.43 40.56
CA THR M 234 15.83 60.71 39.90
C THR M 234 15.44 59.48 39.10
N GLN M 235 14.27 58.91 39.39
CA GLN M 235 13.86 57.65 38.79
C GLN M 235 12.49 57.79 38.16
N ALA M 236 12.25 56.97 37.14
CA ALA M 236 10.94 56.91 36.53
C ALA M 236 9.95 56.24 37.48
N VAL M 237 8.68 56.62 37.35
CA VAL M 237 7.64 56.00 38.15
C VAL M 237 7.48 54.54 37.73
N SER M 238 6.98 53.73 38.67
CA SER M 238 6.85 52.30 38.45
C SER M 238 5.77 52.04 37.41
N GLY M 239 6.16 51.36 36.33
CA GLY M 239 5.22 51.08 35.26
C GLY M 239 4.17 50.06 35.63
N TYR M 240 4.44 49.23 36.63
CA TYR M 240 3.40 48.35 37.15
C TYR M 240 2.31 49.16 37.84
N GLU M 241 2.71 50.17 38.63
CA GLU M 241 1.72 51.07 39.22
C GLU M 241 1.01 51.90 38.16
N MET M 242 1.74 52.37 37.14
CA MET M 242 1.12 53.12 36.05
C MET M 242 0.15 52.27 35.26
N TRP M 243 0.42 50.97 35.14
CA TRP M 243 -0.54 50.07 34.53
C TRP M 243 -1.73 49.83 35.45
N LYS M 244 -1.50 49.82 36.76
CA LYS M 244 -2.60 49.70 37.71
C LYS M 244 -3.52 50.91 37.66
N ASN M 245 -2.98 52.08 37.30
CA ASN M 245 -3.80 53.23 36.95
C ASN M 245 -4.72 52.94 35.76
N ASN M 246 -4.17 52.46 34.67
CA ASN M 246 -4.88 52.40 33.39
C ASN M 246 -5.02 50.97 32.89
N SER M 247 -5.27 50.03 33.79
CA SER M 247 -5.48 48.64 33.39
C SER M 247 -6.78 48.42 32.65
N GLY M 248 -7.71 49.37 32.71
CA GLY M 248 -9.00 49.15 32.10
C GLY M 248 -9.81 48.17 32.91
N ARG M 249 -10.63 47.39 32.21
CA ARG M 249 -11.36 46.39 32.95
C ARG M 249 -10.97 44.98 32.49
N PRO M 250 -10.98 44.00 33.39
CA PRO M 250 -10.51 42.66 33.03
C PRO M 250 -11.48 41.95 32.09
N LEU M 251 -11.02 40.81 31.58
CA LEU M 251 -11.84 39.96 30.71
C LEU M 251 -12.95 39.26 31.45
N GLN M 252 -12.97 39.29 32.78
CA GLN M 252 -14.12 38.78 33.51
C GLN M 252 -15.35 39.66 33.32
N GLU M 253 -15.16 40.86 32.77
CA GLU M 253 -16.25 41.81 32.58
C GLU M 253 -16.27 42.40 31.17
N THR M 254 -15.52 41.82 30.23
CA THR M 254 -15.38 42.41 28.91
C THR M 254 -15.55 41.34 27.84
N ALA M 255 -15.30 40.08 28.20
CA ALA M 255 -15.23 39.00 27.22
C ALA M 255 -16.58 38.76 26.56
N PRO M 256 -16.60 38.52 25.25
CA PRO M 256 -17.86 38.27 24.55
C PRO M 256 -18.45 36.92 24.91
N PHE M 257 -19.71 36.74 24.48
CA PHE M 257 -20.46 35.49 24.60
C PHE M 257 -20.70 35.08 26.05
N GLY M 258 -20.55 36.01 26.98
CA GLY M 258 -20.95 35.82 28.35
C GLY M 258 -20.30 34.68 29.11
N CYS M 259 -18.99 34.55 29.00
CA CYS M 259 -18.29 33.46 29.67
C CYS M 259 -17.17 33.98 30.56
N LYS M 260 -16.92 33.23 31.63
CA LYS M 260 -16.13 33.73 32.74
C LYS M 260 -14.73 33.16 32.72
N ILE M 261 -13.76 33.97 33.11
CA ILE M 261 -12.35 33.67 32.95
C ILE M 261 -11.77 33.21 34.28
N GLU M 262 -11.06 32.09 34.28
CA GLU M 262 -10.35 31.62 35.46
C GLU M 262 -8.88 31.44 35.13
N VAL M 263 -8.05 31.39 36.17
CA VAL M 263 -6.63 31.65 36.06
C VAL M 263 -5.76 30.46 36.45
N GLU M 264 -6.32 29.37 36.96
CA GLU M 264 -5.42 28.32 37.42
C GLU M 264 -4.85 27.52 36.24
N PRO M 265 -5.65 27.07 35.26
CA PRO M 265 -5.10 26.82 33.93
C PRO M 265 -5.39 27.91 32.90
N LEU M 266 -5.98 29.04 33.32
CA LEU M 266 -6.41 30.13 32.43
C LEU M 266 -7.41 29.61 31.38
N ARG M 267 -8.59 29.28 31.86
CA ARG M 267 -9.63 28.80 30.97
C ARG M 267 -10.83 29.74 30.93
N ALA M 268 -11.49 29.78 29.77
CA ALA M 268 -12.74 30.49 29.58
C ALA M 268 -13.88 29.48 29.72
N SER M 269 -14.72 29.67 30.73
CA SER M 269 -15.75 28.71 31.10
C SER M 269 -17.12 29.19 30.65
N ASN M 270 -17.85 28.30 29.97
CA ASN M 270 -19.23 28.43 29.52
C ASN M 270 -19.42 29.50 28.45
N CYS M 271 -18.69 29.39 27.34
CA CYS M 271 -18.88 30.30 26.21
C CYS M 271 -19.90 29.71 25.24
N ALA M 272 -21.01 30.42 25.07
CA ALA M 272 -22.11 29.98 24.21
C ALA M 272 -22.02 30.76 22.90
N TYR M 273 -21.25 30.25 21.95
CA TYR M 273 -21.01 30.98 20.72
C TYR M 273 -21.41 30.21 19.47
N GLY M 274 -21.01 28.95 19.34
CA GLY M 274 -21.19 28.27 18.07
C GLY M 274 -22.07 27.05 18.08
N HIS M 275 -21.88 26.18 17.08
CA HIS M 275 -22.60 24.93 16.94
C HIS M 275 -21.60 23.79 16.91
N ILE M 276 -21.87 22.73 17.67
CA ILE M 276 -20.99 21.57 17.76
C ILE M 276 -21.66 20.43 17.00
N PRO M 277 -21.08 19.99 15.87
CA PRO M 277 -21.47 18.69 15.33
C PRO M 277 -21.08 17.58 16.28
N ILE M 278 -21.93 16.57 16.37
CA ILE M 278 -21.74 15.48 17.33
C ILE M 278 -22.23 14.19 16.69
N SER M 279 -21.50 13.11 16.95
CA SER M 279 -21.87 11.78 16.48
C SER M 279 -21.80 10.81 17.64
N ILE M 280 -22.88 10.07 17.84
CA ILE M 280 -23.01 9.14 18.96
C ILE M 280 -23.18 7.74 18.40
N ASP M 281 -22.41 6.79 18.93
CA ASP M 281 -22.55 5.37 18.61
C ASP M 281 -23.30 4.73 19.76
N ILE M 282 -24.63 4.78 19.67
CA ILE M 282 -25.49 4.21 20.72
C ILE M 282 -25.41 2.69 20.67
N PRO M 283 -25.16 2.02 21.78
CA PRO M 283 -25.11 0.54 21.76
C PRO M 283 -26.48 -0.05 21.47
N ASP M 284 -26.46 -1.27 20.91
CA ASP M 284 -27.69 -1.96 20.54
C ASP M 284 -28.50 -2.43 21.73
N ALA M 285 -27.90 -2.45 22.94
CA ALA M 285 -28.66 -2.82 24.12
C ALA M 285 -29.70 -1.77 24.49
N ALA M 286 -29.46 -0.52 24.11
CA ALA M 286 -30.43 0.54 24.38
C ALA M 286 -31.67 0.39 23.50
N PHE M 287 -31.48 -0.01 22.25
CA PHE M 287 -32.60 -0.15 21.33
C PHE M 287 -33.43 -1.38 21.68
N VAL M 288 -34.75 -1.22 21.66
CA VAL M 288 -35.68 -2.33 21.81
C VAL M 288 -36.47 -2.44 20.51
N ARG M 289 -36.95 -3.64 20.23
CA ARG M 289 -37.67 -3.88 18.99
C ARG M 289 -39.04 -3.22 19.03
N SER M 290 -39.63 -3.06 17.84
CA SER M 290 -40.94 -2.42 17.74
C SER M 290 -42.06 -3.28 18.30
N SER M 291 -41.82 -4.58 18.50
CA SER M 291 -42.85 -5.44 19.08
C SER M 291 -43.08 -5.11 20.55
N GLU M 292 -42.02 -4.92 21.32
CA GLU M 292 -42.16 -4.63 22.74
C GLU M 292 -42.60 -3.20 23.00
N SER M 293 -42.40 -2.29 22.06
CA SER M 293 -42.91 -0.94 22.26
C SER M 293 -44.41 -0.90 21.99
N PRO M 294 -45.16 -0.14 22.78
CA PRO M 294 -46.59 0.04 22.49
C PRO M 294 -46.78 0.78 21.17
N THR M 295 -47.85 0.44 20.47
CA THR M 295 -48.20 1.12 19.22
C THR M 295 -49.48 1.93 19.43
N ILE M 296 -49.54 3.07 18.76
CA ILE M 296 -50.63 4.02 18.95
C ILE M 296 -51.65 3.80 17.85
N LEU M 297 -52.87 3.40 18.25
CA LEU M 297 -53.92 3.20 17.26
C LEU M 297 -54.43 4.54 16.73
N GLU M 298 -54.58 5.52 17.62
CA GLU M 298 -55.10 6.82 17.20
C GLU M 298 -54.50 7.90 18.09
N VAL M 299 -54.06 8.99 17.49
CA VAL M 299 -53.49 10.11 18.23
C VAL M 299 -54.00 11.43 17.61
N SER M 300 -54.29 12.39 18.47
CA SER M 300 -54.68 13.72 18.02
C SER M 300 -54.25 14.75 19.05
N CYS M 301 -53.57 15.81 18.61
CA CYS M 301 -53.08 16.83 19.51
C CYS M 301 -53.96 18.06 19.45
N THR M 302 -54.41 18.53 20.60
CA THR M 302 -55.05 19.84 20.71
C THR M 302 -54.22 20.67 21.68
N VAL M 303 -53.84 21.87 21.24
CA VAL M 303 -52.90 22.70 21.97
C VAL M 303 -53.62 23.96 22.44
N ALA M 304 -53.43 24.28 23.72
CA ALA M 304 -54.07 25.42 24.36
C ALA M 304 -53.01 26.30 25.01
N ASP M 305 -53.29 27.61 24.95
CA ASP M 305 -52.54 28.64 25.66
C ASP M 305 -51.05 28.64 25.28
N CYS M 306 -50.76 28.58 23.99
CA CYS M 306 -49.37 28.59 23.57
C CYS M 306 -48.88 30.03 23.52
N ILE M 307 -47.60 30.20 23.81
CA ILE M 307 -46.99 31.53 23.88
C ILE M 307 -45.51 31.37 23.56
N TYR M 308 -45.01 32.15 22.61
CA TYR M 308 -43.65 31.95 22.11
C TYR M 308 -42.70 32.79 22.94
N SER M 309 -41.89 32.12 23.74
CA SER M 309 -41.01 32.75 24.71
C SER M 309 -39.87 31.78 25.02
N ALA M 310 -39.00 32.16 25.96
CA ALA M 310 -37.94 31.26 26.37
C ALA M 310 -38.47 30.11 27.22
N ASP M 311 -39.45 30.40 28.07
CA ASP M 311 -40.01 29.38 28.96
C ASP M 311 -40.87 28.42 28.14
N PHE M 312 -41.12 27.24 28.71
CA PHE M 312 -42.02 26.25 28.11
C PHE M 312 -43.45 26.75 28.26
N GLY M 313 -43.82 27.67 27.37
CA GLY M 313 -45.15 28.25 27.41
C GLY M 313 -46.06 27.69 26.35
N GLY M 314 -47.00 26.85 26.77
CA GLY M 314 -47.93 26.23 25.85
C GLY M 314 -48.19 24.78 26.19
N SER M 315 -49.46 24.38 26.27
CA SER M 315 -49.80 23.04 26.72
C SER M 315 -50.56 22.33 25.61
N LEU M 316 -49.93 21.34 24.99
CA LEU M 316 -50.59 20.51 23.99
C LEU M 316 -50.91 19.15 24.61
N THR M 317 -52.18 18.75 24.50
CA THR M 317 -52.61 17.45 24.99
C THR M 317 -52.85 16.51 23.83
N LEU M 318 -52.24 15.34 23.91
CA LEU M 318 -52.45 14.25 22.97
C LEU M 318 -53.55 13.35 23.52
N GLN M 319 -54.65 13.25 22.79
CA GLN M 319 -55.68 12.24 23.04
C GLN M 319 -55.32 11.03 22.20
N TYR M 320 -55.19 9.87 22.85
CA TYR M 320 -54.64 8.70 22.22
C TYR M 320 -55.40 7.45 22.63
N LYS M 321 -55.43 6.50 21.71
CA LYS M 321 -55.85 5.13 21.95
C LYS M 321 -54.73 4.21 21.48
N ALA M 322 -54.29 3.31 22.36
CA ALA M 322 -53.20 2.38 22.11
C ALA M 322 -53.58 1.02 22.69
N ASP M 323 -53.06 -0.05 22.07
CA ASP M 323 -53.46 -1.38 22.50
C ASP M 323 -52.79 -1.81 23.81
N ARG M 324 -51.51 -1.49 23.97
CA ARG M 324 -50.71 -2.00 25.08
C ARG M 324 -50.24 -0.85 25.96
N GLU M 325 -50.38 -1.03 27.27
CA GLU M 325 -49.87 -0.05 28.23
C GLU M 325 -48.35 -0.17 28.37
N GLY M 326 -47.68 0.97 28.33
CA GLY M 326 -46.23 0.98 28.45
C GLY M 326 -45.63 2.37 28.50
N HIS M 327 -44.37 2.48 28.10
CA HIS M 327 -43.68 3.77 28.03
C HIS M 327 -43.35 4.11 26.59
N CYS M 328 -43.34 5.40 26.29
CA CYS M 328 -43.35 5.90 24.93
C CYS M 328 -42.51 7.15 24.75
N PRO M 329 -41.58 7.15 23.80
CA PRO M 329 -40.89 8.40 23.47
C PRO M 329 -41.84 9.37 22.78
N VAL M 330 -41.70 10.65 23.13
CA VAL M 330 -42.49 11.71 22.53
C VAL M 330 -41.53 12.77 22.03
N HIS M 331 -41.82 13.33 20.86
CA HIS M 331 -40.88 14.23 20.22
C HIS M 331 -41.61 15.27 19.39
N SER M 332 -40.94 16.40 19.18
CA SER M 332 -41.40 17.46 18.28
C SER M 332 -40.46 17.51 17.09
N HIS M 333 -41.03 17.33 15.89
CA HIS M 333 -40.23 17.22 14.67
C HIS M 333 -40.02 18.57 13.99
N SER M 334 -40.06 19.66 14.75
CA SER M 334 -39.77 20.99 14.24
C SER M 334 -38.57 21.56 14.99
N THR M 335 -37.69 22.24 14.25
CA THR M 335 -36.55 22.92 14.86
C THR M 335 -36.96 24.17 15.62
N THR M 336 -38.21 24.61 15.47
CA THR M 336 -38.70 25.82 16.12
C THR M 336 -39.33 25.54 17.48
N ALA M 337 -40.10 24.45 17.60
CA ALA M 337 -40.75 24.09 18.85
C ALA M 337 -40.07 22.86 19.45
N VAL M 338 -39.72 22.92 20.73
CA VAL M 338 -39.09 21.81 21.42
C VAL M 338 -39.93 21.45 22.65
N LEU M 339 -40.08 20.16 22.90
CA LEU M 339 -40.88 19.66 24.00
C LEU M 339 -40.06 19.61 25.29
N LYS M 340 -40.76 19.76 26.42
CA LYS M 340 -40.10 19.64 27.71
C LYS M 340 -39.82 18.19 28.08
N GLU M 341 -40.74 17.29 27.73
CA GLU M 341 -40.64 15.89 28.11
C GLU M 341 -40.22 15.05 26.90
N ALA M 342 -39.35 14.07 27.16
CA ALA M 342 -38.91 13.15 26.12
C ALA M 342 -39.67 11.83 26.13
N THR M 343 -40.11 11.37 27.30
CA THR M 343 -40.83 10.11 27.42
C THR M 343 -42.07 10.31 28.27
N THR M 344 -43.12 9.55 27.95
CA THR M 344 -44.37 9.56 28.69
C THR M 344 -44.81 8.13 28.93
N HIS M 345 -45.87 7.96 29.71
CA HIS M 345 -46.47 6.66 29.97
C HIS M 345 -47.83 6.60 29.31
N VAL M 346 -48.04 5.59 28.48
CA VAL M 346 -49.27 5.45 27.69
C VAL M 346 -50.08 4.29 28.24
N THR M 347 -51.37 4.54 28.46
CA THR M 347 -52.33 3.53 28.86
C THR M 347 -53.08 3.05 27.63
N ALA M 348 -54.16 2.29 27.85
CA ALA M 348 -54.99 1.82 26.74
C ALA M 348 -55.66 2.99 26.02
N THR M 349 -56.15 3.97 26.78
CA THR M 349 -56.71 5.17 26.18
C THR M 349 -56.52 6.32 27.15
N GLY M 350 -56.55 7.53 26.63
CA GLY M 350 -56.51 8.66 27.53
C GLY M 350 -55.91 9.87 26.84
N SER M 351 -55.35 10.75 27.66
CA SER M 351 -54.74 11.98 27.18
C SER M 351 -53.54 12.32 28.04
N ILE M 352 -52.46 12.75 27.39
CA ILE M 352 -51.27 13.20 28.08
C ILE M 352 -51.01 14.66 27.70
N THR M 353 -50.62 15.46 28.69
CA THR M 353 -50.31 16.86 28.45
C THR M 353 -48.80 17.04 28.35
N LEU M 354 -48.38 17.94 27.46
CA LEU M 354 -46.98 18.19 27.19
C LEU M 354 -46.77 19.69 27.06
N HIS M 355 -45.60 20.14 27.50
CA HIS M 355 -45.23 21.56 27.46
C HIS M 355 -44.10 21.76 26.48
N PHE M 356 -44.20 22.81 25.67
CA PHE M 356 -43.21 23.07 24.65
C PHE M 356 -42.87 24.55 24.65
N SER M 357 -41.68 24.85 24.14
CA SER M 357 -41.26 26.22 23.90
C SER M 357 -41.04 26.41 22.41
N THR M 358 -41.58 27.49 21.87
CA THR M 358 -41.53 27.77 20.45
C THR M 358 -41.07 29.22 20.23
N SER M 359 -40.60 29.49 19.02
CA SER M 359 -40.23 30.84 18.60
C SER M 359 -41.07 31.31 17.42
N SER M 360 -42.17 30.64 17.13
CA SER M 360 -43.01 30.99 16.01
C SER M 360 -44.39 31.43 16.49
N PRO M 361 -45.00 32.41 15.83
CA PRO M 361 -46.38 32.77 16.16
C PRO M 361 -47.40 31.69 15.89
N GLN M 362 -47.06 30.68 15.08
CA GLN M 362 -47.96 29.58 14.77
C GLN M 362 -47.37 28.28 15.30
N ALA M 363 -48.21 27.48 15.96
CA ALA M 363 -47.80 26.22 16.55
C ALA M 363 -48.04 25.03 15.64
N ASN M 364 -47.98 25.23 14.33
CA ASN M 364 -48.13 24.15 13.35
C ASN M 364 -46.83 23.36 13.34
N PHE M 365 -46.84 22.19 13.98
CA PHE M 365 -45.69 21.30 13.91
C PHE M 365 -46.12 19.87 14.12
N ILE M 366 -45.19 18.95 13.85
CA ILE M 366 -45.44 17.52 13.91
C ILE M 366 -44.94 17.00 15.24
N VAL M 367 -45.81 16.29 15.97
CA VAL M 367 -45.48 15.65 17.23
C VAL M 367 -45.61 14.14 17.04
N SER M 368 -44.64 13.40 17.58
CA SER M 368 -44.57 11.96 17.44
C SER M 368 -44.69 11.30 18.80
N LEU M 369 -45.49 10.24 18.86
CA LEU M 369 -45.70 9.43 20.07
C LEU M 369 -45.62 7.97 19.67
N CYS M 370 -44.60 7.26 20.15
CA CYS M 370 -44.27 5.90 19.73
C CYS M 370 -44.17 5.80 18.21
N GLY M 371 -43.22 6.55 17.67
CA GLY M 371 -43.31 6.85 16.25
C GLY M 371 -44.51 7.76 16.03
N LYS M 372 -45.27 7.47 14.97
CA LYS M 372 -46.50 8.18 14.60
C LYS M 372 -46.27 9.65 14.25
N LYS M 373 -47.24 10.27 13.59
CA LYS M 373 -47.13 11.68 13.22
C LYS M 373 -48.50 12.31 13.40
N THR M 374 -48.60 13.26 14.32
CA THR M 374 -49.77 14.10 14.41
C THR M 374 -49.38 15.55 14.18
N THR M 375 -50.27 16.31 13.57
CA THR M 375 -50.01 17.70 13.26
C THR M 375 -50.82 18.59 14.19
N CYS M 376 -50.16 19.60 14.75
CA CYS M 376 -50.77 20.53 15.67
C CYS M 376 -50.78 21.91 15.04
N ASN M 377 -51.93 22.59 15.17
CA ASN M 377 -52.16 23.91 14.57
C ASN M 377 -52.76 24.82 15.61
N ALA M 378 -52.12 25.95 15.86
CA ALA M 378 -52.71 27.00 16.67
C ALA M 378 -52.02 28.33 16.37
N GLU M 379 -52.68 29.40 16.79
CA GLU M 379 -52.11 30.74 16.79
C GLU M 379 -51.56 31.03 18.17
N CYS M 380 -50.29 31.39 18.25
CA CYS M 380 -49.62 31.59 19.52
C CYS M 380 -49.49 33.07 19.81
N LYS M 381 -49.90 33.48 21.01
CA LYS M 381 -49.90 34.87 21.37
C LYS M 381 -48.49 35.36 21.71
N PRO M 382 -48.20 36.64 21.48
CA PRO M 382 -46.92 37.18 21.91
C PRO M 382 -46.84 37.21 23.43
N PRO M 383 -45.64 37.11 23.99
CA PRO M 383 -45.51 37.10 25.46
C PRO M 383 -45.88 38.43 26.08
N ALA M 384 -46.36 38.35 27.32
CA ALA M 384 -46.65 39.54 28.12
C ALA M 384 -45.46 39.98 28.96
N ASP M 385 -44.69 39.02 29.44
CA ASP M 385 -43.47 39.33 30.17
C ASP M 385 -42.39 39.74 29.19
N HIS M 386 -41.83 40.93 29.38
CA HIS M 386 -40.86 41.46 28.43
C HIS M 386 -39.53 40.73 28.51
N ILE M 387 -39.04 40.48 29.73
CA ILE M 387 -37.70 39.98 29.95
C ILE M 387 -37.77 38.80 30.92
N ILE M 388 -37.05 37.72 30.58
CA ILE M 388 -37.07 36.47 31.34
C ILE M 388 -35.64 36.17 31.76
N GLY M 389 -35.48 35.53 32.92
CA GLY M 389 -34.20 35.19 33.46
C GLY M 389 -33.54 33.93 32.93
N GLU M 390 -34.14 33.27 31.95
CA GLU M 390 -33.55 32.08 31.35
C GLU M 390 -33.49 32.22 29.84
N PRO M 391 -32.49 31.64 29.19
CA PRO M 391 -32.30 31.87 27.76
C PRO M 391 -33.32 31.10 26.92
N HIS M 392 -33.36 31.48 25.64
CA HIS M 392 -34.26 30.84 24.70
C HIS M 392 -33.75 29.45 24.34
N LYS M 393 -34.66 28.47 24.38
CA LYS M 393 -34.28 27.10 24.03
C LYS M 393 -34.10 26.90 22.53
N VAL M 394 -34.71 27.74 21.69
CA VAL M 394 -34.70 27.56 20.25
C VAL M 394 -34.26 28.84 19.58
N ASP M 395 -33.87 28.71 18.31
CA ASP M 395 -33.43 29.83 17.49
C ASP M 395 -34.54 30.21 16.52
N GLN M 396 -34.59 31.51 16.21
CA GLN M 396 -35.60 32.01 15.28
C GLN M 396 -35.28 31.59 13.85
N GLU M 397 -36.34 31.40 13.07
CA GLU M 397 -36.22 31.10 11.64
C GLU M 397 -37.12 32.04 10.87
N PHE M 398 -36.69 32.37 9.64
CA PHE M 398 -37.45 33.33 8.83
C PHE M 398 -38.79 32.75 8.38
N GLN M 399 -38.81 31.46 8.04
CA GLN M 399 -40.06 30.84 7.59
C GLN M 399 -41.05 30.63 8.73
N ALA M 400 -40.58 30.64 9.98
CA ALA M 400 -41.44 30.41 11.13
C ALA M 400 -41.82 31.69 11.87
N ALA M 401 -40.94 32.69 11.90
CA ALA M 401 -41.23 33.92 12.62
C ALA M 401 -42.34 34.73 11.96
N VAL M 402 -42.61 34.49 10.69
CA VAL M 402 -43.70 35.15 9.98
C VAL M 402 -44.96 34.31 10.17
N SER M 403 -46.02 34.93 10.68
CA SER M 403 -47.24 34.21 11.03
C SER M 403 -47.99 33.78 9.78
N LYS M 404 -48.97 32.91 9.98
CA LYS M 404 -49.76 32.42 8.85
C LYS M 404 -50.68 33.50 8.31
N THR M 405 -51.21 34.37 9.17
CA THR M 405 -52.04 35.48 8.70
C THR M 405 -51.22 36.45 7.86
N SER M 406 -50.02 36.78 8.32
CA SER M 406 -49.13 37.64 7.54
C SER M 406 -48.71 36.96 6.25
N TRP M 407 -48.45 35.64 6.30
CA TRP M 407 -48.10 34.92 5.08
C TRP M 407 -49.25 34.96 4.08
N ASN M 408 -50.49 34.80 4.55
CA ASN M 408 -51.65 34.92 3.67
C ASN M 408 -51.75 36.32 3.07
N TRP M 409 -51.47 37.35 3.85
CA TRP M 409 -51.58 38.71 3.31
C TRP M 409 -50.51 38.98 2.25
N LEU M 410 -49.25 38.64 2.54
CA LEU M 410 -48.19 38.84 1.55
C LEU M 410 -48.38 37.97 0.31
N LEU M 411 -48.79 36.71 0.48
CA LEU M 411 -49.02 35.87 -0.69
C LEU M 411 -50.26 36.31 -1.46
N ALA M 412 -51.25 36.89 -0.79
CA ALA M 412 -52.40 37.43 -1.51
C ALA M 412 -52.01 38.63 -2.35
N LEU M 413 -51.19 39.54 -1.80
CA LEU M 413 -50.75 40.70 -2.57
C LEU M 413 -49.83 40.28 -3.72
N PHE M 414 -48.90 39.36 -3.46
CA PHE M 414 -47.99 38.89 -4.51
C PHE M 414 -48.74 38.10 -5.58
N GLY M 415 -49.73 37.29 -5.18
CA GLY M 415 -50.52 36.57 -6.15
C GLY M 415 -51.44 37.46 -6.94
N GLY M 416 -51.90 38.56 -6.34
CA GLY M 416 -52.64 39.56 -7.10
C GLY M 416 -51.77 40.22 -8.16
N ALA M 417 -50.54 40.60 -7.77
CA ALA M 417 -49.61 41.17 -8.74
C ALA M 417 -49.30 40.17 -9.86
N SER M 418 -49.07 38.90 -9.49
CA SER M 418 -48.81 37.87 -10.49
C SER M 418 -50.02 37.62 -11.38
N SER M 419 -51.23 37.71 -10.82
CA SER M 419 -52.43 37.53 -11.63
C SER M 419 -52.61 38.65 -12.63
N LEU M 420 -52.28 39.89 -12.23
CA LEU M 420 -52.26 40.99 -13.20
C LEU M 420 -51.20 40.76 -14.27
N ILE M 421 -50.04 40.21 -13.90
CA ILE M 421 -49.04 39.85 -14.90
C ILE M 421 -49.59 38.82 -15.89
N VAL M 422 -50.24 37.79 -15.37
CA VAL M 422 -50.76 36.71 -16.21
C VAL M 422 -51.86 37.21 -17.14
N VAL M 423 -52.77 38.04 -16.62
CA VAL M 423 -53.84 38.53 -17.49
C VAL M 423 -53.29 39.53 -18.50
N GLY M 424 -52.25 40.28 -18.14
CA GLY M 424 -51.63 41.17 -19.12
C GLY M 424 -50.98 40.40 -20.26
N LEU M 425 -50.24 39.34 -19.94
CA LEU M 425 -49.65 38.53 -20.98
C LEU M 425 -50.70 37.75 -21.78
N ILE M 426 -51.82 37.37 -21.15
CA ILE M 426 -52.87 36.66 -21.86
C ILE M 426 -53.54 37.58 -22.87
N VAL M 427 -53.86 38.81 -22.46
CA VAL M 427 -54.47 39.75 -23.39
C VAL M 427 -53.46 40.20 -24.44
N LEU M 428 -52.17 40.21 -24.11
CA LEU M 428 -51.15 40.48 -25.13
C LEU M 428 -51.08 39.35 -26.15
N VAL M 429 -51.24 38.10 -25.71
CA VAL M 429 -51.28 36.97 -26.64
C VAL M 429 -52.53 37.03 -27.50
N CYS M 430 -53.65 37.48 -26.93
CA CYS M 430 -54.86 37.68 -27.72
C CYS M 430 -54.66 38.77 -28.76
N SER M 431 -53.97 39.85 -28.41
CA SER M 431 -53.60 40.86 -29.39
C SER M 431 -52.67 40.29 -30.44
N SER M 432 -51.77 39.38 -30.05
CA SER M 432 -50.86 38.76 -31.01
C SER M 432 -51.62 37.90 -32.02
N MET M 433 -52.62 37.15 -31.57
CA MET M 433 -53.38 36.35 -32.54
C MET M 433 -54.30 37.24 -33.38
N LEU M 434 -54.76 38.36 -32.83
CA LEU M 434 -55.54 39.30 -33.64
C LEU M 434 -54.67 39.96 -34.72
N ILE M 435 -53.43 40.32 -34.39
CA ILE M 435 -52.54 40.87 -35.42
C ILE M 435 -51.98 39.79 -36.33
N ASN M 436 -52.05 38.52 -35.92
CA ASN M 436 -51.81 37.44 -36.88
C ASN M 436 -52.97 37.33 -37.86
N THR M 437 -54.19 37.55 -37.38
CA THR M 437 -55.35 37.61 -38.26
C THR M 437 -55.26 38.80 -39.22
N ARG M 438 -54.81 39.95 -38.72
CA ARG M 438 -54.60 41.11 -39.58
C ARG M 438 -53.40 40.87 -40.49
N SER N 1 21.04 30.71 55.90
CA SER N 1 21.75 31.92 55.53
C SER N 1 21.08 33.15 56.13
N ILE N 2 19.96 32.94 56.79
CA ILE N 2 19.18 34.00 57.41
C ILE N 2 19.24 33.83 58.93
N THR N 3 19.51 34.92 59.64
CA THR N 3 19.71 34.89 61.08
C THR N 3 18.62 35.69 61.79
N ASP N 4 18.42 35.36 63.06
CA ASP N 4 17.43 36.06 63.88
C ASP N 4 17.91 36.31 65.30
N ASP N 5 19.17 35.98 65.63
CA ASP N 5 19.66 36.17 66.99
C ASP N 5 19.79 37.64 67.35
N PHE N 6 20.19 38.46 66.38
CA PHE N 6 20.25 39.92 66.42
C PHE N 6 21.26 40.47 67.41
N THR N 7 22.15 39.63 67.94
CA THR N 7 23.21 40.14 68.81
C THR N 7 24.30 40.83 68.02
N LEU N 8 24.52 40.41 66.76
CA LEU N 8 25.46 41.04 65.86
C LEU N 8 24.82 42.12 65.00
N THR N 9 23.73 42.73 65.48
CA THR N 9 22.96 43.70 64.74
C THR N 9 22.82 44.97 65.57
N SER N 10 23.05 46.12 64.95
CA SER N 10 23.03 47.39 65.64
C SER N 10 22.22 48.41 64.87
N PRO N 11 21.61 49.38 65.57
CA PRO N 11 20.94 50.50 64.87
C PRO N 11 21.93 51.48 64.28
N TYR N 12 21.43 52.59 63.73
CA TYR N 12 22.29 53.58 63.11
C TYR N 12 21.56 54.92 63.07
N LEU N 13 22.32 55.99 62.87
CA LEU N 13 21.75 57.31 62.66
C LEU N 13 21.55 57.53 61.17
N GLY N 14 20.28 57.66 60.77
CA GLY N 14 19.98 58.01 59.40
C GLY N 14 19.84 59.51 59.22
N PHE N 15 19.53 59.91 57.99
CA PHE N 15 19.37 61.31 57.62
C PHE N 15 17.99 61.47 56.98
N CYS N 16 16.97 61.72 57.81
CA CYS N 16 15.68 61.95 57.17
C CYS N 16 15.32 63.43 57.24
N PRO N 17 14.64 63.95 56.20
CA PRO N 17 14.60 65.40 56.01
C PRO N 17 13.60 66.18 56.84
N TYR N 18 13.04 65.62 57.92
CA TYR N 18 12.09 66.38 58.71
C TYR N 18 12.08 65.85 60.14
N CYS N 19 12.69 66.59 61.06
CA CYS N 19 12.44 66.43 62.49
C CYS N 19 11.47 67.50 62.97
N ARG N 20 11.34 67.62 64.30
CA ARG N 20 10.38 68.57 64.87
C ARG N 20 10.74 70.01 64.54
N HIS N 21 12.02 70.30 64.36
CA HIS N 21 12.46 71.64 63.99
C HIS N 21 12.37 71.92 62.49
N SER N 22 11.81 70.98 61.72
CA SER N 22 11.43 71.16 60.31
C SER N 22 12.63 71.55 59.44
N ALA N 23 13.59 70.63 59.36
CA ALA N 23 14.80 70.83 58.58
C ALA N 23 15.44 69.49 58.30
N PRO N 24 16.36 69.42 57.34
CA PRO N 24 17.24 68.24 57.25
C PRO N 24 17.99 68.05 58.56
N CYS N 25 18.19 66.78 58.92
CA CYS N 25 18.30 66.44 60.34
C CYS N 25 18.83 65.03 60.50
N PHE N 26 19.71 64.85 61.48
CA PHE N 26 20.13 63.54 61.92
C PHE N 26 19.27 63.11 63.11
N SER N 27 18.69 61.92 63.02
CA SER N 27 17.80 61.41 64.04
C SER N 27 18.10 59.94 64.28
N PRO N 28 17.96 59.47 65.53
CA PRO N 28 18.16 58.05 65.81
C PRO N 28 17.15 57.15 65.14
N ILE N 29 15.97 57.68 64.80
CA ILE N 29 14.93 56.93 64.11
C ILE N 29 14.76 57.55 62.72
N LYS N 30 14.89 56.70 61.69
CA LYS N 30 14.88 57.16 60.30
C LYS N 30 14.13 56.14 59.48
N ILE N 31 13.11 56.61 58.76
CA ILE N 31 12.27 55.74 57.95
C ILE N 31 12.96 55.49 56.62
N GLU N 32 13.27 54.23 56.34
CA GLU N 32 13.86 53.87 55.06
C GLU N 32 12.79 53.60 54.01
N ASN N 33 11.87 52.68 54.31
CA ASN N 33 10.81 52.33 53.38
C ASN N 33 9.50 52.21 54.13
N VAL N 34 8.41 52.58 53.45
CA VAL N 34 7.05 52.36 53.92
C VAL N 34 6.34 51.51 52.88
N TRP N 35 5.81 50.37 53.31
CA TRP N 35 5.07 49.47 52.45
C TRP N 35 3.60 49.54 52.80
N ASP N 36 2.76 49.85 51.81
CA ASP N 36 1.31 49.85 51.97
C ASP N 36 0.66 49.02 50.85
N GLU N 37 0.62 47.71 51.07
CA GLU N 37 -0.01 46.78 50.15
C GLU N 37 -1.03 45.89 50.85
N SER N 38 -1.25 46.11 52.14
CA SER N 38 -2.28 45.38 52.87
C SER N 38 -3.65 45.97 52.59
N ASP N 39 -4.66 45.12 52.69
CA ASP N 39 -6.03 45.52 52.40
C ASP N 39 -6.77 46.00 53.64
N ASP N 40 -6.14 46.00 54.80
CA ASP N 40 -6.74 46.45 56.05
C ASP N 40 -6.21 47.80 56.52
N GLY N 41 -5.44 48.50 55.68
CA GLY N 41 -4.91 49.79 56.06
C GLY N 41 -3.64 49.75 56.90
N SER N 42 -3.02 48.59 57.04
CA SER N 42 -1.82 48.47 57.85
C SER N 42 -0.58 48.69 56.99
N ILE N 43 0.41 49.37 57.57
CA ILE N 43 1.65 49.72 56.88
C ILE N 43 2.82 49.16 57.67
N ARG N 44 3.83 48.70 56.94
CA ARG N 44 5.07 48.17 57.51
C ARG N 44 6.16 49.20 57.30
N ILE N 45 6.65 49.79 58.39
CA ILE N 45 7.62 50.87 58.37
C ILE N 45 8.97 50.31 58.78
N GLN N 46 10.00 50.63 58.00
CA GLN N 46 11.37 50.28 58.35
C GLN N 46 12.03 51.50 58.99
N VAL N 47 12.50 51.33 60.22
CA VAL N 47 13.06 52.42 61.02
C VAL N 47 14.45 52.00 61.48
N SER N 48 15.40 52.95 61.46
CA SER N 48 16.78 52.69 61.82
C SER N 48 16.94 52.13 63.22
N ALA N 49 16.03 52.46 64.13
CA ALA N 49 16.09 51.94 65.48
C ALA N 49 15.52 50.53 65.54
N GLN N 50 16.26 49.62 66.17
CA GLN N 50 15.76 48.27 66.39
C GLN N 50 14.67 48.29 67.45
N PHE N 51 13.63 47.49 67.22
CA PHE N 51 12.44 47.51 68.07
C PHE N 51 12.25 46.14 68.69
N GLY N 52 12.03 46.10 70.00
CA GLY N 52 11.78 44.86 70.70
C GLY N 52 12.99 44.18 71.28
N TYR N 53 14.13 44.87 71.39
CA TYR N 53 15.34 44.30 71.93
C TYR N 53 15.99 45.28 72.90
N ASN N 54 16.72 44.73 73.88
CA ASN N 54 17.38 45.53 74.90
C ASN N 54 18.77 45.93 74.41
N GLN N 55 19.55 46.57 75.30
CA GLN N 55 20.86 47.11 74.91
C GLN N 55 21.82 46.02 74.48
N ALA N 56 21.82 44.88 75.18
CA ALA N 56 22.69 43.78 74.83
C ALA N 56 22.32 43.13 73.51
N GLY N 57 21.06 43.22 73.09
CA GLY N 57 20.61 42.66 71.84
C GLY N 57 19.72 41.44 71.97
N THR N 58 19.38 41.03 73.18
CA THR N 58 18.48 39.90 73.37
C THR N 58 17.03 40.34 73.16
N ALA N 59 16.17 39.35 72.94
CA ALA N 59 14.75 39.63 72.69
C ALA N 59 14.08 40.09 73.98
N ASP N 60 13.70 41.36 74.02
CA ASP N 60 13.04 41.93 75.19
C ASP N 60 12.00 42.93 74.69
N VAL N 61 10.73 42.51 74.70
CA VAL N 61 9.64 43.32 74.19
C VAL N 61 9.46 44.55 75.08
N THR N 62 8.92 45.63 74.50
CA THR N 62 8.70 46.95 75.10
C THR N 62 10.00 47.66 75.45
N LYS N 63 11.11 47.26 74.83
CA LYS N 63 12.37 47.99 74.92
C LYS N 63 13.00 48.03 73.54
N PHE N 64 13.51 49.19 73.15
CA PHE N 64 14.05 49.40 71.81
C PHE N 64 15.40 50.10 71.88
N ARG N 65 16.15 49.98 70.78
CA ARG N 65 17.57 50.29 70.70
C ARG N 65 17.79 51.50 69.79
N TYR N 66 18.71 52.37 70.17
CA TYR N 66 19.12 53.46 69.29
C TYR N 66 20.52 53.93 69.66
N MET N 67 21.28 54.33 68.64
CA MET N 67 22.69 54.68 68.83
C MET N 67 22.89 56.02 69.52
N SER N 68 21.88 56.90 69.50
CA SER N 68 21.90 58.20 70.18
C SER N 68 22.99 59.13 69.68
N TYR N 69 23.17 60.26 70.37
CA TYR N 69 23.93 61.39 69.85
C TYR N 69 25.32 61.56 70.45
N ASP N 70 25.64 60.86 71.53
CA ASP N 70 26.92 61.07 72.20
C ASP N 70 28.07 60.56 71.34
N HIS N 71 29.23 61.19 71.53
CA HIS N 71 30.39 60.88 70.68
C HIS N 71 30.95 59.51 70.98
N ASP N 72 30.97 59.11 72.25
CA ASP N 72 31.25 57.72 72.63
C ASP N 72 29.98 56.88 72.38
N HIS N 73 29.74 56.64 71.08
CA HIS N 73 28.45 56.17 70.59
C HIS N 73 28.15 54.77 71.09
N ASP N 74 27.25 54.70 72.06
CA ASP N 74 26.76 53.43 72.59
C ASP N 74 25.29 53.25 72.24
N ILE N 75 24.86 51.99 72.23
CA ILE N 75 23.51 51.63 71.81
C ILE N 75 22.62 51.73 73.05
N LYS N 76 22.05 52.91 73.25
CA LYS N 76 21.11 53.13 74.34
C LYS N 76 19.80 52.38 74.08
N GLU N 77 19.05 52.19 75.16
CA GLU N 77 17.76 51.52 75.12
C GLU N 77 16.72 52.38 75.83
N ASP N 78 15.46 52.19 75.43
CA ASP N 78 14.37 52.95 76.01
C ASP N 78 13.08 52.16 75.88
N SER N 79 12.08 52.56 76.66
CA SER N 79 10.79 51.87 76.63
C SER N 79 10.06 52.15 75.31
N MET N 80 9.21 51.20 74.91
CA MET N 80 8.46 51.34 73.68
C MET N 80 7.04 51.85 73.89
N GLU N 81 6.73 52.35 75.08
CA GLU N 81 5.54 53.16 75.25
C GLU N 81 5.77 54.59 74.80
N LYS N 82 7.00 54.93 74.43
CA LYS N 82 7.37 56.26 73.99
C LYS N 82 7.35 56.41 72.47
N ILE N 83 7.22 55.31 71.73
CA ILE N 83 7.22 55.33 70.28
C ILE N 83 5.80 55.60 69.79
N ALA N 84 5.68 56.34 68.68
CA ALA N 84 4.38 56.70 68.15
C ALA N 84 4.46 56.82 66.64
N ILE N 85 3.32 56.59 65.98
CA ILE N 85 3.21 56.65 64.53
C ILE N 85 2.01 57.55 64.21
N SER N 86 2.17 58.42 63.21
CA SER N 86 1.12 59.35 62.84
C SER N 86 1.19 59.69 61.37
N THR N 87 0.07 59.52 60.66
CA THR N 87 -0.06 60.02 59.29
C THR N 87 -0.79 61.35 59.25
N SER N 88 -2.03 61.37 59.68
CA SER N 88 -2.79 62.59 59.92
C SER N 88 -3.28 62.66 61.36
N GLY N 89 -3.71 61.54 61.92
CA GLY N 89 -3.95 61.43 63.34
C GLY N 89 -3.06 60.34 63.90
N PRO N 90 -3.31 59.91 65.13
CA PRO N 90 -2.51 58.84 65.71
C PRO N 90 -2.75 57.50 65.02
N CYS N 91 -1.72 56.67 65.02
CA CYS N 91 -1.79 55.32 64.48
C CYS N 91 -1.71 54.32 65.62
N ARG N 92 -2.49 53.26 65.53
CA ARG N 92 -2.36 52.17 66.47
C ARG N 92 -1.20 51.28 66.03
N ARG N 93 -0.33 50.93 66.97
CA ARG N 93 0.80 50.06 66.68
C ARG N 93 0.38 48.61 66.85
N LEU N 94 0.71 47.77 65.88
CA LEU N 94 0.31 46.38 65.88
C LEU N 94 1.45 45.39 66.00
N GLY N 95 2.66 45.76 65.60
CA GLY N 95 3.78 44.84 65.73
C GLY N 95 5.10 45.54 65.61
N HIS N 96 6.16 44.86 66.06
CA HIS N 96 7.50 45.39 66.01
C HIS N 96 8.51 44.25 66.05
N LYS N 97 9.50 44.30 65.16
CA LYS N 97 10.60 43.34 65.16
C LYS N 97 11.75 43.91 64.35
N GLY N 98 12.89 44.15 65.02
CA GLY N 98 14.08 44.62 64.32
C GLY N 98 13.91 46.03 63.80
N TYR N 99 14.40 46.26 62.58
CA TYR N 99 14.19 47.54 61.91
C TYR N 99 12.84 47.57 61.21
N PHE N 100 11.77 47.19 61.90
CA PHE N 100 10.47 47.05 61.27
C PHE N 100 9.39 47.21 62.32
N LEU N 101 8.26 47.80 61.92
CA LEU N 101 7.11 47.92 62.81
C LEU N 101 5.86 48.09 61.97
N LEU N 102 4.80 47.40 62.37
CA LEU N 102 3.54 47.38 61.64
C LEU N 102 2.52 48.20 62.42
N ALA N 103 1.84 49.11 61.73
CA ALA N 103 0.86 49.98 62.36
C ALA N 103 -0.30 50.24 61.42
N GLN N 104 -1.50 50.39 61.98
CA GLN N 104 -2.69 50.70 61.19
C GLN N 104 -2.98 52.18 61.29
N CYS N 105 -3.14 52.83 60.14
CA CYS N 105 -3.15 54.29 60.07
C CYS N 105 -4.31 54.84 59.25
N PRO N 106 -4.77 56.03 59.58
CA PRO N 106 -5.71 56.75 58.72
C PRO N 106 -5.02 57.19 57.44
N PRO N 107 -5.80 57.51 56.40
CA PRO N 107 -5.18 58.05 55.18
C PRO N 107 -4.52 59.40 55.42
N GLY N 108 -3.45 59.64 54.71
CA GLY N 108 -2.70 60.89 54.84
C GLY N 108 -1.60 60.96 53.82
N ASP N 109 -0.93 62.11 53.80
CA ASP N 109 0.12 62.38 52.83
C ASP N 109 1.52 62.15 53.41
N SER N 110 1.63 61.73 54.66
CA SER N 110 2.93 61.60 55.31
C SER N 110 2.88 60.44 56.29
N VAL N 111 4.06 60.00 56.72
CA VAL N 111 4.20 58.97 57.74
C VAL N 111 5.26 59.44 58.72
N THR N 112 4.91 59.52 59.99
CA THR N 112 5.78 60.06 61.03
C THR N 112 5.98 59.02 62.12
N VAL N 113 7.23 58.70 62.41
CA VAL N 113 7.61 57.88 63.55
C VAL N 113 8.30 58.81 64.55
N SER N 114 7.84 58.80 65.79
CA SER N 114 8.32 59.78 66.77
C SER N 114 8.57 59.12 68.11
N ILE N 115 9.45 59.72 68.90
CA ILE N 115 9.68 59.36 70.29
C ILE N 115 9.05 60.43 71.15
N THR N 116 8.10 60.04 71.99
CA THR N 116 7.34 60.99 72.79
C THR N 116 8.07 61.29 74.09
N SER N 117 8.35 62.56 74.33
CA SER N 117 9.00 63.07 75.55
C SER N 117 10.36 62.43 75.79
N GLY N 118 10.84 62.51 77.03
CA GLY N 118 12.11 61.91 77.37
C GLY N 118 13.29 62.73 76.91
N ALA N 119 14.44 62.05 76.80
CA ALA N 119 15.68 62.73 76.45
C ALA N 119 15.76 63.02 74.96
N SER N 120 15.51 62.01 74.13
CA SER N 120 15.58 62.16 72.68
C SER N 120 14.53 63.14 72.17
N GLU N 121 13.25 62.74 72.26
CA GLU N 121 12.10 63.53 71.83
C GLU N 121 12.30 64.02 70.39
N ASN N 122 12.30 63.04 69.48
CA ASN N 122 12.58 63.30 68.08
C ASN N 122 11.50 62.67 67.22
N SER N 123 11.34 63.22 66.02
CA SER N 123 10.37 62.73 65.05
C SER N 123 11.03 62.64 63.68
N CYS N 124 10.45 61.79 62.84
CA CYS N 124 10.93 61.59 61.48
C CYS N 124 9.74 61.33 60.57
N THR N 125 9.62 62.14 59.52
CA THR N 125 8.47 62.09 58.63
C THR N 125 8.94 61.88 57.20
N VAL N 126 8.37 60.88 56.53
CA VAL N 126 8.57 60.67 55.12
C VAL N 126 7.27 60.96 54.39
N GLU N 127 7.39 61.24 53.10
CA GLU N 127 6.23 61.55 52.25
C GLU N 127 5.79 60.28 51.57
N LYS N 128 4.79 59.61 52.15
CA LYS N 128 4.17 58.44 51.55
C LYS N 128 2.68 58.69 51.40
N LYS N 129 2.15 58.41 50.21
CA LYS N 129 0.74 58.63 49.94
C LYS N 129 -0.04 57.43 50.44
N ILE N 130 -0.55 57.53 51.66
CA ILE N 130 -1.37 56.48 52.27
C ILE N 130 -2.81 56.77 51.88
N ARG N 131 -3.32 56.01 50.92
CA ARG N 131 -4.69 56.18 50.44
C ARG N 131 -5.56 55.06 51.00
N ARG N 132 -6.80 55.39 51.31
CA ARG N 132 -7.73 54.39 51.85
C ARG N 132 -8.02 53.32 50.82
N LYS N 133 -7.87 52.07 51.23
CA LYS N 133 -7.99 50.92 50.34
C LYS N 133 -9.27 50.16 50.66
N PHE N 134 -10.03 49.82 49.63
CA PHE N 134 -11.23 49.02 49.76
C PHE N 134 -11.05 47.73 48.99
N VAL N 135 -11.67 46.67 49.48
CA VAL N 135 -11.64 45.37 48.83
C VAL N 135 -12.94 45.21 48.07
N GLY N 136 -12.86 44.66 46.86
CA GLY N 136 -14.05 44.36 46.11
C GLY N 136 -14.52 45.49 45.23
N ARG N 137 -15.82 45.70 45.18
CA ARG N 137 -16.44 46.59 44.20
C ARG N 137 -17.46 47.51 44.84
N GLU N 138 -17.22 47.95 46.07
CA GLU N 138 -18.11 48.92 46.69
C GLU N 138 -17.32 49.66 47.76
N GLU N 139 -17.29 50.98 47.67
CA GLU N 139 -16.56 51.81 48.63
C GLU N 139 -17.11 51.66 50.04
N TYR N 140 -16.23 51.51 51.02
CA TYR N 140 -16.67 51.49 52.40
C TYR N 140 -15.67 52.24 53.27
N LEU N 141 -16.17 52.79 54.36
CA LEU N 141 -15.33 53.46 55.35
C LEU N 141 -14.81 52.46 56.39
N PHE N 142 -15.71 51.67 56.97
CA PHE N 142 -15.38 50.53 57.79
C PHE N 142 -16.04 49.29 57.20
N PRO N 143 -15.41 48.12 57.35
CA PRO N 143 -16.07 46.89 56.91
C PRO N 143 -17.30 46.61 57.75
N PRO N 144 -18.34 46.01 57.15
CA PRO N 144 -19.59 45.80 57.88
C PRO N 144 -19.50 44.54 58.74
N VAL N 145 -20.54 44.34 59.55
CA VAL N 145 -20.64 43.12 60.34
C VAL N 145 -20.93 41.93 59.44
N GLN N 146 -21.84 42.10 58.48
CA GLN N 146 -22.21 41.04 57.54
C GLN N 146 -21.96 41.52 56.12
N GLY N 147 -21.32 40.68 55.33
CA GLY N 147 -20.97 41.03 53.95
C GLY N 147 -20.92 39.82 53.06
N LYS N 148 -19.87 39.72 52.25
CA LYS N 148 -19.71 38.62 51.33
C LYS N 148 -18.55 37.70 51.67
N LEU N 149 -17.56 38.19 52.44
CA LEU N 149 -16.40 37.42 52.87
C LEU N 149 -15.58 36.93 51.67
N VAL N 150 -14.97 37.89 50.98
CA VAL N 150 -14.13 37.58 49.84
C VAL N 150 -12.66 37.55 50.27
N LYS N 151 -11.82 37.05 49.38
CA LYS N 151 -10.40 36.87 49.66
C LYS N 151 -9.66 38.19 49.53
N CYS N 152 -8.91 38.56 50.57
CA CYS N 152 -8.06 39.73 50.54
C CYS N 152 -6.75 39.40 51.23
N HIS N 153 -5.67 40.05 50.81
CA HIS N 153 -4.35 39.80 51.38
C HIS N 153 -4.01 40.89 52.38
N VAL N 154 -3.68 40.48 53.60
CA VAL N 154 -3.37 41.42 54.67
C VAL N 154 -2.04 41.08 55.30
N TYR N 155 -1.43 42.07 55.94
CA TYR N 155 -0.18 41.86 56.66
C TYR N 155 -0.43 41.02 57.90
N ASP N 156 0.43 40.02 58.12
CA ASP N 156 0.33 39.18 59.30
C ASP N 156 0.84 39.92 60.52
N ARG N 157 0.03 39.91 61.59
CA ARG N 157 0.42 40.58 62.83
C ARG N 157 1.52 39.83 63.56
N LEU N 158 1.65 38.52 63.33
CA LEU N 158 2.68 37.73 63.97
C LEU N 158 4.04 38.02 63.34
N LYS N 159 5.04 38.20 64.18
CA LYS N 159 6.38 38.54 63.72
C LYS N 159 7.19 37.32 63.30
N GLU N 160 6.64 36.11 63.44
CA GLU N 160 7.36 34.91 63.02
C GLU N 160 7.41 34.78 61.51
N THR N 161 6.43 35.34 60.81
CA THR N 161 6.37 35.22 59.36
C THR N 161 7.45 36.08 58.72
N SER N 162 7.84 35.69 57.50
CA SER N 162 8.90 36.35 56.75
C SER N 162 8.41 36.72 55.37
N ALA N 163 8.57 37.99 55.01
CA ALA N 163 8.17 38.50 53.70
C ALA N 163 9.39 38.80 52.83
N GLY N 164 10.48 38.08 53.06
CA GLY N 164 11.71 38.35 52.35
C GLY N 164 12.86 38.61 53.29
N TYR N 165 13.93 39.22 52.79
CA TYR N 165 15.13 39.46 53.59
C TYR N 165 15.73 40.81 53.23
N ILE N 166 16.49 41.35 54.17
CA ILE N 166 17.34 42.50 53.95
C ILE N 166 18.78 42.09 54.21
N THR N 167 19.69 42.58 53.36
CA THR N 167 21.11 42.32 53.49
C THR N 167 21.73 43.30 54.46
N MET N 168 22.67 42.81 55.27
CA MET N 168 23.28 43.60 56.33
C MET N 168 24.78 43.45 56.24
N HIS N 169 25.50 44.57 56.28
CA HIS N 169 26.93 44.58 56.02
C HIS N 169 27.67 45.20 57.18
N ARG N 170 29.00 45.05 57.15
CA ARG N 170 29.85 45.55 58.21
C ARG N 170 29.85 47.08 58.21
N PRO N 171 29.87 47.71 59.39
CA PRO N 171 29.87 49.17 59.45
C PRO N 171 31.21 49.74 59.04
N GLY N 172 31.16 50.92 58.43
CA GLY N 172 32.35 51.63 58.04
C GLY N 172 32.81 52.59 59.12
N PRO N 173 33.77 53.45 58.78
CA PRO N 173 34.22 54.46 59.74
C PRO N 173 33.16 55.52 59.98
N HIS N 174 33.26 56.18 61.13
CA HIS N 174 32.33 57.24 61.49
C HIS N 174 32.99 58.61 61.61
N ALA N 175 34.26 58.67 62.05
CA ALA N 175 35.10 59.86 62.00
C ALA N 175 34.50 61.04 62.78
N TYR N 176 34.40 60.83 64.09
CA TYR N 176 33.91 61.89 64.97
C TYR N 176 34.91 63.03 65.08
N LYS N 177 34.37 64.24 65.23
CA LYS N 177 35.17 65.45 65.33
C LYS N 177 35.70 65.69 66.74
N SER N 178 34.99 65.21 67.76
CA SER N 178 35.40 65.41 69.14
C SER N 178 36.66 64.63 69.50
N TYR N 179 37.11 63.71 68.66
CA TYR N 179 38.37 63.02 68.88
C TYR N 179 39.57 63.90 68.61
N LEU N 180 39.37 65.09 68.05
CA LEU N 180 40.44 65.97 67.63
C LEU N 180 40.54 67.16 68.58
N LYS N 181 41.75 67.65 68.79
CA LYS N 181 41.99 68.80 69.67
C LYS N 181 43.07 69.66 69.03
N GLU N 182 42.69 70.84 68.58
CA GLU N 182 43.60 71.74 67.86
C GLU N 182 43.94 72.92 68.76
N ALA N 183 45.23 73.17 68.96
CA ALA N 183 45.70 74.29 69.75
C ALA N 183 47.14 74.60 69.37
N SER N 184 47.46 75.90 69.31
CA SER N 184 48.80 76.41 69.06
C SER N 184 49.39 75.88 67.75
N GLY N 185 48.54 75.68 66.75
CA GLY N 185 49.01 75.16 65.48
C GLY N 185 49.35 73.69 65.48
N GLU N 186 48.87 72.93 66.47
CA GLU N 186 49.09 71.50 66.53
C GLU N 186 47.77 70.80 66.82
N VAL N 187 47.52 69.70 66.10
CA VAL N 187 46.29 68.92 66.26
C VAL N 187 46.64 67.57 66.86
N TYR N 188 45.83 67.16 67.85
CA TYR N 188 46.09 65.99 68.69
C TYR N 188 44.87 65.08 68.64
N ILE N 189 45.10 63.79 68.84
CA ILE N 189 44.03 62.81 68.94
C ILE N 189 43.63 62.67 70.40
N LYS N 190 42.32 62.68 70.66
CA LYS N 190 41.77 62.54 72.01
C LYS N 190 40.75 61.41 72.03
N PRO N 191 41.22 60.16 72.15
CA PRO N 191 40.29 59.04 72.24
C PRO N 191 39.50 59.09 73.53
N PRO N 192 38.24 58.64 73.51
CA PRO N 192 37.44 58.66 74.74
C PRO N 192 37.57 57.40 75.57
N SER N 193 37.88 57.56 76.86
CA SER N 193 37.92 56.47 77.84
C SER N 193 38.91 55.37 77.45
N GLY N 194 39.99 55.74 76.76
CA GLY N 194 41.02 54.77 76.41
C GLY N 194 40.65 53.77 75.35
N LYS N 195 39.58 54.00 74.60
CA LYS N 195 39.19 53.09 73.54
C LYS N 195 40.14 53.21 72.35
N ASN N 196 40.21 52.14 71.55
CA ASN N 196 41.11 52.05 70.43
C ASN N 196 40.58 52.95 69.31
N VAL N 197 41.42 53.86 68.80
CA VAL N 197 40.99 54.81 67.77
C VAL N 197 41.96 54.74 66.60
N THR N 198 41.43 54.49 65.41
CA THR N 198 42.23 54.47 64.19
C THR N 198 42.24 55.86 63.55
N TYR N 199 43.43 56.35 63.25
CA TYR N 199 43.58 57.64 62.58
C TYR N 199 44.32 57.45 61.26
N GLU N 200 43.84 58.17 60.24
CA GLU N 200 44.51 58.28 58.95
C GLU N 200 44.70 59.76 58.67
N CYS N 201 45.89 60.14 58.23
CA CYS N 201 46.21 61.56 58.19
C CYS N 201 47.14 61.87 57.03
N LYS N 202 47.05 63.11 56.53
CA LYS N 202 47.72 63.52 55.29
C LYS N 202 48.37 64.90 55.53
N CYS N 203 49.21 65.00 56.55
CA CYS N 203 50.08 66.18 56.66
C CYS N 203 50.96 66.30 55.43
N GLY N 204 51.80 65.31 55.18
CA GLY N 204 52.60 65.27 53.96
C GLY N 204 52.57 63.90 53.32
N ASP N 205 52.08 62.91 54.06
CA ASP N 205 52.02 61.54 53.57
C ASP N 205 50.92 60.83 54.31
N TYR N 206 50.47 59.71 53.75
CA TYR N 206 49.34 58.94 54.29
C TYR N 206 49.82 58.15 55.49
N SER N 207 49.65 58.71 56.69
CA SER N 207 50.05 58.06 57.92
C SER N 207 48.83 57.45 58.59
N THR N 208 48.87 56.14 58.83
CA THR N 208 47.75 55.40 59.38
C THR N 208 48.21 54.66 60.63
N GLY N 209 47.43 54.75 61.70
CA GLY N 209 47.78 54.03 62.90
C GLY N 209 46.59 53.82 63.82
N ILE N 210 46.84 53.02 64.86
CA ILE N 210 45.86 52.75 65.91
C ILE N 210 46.43 53.29 67.21
N VAL N 211 45.76 54.27 67.79
CA VAL N 211 46.23 55.01 68.95
C VAL N 211 45.14 54.96 70.01
N SER N 212 45.55 54.76 71.27
CA SER N 212 44.66 54.81 72.42
C SER N 212 45.06 55.91 73.40
N THR N 213 45.88 56.86 72.97
CA THR N 213 46.37 57.94 73.83
C THR N 213 46.38 59.24 73.04
N GLN N 214 47.06 60.24 73.57
CA GLN N 214 47.12 61.56 72.95
C GLN N 214 48.46 61.73 72.26
N THR N 215 48.43 61.88 70.94
CA THR N 215 49.65 61.96 70.14
C THR N 215 49.64 63.21 69.25
N LYS N 216 50.84 63.60 68.84
CA LYS N 216 51.02 64.71 67.92
C LYS N 216 50.89 64.25 66.47
N MET N 217 50.42 65.16 65.62
CA MET N 217 50.38 64.93 64.18
C MET N 217 51.58 65.62 63.55
N ASN N 218 52.38 64.84 62.81
CA ASN N 218 53.66 65.32 62.31
C ASN N 218 53.45 66.10 61.02
N GLY N 219 53.20 67.41 61.17
CA GLY N 219 53.14 68.30 60.03
C GLY N 219 51.79 68.97 59.79
N CYS N 220 50.78 68.65 60.57
CA CYS N 220 49.46 69.25 60.42
C CYS N 220 49.23 70.34 61.47
N THR N 221 48.55 71.40 61.04
CA THR N 221 48.23 72.53 61.91
C THR N 221 46.74 72.61 62.21
N LYS N 222 45.89 72.60 61.18
CA LYS N 222 44.46 72.70 61.38
C LYS N 222 43.87 71.33 61.72
N ALA N 223 42.78 71.36 62.49
CA ALA N 223 42.07 70.11 62.82
C ALA N 223 41.34 69.56 61.61
N ARG N 224 41.01 70.40 60.65
CA ARG N 224 40.35 69.97 59.42
C ARG N 224 41.28 69.12 58.55
N GLN N 225 42.58 69.16 58.80
CA GLN N 225 43.55 68.49 57.94
C GLN N 225 43.38 66.97 57.97
N CYS N 226 43.07 66.40 59.13
CA CYS N 226 42.90 64.95 59.19
C CYS N 226 42.07 64.55 60.41
N ILE N 227 41.68 63.27 60.42
CA ILE N 227 40.57 62.76 61.23
C ILE N 227 41.01 61.66 62.17
N ALA N 228 40.05 61.09 62.88
CA ALA N 228 40.24 59.92 63.73
C ALA N 228 38.89 59.24 63.95
N TYR N 229 38.91 57.91 64.04
CA TYR N 229 37.69 57.16 64.30
C TYR N 229 38.03 55.87 65.05
N LYS N 230 37.02 55.28 65.68
CA LYS N 230 37.21 54.05 66.42
C LYS N 230 36.92 52.84 65.52
N LEU N 231 37.38 51.67 65.97
CA LEU N 231 37.31 50.45 65.17
C LEU N 231 36.77 49.30 65.98
N ASP N 232 36.84 48.08 65.43
CA ASP N 232 36.44 46.83 66.08
C ASP N 232 34.94 46.85 66.43
N GLN N 233 34.12 47.18 65.44
CA GLN N 233 32.66 47.16 65.57
C GLN N 233 32.16 45.99 64.73
N THR N 234 32.04 44.83 65.37
CA THR N 234 31.54 43.63 64.71
C THR N 234 30.02 43.49 64.88
N LYS N 235 29.30 44.55 64.54
CA LYS N 235 27.84 44.57 64.58
C LYS N 235 27.32 44.94 63.20
N TRP N 236 26.60 44.03 62.57
CA TRP N 236 26.13 44.25 61.21
C TRP N 236 25.11 45.38 61.16
N VAL N 237 25.21 46.21 60.11
CA VAL N 237 24.40 47.41 59.94
C VAL N 237 23.76 47.36 58.56
N PHE N 238 22.52 47.81 58.46
CA PHE N 238 21.79 47.86 57.20
C PHE N 238 22.45 48.83 56.23
N ASN N 239 22.43 48.47 54.95
CA ASN N 239 23.10 49.25 53.90
C ASN N 239 22.30 50.50 53.52
N SER N 240 22.08 51.36 54.52
CA SER N 240 21.41 52.62 54.31
C SER N 240 22.28 53.56 53.48
N PRO N 241 21.67 54.40 52.64
CA PRO N 241 22.45 55.37 51.86
C PRO N 241 22.95 56.55 52.69
N ASP N 242 22.71 56.58 54.00
CA ASP N 242 23.16 57.66 54.86
C ASP N 242 24.37 57.26 55.71
N LEU N 243 25.00 56.12 55.40
CA LEU N 243 26.17 55.65 56.12
C LEU N 243 27.30 55.38 55.14
N ILE N 244 28.52 55.73 55.53
CA ILE N 244 29.66 55.54 54.64
C ILE N 244 30.03 54.07 54.59
N ARG N 245 30.20 53.54 53.38
CA ARG N 245 30.46 52.13 53.18
C ARG N 245 31.85 51.73 53.68
N HIS N 246 31.94 50.52 54.24
CA HIS N 246 33.22 49.92 54.55
C HIS N 246 33.93 49.52 53.26
N THR N 247 35.23 49.22 53.38
CA THR N 247 35.98 48.72 52.24
C THR N 247 35.44 47.36 51.79
N ASP N 248 35.13 46.48 52.74
CA ASP N 248 34.54 45.18 52.46
C ASP N 248 33.02 45.31 52.60
N HIS N 249 32.31 45.16 51.48
CA HIS N 249 30.86 45.28 51.49
C HIS N 249 30.25 43.97 50.98
N SER N 250 30.75 42.85 51.49
CA SER N 250 30.09 41.59 51.26
C SER N 250 28.89 41.46 52.20
N VAL N 251 27.97 40.58 51.83
CA VAL N 251 26.75 40.38 52.62
C VAL N 251 27.12 39.62 53.88
N GLN N 252 27.31 40.34 54.98
CA GLN N 252 27.69 39.69 56.24
C GLN N 252 26.53 38.92 56.85
N GLY N 253 25.33 39.47 56.77
CA GLY N 253 24.17 38.82 57.35
C GLY N 253 22.92 39.07 56.54
N LYS N 254 21.91 38.26 56.82
CA LYS N 254 20.61 38.37 56.17
C LYS N 254 19.54 38.31 57.26
N LEU N 255 18.73 39.36 57.33
CA LEU N 255 17.72 39.47 58.38
C LEU N 255 16.33 39.51 57.77
N HIS N 256 15.41 38.80 58.43
CA HIS N 256 14.07 38.59 57.90
C HIS N 256 13.28 39.89 57.81
N ILE N 257 12.43 39.97 56.80
CA ILE N 257 11.42 41.02 56.70
C ILE N 257 10.12 40.43 57.25
N PRO N 258 9.66 40.86 58.41
CA PRO N 258 8.47 40.25 59.02
C PRO N 258 7.20 40.72 58.33
N PHE N 259 6.06 40.27 58.88
CA PHE N 259 4.73 40.69 58.49
C PHE N 259 4.45 40.38 57.01
N ARG N 260 4.42 39.08 56.73
CA ARG N 260 4.15 38.60 55.38
C ARG N 260 2.70 38.84 54.99
N LEU N 261 2.47 39.19 53.71
CA LEU N 261 1.13 39.17 53.16
C LEU N 261 0.57 37.76 53.18
N THR N 262 -0.52 37.59 53.91
CA THR N 262 -1.25 36.34 53.93
C THR N 262 -2.63 36.54 53.34
N PRO N 263 -3.09 35.64 52.48
CA PRO N 263 -4.47 35.72 51.97
C PRO N 263 -5.45 35.21 53.01
N THR N 264 -6.22 36.14 53.57
CA THR N 264 -7.30 35.83 54.51
C THR N 264 -8.64 36.13 53.86
N VAL N 265 -9.70 35.94 54.63
CA VAL N 265 -11.07 36.19 54.19
C VAL N 265 -11.59 37.39 54.96
N CYS N 266 -12.04 38.40 54.24
CA CYS N 266 -12.56 39.62 54.85
C CYS N 266 -13.87 40.02 54.20
N PRO N 267 -14.78 40.59 54.99
CA PRO N 267 -16.10 40.93 54.46
C PRO N 267 -16.07 42.19 53.62
N VAL N 268 -16.91 42.20 52.59
CA VAL N 268 -17.10 43.37 51.74
C VAL N 268 -18.59 43.66 51.71
N PRO N 269 -19.01 44.93 51.67
CA PRO N 269 -20.44 45.23 51.79
C PRO N 269 -21.21 44.81 50.54
N LEU N 270 -22.46 44.43 50.76
CA LEU N 270 -23.39 44.11 49.69
C LEU N 270 -24.37 45.26 49.56
N ALA N 271 -24.46 45.84 48.36
CA ALA N 271 -25.33 46.98 48.15
C ALA N 271 -26.78 46.53 48.09
N HIS N 272 -27.69 47.51 48.07
CA HIS N 272 -29.10 47.23 47.95
C HIS N 272 -29.41 46.63 46.59
N THR N 273 -30.25 45.61 46.58
CA THR N 273 -30.59 44.93 45.34
C THR N 273 -31.44 45.87 44.48
N PRO N 274 -31.07 46.10 43.22
CA PRO N 274 -31.81 47.08 42.41
C PRO N 274 -33.20 46.60 42.06
N THR N 275 -34.10 47.56 41.87
CA THR N 275 -35.45 47.28 41.42
C THR N 275 -35.45 47.33 39.89
N VAL N 276 -35.76 46.18 39.27
CA VAL N 276 -35.71 46.06 37.83
C VAL N 276 -37.10 46.36 37.27
N THR N 277 -37.19 47.34 36.38
CA THR N 277 -38.41 47.58 35.62
C THR N 277 -38.13 47.23 34.17
N LYS N 278 -38.90 46.30 33.63
CA LYS N 278 -38.62 45.71 32.33
C LYS N 278 -39.54 46.31 31.27
N TRP N 279 -38.95 47.01 30.30
CA TRP N 279 -39.62 47.43 29.09
C TRP N 279 -39.14 46.57 27.93
N PHE N 280 -39.70 46.82 26.75
CA PHE N 280 -39.83 45.81 25.69
C PHE N 280 -38.50 45.16 25.32
N LYS N 281 -37.43 45.94 25.20
CA LYS N 281 -36.10 45.37 25.04
C LYS N 281 -35.10 46.06 25.97
N GLY N 282 -35.45 46.20 27.23
CA GLY N 282 -34.51 46.83 28.14
C GLY N 282 -34.93 46.73 29.60
N ILE N 283 -33.92 46.81 30.45
CA ILE N 283 -34.12 46.89 31.89
C ILE N 283 -33.85 48.32 32.33
N THR N 284 -34.48 48.72 33.42
CA THR N 284 -34.14 49.95 34.13
C THR N 284 -33.87 49.58 35.58
N LEU N 285 -32.66 49.85 36.03
CA LEU N 285 -32.23 49.55 37.39
C LEU N 285 -32.24 50.84 38.20
N HIS N 286 -32.81 50.79 39.39
CA HIS N 286 -33.02 52.04 40.13
C HIS N 286 -31.84 52.41 41.01
N LEU N 287 -31.09 51.42 41.52
CA LEU N 287 -29.70 51.56 41.96
C LEU N 287 -29.54 52.61 43.06
N THR N 288 -30.10 52.32 44.22
CA THR N 288 -29.82 53.13 45.39
C THR N 288 -28.50 52.67 46.02
N ALA N 289 -27.63 53.64 46.33
CA ALA N 289 -26.32 53.38 46.89
C ALA N 289 -25.73 54.65 47.50
N THR N 290 -25.29 54.58 48.75
CA THR N 290 -24.72 55.77 49.39
C THR N 290 -23.28 56.00 48.95
N ARG N 291 -22.41 55.04 49.24
CA ARG N 291 -21.02 55.10 48.82
C ARG N 291 -20.91 54.65 47.37
N PRO N 292 -19.80 54.98 46.68
CA PRO N 292 -19.62 54.54 45.29
C PRO N 292 -19.69 53.03 45.14
N THR N 293 -20.40 52.59 44.11
CA THR N 293 -20.65 51.17 43.86
C THR N 293 -20.48 50.92 42.38
N LEU N 294 -19.79 49.84 42.01
CA LEU N 294 -19.47 49.58 40.62
C LEU N 294 -20.54 48.70 39.98
N LEU N 295 -21.11 49.18 38.89
CA LEU N 295 -22.07 48.45 38.08
C LEU N 295 -21.44 48.14 36.73
N THR N 296 -21.47 46.87 36.33
CA THR N 296 -20.88 46.43 35.07
C THR N 296 -21.89 45.63 34.28
N THR N 297 -22.11 46.03 33.03
CA THR N 297 -23.04 45.34 32.14
C THR N 297 -22.28 44.87 30.90
N ARG N 298 -22.53 43.63 30.50
CA ARG N 298 -21.98 43.12 29.24
C ARG N 298 -23.04 42.31 28.52
N LYS N 299 -23.13 42.50 27.20
CA LYS N 299 -24.04 41.74 26.37
C LYS N 299 -23.49 40.35 26.11
N LEU N 300 -24.37 39.35 26.14
CA LEU N 300 -23.95 37.96 25.99
C LEU N 300 -23.97 37.52 24.54
N GLY N 301 -23.31 38.29 23.69
CA GLY N 301 -23.24 37.99 22.27
C GLY N 301 -21.84 38.15 21.71
N LEU N 302 -21.74 38.31 20.40
CA LEU N 302 -20.45 38.53 19.77
C LEU N 302 -19.88 39.89 20.18
N ARG N 303 -20.72 40.90 20.25
CA ARG N 303 -20.31 42.25 20.64
C ARG N 303 -20.73 42.46 22.09
N ALA N 304 -19.78 42.32 23.01
CA ALA N 304 -20.03 42.55 24.43
C ALA N 304 -19.80 44.03 24.70
N ASP N 305 -20.88 44.81 24.67
CA ASP N 305 -20.80 46.25 24.94
C ASP N 305 -20.62 46.44 26.44
N ALA N 306 -19.37 46.27 26.88
CA ALA N 306 -19.05 46.29 28.31
C ALA N 306 -19.07 47.72 28.81
N THR N 307 -19.96 48.01 29.75
CA THR N 307 -20.05 49.32 30.39
C THR N 307 -19.78 49.16 31.88
N ALA N 308 -18.86 49.97 32.40
CA ALA N 308 -18.55 49.99 33.82
C ALA N 308 -18.76 51.40 34.35
N GLU N 309 -19.48 51.51 35.46
CA GLU N 309 -19.82 52.82 36.00
C GLU N 309 -19.79 52.78 37.53
N TRP N 310 -19.18 53.79 38.14
CA TRP N 310 -19.24 53.96 39.58
C TRP N 310 -20.39 54.89 39.92
N ILE N 311 -21.28 54.43 40.78
CA ILE N 311 -22.58 55.05 41.02
C ILE N 311 -22.67 55.47 42.47
N THR N 312 -23.08 56.71 42.70
CA THR N 312 -23.44 57.23 44.02
C THR N 312 -24.85 57.76 43.95
N GLY N 313 -25.57 57.64 45.07
CA GLY N 313 -26.92 58.15 45.14
C GLY N 313 -27.93 57.25 44.48
N THR N 314 -29.18 57.72 44.46
CA THR N 314 -30.29 56.97 43.90
C THR N 314 -30.59 57.49 42.48
N THR N 315 -29.96 56.85 41.50
CA THR N 315 -30.13 57.19 40.10
C THR N 315 -30.40 55.92 39.30
N SER N 316 -31.35 56.01 38.37
CA SER N 316 -31.73 54.87 37.55
C SER N 316 -30.93 54.85 36.25
N ARG N 317 -30.62 53.65 35.78
CA ARG N 317 -29.89 53.43 34.54
C ARG N 317 -30.70 52.52 33.63
N ASN N 318 -30.73 52.88 32.35
CA ASN N 318 -31.40 52.11 31.32
C ASN N 318 -30.38 51.27 30.55
N PHE N 319 -30.65 49.99 30.39
CA PHE N 319 -29.79 49.10 29.63
C PHE N 319 -30.62 48.33 28.61
N SER N 320 -30.08 48.21 27.41
CA SER N 320 -30.76 47.52 26.33
C SER N 320 -30.47 46.03 26.39
N VAL N 321 -31.53 45.21 26.43
CA VAL N 321 -31.41 43.77 26.49
C VAL N 321 -31.89 43.20 25.16
N GLY N 322 -31.09 42.32 24.56
CA GLY N 322 -31.44 41.66 23.34
C GLY N 322 -31.80 40.20 23.55
N ARG N 323 -31.91 39.48 22.43
CA ARG N 323 -32.20 38.06 22.51
C ARG N 323 -30.99 37.26 22.99
N GLU N 324 -29.79 37.77 22.76
CA GLU N 324 -28.58 37.10 23.23
C GLU N 324 -28.48 37.17 24.75
N GLY N 325 -28.84 38.30 25.34
CA GLY N 325 -28.86 38.46 26.78
C GLY N 325 -28.07 39.65 27.23
N LEU N 326 -28.07 39.84 28.55
CA LEU N 326 -27.33 40.92 29.20
C LEU N 326 -27.03 40.50 30.63
N GLU N 327 -25.76 40.60 31.02
CA GLU N 327 -25.36 40.27 32.38
C GLU N 327 -24.91 41.54 33.08
N TYR N 328 -25.54 41.84 34.22
CA TYR N 328 -25.15 42.99 35.03
C TYR N 328 -24.71 42.50 36.40
N VAL N 329 -23.60 43.06 36.88
CA VAL N 329 -23.10 42.83 38.22
C VAL N 329 -23.19 44.17 38.94
N TRP N 330 -23.86 44.19 40.08
CA TRP N 330 -24.08 45.41 40.84
C TRP N 330 -23.42 45.23 42.20
N GLY N 331 -22.31 45.94 42.42
CA GLY N 331 -21.58 45.78 43.66
C GLY N 331 -20.90 44.43 43.74
N ASN N 332 -20.92 43.84 44.93
CA ASN N 332 -20.33 42.54 45.16
C ASN N 332 -21.31 41.40 44.90
N HIS N 333 -22.52 41.71 44.47
CA HIS N 333 -23.51 40.68 44.20
C HIS N 333 -23.10 39.81 43.02
N GLU N 334 -23.67 38.62 42.96
CA GLU N 334 -23.41 37.71 41.86
C GLU N 334 -23.99 38.27 40.57
N PRO N 335 -23.42 37.89 39.41
CA PRO N 335 -23.95 38.38 38.13
C PRO N 335 -25.39 37.94 37.91
N VAL N 336 -26.17 38.85 37.33
CA VAL N 336 -27.57 38.59 37.01
C VAL N 336 -27.72 38.65 35.50
N ARG N 337 -28.25 37.57 34.92
CA ARG N 337 -28.41 37.41 33.48
C ARG N 337 -29.87 37.57 33.11
N VAL N 338 -30.14 38.36 32.09
CA VAL N 338 -31.50 38.59 31.61
C VAL N 338 -31.55 38.41 30.11
N TRP N 339 -32.72 38.00 29.61
CA TRP N 339 -32.94 37.80 28.17
C TRP N 339 -34.27 38.45 27.79
N ALA N 340 -34.26 39.20 26.69
CA ALA N 340 -35.46 39.89 26.23
C ALA N 340 -36.27 38.97 25.33
N GLN N 341 -37.57 38.88 25.60
CA GLN N 341 -38.48 38.14 24.75
C GLN N 341 -39.08 39.05 23.69
N GLU N 342 -39.56 38.44 22.61
CA GLU N 342 -40.18 39.17 21.51
C GLU N 342 -41.63 39.50 21.87
N SER N 343 -41.78 40.55 22.66
CA SER N 343 -43.06 40.94 23.26
C SER N 343 -43.52 42.29 22.73
N ALA N 344 -43.39 42.47 21.41
CA ALA N 344 -43.71 43.75 20.79
C ALA N 344 -45.19 44.08 20.90
N PRO N 345 -45.55 45.35 20.99
CA PRO N 345 -46.97 45.72 20.97
C PRO N 345 -47.61 45.38 19.63
N GLY N 346 -48.89 45.03 19.70
CA GLY N 346 -49.61 44.63 18.51
C GLY N 346 -50.09 43.20 18.58
N ASP N 347 -50.37 42.61 17.42
CA ASP N 347 -50.89 41.25 17.36
C ASP N 347 -50.52 40.64 16.01
N PRO N 348 -49.68 39.60 15.98
CA PRO N 348 -49.37 38.96 14.69
C PRO N 348 -50.55 38.25 14.07
N HIS N 349 -51.57 37.90 14.83
CA HIS N 349 -52.79 37.27 14.32
C HIS N 349 -53.93 38.26 14.51
N GLY N 350 -54.12 39.13 13.52
CA GLY N 350 -55.19 40.11 13.58
C GLY N 350 -55.31 40.90 12.30
N TRP N 351 -55.74 42.15 12.43
CA TRP N 351 -55.78 43.04 11.28
C TRP N 351 -54.36 43.36 10.84
N PRO N 352 -54.16 43.68 9.55
CA PRO N 352 -52.79 43.84 9.03
C PRO N 352 -51.95 44.90 9.75
N HIS N 353 -52.58 45.99 10.19
CA HIS N 353 -51.82 47.07 10.81
C HIS N 353 -51.17 46.61 12.12
N GLU N 354 -51.87 45.81 12.92
CA GLU N 354 -51.30 45.30 14.15
C GLU N 354 -50.08 44.43 13.88
N ILE N 355 -50.13 43.66 12.79
CA ILE N 355 -48.96 42.90 12.33
C ILE N 355 -47.83 43.85 11.96
N ILE N 356 -48.17 45.00 11.37
CA ILE N 356 -47.14 45.95 10.95
C ILE N 356 -46.43 46.56 12.15
N ILE N 357 -47.19 47.02 13.15
CA ILE N 357 -46.55 47.52 14.38
C ILE N 357 -45.76 46.42 15.10
N HIS N 358 -46.28 45.19 15.14
CA HIS N 358 -45.56 44.11 15.82
C HIS N 358 -44.21 43.84 15.17
N TYR N 359 -44.20 43.61 13.86
CA TYR N 359 -42.94 43.32 13.19
C TYR N 359 -42.10 44.57 12.96
N TYR N 360 -42.64 45.76 13.15
CA TYR N 360 -41.83 46.97 13.17
C TYR N 360 -41.05 47.08 14.48
N HIS N 361 -41.71 46.80 15.60
CA HIS N 361 -41.00 46.83 16.87
C HIS N 361 -40.03 45.67 17.02
N ARG N 362 -40.29 44.54 16.34
CA ARG N 362 -39.32 43.46 16.41
C ARG N 362 -38.14 43.69 15.48
N HIS N 363 -38.39 43.75 14.17
CA HIS N 363 -37.35 43.92 13.17
C HIS N 363 -37.69 45.08 12.25
N PRO N 364 -37.19 46.29 12.55
CA PRO N 364 -37.59 47.48 11.77
C PRO N 364 -37.17 47.44 10.31
N VAL N 365 -35.87 47.26 10.05
CA VAL N 365 -35.36 47.34 8.68
C VAL N 365 -35.93 46.20 7.84
N TYR N 366 -36.12 45.02 8.44
CA TYR N 366 -36.68 43.90 7.72
C TYR N 366 -38.11 44.17 7.28
N THR N 367 -38.94 44.71 8.18
CA THR N 367 -40.32 44.96 7.76
C THR N 367 -40.41 46.14 6.81
N VAL N 368 -39.51 47.12 6.92
CA VAL N 368 -39.50 48.21 5.94
C VAL N 368 -39.16 47.68 4.55
N ILE N 369 -38.16 46.79 4.45
CA ILE N 369 -37.81 46.30 3.11
C ILE N 369 -38.87 45.32 2.60
N VAL N 370 -39.55 44.58 3.49
CA VAL N 370 -40.63 43.70 3.03
C VAL N 370 -41.81 44.50 2.48
N LEU N 371 -42.28 45.50 3.23
CA LEU N 371 -43.36 46.33 2.69
C LEU N 371 -42.93 47.16 1.49
N CYS N 372 -41.65 47.55 1.41
CA CYS N 372 -41.17 48.21 0.19
C CYS N 372 -41.21 47.27 -1.00
N GLY N 373 -40.85 46.01 -0.79
CA GLY N 373 -40.95 45.03 -1.86
C GLY N 373 -42.38 44.77 -2.28
N VAL N 374 -43.30 44.72 -1.30
CA VAL N 374 -44.72 44.52 -1.62
C VAL N 374 -45.26 45.70 -2.42
N ALA N 375 -44.94 46.93 -2.00
CA ALA N 375 -45.40 48.11 -2.71
C ALA N 375 -44.82 48.18 -4.11
N LEU N 376 -43.53 47.88 -4.26
CA LEU N 376 -42.92 47.86 -5.58
C LEU N 376 -43.54 46.78 -6.46
N ALA N 377 -43.82 45.61 -5.89
CA ALA N 377 -44.38 44.51 -6.67
C ALA N 377 -45.78 44.85 -7.16
N ILE N 378 -46.63 45.42 -6.29
CA ILE N 378 -47.98 45.74 -6.72
C ILE N 378 -47.97 46.91 -7.70
N LEU N 379 -47.08 47.88 -7.51
CA LEU N 379 -47.00 49.00 -8.44
C LEU N 379 -46.55 48.55 -9.82
N VAL N 380 -45.49 47.74 -9.89
CA VAL N 380 -45.02 47.24 -11.17
C VAL N 380 -46.04 46.33 -11.83
N GLY N 381 -46.73 45.50 -11.03
CA GLY N 381 -47.74 44.61 -11.59
C GLY N 381 -48.90 45.37 -12.20
N THR N 382 -49.45 46.35 -11.47
CA THR N 382 -50.55 47.13 -12.01
C THR N 382 -50.12 47.97 -13.21
N ALA N 383 -48.92 48.57 -13.14
CA ALA N 383 -48.45 49.40 -14.25
C ALA N 383 -48.23 48.56 -15.51
N SER N 384 -47.62 47.39 -15.38
CA SER N 384 -47.34 46.55 -16.54
C SER N 384 -48.62 45.94 -17.09
N SER N 385 -49.56 45.57 -16.22
CA SER N 385 -50.85 45.08 -16.70
C SER N 385 -51.61 46.16 -17.43
N ALA N 386 -51.61 47.39 -16.90
CA ALA N 386 -52.27 48.49 -17.59
C ALA N 386 -51.61 48.79 -18.92
N ALA N 387 -50.28 48.69 -18.98
CA ALA N 387 -49.57 48.89 -20.24
C ALA N 387 -49.93 47.81 -21.26
N CYS N 388 -50.04 46.56 -20.83
CA CYS N 388 -50.41 45.47 -21.73
C CYS N 388 -51.84 45.63 -22.23
N ILE N 389 -52.77 46.00 -21.34
CA ILE N 389 -54.15 46.22 -21.76
C ILE N 389 -54.26 47.40 -22.71
N ALA N 390 -53.50 48.47 -22.45
CA ALA N 390 -53.51 49.62 -23.35
C ALA N 390 -52.93 49.27 -24.72
N LYS N 391 -51.84 48.49 -24.74
CA LYS N 391 -51.26 48.08 -26.02
C LYS N 391 -52.21 47.19 -26.80
N ALA N 392 -52.87 46.24 -26.14
CA ALA N 392 -53.83 45.40 -26.82
C ALA N 392 -55.07 46.17 -27.27
N ARG N 393 -55.49 47.16 -26.49
CA ARG N 393 -56.65 47.96 -26.86
C ARG N 393 -56.32 48.82 -28.08
N ARG N 394 -55.09 49.35 -28.14
CA ARG N 394 -54.64 50.03 -29.34
C ARG N 394 -54.57 49.09 -30.54
N ASP N 395 -54.03 47.88 -30.32
CA ASP N 395 -53.93 46.90 -31.40
C ASP N 395 -55.29 46.42 -31.90
N CYS N 396 -56.32 46.53 -31.07
CA CYS N 396 -57.67 46.22 -31.53
C CYS N 396 -58.34 47.44 -32.17
N LEU N 397 -57.98 48.64 -31.73
CA LEU N 397 -58.66 49.83 -32.21
C LEU N 397 -58.13 50.31 -33.56
N THR N 398 -56.80 50.42 -33.70
CA THR N 398 -56.23 51.02 -34.91
C THR N 398 -56.50 50.28 -36.23
N PRO N 399 -56.79 48.98 -36.26
CA PRO N 399 -57.39 48.43 -37.50
C PRO N 399 -58.71 49.08 -37.86
N TYR N 400 -59.52 49.44 -36.86
CA TYR N 400 -60.79 50.11 -37.08
C TYR N 400 -60.66 51.62 -37.15
N ALA N 401 -59.53 52.17 -36.67
CA ALA N 401 -59.36 53.61 -36.69
C ALA N 401 -58.88 54.11 -38.05
N LEU N 402 -58.15 53.28 -38.79
CA LEU N 402 -57.69 53.67 -40.12
C LEU N 402 -58.81 53.68 -41.14
N ALA N 403 -59.91 52.98 -40.87
CA ALA N 403 -61.07 52.95 -41.76
C ALA N 403 -62.23 53.65 -41.07
N PRO N 404 -62.49 54.93 -41.38
CA PRO N 404 -63.51 55.66 -40.62
C PRO N 404 -64.93 55.22 -40.92
N ASN N 405 -65.24 54.89 -42.17
CA ASN N 405 -66.60 54.51 -42.52
C ASN N 405 -66.92 53.06 -42.19
N ALA N 406 -65.95 52.29 -41.71
CA ALA N 406 -66.19 50.91 -41.33
C ALA N 406 -67.06 50.83 -40.10
N THR N 407 -67.89 49.79 -40.04
CA THR N 407 -68.79 49.56 -38.92
C THR N 407 -68.13 48.62 -37.93
N VAL N 408 -67.90 49.09 -36.71
CA VAL N 408 -67.31 48.29 -35.66
C VAL N 408 -68.34 47.27 -35.18
N PRO N 409 -67.93 46.06 -34.79
CA PRO N 409 -68.86 45.05 -34.27
C PRO N 409 -69.41 45.40 -32.89
N MET O 1 -56.53 62.88 -65.46
CA MET O 1 -57.39 61.77 -65.06
C MET O 1 -57.30 61.54 -63.57
N CYS O 2 -56.28 60.80 -63.13
CA CYS O 2 -56.03 60.56 -61.73
C CYS O 2 -55.12 61.62 -61.11
N MET O 3 -54.14 62.10 -61.87
CA MET O 3 -53.22 63.10 -61.37
C MET O 3 -53.91 64.43 -61.11
N LYS O 4 -54.94 64.75 -61.89
CA LYS O 4 -55.66 66.01 -61.68
C LYS O 4 -56.47 65.99 -60.39
N LEU O 5 -56.81 64.80 -59.89
CA LEU O 5 -57.47 64.71 -58.59
C LEU O 5 -56.46 64.55 -57.46
N GLU O 6 -55.35 63.87 -57.72
CA GLU O 6 -54.31 63.71 -56.70
C GLU O 6 -53.56 65.01 -56.44
N SER O 7 -53.33 65.82 -57.48
CA SER O 7 -52.62 67.08 -57.31
C SER O 7 -53.41 68.03 -56.41
N ASP O 8 -52.66 68.77 -55.58
CA ASP O 8 -53.18 69.65 -54.53
C ASP O 8 -54.03 68.91 -53.52
N LYS O 9 -53.92 67.58 -53.45
CA LYS O 9 -54.70 66.79 -52.51
C LYS O 9 -53.78 65.87 -51.72
N THR O 10 -52.75 65.35 -52.39
CA THR O 10 -51.74 64.51 -51.77
C THR O 10 -50.50 65.34 -51.54
N PHE O 11 -49.98 65.29 -50.32
CA PHE O 11 -49.00 66.27 -49.86
C PHE O 11 -47.64 65.65 -49.68
N PRO O 12 -46.58 66.27 -50.21
CA PRO O 12 -45.25 65.67 -50.13
C PRO O 12 -44.66 65.76 -48.74
N ILE O 13 -43.67 64.92 -48.50
CA ILE O 13 -42.96 64.86 -47.23
C ILE O 13 -41.52 65.28 -47.49
N MET O 14 -41.23 66.54 -47.16
CA MET O 14 -39.92 67.13 -47.42
C MET O 14 -38.91 66.62 -46.40
N LEU O 15 -37.75 66.17 -46.87
CA LEU O 15 -36.64 65.79 -46.00
C LEU O 15 -35.57 66.89 -46.03
N ASN O 16 -36.04 68.14 -46.08
CA ASN O 16 -35.20 69.33 -46.18
C ASN O 16 -34.31 69.29 -47.42
N GLY O 17 -34.95 69.30 -48.58
CA GLY O 17 -34.24 69.35 -49.83
C GLY O 17 -34.81 68.44 -50.90
N GLN O 18 -35.40 67.33 -50.50
CA GLN O 18 -36.00 66.40 -51.45
C GLN O 18 -37.14 65.67 -50.78
N VAL O 19 -38.05 65.17 -51.61
CA VAL O 19 -39.20 64.42 -51.09
C VAL O 19 -38.77 63.02 -50.72
N ASN O 20 -39.34 62.51 -49.63
CA ASN O 20 -39.07 61.14 -49.20
C ASN O 20 -40.29 60.24 -49.39
N GLY O 21 -41.48 60.75 -49.10
CA GLY O 21 -42.70 60.02 -49.34
C GLY O 21 -43.84 60.97 -49.64
N TYR O 22 -45.08 60.52 -49.43
CA TYR O 22 -46.24 61.36 -49.62
C TYR O 22 -47.25 61.06 -48.52
N ALA O 23 -48.00 62.07 -48.13
CA ALA O 23 -49.05 61.94 -47.13
C ALA O 23 -50.40 62.18 -47.78
N CYS O 24 -51.40 61.39 -47.39
CA CYS O 24 -52.69 61.45 -48.04
C CYS O 24 -53.80 61.59 -47.00
N VAL O 25 -54.86 62.28 -47.39
CA VAL O 25 -56.06 62.41 -46.58
C VAL O 25 -57.14 61.49 -47.15
N VAL O 26 -57.64 60.59 -46.31
CA VAL O 26 -58.73 59.69 -46.67
C VAL O 26 -59.71 59.65 -45.51
N GLY O 27 -60.99 59.85 -45.81
CA GLY O 27 -62.03 59.85 -44.79
C GLY O 27 -61.88 60.93 -43.74
N GLY O 28 -61.19 62.01 -44.07
CA GLY O 28 -60.88 63.03 -43.10
C GLY O 28 -59.68 62.75 -42.23
N ARG O 29 -58.90 61.71 -42.54
CA ARG O 29 -57.72 61.36 -41.77
C ARG O 29 -56.48 61.52 -42.62
N LEU O 30 -55.52 62.29 -42.10
CA LEU O 30 -54.20 62.37 -42.70
C LEU O 30 -53.34 61.21 -42.25
N MET O 31 -52.66 60.58 -43.20
CA MET O 31 -51.75 59.49 -42.85
C MET O 31 -50.60 59.43 -43.84
N LYS O 32 -49.43 59.07 -43.30
CA LYS O 32 -48.17 59.00 -44.02
C LYS O 32 -47.37 57.83 -43.44
N PRO O 33 -46.47 57.23 -44.24
CA PRO O 33 -45.76 56.04 -43.76
C PRO O 33 -44.81 56.32 -42.61
N LEU O 34 -44.64 55.31 -41.76
CA LEU O 34 -43.81 55.47 -40.57
C LEU O 34 -42.34 55.45 -40.92
N HIS O 35 -41.95 54.68 -41.94
CA HIS O 35 -40.55 54.59 -42.32
C HIS O 35 -40.03 55.83 -43.03
N VAL O 36 -40.92 56.72 -43.47
CA VAL O 36 -40.53 57.93 -44.16
C VAL O 36 -40.36 59.04 -43.12
N GLU O 37 -39.17 59.63 -43.08
CA GLU O 37 -38.88 60.73 -42.18
C GLU O 37 -38.90 62.05 -42.93
N GLY O 38 -39.29 63.10 -42.24
CA GLY O 38 -39.35 64.42 -42.83
C GLY O 38 -40.57 65.17 -42.35
N LYS O 39 -40.71 66.38 -42.88
CA LYS O 39 -41.79 67.30 -42.51
C LYS O 39 -42.68 67.56 -43.70
N ILE O 40 -43.97 67.44 -43.50
CA ILE O 40 -44.98 67.66 -44.54
C ILE O 40 -45.17 69.17 -44.67
N ASP O 41 -45.56 69.62 -45.87
CA ASP O 41 -45.76 71.04 -46.12
C ASP O 41 -47.09 71.52 -45.51
N ASN O 42 -47.50 72.70 -45.98
CA ASN O 42 -48.62 73.59 -45.60
C ASN O 42 -49.00 73.57 -44.11
N GLU O 43 -48.90 74.76 -43.50
CA GLU O 43 -49.01 74.94 -42.06
C GLU O 43 -50.37 74.53 -41.50
N GLN O 44 -51.42 74.53 -42.32
CA GLN O 44 -52.76 74.24 -41.83
C GLN O 44 -52.91 72.79 -41.38
N LEU O 45 -52.04 71.89 -41.84
CA LEU O 45 -52.14 70.50 -41.42
C LEU O 45 -50.76 69.87 -41.20
N ALA O 46 -49.70 70.65 -41.17
CA ALA O 46 -48.39 70.13 -40.83
C ALA O 46 -48.21 69.93 -39.33
N ALA O 47 -48.96 70.66 -38.51
CA ALA O 47 -48.86 70.59 -37.06
C ALA O 47 -49.82 69.57 -36.46
N VAL O 48 -50.51 68.79 -37.30
CA VAL O 48 -51.42 67.77 -36.80
C VAL O 48 -50.63 66.69 -36.08
N LYS O 49 -51.12 66.26 -34.92
CA LYS O 49 -50.49 65.16 -34.19
C LYS O 49 -50.77 63.84 -34.90
N LEU O 50 -49.73 63.04 -35.07
CA LEU O 50 -49.84 61.70 -35.65
C LEU O 50 -49.48 60.67 -34.59
N LYS O 51 -50.25 59.59 -34.53
CA LYS O 51 -50.01 58.50 -33.60
C LYS O 51 -49.62 57.26 -34.37
N LYS O 52 -48.68 56.49 -33.81
CA LYS O 52 -48.06 55.38 -34.53
C LYS O 52 -49.00 54.18 -34.61
N ALA O 53 -48.88 53.44 -35.71
CA ALA O 53 -49.58 52.18 -35.88
C ALA O 53 -48.65 50.98 -35.95
N SER O 54 -47.37 51.20 -36.26
CA SER O 54 -46.30 50.20 -36.16
C SER O 54 -46.52 49.00 -37.08
N MET O 55 -47.56 48.21 -36.80
CA MET O 55 -47.82 47.01 -37.60
C MET O 55 -48.25 47.36 -39.01
N TYR O 56 -48.95 48.48 -39.19
CA TYR O 56 -49.39 48.93 -40.51
C TYR O 56 -48.38 49.84 -41.20
N ASP O 57 -47.27 50.16 -40.53
CA ASP O 57 -46.24 51.07 -41.03
C ASP O 57 -46.84 52.41 -41.43
N LEU O 58 -47.75 52.92 -40.60
CA LEU O 58 -48.45 54.16 -40.87
C LEU O 58 -48.56 54.97 -39.58
N GLU O 59 -48.76 56.27 -39.75
CA GLU O 59 -49.06 57.17 -38.64
C GLU O 59 -50.25 58.02 -39.07
N TYR O 60 -51.35 57.94 -38.32
CA TYR O 60 -52.61 58.55 -38.73
C TYR O 60 -53.04 59.62 -37.75
N GLY O 61 -53.74 60.62 -38.28
CA GLY O 61 -54.27 61.70 -37.48
C GLY O 61 -55.38 62.41 -38.22
N ASP O 62 -56.20 63.13 -37.46
CA ASP O 62 -57.36 63.81 -38.01
C ASP O 62 -56.97 65.20 -38.47
N VAL O 63 -57.22 65.49 -39.75
CA VAL O 63 -57.00 66.83 -40.27
C VAL O 63 -58.15 67.73 -39.80
N PRO O 64 -57.88 68.95 -39.32
CA PRO O 64 -58.95 69.80 -38.82
C PRO O 64 -59.49 70.77 -39.86
N GLN O 65 -60.68 71.30 -39.56
CA GLN O 65 -61.35 72.45 -40.18
C GLN O 65 -61.64 72.28 -41.67
N ASN O 66 -61.25 71.16 -42.27
CA ASN O 66 -61.54 70.92 -43.68
C ASN O 66 -61.91 69.46 -43.94
N MET O 67 -62.53 68.80 -42.95
CA MET O 67 -62.90 67.40 -43.12
C MET O 67 -64.12 67.22 -44.02
N LYS O 68 -64.95 68.26 -44.18
CA LYS O 68 -66.10 68.16 -45.06
C LYS O 68 -65.67 68.06 -46.52
N SER O 69 -64.78 68.94 -46.94
CA SER O 69 -64.26 68.93 -48.30
C SER O 69 -62.93 68.18 -48.33
N ASP O 70 -62.25 68.26 -49.48
CA ASP O 70 -60.92 67.69 -49.78
C ASP O 70 -60.68 66.29 -49.22
N THR O 71 -61.67 65.42 -49.37
CA THR O 71 -61.58 64.03 -48.93
C THR O 71 -61.52 63.13 -50.16
N LEU O 72 -60.50 62.28 -50.23
CA LEU O 72 -60.38 61.36 -51.35
C LEU O 72 -61.42 60.26 -51.32
N GLN O 73 -61.93 59.91 -50.14
CA GLN O 73 -62.85 58.80 -49.87
C GLN O 73 -62.19 57.44 -50.13
N TYR O 74 -62.63 56.42 -49.41
CA TYR O 74 -62.06 55.09 -49.54
C TYR O 74 -63.19 54.08 -49.64
N THR O 75 -62.92 53.00 -50.38
CA THR O 75 -63.94 51.99 -50.63
C THR O 75 -63.30 50.62 -50.63
N SER O 76 -63.94 49.67 -49.93
CA SER O 76 -63.47 48.30 -49.90
C SER O 76 -63.90 47.50 -51.12
N ASP O 77 -64.86 47.99 -51.91
CA ASP O 77 -65.30 47.31 -53.11
C ASP O 77 -64.19 47.35 -54.14
N LYS O 78 -63.55 46.22 -54.39
CA LYS O 78 -62.37 46.14 -55.25
C LYS O 78 -62.57 45.08 -56.31
N PRO O 79 -63.29 45.39 -57.39
CA PRO O 79 -63.32 44.48 -58.53
C PRO O 79 -61.98 44.50 -59.25
N PRO O 80 -61.42 43.32 -59.56
CA PRO O 80 -60.06 43.28 -60.08
C PRO O 80 -59.93 43.90 -61.45
N GLY O 81 -58.76 44.49 -61.70
CA GLY O 81 -58.41 44.97 -63.02
C GLY O 81 -58.37 46.48 -63.22
N PHE O 82 -57.22 46.98 -63.68
CA PHE O 82 -57.05 48.30 -64.28
C PHE O 82 -57.44 49.42 -63.31
N TYR O 83 -56.63 49.54 -62.26
CA TYR O 83 -56.70 50.69 -61.37
C TYR O 83 -55.61 51.70 -61.75
N ASN O 84 -55.92 52.97 -61.57
CA ASN O 84 -55.03 54.05 -62.00
C ASN O 84 -54.15 54.55 -60.86
N TRP O 85 -53.09 55.28 -61.24
CA TRP O 85 -52.04 55.66 -60.33
C TRP O 85 -51.30 56.85 -60.92
N HIS O 86 -50.59 57.59 -60.07
CA HIS O 86 -49.81 58.73 -60.53
C HIS O 86 -48.69 58.30 -61.46
N HIS O 87 -48.23 57.06 -61.34
CA HIS O 87 -47.25 56.49 -62.26
C HIS O 87 -47.88 55.57 -63.29
N GLY O 88 -49.17 55.76 -63.59
CA GLY O 88 -49.77 55.02 -64.68
C GLY O 88 -50.88 54.08 -64.26
N ALA O 89 -50.69 52.78 -64.47
CA ALA O 89 -51.72 51.79 -64.22
C ALA O 89 -51.15 50.64 -63.39
N VAL O 90 -51.88 50.26 -62.34
CA VAL O 90 -51.60 49.07 -61.56
C VAL O 90 -52.77 48.12 -61.74
N GLN O 91 -52.48 46.82 -61.72
CA GLN O 91 -53.50 45.81 -61.96
C GLN O 91 -53.72 44.96 -60.71
N TYR O 92 -54.98 44.60 -60.47
CA TYR O 92 -55.38 43.81 -59.32
C TYR O 92 -55.69 42.39 -59.76
N GLU O 93 -55.03 41.42 -59.12
CA GLU O 93 -55.27 40.02 -59.43
C GLU O 93 -54.98 39.18 -58.20
N ASN O 94 -55.92 38.28 -57.88
CA ASN O 94 -55.75 37.25 -56.85
C ASN O 94 -55.38 37.84 -55.48
N GLY O 95 -55.97 38.98 -55.16
CA GLY O 95 -55.67 39.63 -53.90
C GLY O 95 -54.32 40.33 -53.84
N ARG O 96 -53.79 40.77 -54.99
CA ARG O 96 -52.46 41.36 -55.01
C ARG O 96 -52.36 42.38 -56.14
N PHE O 97 -51.59 43.43 -55.90
CA PHE O 97 -51.36 44.51 -56.84
C PHE O 97 -50.05 44.30 -57.61
N THR O 98 -50.09 44.60 -58.91
CA THR O 98 -48.94 44.49 -59.78
C THR O 98 -48.72 45.81 -60.51
N VAL O 99 -47.46 46.19 -60.66
CA VAL O 99 -47.09 47.38 -61.44
C VAL O 99 -45.95 46.97 -62.36
N PRO O 100 -45.80 47.57 -63.54
CA PRO O 100 -44.65 47.26 -64.40
C PRO O 100 -43.32 47.53 -63.72
N ARG O 101 -42.32 46.72 -64.10
CA ARG O 101 -41.00 46.79 -63.50
C ARG O 101 -40.32 48.11 -63.86
N GLY O 102 -39.41 48.53 -62.99
CA GLY O 102 -38.66 49.76 -63.20
C GLY O 102 -39.24 51.00 -62.58
N VAL O 103 -40.54 51.22 -62.77
CA VAL O 103 -41.19 52.39 -62.20
C VAL O 103 -41.45 52.13 -60.72
N GLY O 104 -41.27 53.16 -59.90
CA GLY O 104 -41.43 53.00 -58.46
C GLY O 104 -40.06 53.00 -57.79
N GLY O 105 -39.97 53.75 -56.71
CA GLY O 105 -38.72 53.84 -55.98
C GLY O 105 -38.89 54.73 -54.77
N LYS O 106 -37.76 55.16 -54.21
CA LYS O 106 -37.80 56.11 -53.11
C LYS O 106 -38.43 57.42 -53.58
N GLY O 107 -39.23 58.03 -52.70
CA GLY O 107 -40.01 59.19 -53.05
C GLY O 107 -41.40 58.88 -53.56
N ASP O 108 -41.74 57.61 -53.75
CA ASP O 108 -43.07 57.19 -54.19
C ASP O 108 -43.69 56.21 -53.22
N SER O 109 -43.26 56.22 -51.95
CA SER O 109 -43.63 55.20 -50.98
C SER O 109 -44.82 55.61 -50.13
N GLY O 110 -45.63 56.56 -50.58
CA GLY O 110 -46.83 56.92 -49.86
C GLY O 110 -47.99 57.31 -50.75
N ARG O 111 -47.84 57.09 -52.05
CA ARG O 111 -48.86 57.54 -53.00
C ARG O 111 -50.09 56.63 -52.93
N PRO O 112 -51.28 57.20 -53.06
CA PRO O 112 -52.50 56.38 -53.07
C PRO O 112 -52.72 55.76 -54.44
N ILE O 113 -53.64 54.79 -54.46
CA ILE O 113 -54.13 54.18 -55.70
C ILE O 113 -55.61 54.51 -55.79
N LEU O 114 -56.01 55.17 -56.88
CA LEU O 114 -57.35 55.67 -57.03
C LEU O 114 -58.20 54.69 -57.84
N ASP O 115 -59.46 55.07 -58.06
CA ASP O 115 -60.41 54.32 -58.88
C ASP O 115 -60.82 55.16 -60.08
N ASN O 116 -61.82 54.67 -60.81
CA ASN O 116 -62.38 55.43 -61.92
C ASN O 116 -63.21 56.62 -61.44
N ARG O 117 -63.62 56.62 -60.18
CA ARG O 117 -64.44 57.71 -59.63
C ARG O 117 -63.69 58.51 -58.56
N GLY O 118 -62.36 58.50 -58.60
CA GLY O 118 -61.58 59.23 -57.60
C GLY O 118 -61.70 58.67 -56.20
N ARG O 119 -61.68 57.34 -56.07
CA ARG O 119 -61.84 56.66 -54.79
C ARG O 119 -60.60 55.84 -54.50
N VAL O 120 -60.07 55.99 -53.30
CA VAL O 120 -58.82 55.34 -52.90
C VAL O 120 -59.13 53.91 -52.45
N VAL O 121 -58.38 52.95 -53.00
CA VAL O 121 -58.43 51.58 -52.52
C VAL O 121 -57.13 51.13 -51.92
N ALA O 122 -56.11 51.99 -51.89
CA ALA O 122 -54.78 51.55 -51.50
C ALA O 122 -53.90 52.72 -51.15
N ILE O 123 -52.93 52.48 -50.27
CA ILE O 123 -51.90 53.44 -49.91
C ILE O 123 -50.57 52.71 -49.99
N VAL O 124 -49.80 52.99 -51.04
CA VAL O 124 -48.60 52.23 -51.33
C VAL O 124 -47.53 52.50 -50.29
N LEU O 125 -46.92 51.42 -49.77
CA LEU O 125 -45.82 51.54 -48.83
C LEU O 125 -44.51 51.04 -49.43
N GLY O 126 -44.47 49.80 -49.90
CA GLY O 126 -43.24 49.23 -50.42
C GLY O 126 -43.45 48.44 -51.69
N GLY O 127 -42.43 47.69 -52.11
CA GLY O 127 -42.54 46.87 -53.29
C GLY O 127 -41.46 45.81 -53.30
N ALA O 128 -41.76 44.71 -53.99
CA ALA O 128 -40.82 43.60 -54.12
C ALA O 128 -40.61 43.31 -55.60
N ASN O 129 -39.34 43.07 -55.97
CA ASN O 129 -39.03 42.72 -57.35
C ASN O 129 -39.54 41.32 -57.66
N GLU O 130 -40.29 41.19 -58.76
CA GLU O 130 -40.88 39.91 -59.12
C GLU O 130 -40.61 39.58 -60.59
N GLY O 131 -39.46 40.00 -61.11
CA GLY O 131 -39.03 39.63 -62.43
C GLY O 131 -39.54 40.52 -63.54
N THR O 132 -40.82 40.41 -63.88
CA THR O 132 -41.39 41.16 -64.99
C THR O 132 -42.32 42.27 -64.54
N ARG O 133 -43.22 42.01 -63.60
CA ARG O 133 -43.98 43.06 -62.94
C ARG O 133 -43.80 42.93 -61.43
N THR O 134 -43.51 44.06 -60.79
CA THR O 134 -43.23 44.06 -59.36
C THR O 134 -44.52 44.24 -58.56
N ALA O 135 -44.61 43.53 -57.45
CA ALA O 135 -45.74 43.64 -56.55
C ALA O 135 -45.55 44.84 -55.62
N LEU O 136 -46.64 45.21 -54.94
CA LEU O 136 -46.64 46.39 -54.09
C LEU O 136 -47.04 46.00 -52.68
N SER O 137 -46.17 46.30 -51.72
CA SER O 137 -46.53 46.23 -50.31
C SER O 137 -47.45 47.40 -50.00
N VAL O 138 -48.66 47.12 -49.54
CA VAL O 138 -49.68 48.15 -49.53
C VAL O 138 -50.69 47.84 -48.42
N VAL O 139 -51.22 48.90 -47.81
CA VAL O 139 -52.38 48.76 -46.93
C VAL O 139 -53.65 48.97 -47.74
N THR O 140 -54.63 48.11 -47.48
CA THR O 140 -55.90 48.10 -48.19
C THR O 140 -56.99 47.83 -47.16
N TRP O 141 -58.21 47.62 -47.65
CA TRP O 141 -59.33 47.28 -46.80
C TRP O 141 -59.98 46.01 -47.36
N ASN O 142 -60.22 45.03 -46.49
CA ASN O 142 -60.79 43.77 -46.94
C ASN O 142 -62.30 43.92 -47.09
N GLN O 143 -62.99 42.78 -47.32
CA GLN O 143 -64.41 42.80 -47.66
C GLN O 143 -65.27 43.33 -46.51
N LYS O 144 -64.90 42.99 -45.28
CA LYS O 144 -65.63 43.53 -44.13
C LYS O 144 -65.42 45.03 -43.99
N GLY O 145 -64.21 45.51 -44.22
CA GLY O 145 -63.93 46.93 -44.16
C GLY O 145 -62.84 47.30 -43.17
N VAL O 146 -62.06 46.31 -42.72
CA VAL O 146 -60.98 46.54 -41.78
C VAL O 146 -59.67 46.66 -42.54
N THR O 147 -58.79 47.55 -42.07
CA THR O 147 -57.53 47.80 -42.76
C THR O 147 -56.59 46.61 -42.58
N ILE O 148 -56.00 46.16 -43.68
CA ILE O 148 -55.10 45.02 -43.71
C ILE O 148 -53.87 45.39 -44.52
N LYS O 149 -52.71 44.92 -44.10
CA LYS O 149 -51.46 45.19 -44.80
C LYS O 149 -51.04 43.94 -45.57
N ASP O 150 -50.91 44.07 -46.89
CA ASP O 150 -50.47 42.99 -47.74
C ASP O 150 -49.03 43.27 -48.16
N THR O 151 -48.12 42.34 -47.83
CA THR O 151 -46.71 42.46 -48.13
C THR O 151 -46.26 41.26 -48.95
N PRO O 152 -45.84 41.44 -50.20
CA PRO O 152 -45.11 40.37 -50.89
C PRO O 152 -43.78 40.10 -50.21
N GLU O 153 -43.28 38.88 -50.38
CA GLU O 153 -42.07 38.47 -49.70
C GLU O 153 -40.86 39.24 -50.24
N GLY O 154 -39.96 39.61 -49.34
CA GLY O 154 -38.77 40.36 -49.72
C GLY O 154 -39.06 41.74 -50.26
N SER O 155 -39.98 42.47 -49.63
CA SER O 155 -40.42 43.78 -50.11
C SER O 155 -39.69 44.86 -49.34
N GLU O 156 -38.76 45.54 -50.02
CA GLU O 156 -38.17 46.74 -49.47
C GLU O 156 -39.18 47.88 -49.54
N PRO O 157 -39.03 48.91 -48.70
CA PRO O 157 -39.91 50.08 -48.82
C PRO O 157 -39.57 50.92 -50.04
N TRP O 158 -39.70 50.33 -51.22
CA TRP O 158 -39.16 50.81 -52.49
C TRP O 158 -37.71 51.26 -52.35
N CYS P 1 31.11 85.87 44.58
CA CYS P 1 30.32 84.75 44.10
C CYS P 1 28.91 85.19 43.71
N GLU P 2 27.98 84.25 43.73
CA GLU P 2 26.58 84.55 43.48
C GLU P 2 26.00 85.34 44.66
N PRO P 3 24.94 86.12 44.43
CA PRO P 3 24.28 86.82 45.54
C PRO P 3 23.68 85.89 46.59
N SER P 4 23.37 84.65 46.24
CA SER P 4 22.88 83.66 47.20
C SER P 4 24.00 82.84 47.82
N GLN P 5 25.26 83.14 47.50
CA GLN P 5 26.40 82.39 47.98
C GLN P 5 27.34 83.30 48.76
N PHE P 6 28.14 82.69 49.62
CA PHE P 6 29.12 83.40 50.45
C PHE P 6 30.53 83.06 49.99
N GLN P 7 31.37 84.08 49.91
CA GLN P 7 32.75 83.93 49.45
C GLN P 7 33.68 83.81 50.65
N CYS P 8 34.54 82.80 50.63
CA CYS P 8 35.54 82.62 51.68
C CYS P 8 36.73 83.55 51.42
N THR P 9 37.68 83.55 52.35
CA THR P 9 38.91 84.31 52.14
C THR P 9 39.90 83.59 51.22
N ASN P 10 39.66 82.32 50.90
CA ASN P 10 40.51 81.55 50.01
C ASN P 10 39.96 81.51 48.59
N GLY P 11 39.03 82.40 48.25
CA GLY P 11 38.41 82.39 46.95
C GLY P 11 37.54 81.19 46.69
N ARG P 12 36.77 80.76 47.70
CA ARG P 12 35.89 79.60 47.57
C ARG P 12 34.45 80.04 47.81
N CYS P 13 33.55 79.52 46.98
CA CYS P 13 32.14 79.87 47.04
C CYS P 13 31.38 78.77 47.74
N ILE P 14 30.73 79.10 48.86
CA ILE P 14 29.91 78.16 49.61
C ILE P 14 28.49 78.70 49.64
N THR P 15 27.55 77.84 50.05
CA THR P 15 26.17 78.27 50.20
C THR P 15 26.03 79.18 51.41
N LEU P 16 25.06 80.10 51.34
CA LEU P 16 24.85 81.06 52.42
C LEU P 16 24.35 80.37 53.68
N LEU P 17 23.69 79.22 53.54
CA LEU P 17 23.15 78.51 54.70
C LEU P 17 24.23 77.90 55.58
N TRP P 18 25.46 77.80 55.09
CA TRP P 18 26.57 77.25 55.87
C TRP P 18 27.26 78.31 56.72
N LYS P 19 26.86 79.57 56.60
CA LYS P 19 27.49 80.65 57.35
C LYS P 19 27.03 80.61 58.80
N CYS P 20 28.00 80.63 59.73
CA CYS P 20 27.82 80.52 61.18
C CYS P 20 26.77 79.48 61.57
N ASP P 21 26.96 78.27 61.05
CA ASP P 21 26.12 77.14 61.39
C ASP P 21 26.71 76.26 62.49
N GLY P 22 27.85 76.66 63.06
CA GLY P 22 28.52 75.88 64.08
C GLY P 22 29.64 75.02 63.57
N ASP P 23 29.77 74.85 62.26
CA ASP P 23 30.85 74.06 61.65
C ASP P 23 31.68 74.97 60.75
N GLU P 24 32.99 74.86 60.85
CA GLU P 24 33.89 75.70 60.08
C GLU P 24 34.04 75.15 58.67
N ASP P 25 33.95 76.03 57.68
CA ASP P 25 33.96 75.62 56.28
C ASP P 25 34.90 76.42 55.38
N CYS P 26 35.34 77.62 55.78
CA CYS P 26 36.11 78.50 54.92
C CYS P 26 37.62 78.41 55.16
N VAL P 27 38.11 77.22 55.53
CA VAL P 27 39.53 76.94 55.75
C VAL P 27 40.08 77.83 56.87
N ASP P 28 40.21 79.13 56.59
CA ASP P 28 40.59 80.08 57.63
C ASP P 28 39.50 80.22 58.68
N GLY P 29 38.23 80.22 58.26
CA GLY P 29 37.14 80.30 59.20
C GLY P 29 36.35 81.60 59.12
N SER P 30 36.25 82.19 57.93
CA SER P 30 35.48 83.41 57.77
C SER P 30 33.98 83.15 57.82
N ASP P 31 33.55 81.90 57.63
CA ASP P 31 32.13 81.58 57.73
C ASP P 31 31.61 81.64 59.15
N GLU P 32 32.51 81.60 60.14
CA GLU P 32 32.11 81.68 61.54
C GLU P 32 32.55 82.96 62.24
N LYS P 33 33.55 83.67 61.69
CA LYS P 33 34.04 84.88 62.35
C LYS P 33 33.08 86.04 62.18
N ASN P 34 32.53 86.22 60.98
CA ASN P 34 31.67 87.36 60.68
C ASN P 34 30.20 87.05 60.96
N CYS P 35 29.91 86.59 62.17
CA CYS P 35 28.55 86.28 62.58
C CYS P 35 28.50 86.32 64.11
N VAL P 36 27.28 86.21 64.64
CA VAL P 36 27.09 86.24 66.09
C VAL P 36 27.32 84.86 66.70
N CYS P 40 25.34 79.52 73.94
CA CYS P 40 25.80 78.15 73.72
C CYS P 40 24.78 77.13 74.25
N ALA P 41 25.03 75.86 73.95
CA ALA P 41 24.14 74.80 74.38
C ALA P 41 24.32 74.50 75.86
N GLU P 42 23.38 73.74 76.42
CA GLU P 42 23.45 73.37 77.83
C GLU P 42 24.57 72.37 78.11
N SER P 43 25.02 71.63 77.10
CA SER P 43 26.10 70.67 77.24
C SER P 43 27.48 71.29 77.02
N ASP P 44 27.60 72.61 77.14
CA ASP P 44 28.86 73.31 76.97
C ASP P 44 29.15 74.12 78.23
N PHE P 45 30.40 74.08 78.68
CA PHE P 45 30.80 74.81 79.88
C PHE P 45 31.23 76.22 79.52
N VAL P 46 30.76 77.20 80.30
CA VAL P 46 31.11 78.60 80.14
C VAL P 46 31.93 79.02 81.35
N CYS P 47 33.19 79.36 81.11
CA CYS P 47 34.07 79.81 82.17
C CYS P 47 33.92 81.33 82.36
N ASN P 48 34.83 81.93 83.11
CA ASN P 48 34.60 83.28 83.64
C ASN P 48 34.65 84.36 82.56
N ASN P 49 35.39 84.14 81.47
CA ASN P 49 35.51 85.13 80.42
C ASN P 49 34.45 84.97 79.33
N GLY P 50 33.51 84.04 79.51
CA GLY P 50 32.47 83.81 78.53
C GLY P 50 32.81 82.83 77.43
N GLN P 51 34.01 82.26 77.44
CA GLN P 51 34.39 81.29 76.43
C GLN P 51 33.63 79.99 76.63
N CYS P 52 33.25 79.36 75.53
CA CYS P 52 32.50 78.11 75.54
C CYS P 52 33.43 76.95 75.22
N VAL P 53 33.46 75.96 76.11
CA VAL P 53 34.32 74.80 75.95
C VAL P 53 33.46 73.55 76.08
N PRO P 54 33.93 72.40 75.57
CA PRO P 54 33.22 71.14 75.82
C PRO P 54 33.14 70.83 77.31
N SER P 55 32.00 70.26 77.72
CA SER P 55 31.75 69.99 79.13
C SER P 55 32.67 68.91 79.70
N ARG P 56 33.20 68.03 78.84
CA ARG P 56 34.17 67.04 79.31
C ARG P 56 35.53 67.65 79.62
N TRP P 57 35.78 68.88 79.20
CA TRP P 57 37.04 69.57 79.47
C TRP P 57 37.03 70.30 80.80
N LYS P 58 35.95 70.21 81.57
CA LYS P 58 35.90 70.80 82.90
C LYS P 58 36.50 69.84 83.91
N CYS P 59 37.43 70.33 84.72
CA CYS P 59 38.15 69.55 85.73
C CYS P 59 38.85 68.33 85.13
N ASP P 60 39.44 68.53 83.95
CA ASP P 60 40.14 67.45 83.24
C ASP P 60 41.64 67.44 83.51
N GLY P 61 42.14 68.38 84.31
CA GLY P 61 43.55 68.47 84.60
C GLY P 61 44.37 69.33 83.65
N ASP P 62 43.78 69.80 82.56
CA ASP P 62 44.45 70.66 81.60
C ASP P 62 43.65 71.95 81.43
N PRO P 63 44.28 73.11 81.59
CA PRO P 63 43.55 74.37 81.38
C PRO P 63 43.28 74.60 79.90
N ASP P 64 42.02 74.88 79.57
CA ASP P 64 41.60 75.08 78.19
C ASP P 64 41.01 76.46 77.93
N CYS P 65 40.44 77.12 78.93
CA CYS P 65 40.00 78.49 78.76
C CYS P 65 41.19 79.43 78.71
N GLU P 66 40.95 80.64 78.21
CA GLU P 66 42.01 81.65 78.15
C GLU P 66 42.45 82.06 79.55
N ASP P 67 41.50 82.22 80.47
CA ASP P 67 41.82 82.55 81.86
C ASP P 67 42.03 81.33 82.73
N GLY P 68 41.78 80.13 82.23
CA GLY P 68 41.99 78.90 82.98
C GLY P 68 41.08 78.73 84.17
N SER P 69 39.79 79.05 84.02
CA SER P 69 38.83 78.89 85.10
C SER P 69 38.35 77.46 85.27
N ASP P 70 38.63 76.58 84.30
CA ASP P 70 38.22 75.18 84.44
C ASP P 70 39.02 74.47 85.53
N GLU P 71 40.28 74.86 85.72
CA GLU P 71 41.13 74.27 86.74
C GLU P 71 41.18 75.11 88.01
N SER P 72 40.40 76.19 88.08
CA SER P 72 40.41 77.04 89.25
C SER P 72 39.72 76.32 90.43
N PRO P 73 40.20 76.53 91.66
CA PRO P 73 39.56 75.87 92.81
C PRO P 73 38.16 76.39 93.12
N GLU P 74 37.78 77.57 92.61
CA GLU P 74 36.45 78.11 92.87
C GLU P 74 35.37 77.27 92.20
N GLN P 75 35.61 76.82 90.97
CA GLN P 75 34.64 76.02 90.24
C GLN P 75 34.94 74.53 90.29
N CYS P 76 36.18 74.14 90.58
CA CYS P 76 36.57 72.74 90.69
C CYS P 76 36.82 72.42 92.15
N HIS P 77 36.01 71.53 92.71
CA HIS P 77 36.12 71.11 94.11
C HIS P 77 36.55 69.66 94.15
N MET P 78 37.65 69.39 94.85
CA MET P 78 38.18 68.03 94.97
C MET P 78 37.61 67.35 96.21
C1 NAG Q . 42.38 40.64 10.21
C2 NAG Q . 43.50 41.41 9.49
C3 NAG Q . 44.55 40.42 9.00
C4 NAG Q . 45.05 39.57 10.16
C5 NAG Q . 43.87 38.92 10.89
C6 NAG Q . 44.25 38.10 12.10
C7 NAG Q . 43.23 43.49 8.18
C8 NAG Q . 42.55 44.09 6.97
N2 NAG Q . 42.97 42.19 8.40
O3 NAG Q . 45.58 41.15 8.39
O4 NAG Q . 45.92 38.60 9.61
O5 NAG Q . 42.95 39.93 11.29
O6 NAG Q . 45.65 38.07 12.23
O7 NAG Q . 43.94 44.16 8.91
C1 NAG R . 5.96 -9.89 11.54
C2 NAG R . 5.20 -11.05 10.86
C3 NAG R . 5.76 -11.48 9.50
C4 NAG R . 6.03 -10.26 8.64
C5 NAG R . 7.04 -9.40 9.40
C6 NAG R . 7.52 -8.21 8.60
C7 NAG R . 6.02 -12.98 12.26
C8 NAG R . 5.50 -14.08 13.16
N2 NAG R . 5.06 -12.18 11.75
O3 NAG R . 4.82 -12.34 8.91
O4 NAG R . 6.53 -10.71 7.40
O5 NAG R . 6.42 -8.93 10.58
O6 NAG R . 6.59 -7.88 7.60
O7 NAG R . 7.22 -12.87 12.04
C1 NAG S . -5.11 -26.62 66.83
C2 NAG S . -6.00 -26.16 67.99
C3 NAG S . -5.15 -25.99 69.25
C4 NAG S . -4.31 -27.23 69.54
C5 NAG S . -3.52 -27.61 68.27
C6 NAG S . -2.67 -28.86 68.42
C7 NAG S . -7.94 -24.64 67.99
C8 NAG S . -8.42 -23.28 67.54
N2 NAG S . -6.67 -24.93 67.67
O3 NAG S . -6.02 -25.70 70.32
O4 NAG S . -3.46 -26.93 70.61
O5 NAG S . -4.43 -27.81 67.20
O6 NAG S . -1.66 -28.86 67.44
O7 NAG S . -8.67 -25.41 68.59
C1 NAG T . 22.55 -0.93 -14.10
C2 NAG T . 21.97 -2.05 -14.98
C3 NAG T . 23.01 -2.48 -16.01
C4 NAG T . 23.54 -1.27 -16.79
C5 NAG T . 24.03 -0.21 -15.80
C6 NAG T . 24.53 1.05 -16.47
C7 NAG T . 20.28 -3.48 -13.90
C8 NAG T . 20.10 -4.71 -13.03
N2 NAG T . 21.57 -3.16 -14.18
O3 NAG T . 22.42 -3.43 -16.85
O4 NAG T . 24.57 -1.73 -17.63
O5 NAG T . 22.98 0.13 -14.92
O6 NAG T . 25.17 0.74 -17.68
O7 NAG T . 19.33 -2.85 -14.33
C1 NAG U . 31.18 -68.03 -46.86
C2 NAG U . 31.68 -68.38 -48.27
C3 NAG U . 30.59 -69.12 -49.05
C4 NAG U . 30.05 -70.30 -48.25
C5 NAG U . 29.61 -69.82 -46.86
C6 NAG U . 29.08 -70.91 -45.97
C7 NAG U . 33.36 -66.88 -49.28
C8 NAG U . 33.54 -65.58 -50.03
N2 NAG U . 32.08 -67.19 -48.97
O3 NAG U . 31.15 -69.53 -50.27
O4 NAG U . 28.97 -70.85 -48.98
O5 NAG U . 30.72 -69.20 -46.22
O6 NAG U . 29.82 -70.95 -44.78
O7 NAG U . 34.32 -67.59 -48.99
C1 NAG V . 22.11 -21.06 -4.68
C2 NAG V . 21.96 -19.72 -3.93
C3 NAG V . 20.49 -19.44 -3.63
C4 NAG V . 19.64 -19.55 -4.90
C5 NAG V . 19.91 -20.91 -5.56
C6 NAG V . 19.15 -21.11 -6.85
C7 NAG V . 23.82 -18.96 -2.50
C8 NAG V . 24.48 -19.15 -1.16
N2 NAG V . 22.74 -19.73 -2.72
O3 NAG V . 20.40 -18.17 -3.05
O4 NAG V . 18.30 -19.40 -4.52
O5 NAG V . 21.29 -21.05 -5.82
O6 NAG V . 18.66 -22.43 -6.92
O7 NAG V . 24.26 -18.17 -3.31
C1 NAG W . 68.67 -18.81 33.20
C2 NAG W . 69.88 -17.92 33.55
C3 NAG W . 71.04 -18.83 34.00
C4 NAG W . 70.61 -19.83 35.08
C5 NAG W . 69.34 -20.56 34.62
C6 NAG W . 68.79 -21.54 35.63
C7 NAG W . 70.78 -15.88 32.53
C8 NAG W . 71.13 -15.22 31.21
N2 NAG W . 70.28 -17.12 32.43
O3 NAG W . 72.07 -17.99 34.47
O4 NAG W . 71.67 -20.72 35.26
O5 NAG W . 68.34 -19.59 34.32
O6 NAG W . 69.08 -22.86 35.21
O7 NAG W . 70.96 -15.32 33.60
C1 NAG X . 0.16 -34.97 -21.98
C2 NAG X . -0.86 -33.95 -21.45
C3 NAG X . -2.24 -34.59 -21.35
C4 NAG X . -2.63 -35.28 -22.65
C5 NAG X . -1.51 -36.26 -23.06
C6 NAG X . -1.78 -36.99 -24.35
C7 NAG X . -0.14 -32.16 -19.93
C8 NAG X . 0.28 -31.86 -18.51
N2 NAG X . -0.44 -33.45 -20.18
O3 NAG X . -3.15 -33.59 -21.00
O4 NAG X . -3.85 -35.96 -22.43
O5 NAG X . -0.31 -35.53 -23.19
O6 NAG X . -1.56 -36.12 -25.44
O7 NAG X . -0.18 -31.28 -20.78
C1 NAG Y . -58.28 -26.53 22.10
C2 NAG Y . -59.63 -25.88 21.75
C3 NAG Y . -59.72 -24.49 22.37
C4 NAG Y . -59.41 -24.54 23.86
C5 NAG Y . -58.06 -25.24 24.07
C6 NAG Y . -57.65 -25.37 25.53
C7 NAG Y . -60.93 -26.21 19.68
C8 NAG Y . -60.89 -26.06 18.18
N2 NAG Y . -59.81 -25.83 20.32
O3 NAG Y . -61.01 -23.99 22.12
O4 NAG Y . -59.37 -23.21 24.33
O5 NAG Y . -58.11 -26.53 23.50
O6 NAG Y . -57.40 -24.10 26.07
O7 NAG Y . -61.91 -26.66 20.25
C1 NAG Z . 0.99 -33.00 -1.21
C2 NAG Z . 2.36 -33.36 -1.78
C3 NAG Z . 3.27 -32.12 -1.77
C4 NAG Z . 2.59 -30.93 -2.43
C5 NAG Z . 1.21 -30.72 -1.80
C6 NAG Z . 0.42 -29.58 -2.42
C7 NAG Z . 3.22 -35.65 -1.56
C8 NAG Z . 3.85 -36.63 -0.60
N2 NAG Z . 2.96 -34.44 -1.05
O3 NAG Z . 4.48 -32.46 -2.40
O4 NAG Z . 3.43 -29.81 -2.24
O5 NAG Z . 0.45 -31.91 -1.92
O6 NAG Z . -0.36 -30.07 -3.49
O7 NAG Z . 2.98 -35.97 -2.71
C1 NAG AA . 23.61 -85.18 18.53
C2 NAG AA . 23.93 -86.56 17.94
C3 NAG AA . 23.98 -87.62 19.03
C4 NAG AA . 24.88 -87.17 20.19
C5 NAG AA . 24.42 -85.79 20.67
C6 NAG AA . 25.23 -85.24 21.83
C7 NAG AA . 21.69 -87.14 16.93
C8 NAG AA . 21.06 -87.52 15.62
N2 NAG AA . 23.02 -86.94 16.88
O3 NAG AA . 24.44 -88.82 18.46
O4 NAG AA . 24.76 -88.15 21.21
O5 NAG AA . 24.49 -84.88 19.59
O6 NAG AA . 26.56 -85.03 21.40
O7 NAG AA . 21.01 -87.03 17.94
C1 NAG BA . -14.31 -5.58 2.63
C2 NAG BA . -13.34 -4.81 1.74
C3 NAG BA . -13.12 -3.40 2.28
C4 NAG BA . -14.45 -2.71 2.55
C5 NAG BA . -15.31 -3.60 3.45
C6 NAG BA . -16.66 -3.02 3.79
C7 NAG BA . -11.52 -6.04 0.55
C8 NAG BA . -12.31 -5.88 -0.73
N2 NAG BA . -12.07 -5.51 1.66
O3 NAG BA . -12.35 -2.69 1.35
O4 NAG BA . -14.17 -1.47 3.15
O5 NAG BA . -15.49 -4.84 2.81
O6 NAG BA . -17.58 -3.36 2.77
O7 NAG BA . -10.45 -6.62 0.56
CA CA CA . -14.31 -39.58 37.10
CA CA DA . -6.14 -45.72 60.46
CA CA EA . 39.32 -1.11 31.59
CA CA FA . 55.76 -12.07 48.33
CA CA GA . 36.40 -59.62 -0.30
CA CA HA . 42.82 -75.38 18.03
C1 NAG IA . -36.36 2.07 31.40
C2 NAG IA . -37.41 1.26 30.62
C3 NAG IA . -38.81 1.53 31.17
C4 NAG IA . -38.85 1.32 32.68
C5 NAG IA . -37.73 2.13 33.35
C6 NAG IA . -37.65 1.97 34.84
C7 NAG IA . -37.35 0.64 28.23
C8 NAG IA . -37.26 1.20 26.83
N2 NAG IA . -37.34 1.57 29.21
O3 NAG IA . -39.72 0.70 30.49
O4 NAG IA . -40.12 1.73 33.12
O5 NAG IA . -36.48 1.76 32.78
O6 NAG IA . -38.91 2.22 35.42
O7 NAG IA . -37.40 -0.56 28.44
C1 NAG JA . -4.16 56.21 39.02
C2 NAG JA . -3.96 57.72 38.83
C3 NAG JA . -5.26 58.53 38.70
C4 NAG JA . -6.21 57.84 37.74
C5 NAG JA . -6.46 56.43 38.26
C6 NAG JA . -7.50 55.66 37.48
C7 NAG JA . -3.31 58.33 41.19
C8 NAG JA . -2.18 58.98 41.96
N2 NAG JA . -3.09 58.27 39.85
O3 NAG JA . -4.91 59.82 38.27
O4 NAG JA . -7.38 58.61 37.68
O5 NAG JA . -5.23 55.72 38.23
O6 NAG JA . -7.71 56.28 36.24
O7 NAG JA . -4.32 57.94 41.76
C1 NAG KA . 43.58 48.97 72.37
C2 NAG KA . 44.95 48.40 72.01
C3 NAG KA . 45.39 47.44 73.13
C4 NAG KA . 45.28 48.07 74.51
C5 NAG KA . 43.89 48.68 74.69
C6 NAG KA . 43.68 49.39 76.01
C7 NAG KA . 45.91 47.74 69.85
C8 NAG KA . 45.65 46.97 68.58
N2 NAG KA . 44.91 47.73 70.74
O3 NAG KA . 46.70 47.02 72.84
O4 NAG KA . 45.53 47.05 75.45
O5 NAG KA . 43.64 49.60 73.64
O6 NAG KA . 42.32 49.68 76.19
O7 NAG KA . 46.97 48.32 70.02
C1 NAG LA . -35.45 54.84 30.47
C2 NAG LA . -35.54 56.31 30.05
C3 NAG LA . -36.95 56.86 30.26
C4 NAG LA . -38.00 55.95 29.65
C5 NAG LA . -37.81 54.55 30.23
C6 NAG LA . -38.81 53.53 29.74
C7 NAG LA . -33.44 57.59 30.25
C8 NAG LA . -32.58 58.38 31.21
N2 NAG LA . -34.58 57.10 30.77
O3 NAG LA . -37.00 58.15 29.72
O4 NAG LA . -39.27 56.47 29.97
O5 NAG LA . -36.51 54.11 29.89
O6 NAG LA . -40.05 54.16 29.50
O7 NAG LA . -33.10 57.41 29.09
CA CA MA . 29.86 76.39 58.07
CA CA NA . 41.33 67.00 78.77
#